data_9GNW
#
_entry.id   9GNW
#
_cell.length_a   1.00
_cell.length_b   1.00
_cell.length_c   1.00
_cell.angle_alpha   90.00
_cell.angle_beta   90.00
_cell.angle_gamma   90.00
#
_symmetry.space_group_name_H-M   'P 1'
#
loop_
_entity.id
_entity.type
_entity.pdbx_description
1 polymer 'Photosystem II protein D1'
2 polymer 'Photosystem II CP47 reaction center protein'
3 polymer 'Photosystem II reaction center protein Psb30'
4 polymer 'Photosystem II CP43 reaction center protein'
5 polymer 'Photosystem II D2 protein'
6 polymer 'Cytochrome b559 subunit alpha'
7 polymer 'Cytochrome b559 subunit beta'
8 polymer 'Photosystem II reaction center protein H'
9 polymer 'Photosystem II reaction center protein I'
10 polymer 'Photosystem II reaction center protein J'
11 polymer 'Photosystem II reaction center protein K'
12 polymer 'Photosystem II reaction center protein L'
13 polymer 'Photosystem II reaction center protein M'
14 polymer PsbO
15 polymer PsbP
16 polymer 'Photosystem II reaction center protein T'
17 polymer 'PSII 6.1 kDa protein'
18 polymer 'Photosystem II PsbX'
19 polymer 'Photosystem II reaction center protein Z'
20 polymer 'Photosystem II reaction center protein U, PsbU'
21 non-polymer 'CA-MN4-O5 CLUSTER'
22 non-polymer 'FE (II) ION'
23 non-polymer 'CHLORIDE ION'
24 non-polymer 'CHLOROPHYLL A'
25 non-polymer 'PHEOPHYTIN A'
26 non-polymer BETA-CAROTENE
27 non-polymer 1,2-DI-O-ACYL-3-O-[6-DEOXY-6-SULFO-ALPHA-D-GLUCOPYRANOSYL]-SN-GLYCEROL
28 non-polymer 1,2-DISTEAROYL-MONOGALACTOSYL-DIGLYCERIDE
29 non-polymer 'SODIUM ION'
30 non-polymer 'BICARBONATE ION'
31 non-polymer 1,2-DIPALMITOYL-PHOSPHATIDYL-GLYCEROLE
32 non-polymer (1~{S})-3,5,5-trimethyl-4-[(1~{E},3~{E},5~{E},7~{E},9~{E},11~{E},13~{E},15~{E},17~{E})-3,7,12,16-tetramethyl-18-[(4~{S})-2,6,6-trimethyl-4-oxidanyl-cyclohexen-1-yl]octadeca-1,3,5,7,9,11,13,15,17-nonaenyl]cyclohex-3-en-1-ol
33 non-polymer 'DIGALACTOSYL DIACYL GLYCEROL (DGDG)'
34 non-polymer 1,2-DIACYL-GLYCEROL-3-SN-PHOSPHATE
35 non-polymer 'DIACYL GLYCEROL'
36 non-polymer 2,3-DIMETHYL-5-(3,7,11,15,19,23,27,31,35-NONAMETHYL-2,6,10,14,18,22,26,30,34-HEXATRIACONTANONAENYL-2,5-CYCLOHEXADIENE-1,4-DIONE-2,3-DIMETHYL-5-SOLANESYL-1,4-BENZOQUINONE
37 non-polymer 'PROTOPORPHYRIN IX CONTAINING FE'
38 non-polymer (3R)-beta,beta-caroten-3-ol
39 non-polymer DODECYL-ALPHA-D-MALTOSIDE
40 water water
#
loop_
_entity_poly.entity_id
_entity_poly.type
_entity_poly.pdbx_seq_one_letter_code
_entity_poly.pdbx_strand_id
1 'polypeptide(L)'
;ENTSLWARFCEWITSTENRLYIGWFGVIMIPTLLTAISVYIIAFIAAPPVDIDGIREPVSGSLLYGNNIITGAVVPTSNA
IGLHFYPIWEAASLDEWLYNGGPYQLVVCHFFLGVCCYMGREWELSYRLGMRPWIAVAYSAPVAAATAVFIIYPIGQGSF
SDGMPLGISGTFNFMIVFQAEHNILMHPFHMFGVAGVFGGSLFSAMHGSLVTSSLIRETTENESANAGYKFGQEEETYNI
VAAHGYFGRLIFQYASFNNSRSLHFFLAVWPVVCIWLTALGISTMAFNLNGFNFNQSVVDSNGRVLNTWADIINRANLGM
EVMHERNAHNFPLDLA
;
A
2 'polypeptide(L)'
;GLPWYRVHTVVINDPGRLISVHLMHTALVAGWAGAMTLFEIAVFDPSDPVLNPMWRQGMFVLPFLTRLGVTQSWGGWTIS
GETSSNPGIWSYEGAAASHIVLSGLLFLASVWHWVYWDLELFRDPRTGKTALDLPKIFGIHLFLAGLLCFGFGAFHVTGV
FGPGIWVSDPYGLTGSVQPVAPSWGAEGFDPYNPGGVPAHHIAAGILGVLAGLFHL(CSD)VRPSIRLYFGLSMGSIESV
LSSSIAAVFWAAFVVAGTMWYGSAATPIELFGPTRYQWDQGFFQQEIQKRVAQSTSEGLSVSEAWAKIPEKLAFYDYIGN
NPAKGGLFRTGAMNSGDGIAVGWLGHASFKDQEGRELFVRRMPTFFETFPVVLIDKDGVVRADVPFRKAESKYSIEQVGV
SVTFYGGELNGLTFTDPSTVKKYARKAQLGEIFEFDRSTLQSDGVFRSSPRGWFTFGHLSFALLFFFGHIWHGSRTIFRD
VFAGIDED
;
B
3 'polypeptide(L)' MSLTLILQLVALFAVVAAGPLVVVLLSVRGGNL V
4 'polypeptide(L)'
;GRDQETTGFAWWAGNARLINLSGKLLGAHVAHAGLIVFWAGAMNLFEVSHFVPEKPMYEQGLILLPHIATLGYGVGPGGE
VLDTFPYFVSGVLHLISSAVLGFGGVYHSLIGPETLEESYPFFGYVWKDKNKMTNILGYHLIILGCGAWLLVLKALYFGG
VYDTWAPGGGDVRIISNPTTNAAIIFGYIVKSPFGGDGWIVSVDNLEDIIGGHIWIGTLCILGGIWHIYTTPWPWARRAF
VWSGEAYLSYSLAAVSLMGFTACCFAWFNNTAYPSEFYGPTGPEASQAQAFTFLVRDQRLGANVASAQGPTGLGKYLMRS
PTGEIIFGGETMRFWDFRGPWVEPLRGPSGLDLVKLKNDIQPWQERRAAEYMTHAPLGSLNSVGGVATEINAVNFVSPRS
WLATSHFCLGFFFFVGHLWHAGRARAAAAGFEKGIDRVDEPVLSMRPLD
;
C
5 'polypeptide(L)'
;IGTYQEKRTWFDDADDWLRQDRFVFVGWSGLLLLPCAYFAVGGWLTGCTFVTSWYTHGLASSYIEGCNFLTAAVSTPANS
LGHSLLFVWGPEAQGDLTRWFQLGGLWAFVALHGAFGLIGFMLRQFEIARSVNLRPYNAIAFSAPIAVFVSVFLIYPLGQ
SGWFFAPSFGVASIFRFILFFQGFHNWTLNPFHMMGVAGVLGAALLCAIHGATVENTLFEDGDGANTFRAFNPTQAEETY
SMVTANRFWSQIFGVAFSNKRWLHFFMLFVPVTGLWMSALGVVGLALNLRAYDFVSQEIRAAEDPEFETFYTKNILLNEG
IRAWMAAQDQPHEKLTLPEEVLPRGNAL
;
D
6 'polypeptide(L)' ERPFSDILTSIRYWVIHSITVPSLFIAGWLFVSTGLAYDVFGSPRPNEYFTEDRQDAPLITDRFNALEQVKKLSAQ E
7 'polypeptide(L)' IFTVRWLAIHAIAVPTIFFLGAITAMQFIQR F
8 'polypeptide(L)' EPGIVTPLGTLLRPLNSEAGKVLPGWGTTVLMAVAILLFAVFLLIILEIYNSSLILDGVTNSWESLA H
9 'polypeptide(L)' MLTLKIFVYTVVTFFVGLFIFGFLSNDPSRNPG I
10 'polypeptide(L)' TGRIPLWLVGTVVGLLAIGLLAIFFYGSYVGLGSSL J
11 'polypeptide(L)' KLPEAYAPFSPIVDVLPIIPVLFILLAFVWQASVSFR K
12 'polypeptide(L)' RPNPNKQVVELNRSSLYWGLLLIFVLAVLFSSYIFN L
13 'polypeptide(L)' VNILGLIATALFIIIPTSFLLILYVKTAASE M
14 'polypeptide(L)'
;LTYDELQGLTYLQVKGTGIANTCPVVEQGTSNVRELKPGDYKLEKFCMEPTSFTVKEEDAKGREEFVKTKLLTRLTYGLD
GMNGSMKINNDGSVEFREDEGLDYAATTVKLPGGEYVPFLFTIKEFDGKGTLDSFSGDFLVPSYRGSTFLDPKGRGGATG
YDNAIALPAKADADEIQRLNNKSYTPGKGSAVFSVAKVDTETGEIAGVFESIQPSDTEMGAHPAKDIKITGLWYGQLT
;
O
15 'polypeptide(L)'
;AYGEGANVFGRVTNKSGFVPYAGDSFALLLPSKWNPSDQKEVESIVLRYEDNFDAVNNLYVVEDKSDKSSIEAYGTPEEF
ISQFGYLLGKQAWAGQTVSEGGFDANRVSNAALLGVATEKDKKGKTYYKFEILTRTADGNEGGRHQLVKATVSNGKLYLL
KVQAGDKRWFKGTDKECLGVLDSFTVV
;
P
16 'polypeptide(L)' MEALVYTFLLIGTLGIIFFSIFFREPPRIA T
17 'polypeptide(L)' LVDDRMNGDGTGLPFGVNDGILGWVIAGTLGTIWAIYFVSQKDLG W
18 'polypeptide(L)' SVTPSLKNFLLSLVAGAVVLAAIAGAVTAVSNF X
19 'polypeptide(L)' MTSILQIALLGLVLVSFALVVGVPVVFASPNGWTENKGVVFSGLSVWFLLVFAVGVFNSFA Z
20 'polypeptide(L)' RVRTVLDMDRKDPAKEETVKELRKDINN U
#
# COMPACT_ATOMS: atom_id res chain seq x y z
N GLU A 1 55.35 -11.97 -15.21
CA GLU A 1 54.64 -12.99 -14.46
C GLU A 1 54.46 -14.26 -15.29
N ASN A 2 53.46 -15.06 -14.94
CA ASN A 2 53.24 -16.32 -15.63
C ASN A 2 52.89 -16.07 -17.09
N THR A 3 53.57 -16.80 -17.98
CA THR A 3 53.33 -16.66 -19.40
C THR A 3 52.02 -17.29 -19.85
N SER A 4 51.38 -18.07 -18.98
CA SER A 4 50.14 -18.74 -19.36
C SER A 4 49.04 -17.73 -19.62
N LEU A 5 48.21 -18.02 -20.62
CA LEU A 5 47.11 -17.12 -20.95
C LEU A 5 46.07 -17.10 -19.84
N TRP A 6 45.85 -18.22 -19.17
CA TRP A 6 44.84 -18.27 -18.11
C TRP A 6 45.22 -17.36 -16.95
N ALA A 7 46.51 -17.33 -16.58
CA ALA A 7 46.93 -16.45 -15.50
C ALA A 7 46.74 -14.99 -15.88
N ARG A 8 47.06 -14.63 -17.12
CA ARG A 8 46.83 -13.26 -17.58
C ARG A 8 45.34 -12.93 -17.54
N PHE A 9 44.51 -13.87 -17.96
CA PHE A 9 43.07 -13.65 -17.94
C PHE A 9 42.56 -13.43 -16.52
N CYS A 10 43.03 -14.24 -15.58
CA CYS A 10 42.63 -14.07 -14.18
C CYS A 10 43.13 -12.74 -13.63
N GLU A 11 44.34 -12.34 -13.99
CA GLU A 11 44.84 -11.04 -13.55
C GLU A 11 43.99 -9.91 -14.09
N TRP A 12 43.62 -9.98 -15.36
CA TRP A 12 42.80 -8.92 -15.95
C TRP A 12 41.41 -8.88 -15.35
N ILE A 13 40.80 -10.05 -15.12
CA ILE A 13 39.46 -10.09 -14.57
C ILE A 13 39.43 -9.48 -13.18
N THR A 14 40.40 -9.83 -12.35
CA THR A 14 40.46 -9.35 -10.98
C THR A 14 41.25 -8.04 -10.84
N SER A 15 41.65 -7.45 -11.96
CA SER A 15 42.42 -6.21 -11.90
C SER A 15 41.59 -5.08 -11.30
N THR A 16 42.23 -4.28 -10.47
CA THR A 16 41.61 -3.09 -9.91
C THR A 16 41.90 -1.84 -10.72
N GLU A 17 42.60 -1.98 -11.85
CA GLU A 17 42.89 -0.86 -12.73
C GLU A 17 41.82 -0.66 -13.80
N ASN A 18 40.80 -1.50 -13.82
CA ASN A 18 39.70 -1.31 -14.76
C ASN A 18 38.81 -0.16 -14.32
N ARG A 19 38.25 0.55 -15.29
CA ARG A 19 37.38 1.67 -14.97
C ARG A 19 36.16 1.21 -14.19
N LEU A 20 35.56 0.10 -14.59
CA LEU A 20 34.53 -0.58 -13.82
C LEU A 20 35.08 -1.93 -13.42
N TYR A 21 34.90 -2.32 -12.17
CA TYR A 21 35.52 -3.53 -11.67
C TYR A 21 34.76 -4.75 -12.17
N ILE A 22 35.36 -5.48 -13.10
CA ILE A 22 34.93 -6.84 -13.37
C ILE A 22 35.44 -7.73 -12.26
N GLY A 23 34.74 -8.83 -11.99
CA GLY A 23 35.20 -9.78 -11.01
C GLY A 23 34.77 -11.16 -11.42
N TRP A 24 35.02 -12.13 -10.55
CA TRP A 24 34.46 -13.46 -10.79
C TRP A 24 32.95 -13.45 -10.64
N PHE A 25 32.44 -12.69 -9.67
CA PHE A 25 31.01 -12.39 -9.68
C PHE A 25 30.65 -11.53 -10.88
N GLY A 26 31.62 -10.77 -11.40
CA GLY A 26 31.34 -9.92 -12.55
C GLY A 26 31.08 -10.71 -13.82
N VAL A 27 31.81 -11.80 -14.03
CA VAL A 27 31.65 -12.56 -15.27
C VAL A 27 30.29 -13.22 -15.37
N ILE A 28 29.54 -13.31 -14.27
CA ILE A 28 28.15 -13.71 -14.32
C ILE A 28 27.20 -12.52 -14.29
N MET A 29 27.61 -11.40 -13.67
CA MET A 29 26.75 -10.22 -13.61
C MET A 29 26.62 -9.57 -14.98
N ILE A 30 27.73 -9.43 -15.69
CA ILE A 30 27.70 -8.70 -16.96
C ILE A 30 26.79 -9.37 -17.99
N PRO A 31 26.91 -10.66 -18.29
CA PRO A 31 26.05 -11.22 -19.33
C PRO A 31 24.59 -11.28 -18.93
N THR A 32 24.28 -11.69 -17.70
CA THR A 32 22.88 -11.76 -17.27
C THR A 32 22.24 -10.38 -17.28
N LEU A 33 22.93 -9.38 -16.73
CA LEU A 33 22.36 -8.05 -16.69
C LEU A 33 22.23 -7.46 -18.09
N LEU A 34 23.20 -7.71 -18.97
CA LEU A 34 23.08 -7.20 -20.33
C LEU A 34 21.93 -7.86 -21.07
N THR A 35 21.74 -9.17 -20.88
CA THR A 35 20.63 -9.87 -21.50
C THR A 35 19.30 -9.31 -21.00
N ALA A 36 19.19 -9.12 -19.68
CA ALA A 36 17.96 -8.58 -19.11
C ALA A 36 17.70 -7.18 -19.62
N ILE A 37 18.74 -6.34 -19.72
CA ILE A 37 18.57 -4.98 -20.21
C ILE A 37 18.09 -4.99 -21.65
N SER A 38 18.72 -5.82 -22.49
CA SER A 38 18.33 -5.87 -23.90
C SER A 38 16.87 -6.30 -24.05
N VAL A 39 16.50 -7.39 -23.37
CA VAL A 39 15.14 -7.89 -23.51
C VAL A 39 14.14 -6.88 -22.95
N TYR A 40 14.46 -6.27 -21.82
CA TYR A 40 13.56 -5.29 -21.23
C TYR A 40 13.37 -4.09 -22.14
N ILE A 41 14.44 -3.59 -22.73
CA ILE A 41 14.32 -2.43 -23.61
C ILE A 41 13.48 -2.77 -24.83
N ILE A 42 13.79 -3.88 -25.49
CA ILE A 42 13.07 -4.22 -26.72
C ILE A 42 11.61 -4.54 -26.42
N ALA A 43 11.34 -5.17 -25.26
CA ALA A 43 9.97 -5.49 -24.92
C ALA A 43 9.18 -4.25 -24.51
N PHE A 44 9.81 -3.33 -23.78
CA PHE A 44 9.12 -2.12 -23.37
C PHE A 44 8.83 -1.24 -24.58
N ILE A 45 9.73 -1.20 -25.55
CA ILE A 45 9.51 -0.36 -26.71
C ILE A 45 8.44 -0.97 -27.61
N ALA A 46 8.67 -2.19 -28.09
CA ALA A 46 7.77 -2.81 -29.06
C ALA A 46 7.63 -4.29 -28.73
N ALA A 47 6.52 -4.65 -28.07
CA ALA A 47 6.19 -6.02 -27.77
C ALA A 47 4.69 -6.18 -27.85
N PRO A 48 4.19 -7.25 -28.45
CA PRO A 48 2.75 -7.40 -28.63
C PRO A 48 2.06 -7.68 -27.31
N PRO A 49 0.73 -7.57 -27.26
CA PRO A 49 0.03 -7.76 -25.98
C PRO A 49 0.20 -9.17 -25.43
N VAL A 50 0.14 -9.26 -24.10
CA VAL A 50 0.42 -10.47 -23.36
C VAL A 50 -0.84 -10.89 -22.60
N ASP A 51 -1.19 -12.17 -22.70
CA ASP A 51 -2.36 -12.70 -22.00
C ASP A 51 -1.95 -13.05 -20.57
N ILE A 52 -1.90 -12.01 -19.73
CA ILE A 52 -1.37 -12.17 -18.38
C ILE A 52 -2.24 -13.11 -17.54
N ASP A 53 -3.56 -12.94 -17.61
CA ASP A 53 -4.45 -13.72 -16.76
C ASP A 53 -4.80 -15.08 -17.34
N GLY A 54 -4.29 -15.42 -18.52
CA GLY A 54 -4.61 -16.70 -19.11
C GLY A 54 -6.04 -16.86 -19.53
N ILE A 55 -6.81 -15.78 -19.59
CA ILE A 55 -8.20 -15.82 -20.01
C ILE A 55 -8.36 -15.36 -21.46
N ARG A 56 -7.28 -15.42 -22.24
CA ARG A 56 -7.29 -14.96 -23.64
C ARG A 56 -7.73 -13.51 -23.75
N GLU A 57 -7.27 -12.69 -22.81
CA GLU A 57 -7.52 -11.25 -22.81
C GLU A 57 -6.19 -10.54 -22.73
N PRO A 58 -5.53 -10.34 -23.87
CA PRO A 58 -4.17 -9.78 -23.86
C PRO A 58 -4.14 -8.36 -23.30
N VAL A 59 -3.02 -8.01 -22.69
CA VAL A 59 -2.79 -6.70 -22.12
C VAL A 59 -1.60 -6.06 -22.82
N SER A 60 -1.81 -4.85 -23.34
CA SER A 60 -0.77 -4.14 -24.08
C SER A 60 0.10 -3.36 -23.11
N GLY A 61 1.42 -3.48 -23.28
CA GLY A 61 2.32 -2.84 -22.36
C GLY A 61 3.49 -2.12 -23.00
N SER A 62 3.58 -2.18 -24.33
CA SER A 62 4.70 -1.59 -25.04
C SER A 62 4.32 -0.23 -25.62
N LEU A 63 5.34 0.59 -25.87
CA LEU A 63 5.13 1.93 -26.41
C LEU A 63 4.50 1.87 -27.80
N LEU A 64 4.94 0.92 -28.64
CA LEU A 64 4.41 0.83 -29.99
C LEU A 64 2.93 0.51 -29.99
N TYR A 65 2.43 -0.18 -28.97
CA TYR A 65 1.01 -0.49 -28.86
C TYR A 65 0.30 0.50 -27.94
N GLY A 66 0.44 1.78 -28.29
CA GLY A 66 -0.33 2.84 -27.66
C GLY A 66 -0.17 3.00 -26.16
N ASN A 67 1.05 2.98 -25.67
CA ASN A 67 1.34 3.22 -24.26
C ASN A 67 2.30 4.39 -24.11
N ASN A 68 2.23 5.05 -22.97
CA ASN A 68 3.23 6.03 -22.60
C ASN A 68 4.17 5.40 -21.57
N ILE A 69 5.07 6.22 -21.04
CA ILE A 69 6.06 5.69 -20.10
C ILE A 69 5.39 5.26 -18.81
N ILE A 70 4.37 6.00 -18.37
CA ILE A 70 3.75 5.70 -17.08
C ILE A 70 2.96 4.40 -17.16
N THR A 71 2.20 4.19 -18.23
CA THR A 71 1.38 3.00 -18.35
C THR A 71 2.13 1.83 -18.96
N GLY A 72 3.20 2.06 -19.71
CA GLY A 72 3.92 0.98 -20.32
C GLY A 72 4.59 0.09 -19.29
N ALA A 73 4.68 -1.20 -19.63
CA ALA A 73 5.27 -2.18 -18.73
C ALA A 73 5.60 -3.42 -19.54
N VAL A 74 6.38 -4.30 -18.92
CA VAL A 74 6.59 -5.65 -19.43
C VAL A 74 5.63 -6.56 -18.67
N VAL A 75 4.59 -7.01 -19.35
CA VAL A 75 3.50 -7.72 -18.69
C VAL A 75 4.00 -9.06 -18.16
N PRO A 76 3.59 -9.47 -16.96
CA PRO A 76 4.04 -10.76 -16.42
C PRO A 76 3.57 -11.93 -17.28
N THR A 77 4.16 -13.09 -17.00
CA THR A 77 3.89 -14.29 -17.77
C THR A 77 2.44 -14.73 -17.61
N SER A 78 1.95 -15.45 -18.60
CA SER A 78 0.55 -15.88 -18.62
C SER A 78 0.23 -16.75 -17.41
N ASN A 79 -0.98 -16.62 -16.89
CA ASN A 79 -1.41 -17.44 -15.77
C ASN A 79 -1.50 -18.90 -16.15
N ALA A 80 -1.70 -19.20 -17.44
CA ALA A 80 -1.73 -20.59 -17.88
C ALA A 80 -0.39 -21.27 -17.67
N ILE A 81 0.70 -20.53 -17.85
CA ILE A 81 2.04 -21.08 -17.61
C ILE A 81 2.18 -21.46 -16.14
N GLY A 82 1.71 -20.62 -15.24
CA GLY A 82 1.90 -20.88 -13.83
C GLY A 82 3.35 -20.66 -13.44
N LEU A 83 3.91 -21.60 -12.70
CA LEU A 83 5.32 -21.56 -12.33
C LEU A 83 6.18 -22.34 -13.30
N HIS A 84 5.62 -22.81 -14.41
CA HIS A 84 6.39 -23.59 -15.36
C HIS A 84 7.49 -22.74 -15.98
N PHE A 85 8.60 -23.40 -16.31
CA PHE A 85 9.70 -22.73 -16.98
C PHE A 85 9.36 -22.54 -18.44
N TYR A 86 9.52 -21.30 -18.93
CA TYR A 86 9.11 -20.93 -20.28
C TYR A 86 10.25 -20.23 -20.99
N PRO A 87 11.25 -20.97 -21.45
CA PRO A 87 12.31 -20.39 -22.27
C PRO A 87 11.84 -20.18 -23.70
N ILE A 88 12.67 -19.47 -24.47
CA ILE A 88 12.31 -19.21 -25.86
C ILE A 88 12.20 -20.51 -26.64
N TRP A 89 13.16 -21.41 -26.45
CA TRP A 89 13.15 -22.65 -27.22
C TRP A 89 11.98 -23.55 -26.85
N GLU A 90 11.32 -23.29 -25.73
CA GLU A 90 10.15 -24.07 -25.37
C GLU A 90 8.95 -23.70 -26.24
N ALA A 91 8.81 -22.42 -26.56
CA ALA A 91 7.69 -21.98 -27.37
C ALA A 91 7.83 -22.46 -28.81
N ALA A 92 6.69 -22.64 -29.47
CA ALA A 92 6.70 -23.07 -30.86
C ALA A 92 7.27 -22.00 -31.78
N SER A 93 7.03 -20.73 -31.46
CA SER A 93 7.48 -19.63 -32.29
C SER A 93 7.65 -18.40 -31.41
N LEU A 94 8.39 -17.41 -31.95
CA LEU A 94 8.54 -16.16 -31.22
C LEU A 94 7.21 -15.50 -30.96
N ASP A 95 6.25 -15.65 -31.87
CA ASP A 95 4.94 -15.05 -31.67
C ASP A 95 4.25 -15.61 -30.43
N GLU A 96 4.29 -16.93 -30.27
CA GLU A 96 3.69 -17.55 -29.10
C GLU A 96 4.40 -17.14 -27.83
N TRP A 97 5.73 -17.11 -27.87
CA TRP A 97 6.51 -16.74 -26.70
C TRP A 97 6.19 -15.32 -26.26
N LEU A 98 6.05 -14.41 -27.22
CA LEU A 98 5.65 -13.05 -26.88
C LEU A 98 4.22 -13.00 -26.35
N TYR A 99 3.33 -13.81 -26.93
CA TYR A 99 1.93 -13.79 -26.52
C TYR A 99 1.77 -14.25 -25.07
N ASN A 100 2.52 -15.27 -24.66
CA ASN A 100 2.33 -15.85 -23.34
C ASN A 100 3.17 -15.18 -22.26
N GLY A 101 3.87 -14.10 -22.59
CA GLY A 101 4.60 -13.37 -21.57
C GLY A 101 5.96 -13.92 -21.23
N GLY A 102 6.64 -14.55 -22.21
CA GLY A 102 7.99 -15.02 -22.00
C GLY A 102 9.03 -13.99 -21.65
N PRO A 103 9.01 -12.80 -22.28
CA PRO A 103 10.04 -11.81 -21.95
C PRO A 103 10.08 -11.45 -20.47
N TYR A 104 8.93 -11.41 -19.79
CA TYR A 104 8.94 -11.12 -18.37
C TYR A 104 9.74 -12.16 -17.60
N GLN A 105 9.50 -13.44 -17.89
CA GLN A 105 10.22 -14.50 -17.19
C GLN A 105 11.70 -14.45 -17.51
N LEU A 106 12.05 -14.21 -18.78
CA LEU A 106 13.47 -14.10 -19.15
C LEU A 106 14.14 -12.97 -18.38
N VAL A 107 13.52 -11.79 -18.37
CA VAL A 107 14.12 -10.65 -17.70
C VAL A 107 14.23 -10.91 -16.21
N VAL A 108 13.19 -11.48 -15.61
CA VAL A 108 13.20 -11.70 -14.17
C VAL A 108 14.31 -12.67 -13.78
N CYS A 109 14.46 -13.76 -14.52
CA CYS A 109 15.49 -14.74 -14.18
C CYS A 109 16.89 -14.16 -14.36
N HIS A 110 17.18 -13.60 -15.55
CA HIS A 110 18.53 -13.07 -15.76
C HIS A 110 18.80 -11.91 -14.81
N PHE A 111 17.78 -11.16 -14.41
CA PHE A 111 17.95 -10.03 -13.50
C PHE A 111 18.20 -10.47 -12.06
N PHE A 112 17.50 -11.51 -11.61
CA PHE A 112 17.77 -12.04 -10.27
C PHE A 112 19.20 -12.54 -10.19
N LEU A 113 19.63 -13.28 -11.20
CA LEU A 113 21.04 -13.69 -11.24
C LEU A 113 21.95 -12.48 -11.23
N GLY A 114 21.60 -11.44 -11.99
CA GLY A 114 22.43 -10.24 -12.05
C GLY A 114 22.58 -9.56 -10.70
N VAL A 115 21.48 -9.39 -9.97
CA VAL A 115 21.56 -8.68 -8.69
C VAL A 115 22.30 -9.51 -7.65
N CYS A 116 22.10 -10.83 -7.65
CA CYS A 116 22.89 -11.65 -6.74
C CYS A 116 24.39 -11.51 -7.03
N CYS A 117 24.75 -11.56 -8.31
CA CYS A 117 26.16 -11.39 -8.65
C CYS A 117 26.63 -9.97 -8.39
N TYR A 118 25.74 -8.99 -8.42
CA TYR A 118 26.11 -7.62 -8.09
C TYR A 118 26.48 -7.50 -6.62
N MET A 119 25.71 -8.14 -5.75
CA MET A 119 26.06 -8.18 -4.33
C MET A 119 27.39 -8.89 -4.12
N GLY A 120 27.58 -10.03 -4.80
CA GLY A 120 28.87 -10.70 -4.71
C GLY A 120 30.01 -9.83 -5.20
N ARG A 121 29.78 -9.04 -6.24
CA ARG A 121 30.80 -8.17 -6.80
C ARG A 121 31.14 -7.04 -5.85
N GLU A 122 30.14 -6.52 -5.14
CA GLU A 122 30.42 -5.53 -4.10
C GLU A 122 31.34 -6.12 -3.05
N TRP A 123 31.03 -7.34 -2.59
CA TRP A 123 31.96 -7.97 -1.65
C TRP A 123 33.35 -8.12 -2.26
N GLU A 124 33.41 -8.53 -3.52
CA GLU A 124 34.70 -8.84 -4.13
C GLU A 124 35.57 -7.59 -4.23
N LEU A 125 34.98 -6.45 -4.62
CA LEU A 125 35.78 -5.24 -4.66
C LEU A 125 36.17 -4.79 -3.28
N SER A 126 35.30 -4.98 -2.28
CA SER A 126 35.69 -4.65 -0.92
C SER A 126 36.90 -5.46 -0.49
N TYR A 127 36.92 -6.74 -0.84
CA TYR A 127 38.06 -7.59 -0.51
C TYR A 127 39.31 -7.16 -1.26
N ARG A 128 39.16 -6.80 -2.53
CA ARG A 128 40.32 -6.42 -3.33
C ARG A 128 40.92 -5.09 -2.88
N LEU A 129 40.10 -4.20 -2.33
CA LEU A 129 40.58 -2.90 -1.88
C LEU A 129 40.98 -2.89 -0.41
N GLY A 130 40.91 -4.01 0.27
CA GLY A 130 41.28 -4.07 1.67
C GLY A 130 40.37 -3.30 2.60
N MET A 131 39.05 -3.41 2.41
CA MET A 131 38.08 -2.76 3.27
C MET A 131 37.13 -3.79 3.87
N ARG A 132 36.35 -3.34 4.83
CA ARG A 132 35.45 -4.24 5.55
C ARG A 132 34.31 -4.68 4.65
N PRO A 133 33.95 -5.95 4.64
CA PRO A 133 33.09 -6.52 3.60
C PRO A 133 31.61 -6.57 3.94
N TRP A 134 31.04 -5.45 4.36
CA TRP A 134 29.66 -5.47 4.83
C TRP A 134 28.78 -4.48 4.09
N ILE A 135 29.26 -3.89 3.01
CA ILE A 135 28.37 -3.13 2.13
C ILE A 135 27.39 -4.07 1.45
N ALA A 136 27.84 -5.28 1.11
CA ALA A 136 26.95 -6.27 0.52
C ALA A 136 25.84 -6.68 1.48
N VAL A 137 26.13 -6.72 2.78
CA VAL A 137 25.08 -7.05 3.74
C VAL A 137 24.00 -5.97 3.73
N ALA A 138 24.40 -4.70 3.64
CA ALA A 138 23.42 -3.63 3.51
C ALA A 138 22.65 -3.75 2.20
N TYR A 139 23.35 -4.08 1.11
CA TYR A 139 22.70 -4.21 -0.19
C TYR A 139 21.77 -5.41 -0.26
N SER A 140 21.89 -6.35 0.66
CA SER A 140 21.00 -7.51 0.64
C SER A 140 19.55 -7.11 0.82
N ALA A 141 19.27 -6.01 1.52
CA ALA A 141 17.88 -5.61 1.74
C ALA A 141 17.14 -5.28 0.45
N PRO A 142 17.66 -4.43 -0.44
CA PRO A 142 17.01 -4.29 -1.75
C PRO A 142 16.92 -5.59 -2.51
N VAL A 143 17.94 -6.44 -2.43
CA VAL A 143 17.90 -7.73 -3.11
C VAL A 143 16.79 -8.59 -2.52
N ALA A 144 16.65 -8.57 -1.19
CA ALA A 144 15.59 -9.32 -0.55
C ALA A 144 14.22 -8.85 -1.03
N ALA A 145 14.02 -7.53 -1.09
CA ALA A 145 12.73 -7.01 -1.52
C ALA A 145 12.44 -7.35 -2.98
N ALA A 146 13.45 -7.21 -3.85
CA ALA A 146 13.25 -7.53 -5.26
C ALA A 146 12.95 -9.01 -5.45
N THR A 147 13.63 -9.87 -4.71
CA THR A 147 13.33 -11.30 -4.77
C THR A 147 11.91 -11.57 -4.28
N ALA A 148 11.50 -10.89 -3.21
CA ALA A 148 10.17 -11.11 -2.67
C ALA A 148 9.09 -10.74 -3.67
N VAL A 149 9.25 -9.61 -4.36
CA VAL A 149 8.21 -9.15 -5.27
C VAL A 149 8.31 -9.73 -6.67
N PHE A 150 9.44 -10.34 -7.03
CA PHE A 150 9.59 -10.92 -8.36
C PHE A 150 9.64 -12.44 -8.37
N ILE A 151 10.09 -13.07 -7.29
CA ILE A 151 10.30 -14.51 -7.24
C ILE A 151 9.46 -15.16 -6.15
N ILE A 152 9.59 -14.69 -4.92
CA ILE A 152 8.97 -15.39 -3.80
C ILE A 152 7.45 -15.31 -3.86
N TYR A 153 6.91 -14.13 -4.13
CA TYR A 153 5.46 -14.01 -4.21
C TYR A 153 4.86 -14.84 -5.33
N PRO A 154 5.41 -14.86 -6.55
CA PRO A 154 4.90 -15.81 -7.55
C PRO A 154 4.96 -17.25 -7.09
N ILE A 155 6.02 -17.64 -6.40
CA ILE A 155 6.13 -19.02 -5.94
C ILE A 155 5.05 -19.34 -4.91
N GLY A 156 4.83 -18.44 -3.96
CA GLY A 156 3.79 -18.67 -2.98
C GLY A 156 2.41 -18.69 -3.57
N GLN A 157 2.14 -17.80 -4.52
CA GLN A 157 0.83 -17.74 -5.16
C GLN A 157 0.70 -18.72 -6.31
N GLY A 158 1.78 -19.37 -6.72
CA GLY A 158 1.70 -20.43 -7.70
C GLY A 158 1.72 -20.01 -9.15
N SER A 159 2.04 -18.75 -9.43
CA SER A 159 2.11 -18.31 -10.82
C SER A 159 2.94 -17.05 -10.92
N PHE A 160 3.74 -16.96 -11.98
CA PHE A 160 4.46 -15.73 -12.26
C PHE A 160 3.53 -14.59 -12.65
N SER A 161 2.28 -14.90 -13.00
CA SER A 161 1.31 -13.85 -13.30
C SER A 161 1.09 -12.92 -12.11
N ASP A 162 1.39 -13.37 -10.90
CA ASP A 162 1.23 -12.55 -9.71
C ASP A 162 2.49 -11.78 -9.36
N GLY A 163 3.58 -11.96 -10.10
CA GLY A 163 4.75 -11.15 -9.89
C GLY A 163 4.50 -9.70 -10.28
N MET A 164 5.29 -8.81 -9.70
CA MET A 164 5.12 -7.39 -9.97
C MET A 164 5.44 -7.11 -11.43
N PRO A 165 4.56 -6.44 -12.17
CA PRO A 165 4.89 -6.10 -13.56
C PRO A 165 6.06 -5.14 -13.62
N LEU A 166 6.85 -5.26 -14.68
CA LEU A 166 8.03 -4.42 -14.86
C LEU A 166 7.61 -3.09 -15.47
N GLY A 167 6.90 -2.32 -14.65
CA GLY A 167 6.42 -1.02 -15.10
C GLY A 167 5.90 -0.23 -13.92
N ILE A 168 5.41 0.97 -14.22
CA ILE A 168 4.97 1.89 -13.18
C ILE A 168 3.52 1.62 -12.81
N SER A 169 2.61 1.74 -13.78
CA SER A 169 1.21 1.42 -13.52
C SER A 169 1.07 -0.04 -13.13
N GLY A 170 1.89 -0.93 -13.68
CA GLY A 170 1.89 -2.30 -13.23
C GLY A 170 2.27 -2.42 -11.77
N THR A 171 3.24 -1.62 -11.32
CA THR A 171 3.60 -1.60 -9.92
C THR A 171 2.43 -1.17 -9.06
N PHE A 172 1.72 -0.11 -9.46
CA PHE A 172 0.58 0.34 -8.69
C PHE A 172 -0.52 -0.72 -8.64
N ASN A 173 -0.76 -1.39 -9.77
CA ASN A 173 -1.75 -2.45 -9.79
C ASN A 173 -1.37 -3.57 -8.84
N PHE A 174 -0.09 -3.94 -8.83
CA PHE A 174 0.39 -4.96 -7.91
C PHE A 174 0.14 -4.55 -6.47
N MET A 175 0.45 -3.30 -6.14
CA MET A 175 0.24 -2.83 -4.77
C MET A 175 -1.22 -2.89 -4.36
N ILE A 176 -2.11 -2.43 -5.25
CA ILE A 176 -3.52 -2.37 -4.89
C ILE A 176 -4.09 -3.78 -4.73
N VAL A 177 -3.76 -4.69 -5.64
CA VAL A 177 -4.27 -6.05 -5.52
C VAL A 177 -3.69 -6.73 -4.29
N PHE A 178 -2.43 -6.43 -3.97
CA PHE A 178 -1.82 -6.99 -2.76
C PHE A 178 -2.55 -6.53 -1.51
N GLN A 179 -2.89 -5.24 -1.45
CA GLN A 179 -3.66 -4.75 -0.31
C GLN A 179 -5.03 -5.41 -0.25
N ALA A 180 -5.66 -5.60 -1.42
CA ALA A 180 -6.97 -6.24 -1.44
C ALA A 180 -6.90 -7.64 -0.87
N GLU A 181 -5.91 -8.43 -1.28
CA GLU A 181 -5.88 -9.84 -0.95
C GLU A 181 -5.14 -10.15 0.35
N HIS A 182 -4.40 -9.20 0.93
CA HIS A 182 -3.63 -9.51 2.11
C HIS A 182 -3.71 -8.48 3.23
N ASN A 183 -4.30 -7.31 2.99
CA ASN A 183 -4.38 -6.25 4.00
C ASN A 183 -2.98 -5.92 4.51
N ILE A 184 -2.10 -5.56 3.58
CA ILE A 184 -0.70 -5.35 3.91
C ILE A 184 -0.53 -4.15 4.83
N LEU A 185 -1.40 -3.15 4.71
CA LEU A 185 -1.27 -1.95 5.55
C LEU A 185 -1.35 -2.29 7.02
N MET A 186 -2.21 -3.26 7.38
CA MET A 186 -2.32 -3.68 8.76
C MET A 186 -1.27 -4.68 9.17
N HIS A 187 -0.45 -5.16 8.25
CA HIS A 187 0.61 -6.09 8.60
C HIS A 187 1.72 -5.34 9.33
N PRO A 188 2.20 -5.84 10.46
CA PRO A 188 3.25 -5.12 11.19
C PRO A 188 4.56 -5.02 10.45
N PHE A 189 4.78 -5.82 9.42
CA PHE A 189 6.06 -5.73 8.71
C PHE A 189 6.07 -4.61 7.67
N HIS A 190 4.94 -4.36 6.98
CA HIS A 190 4.89 -3.11 6.22
C HIS A 190 4.89 -1.92 7.15
N MET A 191 4.40 -2.08 8.38
CA MET A 191 4.52 -1.01 9.37
C MET A 191 5.99 -0.73 9.68
N PHE A 192 6.78 -1.79 9.89
CA PHE A 192 8.19 -1.60 10.15
C PHE A 192 8.91 -1.05 8.92
N GLY A 193 8.50 -1.47 7.73
CA GLY A 193 9.10 -0.92 6.53
C GLY A 193 8.80 0.55 6.34
N VAL A 194 7.58 0.96 6.62
CA VAL A 194 7.22 2.37 6.55
C VAL A 194 8.02 3.15 7.58
N ALA A 195 8.09 2.65 8.80
CA ALA A 195 8.92 3.28 9.81
C ALA A 195 10.36 3.36 9.36
N GLY A 196 10.82 2.35 8.61
CA GLY A 196 12.19 2.35 8.14
C GLY A 196 12.46 3.39 7.08
N VAL A 197 11.56 3.54 6.11
CA VAL A 197 11.80 4.56 5.07
C VAL A 197 11.60 5.95 5.64
N PHE A 198 10.61 6.14 6.51
CA PHE A 198 10.44 7.44 7.14
C PHE A 198 11.63 7.77 8.04
N GLY A 199 12.13 6.78 8.77
CA GLY A 199 13.32 7.00 9.58
C GLY A 199 14.55 7.23 8.73
N GLY A 200 14.64 6.53 7.59
CA GLY A 200 15.75 6.79 6.68
C GLY A 200 15.74 8.21 6.18
N SER A 201 14.58 8.70 5.78
CA SER A 201 14.48 10.09 5.35
C SER A 201 14.80 11.04 6.49
N LEU A 202 14.25 10.78 7.67
CA LEU A 202 14.47 11.65 8.82
C LEU A 202 15.93 11.70 9.19
N PHE A 203 16.56 10.53 9.32
CA PHE A 203 17.95 10.47 9.74
C PHE A 203 18.89 10.97 8.67
N SER A 204 18.56 10.76 7.39
CA SER A 204 19.35 11.33 6.32
C SER A 204 19.32 12.85 6.38
N ALA A 205 18.12 13.43 6.50
CA ALA A 205 18.02 14.88 6.60
C ALA A 205 18.72 15.39 7.85
N MET A 206 18.53 14.71 8.98
CA MET A 206 19.12 15.15 10.24
C MET A 206 20.65 15.11 10.18
N HIS A 207 21.20 13.99 9.72
CA HIS A 207 22.65 13.83 9.63
C HIS A 207 23.25 14.78 8.62
N GLY A 208 22.65 14.91 7.44
CA GLY A 208 23.17 15.83 6.45
C GLY A 208 23.15 17.25 6.92
N SER A 209 22.05 17.66 7.56
CA SER A 209 21.95 19.03 8.07
C SER A 209 22.97 19.28 9.16
N LEU A 210 23.15 18.31 10.08
CA LEU A 210 24.11 18.49 11.15
C LEU A 210 25.53 18.60 10.61
N VAL A 211 25.90 17.75 9.66
CA VAL A 211 27.25 17.79 9.12
C VAL A 211 27.47 19.06 8.32
N THR A 212 26.47 19.48 7.53
CA THR A 212 26.61 20.70 6.76
C THR A 212 26.71 21.92 7.66
N SER A 213 25.94 21.95 8.75
CA SER A 213 26.02 23.07 9.68
C SER A 213 27.37 23.10 10.41
N SER A 214 27.87 21.92 10.82
CA SER A 214 29.12 21.86 11.54
C SER A 214 30.33 22.09 10.65
N LEU A 215 30.12 22.20 9.34
CA LEU A 215 31.20 22.40 8.38
C LEU A 215 32.03 23.64 8.73
N ILE A 216 33.29 23.43 9.10
CA ILE A 216 34.16 24.52 9.54
C ILE A 216 34.44 25.47 8.38
N ARG A 217 34.63 26.75 8.70
CA ARG A 217 34.87 27.78 7.71
C ARG A 217 36.27 27.63 7.12
N GLU A 218 36.34 27.00 5.95
CA GLU A 218 37.55 27.02 5.14
C GLU A 218 37.37 27.80 3.84
N THR A 219 36.13 28.15 3.50
CA THR A 219 35.82 28.92 2.30
C THR A 219 34.93 30.09 2.69
N THR A 220 35.32 31.30 2.28
CA THR A 220 34.56 32.50 2.61
C THR A 220 33.42 32.66 1.60
N GLU A 221 32.80 33.84 1.58
CA GLU A 221 31.68 34.10 0.69
C GLU A 221 32.19 34.24 -0.74
N ASN A 222 31.28 34.61 -1.65
CA ASN A 222 31.53 34.83 -3.08
C ASN A 222 31.81 33.54 -3.83
N GLU A 223 31.69 32.39 -3.18
CA GLU A 223 31.85 31.11 -3.85
C GLU A 223 31.20 30.03 -3.00
N SER A 224 30.98 28.86 -3.60
CA SER A 224 30.36 27.76 -2.89
C SER A 224 31.30 27.20 -1.82
N ALA A 225 30.72 26.77 -0.71
CA ALA A 225 31.50 26.24 0.40
C ALA A 225 32.18 24.92 0.07
N ASN A 226 31.70 24.21 -0.97
CA ASN A 226 32.29 22.93 -1.34
C ASN A 226 33.76 23.07 -1.71
N ALA A 227 34.20 24.25 -2.14
CA ALA A 227 35.61 24.46 -2.44
C ALA A 227 36.50 24.32 -1.21
N GLY A 228 35.94 24.48 -0.02
CA GLY A 228 36.74 24.33 1.19
C GLY A 228 37.25 22.91 1.39
N TYR A 229 36.43 21.93 1.03
CA TYR A 229 36.84 20.53 1.15
C TYR A 229 37.67 20.10 -0.04
N LYS A 230 38.70 19.30 0.23
CA LYS A 230 39.54 18.72 -0.81
C LYS A 230 39.50 17.21 -0.70
N PHE A 231 39.55 16.54 -1.85
CA PHE A 231 39.43 15.09 -1.88
C PHE A 231 40.52 14.41 -1.07
N GLY A 232 41.69 15.04 -0.97
CA GLY A 232 42.78 14.50 -0.19
C GLY A 232 43.02 15.23 1.11
N GLN A 233 41.96 15.85 1.64
CA GLN A 233 42.09 16.64 2.86
C GLN A 233 42.54 15.80 4.04
N GLU A 234 42.19 14.51 4.04
CA GLU A 234 42.51 13.54 5.10
C GLU A 234 42.32 14.13 6.50
N GLU A 235 41.31 14.97 6.67
CA GLU A 235 40.99 15.55 7.96
C GLU A 235 39.50 15.84 8.01
N GLU A 236 38.98 15.92 9.23
CA GLU A 236 37.58 16.28 9.44
C GLU A 236 37.45 17.79 9.21
N THR A 237 36.64 18.16 8.22
CA THR A 237 36.39 19.56 7.90
C THR A 237 35.20 20.12 8.68
N TYR A 238 34.61 19.36 9.57
CA TYR A 238 33.46 19.79 10.35
C TYR A 238 33.73 19.57 11.83
N ASN A 239 33.18 20.47 12.65
CA ASN A 239 33.33 20.38 14.10
C ASN A 239 32.27 19.43 14.65
N ILE A 240 32.68 18.19 14.93
CA ILE A 240 31.75 17.19 15.41
C ILE A 240 31.21 17.54 16.78
N VAL A 241 32.04 18.17 17.63
CA VAL A 241 31.62 18.47 18.99
C VAL A 241 30.44 19.43 19.00
N ALA A 242 30.49 20.47 18.15
CA ALA A 242 29.38 21.42 18.08
C ALA A 242 28.11 20.75 17.60
N ALA A 243 28.22 19.86 16.60
CA ALA A 243 27.04 19.15 16.10
C ALA A 243 26.43 18.26 17.18
N HIS A 244 27.27 17.54 17.92
CA HIS A 244 26.75 16.72 19.00
C HIS A 244 26.09 17.56 20.08
N GLY A 245 26.70 18.70 20.42
CA GLY A 245 26.10 19.58 21.40
C GLY A 245 24.74 20.11 20.94
N TYR A 246 24.64 20.49 19.67
CA TYR A 246 23.36 20.95 19.14
C TYR A 246 22.31 19.85 19.21
N PHE A 247 22.67 18.63 18.78
CA PHE A 247 21.70 17.55 18.77
C PHE A 247 21.28 17.19 20.19
N GLY A 248 22.21 17.21 21.13
CA GLY A 248 21.86 16.94 22.52
C GLY A 248 20.94 18.01 23.09
N ARG A 249 21.23 19.28 22.81
CA ARG A 249 20.38 20.34 23.34
C ARG A 249 19.02 20.39 22.66
N LEU A 250 18.91 19.87 21.44
CA LEU A 250 17.66 20.00 20.70
C LEU A 250 16.52 19.25 21.38
N ILE A 251 16.77 18.02 21.82
CA ILE A 251 15.74 17.18 22.43
C ILE A 251 16.03 16.96 23.92
N PHE A 252 17.14 16.31 24.24
CA PHE A 252 17.53 16.11 25.63
C PHE A 252 18.99 15.72 25.68
N GLN A 253 19.66 16.12 26.75
CA GLN A 253 21.09 15.86 26.88
C GLN A 253 21.35 14.37 26.97
N TYR A 254 22.61 14.00 26.73
CA TYR A 254 23.05 12.61 26.74
C TYR A 254 22.22 11.76 25.78
N ALA A 255 21.94 12.32 24.59
CA ALA A 255 21.27 11.58 23.54
C ALA A 255 22.20 10.63 22.80
N SER A 256 23.40 10.40 23.33
CA SER A 256 24.38 9.48 22.77
C SER A 256 24.78 9.91 21.36
N PHE A 257 25.37 8.97 20.60
CA PHE A 257 25.86 9.23 19.25
C PHE A 257 26.93 10.32 19.24
N ASN A 258 27.75 10.38 20.29
CA ASN A 258 28.97 11.16 20.22
C ASN A 258 30.05 10.47 19.39
N ASN A 259 29.89 9.17 19.16
CA ASN A 259 30.76 8.46 18.23
C ASN A 259 30.28 8.68 16.80
N SER A 260 31.19 9.05 15.91
CA SER A 260 30.87 9.04 14.50
C SER A 260 30.59 7.61 14.04
N ARG A 261 31.34 6.64 14.55
CA ARG A 261 31.14 5.25 14.17
C ARG A 261 29.79 4.73 14.63
N SER A 262 29.38 5.05 15.86
CA SER A 262 28.06 4.63 16.32
C SER A 262 26.96 5.26 15.49
N LEU A 263 27.11 6.55 15.17
CA LEU A 263 26.11 7.24 14.37
C LEU A 263 25.98 6.60 13.00
N HIS A 264 27.10 6.28 12.36
CA HIS A 264 27.01 5.71 11.03
C HIS A 264 26.54 4.27 11.05
N PHE A 265 26.87 3.51 12.10
CA PHE A 265 26.29 2.19 12.22
C PHE A 265 24.78 2.25 12.38
N PHE A 266 24.29 3.20 13.17
CA PHE A 266 22.85 3.35 13.31
C PHE A 266 22.21 3.74 11.98
N LEU A 267 22.83 4.67 11.25
CA LEU A 267 22.34 5.03 9.92
C LEU A 267 22.29 3.84 8.99
N ALA A 268 23.28 2.96 9.09
CA ALA A 268 23.29 1.79 8.22
C ALA A 268 22.24 0.77 8.66
N VAL A 269 22.03 0.62 9.96
CA VAL A 269 21.26 -0.52 10.44
C VAL A 269 19.76 -0.24 10.47
N TRP A 270 19.35 1.02 10.65
CA TRP A 270 17.90 1.27 10.73
C TRP A 270 17.19 0.95 9.43
N PRO A 271 17.44 1.64 8.31
CA PRO A 271 16.71 1.31 7.08
C PRO A 271 16.96 -0.10 6.59
N VAL A 272 18.17 -0.63 6.75
CA VAL A 272 18.45 -1.98 6.26
C VAL A 272 17.62 -3.00 7.01
N VAL A 273 17.59 -2.90 8.34
CA VAL A 273 16.81 -3.83 9.14
C VAL A 273 15.33 -3.71 8.81
N CYS A 274 14.83 -2.48 8.68
CA CYS A 274 13.41 -2.32 8.42
C CYS A 274 13.03 -2.84 7.04
N ILE A 275 13.91 -2.67 6.05
CA ILE A 275 13.62 -3.21 4.72
C ILE A 275 13.70 -4.74 4.74
N TRP A 276 14.62 -5.30 5.53
CA TRP A 276 14.60 -6.74 5.74
C TRP A 276 13.26 -7.20 6.27
N LEU A 277 12.75 -6.49 7.28
CA LEU A 277 11.47 -6.87 7.88
C LEU A 277 10.33 -6.76 6.88
N THR A 278 10.30 -5.69 6.08
CA THR A 278 9.19 -5.55 5.15
C THR A 278 9.28 -6.57 4.00
N ALA A 279 10.49 -6.92 3.56
CA ALA A 279 10.63 -7.97 2.57
C ALA A 279 10.19 -9.31 3.13
N LEU A 280 10.52 -9.60 4.39
CA LEU A 280 10.03 -10.80 5.02
C LEU A 280 8.52 -10.78 5.13
N GLY A 281 7.94 -9.60 5.39
CA GLY A 281 6.49 -9.50 5.42
C GLY A 281 5.86 -9.82 4.08
N ILE A 282 6.45 -9.31 3.01
CA ILE A 282 5.95 -9.61 1.67
C ILE A 282 6.02 -11.10 1.40
N SER A 283 7.12 -11.75 1.78
CA SER A 283 7.23 -13.18 1.55
C SER A 283 6.23 -13.98 2.40
N THR A 284 6.08 -13.62 3.67
CA THR A 284 5.13 -14.32 4.52
C THR A 284 3.72 -14.17 4.00
N MET A 285 3.36 -12.97 3.54
CA MET A 285 2.05 -12.80 2.91
C MET A 285 1.97 -13.56 1.60
N ALA A 286 3.10 -13.74 0.91
CA ALA A 286 3.11 -14.61 -0.25
C ALA A 286 2.69 -16.02 0.12
N PHE A 287 3.03 -16.46 1.32
CA PHE A 287 2.50 -17.71 1.83
C PHE A 287 1.19 -17.54 2.60
N ASN A 288 0.44 -16.47 2.30
CA ASN A 288 -0.92 -16.26 2.80
C ASN A 288 -0.97 -16.23 4.33
N LEU A 289 -0.31 -15.22 4.91
CA LEU A 289 -0.42 -14.98 6.34
C LEU A 289 -1.11 -13.67 6.68
N ASN A 290 -1.05 -12.66 5.82
CA ASN A 290 -1.85 -11.45 5.93
C ASN A 290 -1.59 -10.66 7.20
N GLY A 291 -2.13 -9.45 7.27
CA GLY A 291 -2.00 -8.60 8.44
C GLY A 291 -3.09 -8.86 9.45
N PHE A 292 -3.19 -7.95 10.42
CA PHE A 292 -4.22 -8.06 11.44
C PHE A 292 -5.60 -7.97 10.80
N ASN A 293 -6.54 -8.77 11.31
CA ASN A 293 -7.94 -8.73 10.82
C ASN A 293 -8.86 -8.43 12.00
N PHE A 294 -9.07 -7.15 12.30
CA PHE A 294 -9.90 -6.75 13.47
C PHE A 294 -11.32 -6.43 13.00
N ASN A 295 -11.75 -7.00 11.87
CA ASN A 295 -13.11 -6.75 11.34
C ASN A 295 -14.15 -7.18 12.38
N GLN A 296 -15.15 -6.34 12.64
CA GLN A 296 -16.23 -6.71 13.56
C GLN A 296 -15.69 -7.20 14.90
N SER A 297 -14.55 -6.66 15.33
CA SER A 297 -13.95 -7.08 16.63
C SER A 297 -14.64 -6.38 17.81
N VAL A 298 -15.36 -5.28 17.54
CA VAL A 298 -16.02 -4.52 18.61
C VAL A 298 -17.52 -4.73 18.48
N VAL A 299 -18.13 -5.28 19.52
CA VAL A 299 -19.56 -5.52 19.54
C VAL A 299 -20.13 -4.93 20.83
N ASP A 300 -21.40 -4.55 20.78
CA ASP A 300 -22.03 -3.89 21.91
C ASP A 300 -22.60 -4.93 22.85
N SER A 301 -23.40 -4.48 23.82
CA SER A 301 -23.95 -5.39 24.83
C SER A 301 -24.82 -6.46 24.19
N ASN A 302 -25.72 -6.07 23.29
CA ASN A 302 -26.66 -7.01 22.69
C ASN A 302 -26.04 -7.81 21.56
N GLY A 303 -24.89 -7.41 21.03
CA GLY A 303 -24.23 -8.13 19.97
C GLY A 303 -24.14 -7.39 18.66
N ARG A 304 -24.73 -6.22 18.54
CA ARG A 304 -24.60 -5.43 17.32
C ARG A 304 -23.14 -5.12 17.06
N VAL A 305 -22.74 -5.18 15.80
CA VAL A 305 -21.37 -4.87 15.42
C VAL A 305 -21.18 -3.36 15.41
N LEU A 306 -20.17 -2.90 16.13
CA LEU A 306 -19.80 -1.49 16.14
C LEU A 306 -18.60 -1.31 15.22
N ASN A 307 -18.77 -0.54 14.15
CA ASN A 307 -17.73 -0.43 13.15
C ASN A 307 -16.55 0.36 13.68
N THR A 308 -15.37 0.07 13.13
CA THR A 308 -14.14 0.75 13.46
C THR A 308 -13.47 1.17 12.16
N TRP A 309 -12.35 1.90 12.27
CA TRP A 309 -11.60 2.25 11.08
C TRP A 309 -11.12 1.01 10.33
N ALA A 310 -10.89 -0.08 11.05
CA ALA A 310 -10.58 -1.34 10.38
C ALA A 310 -11.72 -1.79 9.50
N ASP A 311 -12.97 -1.49 9.89
CA ASP A 311 -14.11 -1.85 9.05
C ASP A 311 -14.14 -1.02 7.77
N ILE A 312 -13.78 0.26 7.85
CA ILE A 312 -13.71 1.07 6.64
C ILE A 312 -12.59 0.58 5.73
N ILE A 313 -11.46 0.21 6.31
CA ILE A 313 -10.39 -0.40 5.53
C ILE A 313 -10.90 -1.66 4.85
N ASN A 314 -11.70 -2.45 5.56
CA ASN A 314 -12.24 -3.67 4.98
C ASN A 314 -13.21 -3.36 3.85
N ARG A 315 -13.98 -2.28 3.96
CA ARG A 315 -14.85 -1.88 2.86
C ARG A 315 -14.05 -1.52 1.63
N ALA A 316 -12.97 -0.77 1.80
CA ALA A 316 -12.10 -0.47 0.67
C ALA A 316 -11.48 -1.74 0.09
N ASN A 317 -11.08 -2.66 0.96
CA ASN A 317 -10.52 -3.93 0.50
C ASN A 317 -11.53 -4.73 -0.30
N LEU A 318 -12.79 -4.73 0.14
CA LEU A 318 -13.84 -5.38 -0.63
C LEU A 318 -14.02 -4.72 -1.99
N GLY A 319 -13.96 -3.39 -2.03
CA GLY A 319 -14.03 -2.70 -3.31
C GLY A 319 -12.93 -3.12 -4.26
N MET A 320 -11.70 -3.21 -3.76
CA MET A 320 -10.60 -3.67 -4.61
C MET A 320 -10.78 -5.13 -5.01
N GLU A 321 -11.27 -5.96 -4.09
CA GLU A 321 -11.29 -7.41 -4.31
C GLU A 321 -12.24 -7.79 -5.44
N VAL A 322 -13.44 -7.21 -5.45
CA VAL A 322 -14.46 -7.63 -6.41
C VAL A 322 -14.21 -7.07 -7.80
N MET A 323 -13.11 -6.37 -8.02
CA MET A 323 -12.84 -5.76 -9.31
C MET A 323 -11.44 -6.05 -9.86
N HIS A 324 -10.56 -6.69 -9.10
CA HIS A 324 -9.15 -6.71 -9.49
C HIS A 324 -8.92 -7.53 -10.76
N GLU A 325 -9.62 -8.66 -10.89
CA GLU A 325 -9.57 -9.47 -12.11
C GLU A 325 -11.00 -9.83 -12.46
N ARG A 326 -11.58 -9.08 -13.39
CA ARG A 326 -13.01 -9.14 -13.62
C ARG A 326 -13.44 -10.51 -14.12
N ASN A 327 -12.70 -11.09 -15.04
CA ASN A 327 -13.15 -12.26 -15.77
C ASN A 327 -12.38 -13.52 -15.40
N ALA A 328 -11.37 -13.41 -14.55
CA ALA A 328 -10.50 -14.55 -14.26
C ALA A 328 -11.07 -15.48 -13.19
N HIS A 329 -12.15 -15.11 -12.52
CA HIS A 329 -12.66 -15.86 -11.39
C HIS A 329 -13.99 -16.52 -11.76
N ASN A 330 -14.05 -17.84 -11.63
CA ASN A 330 -15.28 -18.58 -11.84
C ASN A 330 -15.93 -19.04 -10.55
N PHE A 331 -15.25 -18.92 -9.42
CA PHE A 331 -15.75 -19.42 -8.15
C PHE A 331 -15.57 -18.39 -7.06
N PRO A 332 -16.43 -18.40 -6.04
CA PRO A 332 -16.51 -17.26 -5.11
C PRO A 332 -15.22 -16.96 -4.35
N LEU A 333 -14.43 -17.97 -4.00
CA LEU A 333 -13.23 -17.78 -3.20
C LEU A 333 -12.02 -17.71 -4.11
N ASP A 334 -11.16 -16.70 -3.90
CA ASP A 334 -9.99 -16.55 -4.76
C ASP A 334 -9.01 -17.69 -4.52
N LEU A 335 -8.50 -17.81 -3.31
CA LEU A 335 -7.64 -18.92 -2.87
C LEU A 335 -6.37 -19.07 -3.70
N ALA A 336 -6.07 -18.12 -4.58
CA ALA A 336 -4.95 -18.25 -5.49
C ALA A 336 -4.43 -16.88 -5.90
N GLY B 1 33.55 33.24 -8.55
CA GLY B 1 33.02 31.97 -8.99
C GLY B 1 31.67 31.65 -8.37
N LEU B 2 30.66 32.44 -8.71
CA LEU B 2 29.34 32.23 -8.15
C LEU B 2 28.70 30.99 -8.77
N PRO B 3 28.10 30.11 -7.96
CA PRO B 3 27.29 29.04 -8.54
C PRO B 3 26.07 29.60 -9.24
N TRP B 4 25.48 28.79 -10.11
CA TRP B 4 24.38 29.27 -10.92
C TRP B 4 23.21 29.77 -10.09
N TYR B 5 23.06 29.29 -8.86
CA TYR B 5 21.94 29.69 -8.01
C TYR B 5 22.26 30.90 -7.15
N ARG B 6 23.44 31.49 -7.29
CA ARG B 6 23.80 32.68 -6.53
C ARG B 6 24.09 33.89 -7.42
N VAL B 7 23.93 33.77 -8.74
CA VAL B 7 24.37 34.84 -9.63
C VAL B 7 23.66 36.15 -9.30
N HIS B 8 22.36 36.10 -9.14
CA HIS B 8 21.65 37.34 -8.91
C HIS B 8 21.93 37.93 -7.54
N THR B 9 22.85 37.39 -6.77
CA THR B 9 23.33 38.07 -5.58
C THR B 9 24.29 39.20 -5.90
N VAL B 10 24.72 39.34 -7.15
CA VAL B 10 25.70 40.37 -7.50
C VAL B 10 25.16 41.76 -7.19
N VAL B 11 23.85 41.93 -7.18
CA VAL B 11 23.24 43.22 -6.95
C VAL B 11 22.76 43.37 -5.50
N ILE B 12 23.22 42.49 -4.60
CA ILE B 12 22.81 42.58 -3.20
C ILE B 12 23.28 43.91 -2.61
N ASN B 13 24.53 44.27 -2.86
CA ASN B 13 25.13 45.45 -2.27
C ASN B 13 25.16 46.64 -3.22
N ASP B 14 24.43 46.57 -4.32
CA ASP B 14 24.38 47.65 -5.32
C ASP B 14 22.96 48.18 -5.44
N PRO B 15 22.64 49.29 -4.77
CA PRO B 15 21.26 49.79 -4.86
C PRO B 15 20.80 50.13 -6.27
N GLY B 16 21.67 50.71 -7.09
CA GLY B 16 21.25 51.10 -8.43
C GLY B 16 20.87 49.91 -9.28
N ARG B 17 21.70 48.88 -9.29
CA ARG B 17 21.37 47.70 -10.08
C ARG B 17 20.26 46.89 -9.46
N LEU B 18 20.05 47.02 -8.15
CA LEU B 18 18.84 46.47 -7.54
C LEU B 18 17.60 47.14 -8.11
N ILE B 19 17.64 48.47 -8.22
CA ILE B 19 16.55 49.20 -8.85
C ILE B 19 16.37 48.71 -10.28
N SER B 20 17.47 48.49 -10.99
CA SER B 20 17.38 48.06 -12.39
C SER B 20 16.72 46.69 -12.51
N VAL B 21 17.12 45.72 -11.69
CA VAL B 21 16.55 44.38 -11.82
C VAL B 21 15.09 44.37 -11.38
N HIS B 22 14.75 45.15 -10.35
CA HIS B 22 13.36 45.22 -9.96
C HIS B 22 12.52 45.90 -11.04
N LEU B 23 13.09 46.89 -11.72
CA LEU B 23 12.44 47.48 -12.88
C LEU B 23 12.24 46.46 -13.98
N MET B 24 13.22 45.58 -14.19
CA MET B 24 13.07 44.57 -15.23
C MET B 24 11.97 43.58 -14.90
N HIS B 25 11.89 43.15 -13.63
CA HIS B 25 10.78 42.25 -13.27
C HIS B 25 9.44 42.95 -13.44
N THR B 26 9.37 44.23 -13.06
CA THR B 26 8.12 44.98 -13.25
C THR B 26 7.76 45.08 -14.72
N ALA B 27 8.74 45.37 -15.57
CA ALA B 27 8.49 45.46 -17.00
C ALA B 27 8.02 44.12 -17.57
N LEU B 28 8.64 43.03 -17.14
CA LEU B 28 8.21 41.71 -17.59
C LEU B 28 6.78 41.42 -17.16
N VAL B 29 6.42 41.77 -15.93
CA VAL B 29 5.07 41.50 -15.45
C VAL B 29 4.06 42.32 -16.25
N ALA B 30 4.35 43.60 -16.50
CA ALA B 30 3.43 44.42 -17.27
C ALA B 30 3.30 43.91 -18.69
N GLY B 31 4.41 43.49 -19.30
CA GLY B 31 4.35 42.93 -20.63
C GLY B 31 3.53 41.65 -20.68
N TRP B 32 3.66 40.82 -19.66
CA TRP B 32 2.84 39.61 -19.60
C TRP B 32 1.37 39.96 -19.48
N ALA B 33 1.03 40.96 -18.67
CA ALA B 33 -0.35 41.38 -18.54
C ALA B 33 -0.90 41.80 -19.90
N GLY B 34 -0.17 42.66 -20.61
CA GLY B 34 -0.64 43.12 -21.90
C GLY B 34 -0.77 42.00 -22.91
N ALA B 35 0.24 41.14 -22.98
CA ALA B 35 0.23 40.06 -23.96
C ALA B 35 -0.88 39.05 -23.65
N MET B 36 -1.09 38.73 -22.38
CA MET B 36 -2.15 37.82 -22.01
C MET B 36 -3.51 38.40 -22.34
N THR B 37 -3.70 39.69 -22.10
CA THR B 37 -4.96 40.33 -22.47
C THR B 37 -5.17 40.26 -23.98
N LEU B 38 -4.13 40.54 -24.76
CA LEU B 38 -4.26 40.49 -26.21
C LEU B 38 -4.63 39.09 -26.68
N PHE B 39 -3.95 38.07 -26.16
CA PHE B 39 -4.26 36.69 -26.54
C PHE B 39 -5.68 36.33 -26.19
N GLU B 40 -6.10 36.67 -24.97
CA GLU B 40 -7.46 36.33 -24.54
C GLU B 40 -8.49 37.03 -25.41
N ILE B 41 -8.29 38.30 -25.73
CA ILE B 41 -9.22 39.00 -26.61
C ILE B 41 -9.25 38.36 -27.98
N ALA B 42 -8.09 37.90 -28.45
CA ALA B 42 -8.04 37.27 -29.77
C ALA B 42 -8.84 35.97 -29.79
N VAL B 43 -8.79 35.18 -28.72
CA VAL B 43 -9.39 33.86 -28.72
C VAL B 43 -10.72 33.83 -27.95
N PHE B 44 -11.33 34.99 -27.71
CA PHE B 44 -12.55 35.06 -26.91
C PHE B 44 -13.78 35.19 -27.80
N ASP B 45 -14.85 34.49 -27.41
CA ASP B 45 -16.12 34.54 -28.12
C ASP B 45 -17.12 35.34 -27.28
N PRO B 46 -17.44 36.56 -27.67
CA PRO B 46 -18.36 37.39 -26.87
C PRO B 46 -19.83 37.28 -27.25
N SER B 47 -20.19 36.37 -28.15
CA SER B 47 -21.54 36.38 -28.71
C SER B 47 -22.59 36.03 -27.67
N ASP B 48 -22.31 35.04 -26.81
CA ASP B 48 -23.32 34.44 -25.95
C ASP B 48 -22.92 34.55 -24.49
N PRO B 49 -23.31 35.62 -23.79
CA PRO B 49 -22.99 35.74 -22.36
C PRO B 49 -23.65 34.68 -21.50
N VAL B 50 -24.72 34.06 -21.97
CA VAL B 50 -25.39 32.97 -21.25
C VAL B 50 -24.96 31.66 -21.89
N LEU B 51 -24.62 30.68 -21.05
CA LEU B 51 -24.22 29.35 -21.50
C LEU B 51 -22.83 29.36 -22.14
N ASN B 52 -22.26 30.54 -22.34
CA ASN B 52 -20.87 30.63 -22.79
C ASN B 52 -20.20 31.88 -22.24
N PRO B 53 -20.14 32.06 -20.92
CA PRO B 53 -19.49 33.25 -20.38
C PRO B 53 -17.98 33.13 -20.38
N MET B 54 -17.29 34.09 -19.79
CA MET B 54 -15.84 34.09 -19.83
C MET B 54 -15.26 32.88 -19.13
N TRP B 55 -15.80 32.50 -17.98
CA TRP B 55 -15.22 31.41 -17.22
C TRP B 55 -15.37 30.06 -17.90
N ARG B 56 -16.26 29.96 -18.90
CA ARG B 56 -16.33 28.72 -19.68
C ARG B 56 -15.19 28.63 -20.69
N GLN B 57 -14.69 29.77 -21.18
CA GLN B 57 -13.69 29.79 -22.24
C GLN B 57 -12.27 29.85 -21.72
N GLY B 58 -12.06 29.73 -20.41
CA GLY B 58 -10.72 29.71 -19.86
C GLY B 58 -10.07 31.07 -19.71
N MET B 59 -10.83 32.16 -19.85
CA MET B 59 -10.25 33.48 -19.68
C MET B 59 -9.78 33.68 -18.24
N PHE B 60 -8.58 34.23 -18.09
CA PHE B 60 -7.98 34.41 -16.78
C PHE B 60 -7.83 35.88 -16.38
N VAL B 61 -7.44 36.75 -17.30
CA VAL B 61 -7.33 38.17 -16.98
C VAL B 61 -8.60 38.94 -17.31
N LEU B 62 -9.42 38.43 -18.23
CA LEU B 62 -10.73 39.02 -18.46
C LEU B 62 -11.57 39.10 -17.19
N PRO B 63 -11.63 38.08 -16.33
CA PRO B 63 -12.38 38.25 -15.07
C PRO B 63 -11.92 39.45 -14.25
N PHE B 64 -10.61 39.69 -14.17
CA PHE B 64 -10.13 40.80 -13.34
C PHE B 64 -10.39 42.15 -14.00
N LEU B 65 -10.17 42.22 -15.32
CA LEU B 65 -10.48 43.45 -16.05
C LEU B 65 -11.95 43.80 -15.92
N THR B 66 -12.83 42.81 -16.03
CA THR B 66 -14.26 43.05 -15.88
C THR B 66 -14.61 43.40 -14.44
N ARG B 67 -13.94 42.75 -13.49
CA ARG B 67 -14.22 43.00 -12.09
C ARG B 67 -13.96 44.44 -11.71
N LEU B 68 -12.87 45.02 -12.21
CA LEU B 68 -12.52 46.36 -11.79
C LEU B 68 -13.14 47.45 -12.64
N GLY B 69 -13.91 47.11 -13.68
CA GLY B 69 -14.66 48.14 -14.37
C GLY B 69 -14.60 48.12 -15.88
N VAL B 70 -13.56 47.51 -16.45
CA VAL B 70 -13.39 47.48 -17.90
C VAL B 70 -14.33 46.43 -18.47
N THR B 71 -15.31 46.87 -19.27
CA THR B 71 -16.34 45.98 -19.77
C THR B 71 -16.43 45.95 -21.29
N GLN B 72 -16.19 47.06 -21.97
CA GLN B 72 -16.41 47.13 -23.40
C GLN B 72 -15.13 46.82 -24.16
N SER B 73 -15.25 46.76 -25.49
CA SER B 73 -14.12 46.49 -26.37
C SER B 73 -14.25 47.33 -27.62
N TRP B 74 -13.10 47.55 -28.27
CA TRP B 74 -13.07 48.28 -29.53
C TRP B 74 -13.66 47.48 -30.67
N GLY B 75 -13.92 46.19 -30.47
CA GLY B 75 -14.57 45.37 -31.48
C GLY B 75 -16.06 45.53 -31.55
N GLY B 76 -16.64 46.38 -30.71
CA GLY B 76 -18.06 46.63 -30.74
C GLY B 76 -18.90 45.74 -29.86
N TRP B 77 -18.28 44.93 -29.00
CA TRP B 77 -19.02 44.00 -28.16
C TRP B 77 -18.76 44.31 -26.69
N THR B 78 -19.78 44.10 -25.88
CA THR B 78 -19.72 44.31 -24.43
C THR B 78 -19.84 42.98 -23.72
N ILE B 79 -19.10 42.82 -22.62
CA ILE B 79 -19.14 41.57 -21.87
C ILE B 79 -20.51 41.30 -21.29
N SER B 80 -21.33 42.34 -21.10
CA SER B 80 -22.69 42.14 -20.59
C SER B 80 -23.65 41.69 -21.67
N GLY B 81 -23.25 41.73 -22.94
CA GLY B 81 -24.09 41.29 -24.03
C GLY B 81 -24.75 42.41 -24.81
N GLU B 82 -24.46 43.67 -24.51
CA GLU B 82 -25.08 44.78 -25.22
C GLU B 82 -24.18 45.20 -26.38
N THR B 83 -24.46 46.36 -26.96
CA THR B 83 -23.68 46.92 -28.06
C THR B 83 -22.77 48.03 -27.53
N SER B 84 -21.53 48.05 -28.01
CA SER B 84 -20.54 49.04 -27.59
C SER B 84 -20.72 50.29 -28.44
N SER B 85 -21.41 51.29 -27.87
CA SER B 85 -21.58 52.56 -28.58
C SER B 85 -20.28 53.34 -28.62
N ASN B 86 -19.59 53.44 -27.48
CA ASN B 86 -18.33 54.18 -27.37
C ASN B 86 -17.50 53.57 -26.26
N PRO B 87 -16.74 52.51 -26.57
CA PRO B 87 -15.94 51.85 -25.53
C PRO B 87 -14.84 52.74 -24.95
N GLY B 88 -14.45 53.80 -25.64
CA GLY B 88 -13.42 54.67 -25.12
C GLY B 88 -12.05 54.02 -25.18
N ILE B 89 -11.08 54.70 -24.56
CA ILE B 89 -9.71 54.20 -24.56
C ILE B 89 -9.48 53.14 -23.49
N TRP B 90 -10.42 52.94 -22.58
CA TRP B 90 -10.27 51.96 -21.51
C TRP B 90 -11.03 50.68 -21.80
N SER B 91 -11.03 50.23 -23.04
CA SER B 91 -11.55 48.92 -23.39
C SER B 91 -10.53 47.87 -22.97
N TYR B 92 -10.78 46.60 -23.31
CA TYR B 92 -9.80 45.56 -23.04
C TYR B 92 -8.53 45.80 -23.86
N GLU B 93 -8.68 46.16 -25.13
CA GLU B 93 -7.52 46.47 -25.95
C GLU B 93 -6.78 47.67 -25.40
N GLY B 94 -7.51 48.66 -24.89
CA GLY B 94 -6.85 49.80 -24.28
C GLY B 94 -6.00 49.42 -23.09
N ALA B 95 -6.53 48.58 -22.22
CA ALA B 95 -5.77 48.13 -21.06
C ALA B 95 -4.55 47.33 -21.48
N ALA B 96 -4.70 46.46 -22.47
CA ALA B 96 -3.57 45.67 -22.95
C ALA B 96 -2.48 46.57 -23.51
N ALA B 97 -2.87 47.53 -24.37
CA ALA B 97 -1.89 48.43 -24.95
C ALA B 97 -1.21 49.28 -23.88
N SER B 98 -1.97 49.72 -22.88
CA SER B 98 -1.38 50.54 -21.82
C SER B 98 -0.36 49.75 -21.03
N HIS B 99 -0.72 48.54 -20.59
CA HIS B 99 0.24 47.74 -19.84
C HIS B 99 1.46 47.40 -20.70
N ILE B 100 1.28 47.23 -22.01
CA ILE B 100 2.41 46.91 -22.89
C ILE B 100 3.35 48.11 -23.01
N VAL B 101 2.81 49.30 -23.25
CA VAL B 101 3.65 50.48 -23.39
C VAL B 101 4.36 50.78 -22.08
N LEU B 102 3.66 50.57 -20.96
CA LEU B 102 4.30 50.70 -19.66
C LEU B 102 5.45 49.71 -19.51
N SER B 103 5.27 48.48 -20.00
CA SER B 103 6.36 47.52 -19.97
C SER B 103 7.57 48.01 -20.74
N GLY B 104 7.34 48.57 -21.93
CA GLY B 104 8.46 49.09 -22.71
C GLY B 104 9.16 50.24 -22.01
N LEU B 105 8.40 51.16 -21.44
CA LEU B 105 8.99 52.28 -20.72
C LEU B 105 9.80 51.80 -19.53
N LEU B 106 9.29 50.82 -18.80
CA LEU B 106 10.05 50.26 -17.69
C LEU B 106 11.30 49.56 -18.16
N PHE B 107 11.27 48.94 -19.35
CA PHE B 107 12.49 48.35 -19.90
C PHE B 107 13.56 49.41 -20.13
N LEU B 108 13.16 50.52 -20.74
CA LEU B 108 14.12 51.60 -20.99
C LEU B 108 14.67 52.17 -19.68
N ALA B 109 13.79 52.36 -18.69
CA ALA B 109 14.23 52.87 -17.40
C ALA B 109 15.14 51.88 -16.70
N SER B 110 14.89 50.58 -16.85
CA SER B 110 15.78 49.58 -16.29
C SER B 110 17.16 49.66 -16.91
N VAL B 111 17.20 49.83 -18.24
CA VAL B 111 18.50 49.99 -18.90
C VAL B 111 19.24 51.18 -18.33
N TRP B 112 18.55 52.31 -18.19
CA TRP B 112 19.23 53.50 -17.68
C TRP B 112 19.72 53.31 -16.26
N HIS B 113 18.83 52.91 -15.36
CA HIS B 113 19.20 52.71 -13.96
C HIS B 113 20.24 51.61 -13.79
N TRP B 114 20.43 50.76 -14.82
CA TRP B 114 21.51 49.78 -14.79
C TRP B 114 22.83 50.39 -15.21
N VAL B 115 22.84 51.21 -16.26
CA VAL B 115 24.09 51.78 -16.74
C VAL B 115 24.67 52.73 -15.71
N TYR B 116 23.85 53.64 -15.20
CA TYR B 116 24.31 54.63 -14.22
C TYR B 116 23.98 54.14 -12.81
N TRP B 117 24.71 53.11 -12.40
CA TRP B 117 24.49 52.48 -11.10
C TRP B 117 25.06 53.31 -9.96
N ASP B 118 26.19 53.97 -10.18
CA ASP B 118 26.94 54.63 -9.12
C ASP B 118 26.40 56.04 -8.91
N LEU B 119 25.22 56.11 -8.31
CA LEU B 119 24.58 57.37 -8.00
C LEU B 119 24.94 57.79 -6.58
N GLU B 120 25.22 59.08 -6.39
CA GLU B 120 25.56 59.58 -5.07
C GLU B 120 24.39 59.49 -4.10
N LEU B 121 23.17 59.35 -4.61
CA LEU B 121 22.01 59.21 -3.73
C LEU B 121 22.14 58.00 -2.84
N PHE B 122 22.83 56.95 -3.32
CA PHE B 122 22.99 55.72 -2.58
C PHE B 122 24.21 55.74 -1.66
N ARG B 123 24.92 56.86 -1.57
CA ARG B 123 26.08 56.98 -0.71
C ARG B 123 25.67 57.53 0.65
N ASP B 124 26.28 57.00 1.70
CA ASP B 124 26.06 57.52 3.05
C ASP B 124 26.76 58.86 3.17
N PRO B 125 26.06 59.95 3.47
CA PRO B 125 26.71 61.28 3.47
C PRO B 125 27.87 61.37 4.45
N ARG B 126 27.81 60.65 5.57
CA ARG B 126 28.88 60.75 6.57
C ARG B 126 30.06 59.88 6.19
N THR B 127 29.85 58.56 6.10
CA THR B 127 30.94 57.64 5.86
C THR B 127 31.39 57.65 4.41
N GLY B 128 30.49 57.94 3.47
CA GLY B 128 30.80 57.87 2.06
C GLY B 128 30.58 56.52 1.43
N LYS B 129 30.25 55.51 2.22
CA LYS B 129 29.98 54.18 1.70
C LYS B 129 28.52 54.06 1.27
N THR B 130 28.27 53.09 0.39
CA THR B 130 26.90 52.88 -0.09
C THR B 130 26.04 52.31 1.03
N ALA B 131 24.85 52.88 1.19
CA ALA B 131 23.96 52.46 2.26
C ALA B 131 22.54 52.90 1.94
N LEU B 132 21.56 52.16 2.46
CA LEU B 132 20.15 52.49 2.33
C LEU B 132 19.53 52.54 3.71
N ASP B 133 18.80 53.63 3.98
CA ASP B 133 18.14 53.81 5.28
C ASP B 133 16.80 53.09 5.24
N LEU B 134 16.85 51.78 5.46
CA LEU B 134 15.66 50.94 5.28
C LEU B 134 14.44 51.40 6.08
N PRO B 135 14.55 51.81 7.35
CA PRO B 135 13.35 52.33 8.01
C PRO B 135 12.71 53.51 7.30
N LYS B 136 13.52 54.46 6.82
CA LYS B 136 12.96 55.61 6.13
C LYS B 136 12.36 55.21 4.79
N ILE B 137 13.01 54.29 4.09
CA ILE B 137 12.49 53.82 2.81
C ILE B 137 11.15 53.15 3.01
N PHE B 138 11.04 52.31 4.05
CA PHE B 138 9.76 51.67 4.34
C PHE B 138 8.72 52.70 4.70
N GLY B 139 9.09 53.73 5.47
CA GLY B 139 8.14 54.77 5.79
C GLY B 139 7.61 55.46 4.55
N ILE B 140 8.50 55.82 3.63
CA ILE B 140 8.09 56.53 2.41
C ILE B 140 7.19 55.64 1.57
N HIS B 141 7.63 54.41 1.30
CA HIS B 141 6.89 53.55 0.40
C HIS B 141 5.57 53.10 1.04
N LEU B 142 5.53 52.97 2.37
CA LEU B 142 4.27 52.67 3.06
C LEU B 142 3.31 53.83 3.02
N PHE B 143 3.82 55.05 3.16
CA PHE B 143 2.96 56.22 3.02
C PHE B 143 2.35 56.28 1.62
N LEU B 144 3.16 56.00 0.60
CA LEU B 144 2.63 55.95 -0.76
C LEU B 144 1.57 54.86 -0.90
N ALA B 145 1.84 53.67 -0.37
CA ALA B 145 0.90 52.57 -0.48
C ALA B 145 -0.43 52.90 0.20
N GLY B 146 -0.36 53.50 1.38
CA GLY B 146 -1.58 53.87 2.07
C GLY B 146 -2.35 54.97 1.35
N LEU B 147 -1.63 55.94 0.79
CA LEU B 147 -2.29 56.97 0.00
C LEU B 147 -3.03 56.36 -1.18
N LEU B 148 -2.39 55.43 -1.88
CA LEU B 148 -3.02 54.79 -3.03
C LEU B 148 -4.19 53.92 -2.60
N CYS B 149 -4.08 53.23 -1.47
CA CYS B 149 -5.17 52.40 -0.98
C CYS B 149 -6.39 53.25 -0.65
N PHE B 150 -6.19 54.35 0.06
CA PHE B 150 -7.31 55.23 0.35
C PHE B 150 -7.91 55.81 -0.91
N GLY B 151 -7.06 56.22 -1.87
CA GLY B 151 -7.58 56.77 -3.10
C GLY B 151 -8.40 55.77 -3.88
N PHE B 152 -7.93 54.53 -3.97
CA PHE B 152 -8.69 53.50 -4.67
C PHE B 152 -10.00 53.20 -3.97
N GLY B 153 -9.97 53.11 -2.64
CA GLY B 153 -11.20 52.81 -1.92
C GLY B 153 -12.22 53.92 -2.02
N ALA B 154 -11.78 55.17 -1.88
CA ALA B 154 -12.73 56.28 -1.77
C ALA B 154 -13.26 56.73 -3.13
N PHE B 155 -12.39 56.77 -4.15
CA PHE B 155 -12.81 57.29 -5.45
C PHE B 155 -13.28 56.17 -6.37
N HIS B 156 -12.42 55.20 -6.64
CA HIS B 156 -12.86 53.99 -7.32
C HIS B 156 -13.83 53.24 -6.43
N VAL B 157 -14.43 52.18 -6.99
CA VAL B 157 -15.34 51.27 -6.29
C VAL B 157 -16.55 52.01 -5.72
N THR B 158 -16.36 53.18 -5.10
CA THR B 158 -17.49 53.97 -4.66
C THR B 158 -18.13 54.74 -5.80
N GLY B 159 -17.43 54.90 -6.92
CA GLY B 159 -17.99 55.60 -8.04
C GLY B 159 -17.97 57.11 -7.94
N VAL B 160 -17.35 57.65 -6.89
CA VAL B 160 -17.25 59.11 -6.79
C VAL B 160 -16.47 59.66 -7.97
N PHE B 161 -15.37 59.01 -8.31
CA PHE B 161 -14.66 59.29 -9.55
C PHE B 161 -14.49 58.06 -10.41
N GLY B 162 -14.23 56.90 -9.82
CA GLY B 162 -14.08 55.68 -10.59
C GLY B 162 -15.40 55.13 -11.05
N PRO B 163 -15.35 53.95 -11.67
CA PRO B 163 -16.56 53.32 -12.21
C PRO B 163 -17.30 52.40 -11.26
N GLY B 164 -16.71 52.03 -10.13
CA GLY B 164 -17.28 51.02 -9.28
C GLY B 164 -16.65 49.66 -9.53
N ILE B 165 -17.27 48.64 -8.95
CA ILE B 165 -16.79 47.26 -9.11
C ILE B 165 -17.97 46.37 -9.43
N TRP B 166 -17.67 45.12 -9.75
CA TRP B 166 -18.69 44.19 -10.21
C TRP B 166 -19.56 43.75 -9.04
N VAL B 167 -20.83 44.12 -9.08
CA VAL B 167 -21.83 43.71 -8.10
C VAL B 167 -22.87 42.87 -8.81
N SER B 168 -23.27 41.77 -8.18
CA SER B 168 -24.21 40.83 -8.76
C SER B 168 -25.28 40.47 -7.73
N ASP B 169 -26.35 39.86 -8.23
CA ASP B 169 -27.36 39.30 -7.36
C ASP B 169 -26.83 38.02 -6.73
N PRO B 170 -27.46 37.54 -5.64
CA PRO B 170 -26.92 36.35 -4.97
C PRO B 170 -26.79 35.15 -5.87
N TYR B 171 -27.61 35.03 -6.91
CA TYR B 171 -27.59 33.87 -7.77
C TYR B 171 -26.87 34.12 -9.09
N GLY B 172 -26.17 35.25 -9.20
CA GLY B 172 -25.32 35.48 -10.36
C GLY B 172 -26.05 35.54 -11.68
N LEU B 173 -27.28 36.07 -11.67
CA LEU B 173 -28.08 36.18 -12.87
C LEU B 173 -27.97 37.54 -13.53
N THR B 174 -27.90 38.61 -12.75
CA THR B 174 -27.85 39.98 -13.25
C THR B 174 -26.76 40.73 -12.50
N GLY B 175 -25.55 40.72 -13.04
CA GLY B 175 -24.43 41.41 -12.43
C GLY B 175 -23.83 42.43 -13.39
N SER B 176 -23.28 43.49 -12.82
CA SER B 176 -22.69 44.55 -13.63
C SER B 176 -21.79 45.40 -12.74
N VAL B 177 -20.99 46.25 -13.39
CA VAL B 177 -20.11 47.15 -12.65
C VAL B 177 -20.95 48.31 -12.12
N GLN B 178 -21.01 48.43 -10.80
CA GLN B 178 -21.81 49.43 -10.12
C GLN B 178 -20.99 50.09 -9.03
N PRO B 179 -21.28 51.35 -8.71
CA PRO B 179 -20.69 51.95 -7.51
C PRO B 179 -21.18 51.26 -6.25
N VAL B 180 -20.32 51.25 -5.23
CA VAL B 180 -20.59 50.55 -3.98
C VAL B 180 -20.55 51.55 -2.84
N ALA B 181 -21.59 51.55 -2.02
CA ALA B 181 -21.58 52.37 -0.82
C ALA B 181 -20.84 51.65 0.30
N PRO B 182 -19.96 52.32 1.03
CA PRO B 182 -19.23 51.65 2.11
C PRO B 182 -20.15 51.17 3.22
N SER B 183 -19.79 50.04 3.82
CA SER B 183 -20.51 49.46 4.95
C SER B 183 -19.71 49.72 6.20
N TRP B 184 -20.16 50.67 7.02
CA TRP B 184 -19.43 51.03 8.23
C TRP B 184 -19.84 50.23 9.45
N GLY B 185 -20.88 49.42 9.35
CA GLY B 185 -21.31 48.60 10.46
C GLY B 185 -20.55 47.28 10.53
N ALA B 186 -21.05 46.38 11.37
CA ALA B 186 -20.44 45.07 11.48
C ALA B 186 -20.56 44.31 10.16
N GLU B 187 -21.60 44.57 9.38
CA GLU B 187 -21.78 43.89 8.11
C GLU B 187 -20.68 44.24 7.11
N GLY B 188 -19.88 45.26 7.38
CA GLY B 188 -18.71 45.51 6.56
C GLY B 188 -17.69 44.38 6.62
N PHE B 189 -17.80 43.50 7.60
CA PHE B 189 -16.93 42.35 7.70
C PHE B 189 -17.59 41.08 7.20
N ASP B 190 -18.78 41.19 6.66
CA ASP B 190 -19.38 40.07 5.95
C ASP B 190 -18.58 39.88 4.67
N PRO B 191 -17.93 38.73 4.47
CA PRO B 191 -17.10 38.57 3.27
C PRO B 191 -17.86 38.73 1.97
N TYR B 192 -19.14 38.40 1.96
CA TYR B 192 -19.96 38.48 0.75
C TYR B 192 -20.68 39.80 0.63
N ASN B 193 -20.46 40.72 1.55
CA ASN B 193 -21.06 42.06 1.45
C ASN B 193 -20.13 42.96 0.65
N PRO B 194 -20.54 43.44 -0.52
CA PRO B 194 -19.64 44.30 -1.31
C PRO B 194 -19.24 45.57 -0.59
N GLY B 195 -20.13 46.12 0.24
CA GLY B 195 -19.86 47.40 0.87
C GLY B 195 -18.64 47.40 1.77
N GLY B 196 -18.17 46.23 2.18
CA GLY B 196 -16.94 46.16 2.96
C GLY B 196 -15.73 46.57 2.16
N VAL B 197 -15.70 46.26 0.87
CA VAL B 197 -14.51 46.51 0.07
C VAL B 197 -14.14 47.99 0.02
N PRO B 198 -15.05 48.93 -0.26
CA PRO B 198 -14.67 50.34 -0.17
C PRO B 198 -14.25 50.75 1.23
N ALA B 199 -15.15 50.52 2.20
CA ALA B 199 -14.91 50.97 3.56
C ALA B 199 -13.55 50.51 4.06
N HIS B 200 -13.27 49.21 3.94
CA HIS B 200 -11.96 48.71 4.31
C HIS B 200 -10.86 49.50 3.62
N HIS B 201 -10.88 49.50 2.28
CA HIS B 201 -9.81 50.17 1.55
C HIS B 201 -9.77 51.65 1.86
N ILE B 202 -10.84 52.21 2.44
CA ILE B 202 -10.75 53.55 2.98
C ILE B 202 -10.03 53.53 4.33
N ALA B 203 -10.62 52.85 5.31
CA ALA B 203 -10.13 52.97 6.68
C ALA B 203 -8.69 52.46 6.78
N ALA B 204 -8.45 51.24 6.30
CA ALA B 204 -7.09 50.72 6.28
C ALA B 204 -6.15 51.70 5.61
N GLY B 205 -6.56 52.23 4.46
CA GLY B 205 -5.71 53.18 3.75
C GLY B 205 -5.35 54.36 4.63
N ILE B 206 -6.34 54.92 5.32
CA ILE B 206 -6.07 56.03 6.23
C ILE B 206 -5.02 55.62 7.25
N LEU B 207 -5.21 54.45 7.87
CA LEU B 207 -4.23 54.00 8.86
C LEU B 207 -2.86 53.92 8.24
N GLY B 208 -2.78 53.41 7.00
CA GLY B 208 -1.47 53.31 6.36
C GLY B 208 -0.77 54.64 6.33
N VAL B 209 -1.48 55.70 5.95
CA VAL B 209 -0.88 57.02 5.92
C VAL B 209 -0.31 57.35 7.30
N LEU B 210 -1.13 57.20 8.34
CA LEU B 210 -0.64 57.46 9.68
C LEU B 210 0.52 56.54 10.01
N ALA B 211 0.40 55.25 9.68
CA ALA B 211 1.49 54.33 9.93
C ALA B 211 2.74 54.79 9.20
N GLY B 212 2.59 55.25 7.96
CA GLY B 212 3.74 55.79 7.26
C GLY B 212 4.36 56.93 8.03
N LEU B 213 3.53 57.88 8.47
CA LEU B 213 4.03 59.04 9.19
C LEU B 213 4.72 58.63 10.48
N PHE B 214 4.46 57.43 10.98
CA PHE B 214 5.26 56.97 12.12
C PHE B 214 6.55 56.32 11.64
N HIS B 215 6.44 55.36 10.71
CA HIS B 215 7.66 54.65 10.36
C HIS B 215 8.58 55.49 9.46
N LEU B 216 8.28 56.78 9.38
CA LEU B 216 9.06 57.74 8.61
C LEU B 216 9.60 58.84 9.52
N VAL B 218 9.82 58.32 13.33
CA VAL B 218 10.42 57.73 14.52
C VAL B 218 11.42 56.64 14.16
N ARG B 219 12.68 56.88 14.49
CA ARG B 219 13.71 55.90 14.22
C ARG B 219 13.54 54.68 15.11
N PRO B 220 13.88 53.50 14.62
CA PRO B 220 13.76 52.29 15.45
C PRO B 220 14.76 52.30 16.59
N SER B 221 14.39 51.64 17.68
CA SER B 221 15.27 51.57 18.83
C SER B 221 16.44 50.61 18.56
N ILE B 222 17.53 50.82 19.30
CA ILE B 222 18.75 50.08 19.04
C ILE B 222 18.53 48.59 19.27
N ARG B 223 17.84 48.22 20.35
CA ARG B 223 17.59 46.82 20.62
C ARG B 223 16.73 46.22 19.51
N LEU B 224 15.71 46.93 19.07
CA LEU B 224 14.89 46.46 17.97
C LEU B 224 15.64 46.51 16.64
N TYR B 225 16.52 47.51 16.47
CA TYR B 225 17.28 47.63 15.23
C TYR B 225 18.19 46.42 15.03
N PHE B 226 18.89 46.01 16.08
CA PHE B 226 19.77 44.85 15.95
C PHE B 226 19.02 43.54 16.06
N GLY B 227 17.90 43.52 16.79
CA GLY B 227 17.13 42.29 16.89
C GLY B 227 16.51 41.87 15.58
N LEU B 228 15.90 42.82 14.86
CA LEU B 228 15.23 42.54 13.60
C LEU B 228 16.14 42.67 12.41
N SER B 229 17.44 42.89 12.64
CA SER B 229 18.42 42.99 11.57
C SER B 229 18.08 44.08 10.57
N MET B 230 17.46 45.15 11.04
CA MET B 230 17.23 46.31 10.20
C MET B 230 18.57 46.88 9.74
N GLY B 231 18.63 47.26 8.48
CA GLY B 231 19.87 47.64 7.85
C GLY B 231 20.46 46.58 6.94
N SER B 232 19.94 45.37 6.97
CA SER B 232 20.26 44.34 6.00
C SER B 232 19.09 44.18 5.05
N ILE B 233 19.37 44.23 3.76
CA ILE B 233 18.30 44.13 2.76
C ILE B 233 17.67 42.75 2.78
N GLU B 234 18.42 41.72 3.18
CA GLU B 234 17.86 40.37 3.19
C GLU B 234 16.82 40.20 4.28
N SER B 235 16.94 40.93 5.39
CA SER B 235 15.88 40.91 6.38
C SER B 235 14.59 41.45 5.80
N VAL B 236 14.68 42.54 5.04
CA VAL B 236 13.51 43.07 4.36
C VAL B 236 12.95 42.03 3.39
N LEU B 237 13.83 41.33 2.69
CA LEU B 237 13.37 40.30 1.77
C LEU B 237 12.61 39.20 2.50
N SER B 238 13.12 38.77 3.64
CA SER B 238 12.45 37.73 4.41
C SER B 238 11.07 38.17 4.87
N SER B 239 10.99 39.37 5.45
CA SER B 239 9.70 39.87 5.92
C SER B 239 8.72 40.04 4.77
N SER B 240 9.18 40.57 3.64
CA SER B 240 8.29 40.77 2.50
C SER B 240 7.82 39.44 1.95
N ILE B 241 8.70 38.44 1.87
CA ILE B 241 8.29 37.13 1.38
C ILE B 241 7.21 36.56 2.30
N ALA B 242 7.40 36.71 3.61
CA ALA B 242 6.39 36.22 4.55
C ALA B 242 5.05 36.89 4.31
N ALA B 243 5.06 38.22 4.20
CA ALA B 243 3.82 38.96 4.01
C ALA B 243 3.13 38.56 2.72
N VAL B 244 3.92 38.38 1.66
CA VAL B 244 3.33 38.07 0.35
C VAL B 244 2.73 36.68 0.34
N PHE B 245 3.38 35.70 1.00
CA PHE B 245 2.76 34.38 1.01
C PHE B 245 1.54 34.34 1.90
N TRP B 246 1.52 35.14 2.98
CA TRP B 246 0.29 35.30 3.76
C TRP B 246 -0.83 35.82 2.87
N ALA B 247 -0.55 36.86 2.09
CA ALA B 247 -1.57 37.43 1.21
C ALA B 247 -2.02 36.42 0.17
N ALA B 248 -1.09 35.61 -0.34
CA ALA B 248 -1.45 34.59 -1.32
C ALA B 248 -2.39 33.57 -0.71
N PHE B 249 -2.11 33.14 0.52
CA PHE B 249 -3.04 32.22 1.19
C PHE B 249 -4.41 32.85 1.34
N VAL B 250 -4.46 34.13 1.72
CA VAL B 250 -5.75 34.79 1.92
C VAL B 250 -6.54 34.85 0.62
N VAL B 251 -5.88 35.24 -0.48
CA VAL B 251 -6.61 35.39 -1.75
C VAL B 251 -7.03 34.03 -2.28
N ALA B 252 -6.18 33.01 -2.12
CA ALA B 252 -6.58 31.66 -2.55
C ALA B 252 -7.79 31.18 -1.77
N GLY B 253 -7.79 31.39 -0.46
CA GLY B 253 -8.95 31.00 0.33
C GLY B 253 -10.20 31.77 -0.04
N THR B 254 -10.06 33.07 -0.29
CA THR B 254 -11.23 33.87 -0.60
C THR B 254 -11.76 33.61 -1.99
N MET B 255 -10.95 33.07 -2.89
CA MET B 255 -11.50 32.71 -4.20
C MET B 255 -12.07 31.31 -4.21
N TRP B 256 -11.46 30.36 -3.49
CA TRP B 256 -12.03 29.02 -3.46
C TRP B 256 -13.38 29.02 -2.76
N TYR B 257 -13.53 29.79 -1.69
CA TYR B 257 -14.78 29.87 -0.97
C TYR B 257 -15.73 30.91 -1.54
N GLY B 258 -15.25 31.75 -2.44
CA GLY B 258 -16.08 32.78 -3.02
C GLY B 258 -16.30 33.94 -2.08
N SER B 259 -16.38 35.15 -2.61
CA SER B 259 -16.64 36.33 -1.80
C SER B 259 -17.17 37.42 -2.72
N ALA B 260 -17.40 38.60 -2.14
CA ALA B 260 -17.87 39.73 -2.93
C ALA B 260 -16.86 40.15 -3.99
N ALA B 261 -15.58 39.82 -3.80
CA ALA B 261 -14.55 40.21 -4.73
C ALA B 261 -14.28 39.18 -5.82
N THR B 262 -14.89 38.00 -5.75
CA THR B 262 -14.73 36.96 -6.77
C THR B 262 -16.10 36.48 -7.21
N PRO B 263 -16.83 37.28 -7.97
CA PRO B 263 -18.20 36.91 -8.33
C PRO B 263 -18.24 35.71 -9.26
N ILE B 264 -19.36 34.99 -9.22
CA ILE B 264 -19.50 33.78 -10.03
C ILE B 264 -19.78 34.09 -11.49
N GLU B 265 -20.18 35.32 -11.81
CA GLU B 265 -20.35 35.69 -13.22
C GLU B 265 -19.04 35.97 -13.92
N LEU B 266 -17.93 35.97 -13.19
CA LEU B 266 -16.61 36.20 -13.76
C LEU B 266 -15.66 35.03 -13.59
N PHE B 267 -15.76 34.29 -12.49
CA PHE B 267 -14.89 33.15 -12.26
C PHE B 267 -15.63 31.81 -12.26
N GLY B 268 -16.95 31.83 -12.25
CA GLY B 268 -17.72 30.61 -12.21
C GLY B 268 -18.16 30.25 -10.80
N PRO B 269 -19.04 29.26 -10.70
CA PRO B 269 -19.53 28.85 -9.38
C PRO B 269 -18.43 28.20 -8.55
N THR B 270 -18.65 28.21 -7.23
CA THR B 270 -17.79 27.47 -6.32
C THR B 270 -18.31 26.05 -6.15
N ARG B 271 -17.44 25.17 -5.67
CA ARG B 271 -17.86 23.80 -5.43
C ARG B 271 -18.85 23.70 -4.26
N TYR B 272 -18.82 24.67 -3.35
CA TYR B 272 -19.72 24.66 -2.21
C TYR B 272 -21.12 25.10 -2.57
N GLN B 273 -21.32 25.67 -3.76
CA GLN B 273 -22.67 25.89 -4.25
C GLN B 273 -23.29 24.60 -4.77
N TRP B 274 -22.49 23.74 -5.37
CA TRP B 274 -22.99 22.43 -5.79
C TRP B 274 -23.17 21.50 -4.60
N ASP B 275 -22.23 21.53 -3.65
CA ASP B 275 -22.30 20.62 -2.51
C ASP B 275 -23.55 20.86 -1.68
N GLN B 276 -23.89 22.12 -1.46
CA GLN B 276 -25.02 22.49 -0.61
C GLN B 276 -26.28 22.78 -1.39
N GLY B 277 -26.28 22.54 -2.70
CA GLY B 277 -27.46 22.76 -3.51
C GLY B 277 -27.92 24.20 -3.49
N PHE B 278 -26.98 25.13 -3.67
CA PHE B 278 -27.33 26.54 -3.62
C PHE B 278 -28.27 26.93 -4.75
N PHE B 279 -28.01 26.45 -5.96
CA PHE B 279 -28.87 26.78 -7.09
C PHE B 279 -30.05 25.82 -7.23
N GLN B 280 -29.86 24.55 -6.88
CA GLN B 280 -30.94 23.59 -6.97
C GLN B 280 -32.11 23.99 -6.07
N GLN B 281 -31.80 24.41 -4.84
CA GLN B 281 -32.85 24.84 -3.92
C GLN B 281 -33.58 26.06 -4.46
N GLU B 282 -32.84 27.02 -5.03
CA GLU B 282 -33.49 28.21 -5.57
C GLU B 282 -34.39 27.88 -6.75
N ILE B 283 -33.92 26.98 -7.64
CA ILE B 283 -34.72 26.59 -8.78
C ILE B 283 -36.01 25.92 -8.32
N GLN B 284 -35.89 24.98 -7.38
CA GLN B 284 -37.08 24.29 -6.90
C GLN B 284 -38.01 25.22 -6.13
N LYS B 285 -37.45 26.20 -5.42
CA LYS B 285 -38.29 27.18 -4.73
C LYS B 285 -39.07 28.03 -5.72
N ARG B 286 -38.42 28.47 -6.79
CA ARG B 286 -39.14 29.22 -7.83
C ARG B 286 -40.23 28.36 -8.47
N VAL B 287 -39.91 27.09 -8.75
CA VAL B 287 -40.91 26.21 -9.36
C VAL B 287 -42.09 26.02 -8.43
N ALA B 288 -41.82 25.80 -7.15
CA ALA B 288 -42.90 25.60 -6.18
C ALA B 288 -43.75 26.86 -6.04
N GLN B 289 -43.11 28.03 -6.02
CA GLN B 289 -43.87 29.27 -5.94
C GLN B 289 -44.76 29.47 -7.16
N SER B 290 -44.23 29.16 -8.35
CA SER B 290 -45.05 29.28 -9.56
C SER B 290 -46.20 28.29 -9.54
N THR B 291 -45.96 27.08 -9.05
CA THR B 291 -47.04 26.09 -8.96
C THR B 291 -48.12 26.57 -7.99
N SER B 292 -47.72 27.13 -6.85
CA SER B 292 -48.69 27.65 -5.90
C SER B 292 -49.51 28.78 -6.49
N GLU B 293 -49.00 29.46 -7.51
CA GLU B 293 -49.78 30.47 -8.21
C GLU B 293 -50.80 29.88 -9.16
N GLY B 294 -50.79 28.56 -9.34
CA GLY B 294 -51.75 27.89 -10.20
C GLY B 294 -51.20 27.47 -11.55
N LEU B 295 -49.97 27.83 -11.87
CA LEU B 295 -49.39 27.46 -13.15
C LEU B 295 -49.13 25.96 -13.21
N SER B 296 -49.11 25.43 -14.43
CA SER B 296 -48.74 24.04 -14.62
C SER B 296 -47.24 23.86 -14.40
N VAL B 297 -46.80 22.61 -14.44
CA VAL B 297 -45.37 22.34 -14.30
C VAL B 297 -44.60 22.88 -15.51
N SER B 298 -45.17 22.75 -16.71
CA SER B 298 -44.47 23.19 -17.91
C SER B 298 -44.22 24.69 -17.89
N GLU B 299 -45.23 25.47 -17.52
CA GLU B 299 -45.05 26.91 -17.45
C GLU B 299 -44.08 27.29 -16.34
N ALA B 300 -44.19 26.62 -15.19
CA ALA B 300 -43.30 26.92 -14.07
C ALA B 300 -41.84 26.68 -14.45
N TRP B 301 -41.56 25.60 -15.17
CA TRP B 301 -40.19 25.34 -15.58
C TRP B 301 -39.77 26.22 -16.75
N ALA B 302 -40.71 26.59 -17.63
CA ALA B 302 -40.37 27.51 -18.70
C ALA B 302 -40.03 28.89 -18.17
N LYS B 303 -40.52 29.23 -16.97
CA LYS B 303 -40.20 30.51 -16.36
C LYS B 303 -38.78 30.55 -15.79
N ILE B 304 -38.10 29.42 -15.68
CA ILE B 304 -36.77 29.37 -15.09
C ILE B 304 -35.76 29.93 -16.11
N PRO B 305 -34.93 30.90 -15.71
CA PRO B 305 -33.88 31.37 -16.62
C PRO B 305 -32.88 30.28 -16.92
N GLU B 306 -32.35 30.31 -18.15
CA GLU B 306 -31.39 29.28 -18.55
C GLU B 306 -30.06 29.42 -17.83
N LYS B 307 -29.67 30.65 -17.50
CA LYS B 307 -28.40 30.84 -16.79
C LYS B 307 -28.45 30.22 -15.40
N LEU B 308 -29.58 30.38 -14.70
CA LEU B 308 -29.72 29.79 -13.38
C LEU B 308 -29.64 28.27 -13.44
N ALA B 309 -30.27 27.66 -14.45
CA ALA B 309 -30.14 26.23 -14.64
C ALA B 309 -28.72 25.84 -14.98
N PHE B 310 -28.03 26.66 -15.78
CA PHE B 310 -26.66 26.34 -16.18
C PHE B 310 -25.74 26.32 -14.97
N TYR B 311 -25.97 27.21 -14.02
CA TYR B 311 -25.18 27.16 -12.78
C TYR B 311 -25.39 25.85 -12.05
N ASP B 312 -26.58 25.26 -12.17
CA ASP B 312 -26.91 24.02 -11.48
C ASP B 312 -26.49 22.80 -12.30
N TYR B 313 -25.20 22.78 -12.64
CA TYR B 313 -24.64 21.72 -13.46
C TYR B 313 -23.26 21.38 -12.91
N ILE B 314 -22.96 20.08 -12.81
CA ILE B 314 -21.71 19.67 -12.18
C ILE B 314 -20.53 19.91 -13.09
N GLY B 315 -20.76 20.17 -14.38
CA GLY B 315 -19.65 20.48 -15.26
C GLY B 315 -19.03 21.82 -14.97
N ASN B 316 -19.79 22.72 -14.36
CA ASN B 316 -19.29 24.03 -13.94
C ASN B 316 -18.68 24.02 -12.55
N ASN B 317 -18.73 22.90 -11.87
CA ASN B 317 -18.10 22.77 -10.57
C ASN B 317 -16.59 22.90 -10.74
N PRO B 318 -15.93 23.83 -10.06
CA PRO B 318 -14.47 23.97 -10.23
C PRO B 318 -13.70 22.77 -9.74
N ALA B 319 -14.27 21.95 -8.86
CA ALA B 319 -13.58 20.80 -8.32
C ALA B 319 -13.78 19.55 -9.14
N LYS B 320 -14.48 19.63 -10.27
CA LYS B 320 -14.56 18.51 -11.21
C LYS B 320 -13.59 18.81 -12.36
N GLY B 321 -12.32 18.48 -12.13
CA GLY B 321 -11.31 18.80 -13.12
C GLY B 321 -10.09 17.94 -12.91
N GLY B 322 -9.11 18.16 -13.79
CA GLY B 322 -7.87 17.42 -13.73
C GLY B 322 -6.68 18.35 -13.82
N LEU B 323 -5.57 17.89 -13.26
CA LEU B 323 -4.35 18.70 -13.28
C LEU B 323 -3.86 18.92 -14.70
N PHE B 324 -3.91 17.88 -15.53
CA PHE B 324 -3.47 17.96 -16.90
C PHE B 324 -4.62 17.98 -17.90
N ARG B 325 -5.84 18.15 -17.42
CA ARG B 325 -6.97 18.46 -18.28
C ARG B 325 -6.91 19.95 -18.56
N THR B 326 -6.19 20.32 -19.60
CA THR B 326 -5.81 21.70 -19.85
C THR B 326 -6.87 22.43 -20.66
N GLY B 327 -6.77 23.75 -20.64
CA GLY B 327 -7.54 24.58 -21.55
C GLY B 327 -8.87 25.04 -20.98
N ALA B 328 -9.70 25.52 -21.91
CA ALA B 328 -11.01 26.03 -21.56
C ALA B 328 -11.93 24.90 -21.13
N MET B 329 -12.96 25.27 -20.36
CA MET B 329 -13.97 24.29 -19.99
C MET B 329 -14.70 23.76 -21.23
N ASN B 330 -14.80 24.59 -22.27
CA ASN B 330 -15.39 24.14 -23.52
C ASN B 330 -14.53 23.10 -24.23
N SER B 331 -13.26 22.99 -23.87
CA SER B 331 -12.41 22.01 -24.53
C SER B 331 -12.68 20.60 -24.04
N GLY B 332 -13.12 20.45 -22.80
CA GLY B 332 -13.43 19.13 -22.28
C GLY B 332 -14.84 18.72 -22.60
N ASP B 333 -15.79 19.52 -22.16
CA ASP B 333 -17.19 19.36 -22.50
C ASP B 333 -17.55 20.35 -23.59
N GLY B 334 -18.48 19.97 -24.46
CA GLY B 334 -18.82 20.80 -25.60
C GLY B 334 -19.30 22.19 -25.20
N ILE B 335 -19.47 23.04 -26.20
CA ILE B 335 -20.01 24.38 -25.98
C ILE B 335 -21.51 24.26 -25.75
N ALA B 336 -21.98 24.82 -24.65
CA ALA B 336 -23.41 24.77 -24.35
C ALA B 336 -24.20 25.50 -25.42
N VAL B 337 -25.28 24.88 -25.89
CA VAL B 337 -26.12 25.43 -26.93
C VAL B 337 -27.51 25.79 -26.42
N GLY B 338 -28.07 24.95 -25.57
CA GLY B 338 -29.40 25.22 -25.03
C GLY B 338 -29.71 24.28 -23.89
N TRP B 339 -30.75 24.65 -23.15
CA TRP B 339 -31.22 23.87 -22.01
C TRP B 339 -32.27 22.88 -22.50
N LEU B 340 -32.04 21.59 -22.26
CA LEU B 340 -33.04 20.60 -22.66
C LEU B 340 -34.34 20.77 -21.88
N GLY B 341 -34.24 21.17 -20.62
CA GLY B 341 -35.40 21.33 -19.75
C GLY B 341 -35.14 20.60 -18.45
N HIS B 342 -36.20 20.39 -17.70
CA HIS B 342 -36.14 19.64 -16.45
C HIS B 342 -36.73 18.27 -16.66
N ALA B 343 -35.99 17.24 -16.26
CA ALA B 343 -36.44 15.86 -16.41
C ALA B 343 -37.12 15.41 -15.13
N SER B 344 -38.38 15.01 -15.24
CA SER B 344 -39.12 14.44 -14.12
C SER B 344 -39.33 12.97 -14.41
N PHE B 345 -38.85 12.11 -13.51
CA PHE B 345 -38.93 10.67 -13.67
C PHE B 345 -40.08 10.15 -12.83
N LYS B 346 -40.92 9.31 -13.44
CA LYS B 346 -42.10 8.80 -12.76
C LYS B 346 -42.22 7.31 -13.07
N ASP B 347 -42.50 6.52 -12.04
CA ASP B 347 -42.68 5.09 -12.24
C ASP B 347 -44.07 4.80 -12.79
N GLN B 348 -44.30 3.52 -13.12
CA GLN B 348 -45.61 3.14 -13.63
C GLN B 348 -46.70 3.31 -12.59
N GLU B 349 -46.34 3.35 -11.30
CA GLU B 349 -47.32 3.61 -10.26
C GLU B 349 -47.74 5.08 -10.23
N GLY B 350 -46.86 5.98 -10.67
CA GLY B 350 -47.08 7.40 -10.55
C GLY B 350 -46.30 8.07 -9.45
N ARG B 351 -45.47 7.33 -8.74
CA ARG B 351 -44.65 7.88 -7.66
C ARG B 351 -43.48 8.64 -8.27
N GLU B 352 -43.35 9.92 -7.92
CA GLU B 352 -42.29 10.75 -8.47
C GLU B 352 -40.94 10.27 -7.96
N LEU B 353 -39.97 10.16 -8.86
CA LEU B 353 -38.64 9.67 -8.54
C LEU B 353 -37.59 10.73 -8.87
N PHE B 354 -36.63 10.89 -7.97
CA PHE B 354 -35.57 11.87 -8.12
C PHE B 354 -34.23 11.17 -8.26
N VAL B 355 -33.42 11.65 -9.19
CA VAL B 355 -32.11 11.04 -9.46
C VAL B 355 -31.09 11.60 -8.49
N ARG B 356 -30.36 10.71 -7.82
CA ARG B 356 -29.34 11.14 -6.87
C ARG B 356 -28.21 11.83 -7.62
N ARG B 357 -27.87 13.04 -7.19
CA ARG B 357 -26.85 13.83 -7.86
C ARG B 357 -25.46 13.33 -7.50
N MET B 358 -24.54 13.51 -8.43
CA MET B 358 -23.17 13.08 -8.23
C MET B 358 -22.47 14.00 -7.24
N PRO B 359 -21.92 13.48 -6.14
CA PRO B 359 -21.14 14.33 -5.24
C PRO B 359 -19.85 14.76 -5.90
N THR B 360 -19.29 15.85 -5.38
CA THR B 360 -18.09 16.43 -5.99
C THR B 360 -16.91 15.47 -5.95
N PHE B 361 -16.89 14.53 -5.00
CA PHE B 361 -15.76 13.62 -4.85
C PHE B 361 -15.71 12.56 -5.94
N PHE B 362 -16.84 12.22 -6.54
CA PHE B 362 -16.93 11.01 -7.35
C PHE B 362 -16.70 11.32 -8.81
N GLU B 363 -15.66 10.70 -9.39
CA GLU B 363 -15.46 10.77 -10.84
C GLU B 363 -16.59 10.06 -11.57
N THR B 364 -17.02 8.91 -11.07
CA THR B 364 -18.14 8.16 -11.61
C THR B 364 -19.10 7.83 -10.48
N PHE B 365 -20.40 7.91 -10.75
CA PHE B 365 -21.40 7.70 -9.73
C PHE B 365 -22.52 6.84 -10.30
N PRO B 366 -22.92 5.78 -9.60
CA PRO B 366 -24.02 4.94 -10.07
C PRO B 366 -25.34 5.71 -10.08
N VAL B 367 -26.20 5.35 -11.02
CA VAL B 367 -27.48 6.03 -11.21
C VAL B 367 -28.51 5.40 -10.28
N VAL B 368 -29.11 6.22 -9.43
CA VAL B 368 -30.15 5.77 -8.50
C VAL B 368 -31.29 6.78 -8.52
N LEU B 369 -32.52 6.29 -8.67
CA LEU B 369 -33.72 7.10 -8.62
C LEU B 369 -34.44 6.83 -7.31
N ILE B 370 -34.67 7.87 -6.53
CA ILE B 370 -35.02 7.79 -5.12
C ILE B 370 -36.42 8.35 -4.93
N ASP B 371 -37.20 7.69 -4.08
CA ASP B 371 -38.52 8.17 -3.70
C ASP B 371 -38.40 9.46 -2.89
N LYS B 372 -39.54 10.15 -2.75
CA LYS B 372 -39.58 11.39 -1.98
C LYS B 372 -39.17 11.15 -0.53
N ASP B 373 -39.46 9.96 0.01
CA ASP B 373 -39.12 9.61 1.38
C ASP B 373 -37.73 8.99 1.50
N GLY B 374 -36.86 9.23 0.52
CA GLY B 374 -35.53 8.68 0.57
C GLY B 374 -35.46 7.17 0.46
N VAL B 375 -36.35 6.56 -0.31
CA VAL B 375 -36.37 5.12 -0.51
C VAL B 375 -36.01 4.86 -1.97
N VAL B 376 -34.96 4.08 -2.18
CA VAL B 376 -34.52 3.80 -3.55
C VAL B 376 -35.61 3.03 -4.27
N ARG B 377 -36.07 3.57 -5.40
CA ARG B 377 -37.11 2.92 -6.18
C ARG B 377 -36.65 2.43 -7.53
N ALA B 378 -35.58 2.97 -8.09
CA ALA B 378 -35.08 2.49 -9.36
C ALA B 378 -33.58 2.73 -9.46
N ASP B 379 -32.95 2.11 -10.45
CA ASP B 379 -31.54 2.35 -10.71
C ASP B 379 -31.18 1.72 -12.04
N VAL B 380 -29.98 2.05 -12.52
CA VAL B 380 -29.38 1.38 -13.67
C VAL B 380 -28.42 0.33 -13.13
N PRO B 381 -28.87 -0.92 -12.96
CA PRO B 381 -28.06 -1.90 -12.24
C PRO B 381 -26.79 -2.27 -13.02
N PHE B 382 -25.75 -2.59 -12.25
CA PHE B 382 -24.52 -3.10 -12.83
C PHE B 382 -24.66 -4.57 -13.22
N ARG B 383 -25.51 -5.32 -12.53
CA ARG B 383 -25.73 -6.73 -12.81
C ARG B 383 -27.16 -6.90 -13.31
N LYS B 384 -27.32 -6.95 -14.64
CA LYS B 384 -28.65 -7.06 -15.22
C LYS B 384 -29.32 -8.38 -14.91
N ALA B 385 -28.55 -9.40 -14.56
CA ALA B 385 -29.14 -10.66 -14.11
C ALA B 385 -29.80 -10.46 -12.75
N GLU B 386 -30.99 -11.05 -12.58
CA GLU B 386 -31.79 -10.98 -11.36
C GLU B 386 -31.79 -9.61 -10.72
N SER B 387 -31.95 -8.56 -11.52
CA SER B 387 -32.02 -7.21 -11.01
C SER B 387 -33.32 -7.01 -10.23
N LYS B 388 -33.29 -6.03 -9.33
CA LYS B 388 -34.41 -5.77 -8.43
C LYS B 388 -35.09 -4.43 -8.68
N TYR B 389 -34.33 -3.38 -9.00
CA TYR B 389 -34.86 -2.05 -9.24
C TYR B 389 -34.56 -1.57 -10.65
N SER B 390 -34.65 -2.47 -11.63
CA SER B 390 -34.31 -2.10 -12.99
C SER B 390 -35.31 -1.09 -13.54
N ILE B 391 -34.87 -0.33 -14.54
CA ILE B 391 -35.75 0.63 -15.20
C ILE B 391 -36.92 -0.08 -15.86
N GLU B 392 -36.64 -1.16 -16.60
CA GLU B 392 -37.70 -1.92 -17.23
C GLU B 392 -38.62 -2.55 -16.21
N GLN B 393 -38.04 -3.08 -15.14
CA GLN B 393 -38.86 -3.75 -14.12
C GLN B 393 -39.81 -2.77 -13.44
N VAL B 394 -39.33 -1.58 -13.11
CA VAL B 394 -40.18 -0.60 -12.43
C VAL B 394 -41.01 0.21 -13.42
N GLY B 395 -40.58 0.31 -14.68
CA GLY B 395 -41.32 1.06 -15.66
C GLY B 395 -41.25 2.56 -15.43
N VAL B 396 -40.05 3.11 -15.62
CA VAL B 396 -39.80 4.53 -15.37
C VAL B 396 -39.90 5.28 -16.69
N SER B 397 -40.63 6.38 -16.69
CA SER B 397 -40.76 7.26 -17.85
C SER B 397 -40.32 8.66 -17.45
N VAL B 398 -39.71 9.37 -18.39
CA VAL B 398 -39.16 10.70 -18.11
C VAL B 398 -39.91 11.72 -18.94
N THR B 399 -40.42 12.75 -18.28
CA THR B 399 -41.12 13.85 -18.94
C THR B 399 -40.30 15.12 -18.76
N PHE B 400 -40.07 15.85 -19.84
CA PHE B 400 -39.27 17.06 -19.79
C PHE B 400 -40.18 18.28 -19.81
N TYR B 401 -39.99 19.17 -18.83
CA TYR B 401 -40.72 20.42 -18.75
C TYR B 401 -39.77 21.58 -19.01
N GLY B 402 -40.15 22.46 -19.93
CA GLY B 402 -39.33 23.60 -20.27
C GLY B 402 -38.16 23.21 -21.17
N GLY B 403 -37.40 24.23 -21.56
CA GLY B 403 -36.24 23.98 -22.38
C GLY B 403 -36.61 23.52 -23.79
N GLU B 404 -35.63 22.88 -24.44
CA GLU B 404 -35.84 22.42 -25.80
C GLU B 404 -36.91 21.34 -25.86
N LEU B 405 -36.78 20.32 -25.01
CA LEU B 405 -37.78 19.26 -24.92
C LEU B 405 -38.81 19.70 -23.89
N ASN B 406 -39.88 20.34 -24.34
CA ASN B 406 -40.94 20.79 -23.46
C ASN B 406 -42.18 19.95 -23.72
N GLY B 407 -42.71 19.34 -22.67
CA GLY B 407 -43.87 18.50 -22.83
C GLY B 407 -43.61 17.20 -23.57
N LEU B 408 -42.35 16.81 -23.70
CA LEU B 408 -41.99 15.57 -24.37
C LEU B 408 -41.75 14.48 -23.33
N THR B 409 -42.38 13.33 -23.54
CA THR B 409 -42.28 12.20 -22.62
C THR B 409 -41.64 11.03 -23.35
N PHE B 410 -40.64 10.42 -22.72
CA PHE B 410 -39.96 9.26 -23.25
C PHE B 410 -40.20 8.08 -22.31
N THR B 411 -40.55 6.93 -22.88
CA THR B 411 -40.86 5.74 -22.12
C THR B 411 -39.98 4.55 -22.45
N ASP B 412 -39.28 4.56 -23.59
CA ASP B 412 -38.39 3.45 -23.91
C ASP B 412 -37.25 3.40 -22.90
N PRO B 413 -36.90 2.22 -22.40
CA PRO B 413 -35.92 2.14 -21.31
C PRO B 413 -34.55 2.70 -21.67
N SER B 414 -34.12 2.58 -22.93
CA SER B 414 -32.80 3.08 -23.31
C SER B 414 -32.71 4.59 -23.12
N THR B 415 -33.71 5.32 -23.65
CA THR B 415 -33.70 6.77 -23.52
C THR B 415 -33.82 7.20 -22.07
N VAL B 416 -34.65 6.50 -21.30
CA VAL B 416 -34.80 6.85 -19.89
C VAL B 416 -33.50 6.63 -19.13
N LYS B 417 -32.79 5.53 -19.41
CA LYS B 417 -31.50 5.31 -18.79
C LYS B 417 -30.52 6.41 -19.16
N LYS B 418 -30.47 6.77 -20.45
CA LYS B 418 -29.56 7.81 -20.90
C LYS B 418 -29.84 9.12 -20.18
N TYR B 419 -31.11 9.49 -20.08
CA TYR B 419 -31.44 10.78 -19.48
C TYR B 419 -31.25 10.76 -17.97
N ALA B 420 -31.48 9.63 -17.31
CA ALA B 420 -31.18 9.55 -15.89
C ALA B 420 -29.68 9.69 -15.64
N ARG B 421 -28.86 9.04 -16.48
CA ARG B 421 -27.42 9.19 -16.35
C ARG B 421 -27.00 10.64 -16.57
N LYS B 422 -27.62 11.32 -17.53
CA LYS B 422 -27.31 12.74 -17.73
C LYS B 422 -27.78 13.59 -16.55
N ALA B 423 -28.95 13.27 -15.98
CA ALA B 423 -29.52 14.08 -14.92
C ALA B 423 -28.81 13.89 -13.59
N GLN B 424 -28.07 12.80 -13.43
CA GLN B 424 -27.26 12.68 -12.22
C GLN B 424 -26.21 13.77 -12.13
N LEU B 425 -25.91 14.45 -13.24
CA LEU B 425 -24.95 15.54 -13.27
C LEU B 425 -25.56 16.89 -13.00
N GLY B 426 -26.87 16.96 -12.79
CA GLY B 426 -27.54 18.23 -12.61
C GLY B 426 -28.49 18.53 -13.74
N GLU B 427 -28.65 19.80 -14.10
CA GLU B 427 -29.51 20.15 -15.22
C GLU B 427 -28.90 19.65 -16.52
N ILE B 428 -29.76 19.22 -17.45
CA ILE B 428 -29.34 18.63 -18.70
C ILE B 428 -29.29 19.70 -19.77
N PHE B 429 -28.16 19.77 -20.47
CA PHE B 429 -27.95 20.75 -21.52
C PHE B 429 -27.48 20.04 -22.78
N GLU B 430 -27.71 20.71 -23.92
CA GLU B 430 -27.18 20.26 -25.19
C GLU B 430 -25.83 20.91 -25.43
N PHE B 431 -24.86 20.11 -25.87
CA PHE B 431 -23.51 20.59 -26.09
C PHE B 431 -23.07 20.31 -27.53
N ASP B 432 -22.50 21.32 -28.17
CA ASP B 432 -21.86 21.18 -29.47
C ASP B 432 -20.38 20.95 -29.24
N ARG B 433 -19.94 19.71 -29.48
CA ARG B 433 -18.55 19.33 -29.24
C ARG B 433 -17.72 19.23 -30.50
N SER B 434 -18.34 19.29 -31.68
CA SER B 434 -17.57 19.18 -32.91
C SER B 434 -16.70 20.39 -33.15
N THR B 435 -17.11 21.56 -32.68
CA THR B 435 -16.38 22.79 -32.96
C THR B 435 -14.98 22.74 -32.39
N LEU B 436 -14.86 22.42 -31.10
CA LEU B 436 -13.57 22.40 -30.42
C LEU B 436 -13.04 20.98 -30.22
N GLN B 437 -13.70 19.97 -30.78
CA GLN B 437 -13.28 18.58 -30.65
C GLN B 437 -13.15 18.20 -29.18
N SER B 438 -14.20 18.47 -28.41
CA SER B 438 -14.20 18.19 -26.98
C SER B 438 -14.06 16.70 -26.72
N ASP B 439 -13.15 16.35 -25.80
CA ASP B 439 -12.90 14.94 -25.51
C ASP B 439 -14.00 14.34 -24.63
N GLY B 440 -14.49 15.09 -23.66
CA GLY B 440 -15.59 14.60 -22.84
C GLY B 440 -15.30 14.47 -21.37
N VAL B 441 -14.26 15.13 -20.89
CA VAL B 441 -13.90 15.12 -19.48
C VAL B 441 -13.90 16.55 -18.98
N PHE B 442 -14.45 16.75 -17.77
CA PHE B 442 -14.63 18.09 -17.25
C PHE B 442 -13.29 18.76 -16.97
N ARG B 443 -13.20 20.04 -17.32
CA ARG B 443 -12.08 20.88 -16.94
C ARG B 443 -12.43 21.65 -15.68
N SER B 444 -11.51 22.48 -15.22
CA SER B 444 -11.71 23.30 -14.03
C SER B 444 -11.87 24.76 -14.43
N SER B 445 -12.72 25.46 -13.69
CA SER B 445 -13.00 26.86 -13.97
C SER B 445 -11.79 27.73 -13.60
N PRO B 446 -11.73 28.96 -14.08
CA PRO B 446 -10.60 29.84 -13.74
C PRO B 446 -10.38 30.02 -12.25
N ARG B 447 -11.43 29.98 -11.42
CA ARG B 447 -11.20 30.13 -9.99
C ARG B 447 -10.44 28.94 -9.42
N GLY B 448 -10.67 27.73 -9.95
CA GLY B 448 -9.89 26.59 -9.52
C GLY B 448 -8.43 26.71 -9.89
N TRP B 449 -8.15 27.13 -11.12
CA TRP B 449 -6.76 27.29 -11.53
C TRP B 449 -6.07 28.40 -10.76
N PHE B 450 -6.77 29.51 -10.52
CA PHE B 450 -6.19 30.58 -9.71
C PHE B 450 -5.85 30.08 -8.33
N THR B 451 -6.78 29.37 -7.69
CA THR B 451 -6.54 28.89 -6.33
C THR B 451 -5.37 27.93 -6.30
N PHE B 452 -5.29 27.02 -7.26
CA PHE B 452 -4.19 26.07 -7.28
C PHE B 452 -2.85 26.77 -7.46
N GLY B 453 -2.76 27.66 -8.44
CA GLY B 453 -1.50 28.33 -8.68
C GLY B 453 -1.05 29.16 -7.50
N HIS B 454 -1.95 29.96 -6.95
CA HIS B 454 -1.53 30.83 -5.86
C HIS B 454 -1.34 30.07 -4.55
N LEU B 455 -1.97 28.91 -4.37
CA LEU B 455 -1.66 28.09 -3.20
C LEU B 455 -0.28 27.45 -3.30
N SER B 456 0.06 26.93 -4.48
CA SER B 456 1.40 26.40 -4.67
C SER B 456 2.46 27.48 -4.47
N PHE B 457 2.20 28.67 -5.01
CA PHE B 457 3.10 29.78 -4.79
C PHE B 457 3.19 30.14 -3.30
N ALA B 458 2.08 30.07 -2.59
CA ALA B 458 2.11 30.36 -1.16
C ALA B 458 2.99 29.40 -0.40
N LEU B 459 2.91 28.10 -0.71
CA LEU B 459 3.78 27.14 -0.06
C LEU B 459 5.25 27.39 -0.38
N LEU B 460 5.56 27.56 -1.67
CA LEU B 460 6.94 27.80 -2.05
C LEU B 460 7.48 29.06 -1.40
N PHE B 461 6.65 30.09 -1.26
CA PHE B 461 7.11 31.31 -0.63
C PHE B 461 7.17 31.19 0.89
N PHE B 462 6.44 30.26 1.49
CA PHE B 462 6.73 29.96 2.88
C PHE B 462 8.13 29.41 3.03
N PHE B 463 8.52 28.49 2.14
CA PHE B 463 9.91 28.05 2.17
C PHE B 463 10.86 29.20 1.90
N GLY B 464 10.46 30.15 1.06
CA GLY B 464 11.29 31.32 0.84
C GLY B 464 11.48 32.16 2.09
N HIS B 465 10.39 32.39 2.83
CA HIS B 465 10.50 33.06 4.13
C HIS B 465 11.52 32.35 4.99
N ILE B 466 11.37 31.03 5.11
CA ILE B 466 12.27 30.27 5.97
C ILE B 466 13.72 30.45 5.52
N TRP B 467 13.99 30.26 4.23
CA TRP B 467 15.37 30.26 3.76
C TRP B 467 16.00 31.64 3.86
N HIS B 468 15.39 32.63 3.22
CA HIS B 468 15.98 33.96 3.19
C HIS B 468 16.05 34.57 4.60
N GLY B 469 15.11 34.21 5.49
CA GLY B 469 15.20 34.69 6.86
C GLY B 469 16.29 34.00 7.67
N SER B 470 16.48 32.70 7.46
CA SER B 470 17.60 32.02 8.11
C SER B 470 18.92 32.63 7.65
N ARG B 471 19.01 32.94 6.36
CA ARG B 471 20.21 33.60 5.86
C ARG B 471 20.38 34.96 6.50
N THR B 472 19.27 35.66 6.76
CA THR B 472 19.36 36.96 7.44
C THR B 472 19.92 36.82 8.85
N ILE B 473 19.32 35.95 9.66
CA ILE B 473 19.69 35.88 11.06
C ILE B 473 21.11 35.36 11.23
N PHE B 474 21.51 34.41 10.39
CA PHE B 474 22.80 33.74 10.49
C PHE B 474 23.80 34.23 9.46
N ARG B 475 23.79 35.53 9.16
CA ARG B 475 24.68 36.06 8.13
C ARG B 475 26.14 35.88 8.49
N ASP B 476 26.49 36.08 9.76
CA ASP B 476 27.88 35.96 10.18
C ASP B 476 28.39 34.54 9.98
N VAL B 477 27.55 33.53 10.27
CA VAL B 477 27.99 32.14 10.16
C VAL B 477 27.70 31.53 8.80
N PHE B 478 26.95 32.21 7.93
CA PHE B 478 26.67 31.64 6.63
C PHE B 478 27.80 31.86 5.64
N ALA B 479 28.87 32.53 6.04
CA ALA B 479 30.14 32.46 5.33
C ALA B 479 31.02 31.34 5.85
N GLY B 480 30.52 30.55 6.80
CA GLY B 480 31.30 29.51 7.46
C GLY B 480 31.29 29.67 8.96
N ILE B 481 31.71 28.65 9.70
CA ILE B 481 31.73 28.69 11.15
C ILE B 481 33.14 28.40 11.65
N ASP B 482 33.50 29.04 12.76
CA ASP B 482 34.80 28.84 13.39
C ASP B 482 34.69 27.80 14.51
N GLU B 483 34.34 26.59 14.10
CA GLU B 483 34.18 25.44 15.00
C GLU B 483 33.10 25.79 16.02
N ASP B 484 33.35 25.65 17.32
CA ASP B 484 32.33 25.93 18.34
C ASP B 484 32.14 27.43 18.55
N MET C 1 -8.88 -16.62 39.26
CA MET C 1 -10.01 -17.18 39.98
C MET C 1 -10.09 -18.69 39.79
N SER C 2 -9.88 -19.13 38.55
CA SER C 2 -9.92 -20.56 38.26
C SER C 2 -8.73 -21.27 38.89
N LEU C 3 -8.96 -22.49 39.37
CA LEU C 3 -7.89 -23.24 40.01
C LEU C 3 -6.76 -23.50 39.02
N THR C 4 -7.10 -23.84 37.78
CA THR C 4 -6.09 -23.98 36.75
C THR C 4 -5.37 -22.65 36.53
N LEU C 5 -6.10 -21.54 36.54
CA LEU C 5 -5.47 -20.23 36.40
C LEU C 5 -4.57 -19.94 37.59
N ILE C 6 -5.01 -20.28 38.80
CA ILE C 6 -4.18 -20.06 39.98
C ILE C 6 -2.88 -20.83 39.88
N LEU C 7 -2.96 -22.11 39.50
CA LEU C 7 -1.76 -22.92 39.38
C LEU C 7 -0.88 -22.42 38.24
N GLN C 8 -1.49 -21.96 37.15
CA GLN C 8 -0.72 -21.40 36.04
C GLN C 8 0.07 -20.18 36.50
N LEU C 9 -0.59 -19.29 37.26
CA LEU C 9 0.10 -18.10 37.74
C LEU C 9 1.22 -18.46 38.71
N VAL C 10 0.99 -19.45 39.57
CA VAL C 10 2.02 -19.87 40.51
C VAL C 10 3.23 -20.42 39.76
N ALA C 11 2.99 -21.30 38.80
CA ALA C 11 4.08 -21.88 38.02
C ALA C 11 4.81 -20.81 37.23
N LEU C 12 4.06 -19.86 36.66
CA LEU C 12 4.68 -18.78 35.89
C LEU C 12 5.58 -17.93 36.78
N PHE C 13 5.10 -17.58 37.97
CA PHE C 13 5.91 -16.77 38.88
C PHE C 13 7.16 -17.53 39.31
N ALA C 14 7.02 -18.83 39.59
CA ALA C 14 8.18 -19.61 39.99
C ALA C 14 9.23 -19.66 38.88
N VAL C 15 8.81 -20.00 37.65
CA VAL C 15 9.78 -20.14 36.57
C VAL C 15 10.38 -18.78 36.20
N VAL C 16 9.60 -17.71 36.28
CA VAL C 16 10.14 -16.38 35.99
C VAL C 16 11.16 -15.99 37.05
N ALA C 17 10.86 -16.24 38.32
CA ALA C 17 11.76 -15.84 39.39
C ALA C 17 12.98 -16.75 39.49
N ALA C 18 12.97 -17.92 38.86
CA ALA C 18 14.09 -18.85 39.00
C ALA C 18 15.41 -18.24 38.54
N GLY C 19 15.41 -17.56 37.39
CA GLY C 19 16.63 -17.03 36.83
C GLY C 19 17.21 -15.85 37.60
N PRO C 20 16.41 -14.80 37.77
CA PRO C 20 16.87 -13.68 38.60
C PRO C 20 17.24 -14.10 40.00
N LEU C 21 16.58 -15.12 40.57
CA LEU C 21 16.93 -15.56 41.91
C LEU C 21 18.34 -16.14 41.95
N VAL C 22 18.68 -17.00 40.98
CA VAL C 22 20.03 -17.58 40.99
C VAL C 22 21.08 -16.51 40.68
N VAL C 23 20.73 -15.54 39.82
CA VAL C 23 21.65 -14.44 39.57
C VAL C 23 21.91 -13.65 40.85
N VAL C 24 20.83 -13.35 41.60
CA VAL C 24 20.98 -12.58 42.83
C VAL C 24 21.77 -13.36 43.87
N LEU C 25 21.50 -14.67 43.98
CA LEU C 25 22.22 -15.48 44.95
C LEU C 25 23.71 -15.54 44.62
N LEU C 26 24.04 -15.67 43.33
CA LEU C 26 25.45 -15.68 42.95
C LEU C 26 26.10 -14.32 43.16
N SER C 27 25.35 -13.24 42.97
CA SER C 27 25.91 -11.92 43.20
C SER C 27 26.21 -11.69 44.68
N VAL C 28 25.25 -12.02 45.55
CA VAL C 28 25.47 -11.81 46.98
C VAL C 28 26.53 -12.77 47.51
N ARG C 29 26.57 -13.99 46.97
CA ARG C 29 27.55 -14.96 47.42
C ARG C 29 28.97 -14.58 47.00
N GLY C 30 29.11 -13.94 45.85
CA GLY C 30 30.42 -13.64 45.30
C GLY C 30 30.88 -14.58 44.21
N GLY C 31 29.98 -15.36 43.63
CA GLY C 31 30.37 -16.26 42.57
C GLY C 31 30.81 -15.52 41.32
N ASN C 32 31.67 -16.17 40.54
CA ASN C 32 32.23 -15.53 39.35
C ASN C 32 31.17 -15.46 38.25
N LEU C 33 30.69 -14.27 37.97
CA LEU C 33 29.69 -14.07 36.92
C LEU C 33 30.32 -13.41 35.71
N GLY D 1 33.74 -15.33 33.64
CA GLY D 1 33.52 -14.88 32.28
C GLY D 1 34.72 -14.16 31.69
N ARG D 2 34.46 -13.12 30.91
CA ARG D 2 35.52 -12.32 30.32
C ARG D 2 35.09 -10.86 30.30
N ASP D 3 35.97 -10.01 29.79
CA ASP D 3 35.71 -8.58 29.67
C ASP D 3 36.16 -8.11 28.31
N GLN D 4 35.78 -6.88 27.96
CA GLN D 4 36.18 -6.33 26.67
C GLN D 4 37.67 -6.01 26.63
N GLU D 5 38.23 -5.56 27.75
CA GLU D 5 39.63 -5.13 27.77
C GLU D 5 40.57 -6.28 27.44
N THR D 6 40.27 -7.47 27.95
CA THR D 6 41.13 -8.62 27.72
C THR D 6 40.80 -9.39 26.46
N THR D 7 39.71 -9.06 25.78
CA THR D 7 39.26 -9.82 24.62
C THR D 7 39.08 -9.00 23.35
N GLY D 8 38.72 -7.73 23.47
CA GLY D 8 38.45 -6.92 22.30
C GLY D 8 37.04 -7.03 21.76
N PHE D 9 36.21 -7.88 22.35
CA PHE D 9 34.81 -8.03 21.95
C PHE D 9 33.92 -7.45 23.03
N ALA D 10 32.98 -6.61 22.64
CA ALA D 10 32.04 -6.04 23.59
C ALA D 10 31.04 -7.10 24.02
N TRP D 11 30.16 -6.73 24.95
CA TRP D 11 29.19 -7.68 25.46
C TRP D 11 28.26 -8.18 24.36
N TRP D 12 27.84 -7.30 23.47
CA TRP D 12 26.94 -7.69 22.38
C TRP D 12 27.61 -8.57 21.34
N ALA D 13 28.86 -8.96 21.56
CA ALA D 13 29.53 -9.99 20.76
C ALA D 13 30.26 -10.95 21.67
N GLY D 14 29.73 -11.15 22.88
CA GLY D 14 30.47 -11.84 23.90
C GLY D 14 30.78 -13.29 23.57
N ASN D 15 29.86 -13.96 22.89
CA ASN D 15 30.12 -15.35 22.52
C ASN D 15 31.29 -15.45 21.54
N ALA D 16 31.62 -14.36 20.86
CA ALA D 16 32.81 -14.34 20.02
C ALA D 16 34.08 -14.51 20.83
N ARG D 17 34.04 -14.25 22.13
CA ARG D 17 35.17 -14.53 22.99
C ARG D 17 35.42 -16.01 23.16
N LEU D 18 34.48 -16.86 22.73
CA LEU D 18 34.59 -18.30 22.89
C LEU D 18 35.24 -18.98 21.69
N ILE D 19 35.72 -18.21 20.71
CA ILE D 19 36.24 -18.81 19.49
C ILE D 19 37.41 -19.71 19.79
N ASN D 20 38.33 -19.26 20.64
CA ASN D 20 39.54 -20.01 20.95
C ASN D 20 39.49 -20.68 22.31
N LEU D 21 38.31 -20.76 22.93
CA LEU D 21 38.12 -21.47 24.19
C LEU D 21 37.31 -22.72 23.88
N SER D 22 38.02 -23.82 23.62
CA SER D 22 37.37 -25.03 23.12
C SER D 22 36.37 -25.60 24.11
N GLY D 23 36.75 -25.67 25.38
CA GLY D 23 35.88 -26.27 26.37
C GLY D 23 34.60 -25.47 26.59
N LYS D 24 34.73 -24.15 26.74
CA LYS D 24 33.54 -23.34 26.93
C LYS D 24 32.71 -23.28 25.65
N LEU D 25 33.34 -23.34 24.49
CA LEU D 25 32.58 -23.42 23.25
C LEU D 25 31.75 -24.70 23.20
N LEU D 26 32.36 -25.82 23.60
CA LEU D 26 31.62 -27.07 23.67
C LEU D 26 30.46 -26.95 24.64
N GLY D 27 30.69 -26.32 25.78
CA GLY D 27 29.62 -26.12 26.74
C GLY D 27 28.47 -25.30 26.16
N ALA D 28 28.79 -24.24 25.43
CA ALA D 28 27.75 -23.40 24.84
C ALA D 28 26.95 -24.17 23.81
N HIS D 29 27.63 -24.93 22.95
CA HIS D 29 26.92 -25.69 21.93
C HIS D 29 26.04 -26.78 22.55
N VAL D 30 26.54 -27.44 23.60
CA VAL D 30 25.74 -28.44 24.29
C VAL D 30 24.53 -27.80 24.96
N ALA D 31 24.71 -26.61 25.53
CA ALA D 31 23.58 -25.92 26.16
C ALA D 31 22.52 -25.55 25.13
N HIS D 32 22.93 -25.07 23.95
CA HIS D 32 21.94 -24.74 22.94
C HIS D 32 21.24 -26.00 22.42
N ALA D 33 21.97 -27.11 22.32
CA ALA D 33 21.32 -28.36 21.94
C ALA D 33 20.29 -28.78 22.98
N GLY D 34 20.65 -28.64 24.26
CA GLY D 34 19.68 -28.89 25.31
C GLY D 34 18.46 -27.99 25.20
N LEU D 35 18.67 -26.74 24.80
CA LEU D 35 17.56 -25.83 24.56
C LEU D 35 16.66 -26.35 23.45
N ILE D 36 17.25 -26.84 22.36
CA ILE D 36 16.45 -27.36 21.25
C ILE D 36 15.61 -28.54 21.72
N VAL D 37 16.22 -29.46 22.44
CA VAL D 37 15.46 -30.63 22.89
C VAL D 37 14.41 -30.22 23.91
N PHE D 38 14.70 -29.22 24.74
CA PHE D 38 13.73 -28.75 25.71
C PHE D 38 12.51 -28.14 25.04
N TRP D 39 12.73 -27.33 24.01
CA TRP D 39 11.59 -26.81 23.27
C TRP D 39 10.81 -27.94 22.63
N ALA D 40 11.51 -28.92 22.04
CA ALA D 40 10.80 -30.04 21.44
C ALA D 40 9.89 -30.72 22.45
N GLY D 41 10.44 -31.10 23.61
CA GLY D 41 9.64 -31.81 24.60
C GLY D 41 8.52 -30.96 25.17
N ALA D 42 8.84 -29.72 25.55
CA ALA D 42 7.84 -28.86 26.17
C ALA D 42 6.72 -28.52 25.21
N MET D 43 7.05 -28.21 23.96
CA MET D 43 6.01 -27.89 22.98
C MET D 43 5.20 -29.12 22.61
N ASN D 44 5.81 -30.30 22.58
CA ASN D 44 5.04 -31.52 22.35
C ASN D 44 4.04 -31.75 23.48
N LEU D 45 4.48 -31.57 24.74
CA LEU D 45 3.56 -31.70 25.86
C LEU D 45 2.47 -30.65 25.81
N PHE D 46 2.82 -29.42 25.44
CA PHE D 46 1.81 -28.37 25.31
C PHE D 46 0.78 -28.73 24.26
N GLU D 47 1.22 -29.26 23.13
CA GLU D 47 0.29 -29.63 22.07
C GLU D 47 -0.62 -30.77 22.50
N VAL D 48 -0.06 -31.81 23.13
CA VAL D 48 -0.92 -32.93 23.52
C VAL D 48 -1.90 -32.50 24.59
N SER D 49 -1.49 -31.61 25.50
CA SER D 49 -2.41 -31.15 26.53
C SER D 49 -3.57 -30.36 25.93
N HIS D 50 -3.32 -29.64 24.84
CA HIS D 50 -4.33 -28.82 24.18
C HIS D 50 -4.93 -29.50 22.96
N PHE D 51 -4.94 -30.83 22.94
CA PHE D 51 -5.34 -31.59 21.76
C PHE D 51 -6.63 -32.34 22.03
N VAL D 52 -7.60 -32.22 21.12
CA VAL D 52 -8.81 -33.02 21.14
C VAL D 52 -8.83 -33.88 19.89
N PRO D 53 -8.74 -35.21 20.01
CA PRO D 53 -8.63 -36.06 18.82
C PRO D 53 -9.83 -36.00 17.90
N GLU D 54 -10.96 -35.47 18.35
CA GLU D 54 -12.14 -35.38 17.48
C GLU D 54 -11.88 -34.46 16.30
N LYS D 55 -11.25 -33.31 16.53
CA LYS D 55 -10.96 -32.39 15.44
C LYS D 55 -9.69 -32.79 14.71
N PRO D 56 -9.56 -32.38 13.45
CA PRO D 56 -8.31 -32.64 12.72
C PRO D 56 -7.15 -31.86 13.33
N MET D 57 -5.94 -32.42 13.15
CA MET D 57 -4.76 -31.80 13.75
C MET D 57 -4.55 -30.39 13.25
N TYR D 58 -4.71 -30.17 11.95
CA TYR D 58 -4.46 -28.84 11.40
C TYR D 58 -5.49 -27.82 11.85
N GLU D 59 -6.62 -28.26 12.39
CA GLU D 59 -7.60 -27.33 12.92
C GLU D 59 -7.13 -26.67 14.20
N GLN D 60 -6.28 -27.34 14.97
CA GLN D 60 -5.94 -26.91 16.31
C GLN D 60 -4.55 -26.29 16.40
N GLY D 61 -3.94 -25.97 15.27
CA GLY D 61 -2.65 -25.30 15.28
C GLY D 61 -1.51 -26.11 15.85
N LEU D 62 -1.40 -27.37 15.47
CA LEU D 62 -0.35 -28.25 15.95
C LEU D 62 0.66 -28.48 14.83
N ILE D 63 1.94 -28.35 15.15
CA ILE D 63 3.02 -28.53 14.20
C ILE D 63 3.85 -29.76 14.51
N LEU D 64 4.04 -30.08 15.79
CA LEU D 64 4.87 -31.22 16.15
C LEU D 64 4.10 -32.54 16.09
N LEU D 65 2.84 -32.51 16.53
CA LEU D 65 2.03 -33.73 16.46
C LEU D 65 1.85 -34.24 15.04
N PRO D 66 1.65 -33.41 14.00
CA PRO D 66 1.69 -33.96 12.64
C PRO D 66 3.01 -34.61 12.31
N HIS D 67 4.12 -34.06 12.80
CA HIS D 67 5.42 -34.67 12.55
C HIS D 67 5.50 -36.06 13.16
N ILE D 68 5.00 -36.22 14.38
CA ILE D 68 5.04 -37.54 15.00
C ILE D 68 4.07 -38.49 14.30
N ALA D 69 2.89 -37.99 13.93
CA ALA D 69 1.89 -38.84 13.32
C ALA D 69 2.32 -39.35 11.95
N THR D 70 3.05 -38.54 11.19
CA THR D 70 3.55 -38.98 9.90
C THR D 70 4.44 -40.21 10.02
N LEU D 71 5.02 -40.45 11.19
CA LEU D 71 5.85 -41.61 11.45
C LEU D 71 5.05 -42.79 11.99
N GLY D 72 3.74 -42.76 11.86
CA GLY D 72 2.90 -43.76 12.50
C GLY D 72 2.46 -43.26 13.86
N TYR D 73 2.62 -44.12 14.87
CA TYR D 73 2.45 -43.73 16.27
C TYR D 73 1.04 -43.19 16.54
N GLY D 74 0.07 -44.10 16.41
CA GLY D 74 -1.27 -43.82 16.88
C GLY D 74 -2.16 -43.10 15.90
N VAL D 75 -2.13 -43.51 14.64
CA VAL D 75 -3.05 -43.00 13.63
C VAL D 75 -3.63 -44.18 12.88
N GLY D 76 -4.95 -44.18 12.72
CA GLY D 76 -5.63 -45.23 12.00
C GLY D 76 -5.81 -44.86 10.54
N PRO D 77 -6.61 -45.65 9.82
CA PRO D 77 -6.86 -45.34 8.41
C PRO D 77 -7.51 -43.98 8.26
N GLY D 78 -7.14 -43.27 7.21
CA GLY D 78 -7.67 -41.95 6.99
C GLY D 78 -7.14 -40.90 7.93
N GLY D 79 -6.05 -41.18 8.63
CA GLY D 79 -5.49 -40.23 9.57
C GLY D 79 -6.35 -39.96 10.79
N GLU D 80 -6.92 -41.00 11.39
CA GLU D 80 -7.70 -40.87 12.60
C GLU D 80 -6.82 -41.18 13.79
N VAL D 81 -6.85 -40.30 14.80
CA VAL D 81 -6.01 -40.47 15.97
C VAL D 81 -6.62 -41.55 16.87
N LEU D 82 -5.82 -42.58 17.17
CA LEU D 82 -6.25 -43.68 18.01
C LEU D 82 -5.72 -43.56 19.43
N ASP D 83 -4.40 -43.45 19.58
CA ASP D 83 -3.76 -43.28 20.88
C ASP D 83 -2.94 -42.01 20.86
N THR D 84 -3.20 -41.12 21.80
CA THR D 84 -2.39 -39.94 22.02
C THR D 84 -1.22 -40.21 22.96
N PHE D 85 -1.14 -41.41 23.51
CA PHE D 85 -0.05 -41.74 24.43
C PHE D 85 1.34 -41.69 23.79
N PRO D 86 1.56 -42.21 22.56
CA PRO D 86 2.91 -42.10 21.98
C PRO D 86 3.41 -40.67 21.87
N TYR D 87 2.52 -39.72 21.58
CA TYR D 87 2.92 -38.32 21.55
C TYR D 87 3.40 -37.86 22.92
N PHE D 88 2.67 -38.26 23.97
CA PHE D 88 3.08 -37.94 25.32
C PHE D 88 4.44 -38.55 25.65
N VAL D 89 4.67 -39.78 25.22
CA VAL D 89 5.95 -40.44 25.47
C VAL D 89 7.07 -39.68 24.80
N SER D 90 6.86 -39.28 23.54
CA SER D 90 7.88 -38.51 22.84
C SER D 90 8.18 -37.20 23.54
N GLY D 91 7.13 -36.51 24.00
CA GLY D 91 7.35 -35.26 24.71
C GLY D 91 8.16 -35.44 25.97
N VAL D 92 7.78 -36.43 26.79
CA VAL D 92 8.50 -36.68 28.04
C VAL D 92 9.94 -37.05 27.78
N LEU D 93 10.19 -37.91 26.77
CA LEU D 93 11.55 -38.35 26.50
C LEU D 93 12.42 -37.19 26.03
N HIS D 94 11.95 -36.42 25.04
CA HIS D 94 12.74 -35.28 24.60
C HIS D 94 12.98 -34.32 25.76
N LEU D 95 12.00 -34.16 26.66
CA LEU D 95 12.15 -33.21 27.76
C LEU D 95 13.21 -33.68 28.78
N ILE D 96 13.16 -34.94 29.18
CA ILE D 96 14.15 -35.44 30.14
C ILE D 96 15.54 -35.41 29.54
N SER D 97 15.67 -35.84 28.28
CA SER D 97 16.97 -35.75 27.62
C SER D 97 17.45 -34.32 27.56
N SER D 98 16.53 -33.36 27.39
CA SER D 98 16.92 -31.96 27.42
C SER D 98 17.44 -31.55 28.78
N ALA D 99 16.83 -32.06 29.85
CA ALA D 99 17.36 -31.77 31.18
C ALA D 99 18.80 -32.25 31.31
N VAL D 100 19.06 -33.46 30.83
CA VAL D 100 20.42 -33.99 30.90
C VAL D 100 21.38 -33.13 30.09
N LEU D 101 20.98 -32.77 28.87
CA LEU D 101 21.85 -31.96 28.02
C LEU D 101 22.08 -30.58 28.61
N GLY D 102 21.08 -30.02 29.27
CA GLY D 102 21.26 -28.74 29.92
C GLY D 102 22.24 -28.80 31.07
N PHE D 103 22.17 -29.87 31.88
CA PHE D 103 23.17 -30.03 32.91
C PHE D 103 24.56 -30.15 32.31
N GLY D 104 24.69 -30.91 31.22
CA GLY D 104 25.98 -31.05 30.59
C GLY D 104 26.52 -29.74 30.03
N GLY D 105 25.66 -28.95 29.40
CA GLY D 105 26.09 -27.65 28.92
C GLY D 105 26.51 -26.74 30.04
N VAL D 106 25.77 -26.75 31.14
CA VAL D 106 26.15 -25.93 32.30
C VAL D 106 27.51 -26.36 32.82
N TYR D 107 27.74 -27.66 32.94
CA TYR D 107 29.03 -28.12 33.45
C TYR D 107 30.17 -27.74 32.51
N HIS D 108 30.05 -28.10 31.24
CA HIS D 108 31.11 -27.80 30.29
C HIS D 108 31.27 -26.30 30.03
N SER D 109 30.32 -25.48 30.49
CA SER D 109 30.40 -24.03 30.33
C SER D 109 30.92 -23.30 31.55
N LEU D 110 30.81 -23.89 32.75
CA LEU D 110 31.19 -23.21 33.98
C LEU D 110 32.38 -23.87 34.67
N ILE D 111 32.34 -25.18 34.86
CA ILE D 111 33.35 -25.87 35.63
C ILE D 111 34.32 -26.67 34.77
N GLY D 112 33.88 -27.17 33.62
CA GLY D 112 34.72 -27.95 32.76
C GLY D 112 35.92 -27.15 32.27
N PRO D 113 36.91 -27.82 31.71
CA PRO D 113 38.11 -27.12 31.25
C PRO D 113 37.75 -26.04 30.23
N GLU D 114 38.40 -24.88 30.37
CA GLU D 114 38.15 -23.81 29.42
C GLU D 114 38.72 -24.15 28.05
N THR D 115 39.91 -24.73 28.02
CA THR D 115 40.53 -25.21 26.79
C THR D 115 40.87 -26.68 26.95
N LEU D 116 40.48 -27.48 25.98
CA LEU D 116 40.62 -28.93 26.05
C LEU D 116 41.89 -29.46 25.40
N GLU D 117 42.74 -28.57 24.88
CA GLU D 117 43.89 -29.03 24.11
C GLU D 117 44.90 -29.76 24.99
N GLU D 118 45.12 -29.29 26.21
CA GLU D 118 46.15 -29.86 27.06
C GLU D 118 45.69 -31.15 27.73
N SER D 119 44.59 -31.10 28.46
CA SER D 119 44.18 -32.25 29.25
C SER D 119 43.54 -33.34 28.40
N TYR D 120 42.80 -32.98 27.36
CA TYR D 120 42.03 -33.93 26.56
C TYR D 120 42.39 -33.76 25.09
N PRO D 121 43.51 -34.33 24.65
CA PRO D 121 43.95 -34.11 23.27
C PRO D 121 42.95 -34.56 22.22
N PHE D 122 42.11 -35.54 22.53
CA PHE D 122 41.15 -36.04 21.55
C PHE D 122 40.13 -34.99 21.14
N PHE D 123 39.90 -33.99 21.99
CA PHE D 123 38.89 -32.97 21.71
C PHE D 123 39.50 -31.60 21.45
N GLY D 124 40.82 -31.51 21.31
CA GLY D 124 41.49 -30.23 21.19
C GLY D 124 41.72 -29.72 19.79
N TYR D 125 40.67 -29.24 19.12
CA TYR D 125 40.83 -28.68 17.79
C TYR D 125 41.50 -27.31 17.85
N VAL D 126 42.00 -26.86 16.71
CA VAL D 126 42.72 -25.59 16.61
C VAL D 126 42.17 -24.67 15.53
N TRP D 127 41.05 -25.03 14.90
CA TRP D 127 40.38 -24.23 13.88
C TRP D 127 41.19 -24.11 12.59
N LYS D 128 42.41 -24.61 12.61
CA LYS D 128 43.24 -24.64 11.40
C LYS D 128 43.92 -25.97 11.20
N ASP D 129 43.87 -26.87 12.17
CA ASP D 129 44.31 -28.25 11.98
C ASP D 129 43.28 -28.92 11.09
N LYS D 130 43.56 -28.93 9.78
CA LYS D 130 42.57 -29.41 8.82
C LYS D 130 42.21 -30.85 9.07
N ASN D 131 43.18 -31.68 9.43
CA ASN D 131 42.90 -33.09 9.69
C ASN D 131 41.93 -33.25 10.85
N LYS D 132 42.14 -32.50 11.94
CA LYS D 132 41.26 -32.62 13.10
C LYS D 132 39.86 -32.15 12.77
N MET D 133 39.73 -31.05 12.03
CA MET D 133 38.41 -30.55 11.65
C MET D 133 37.70 -31.55 10.76
N THR D 134 38.41 -32.16 9.82
CA THR D 134 37.80 -33.21 9.00
C THR D 134 37.41 -34.41 9.84
N ASN D 135 38.18 -34.73 10.89
CA ASN D 135 37.80 -35.81 11.77
C ASN D 135 36.48 -35.52 12.49
N ILE D 136 36.34 -34.30 13.01
CA ILE D 136 35.10 -33.93 13.68
C ILE D 136 33.93 -33.97 12.71
N LEU D 137 34.14 -33.45 11.50
CA LEU D 137 33.13 -33.52 10.46
C LEU D 137 32.74 -34.96 10.17
N GLY D 138 33.73 -35.86 10.14
CA GLY D 138 33.42 -37.26 9.88
C GLY D 138 32.62 -37.90 10.99
N TYR D 139 32.97 -37.63 12.24
CA TYR D 139 32.19 -38.16 13.36
C TYR D 139 30.73 -37.73 13.25
N HIS D 140 30.50 -36.43 13.10
CA HIS D 140 29.13 -35.96 13.10
C HIS D 140 28.40 -36.38 11.82
N LEU D 141 29.13 -36.58 10.72
CA LEU D 141 28.55 -37.11 9.50
C LEU D 141 28.09 -38.55 9.69
N ILE D 142 28.90 -39.35 10.39
CA ILE D 142 28.49 -40.71 10.71
C ILE D 142 27.23 -40.71 11.55
N ILE D 143 27.15 -39.78 12.50
CA ILE D 143 25.94 -39.68 13.33
C ILE D 143 24.73 -39.37 12.46
N LEU D 144 24.87 -38.44 11.52
CA LEU D 144 23.74 -38.09 10.65
C LEU D 144 23.33 -39.29 9.78
N GLY D 145 24.30 -40.02 9.24
CA GLY D 145 23.97 -41.20 8.47
C GLY D 145 23.23 -42.24 9.29
N CYS D 146 23.63 -42.41 10.54
CA CYS D 146 22.94 -43.33 11.43
C CYS D 146 21.50 -42.87 11.66
N GLY D 147 21.27 -41.57 11.78
CA GLY D 147 19.91 -41.08 11.92
C GLY D 147 19.06 -41.37 10.70
N ALA D 148 19.64 -41.18 9.51
CA ALA D 148 18.89 -41.48 8.29
C ALA D 148 18.54 -42.95 8.21
N TRP D 149 19.49 -43.82 8.54
CA TRP D 149 19.18 -45.25 8.57
C TRP D 149 18.17 -45.57 9.66
N LEU D 150 18.13 -44.79 10.74
CA LEU D 150 17.09 -44.98 11.74
C LEU D 150 15.71 -44.73 11.16
N LEU D 151 15.57 -43.65 10.40
CA LEU D 151 14.29 -43.41 9.72
C LEU D 151 13.95 -44.55 8.77
N VAL D 152 14.94 -45.03 8.02
CA VAL D 152 14.70 -46.13 7.09
C VAL D 152 14.22 -47.37 7.84
N LEU D 153 14.86 -47.68 8.97
CA LEU D 153 14.44 -48.84 9.75
C LEU D 153 13.03 -48.66 10.29
N LYS D 154 12.68 -47.46 10.74
CA LYS D 154 11.33 -47.21 11.20
C LYS D 154 10.31 -47.48 10.10
N ALA D 155 10.62 -47.04 8.88
CA ALA D 155 9.68 -47.28 7.78
C ALA D 155 9.69 -48.72 7.30
N LEU D 156 10.78 -49.46 7.54
CA LEU D 156 10.90 -50.81 6.97
C LEU D 156 10.42 -51.90 7.94
N TYR D 157 10.96 -51.94 9.15
CA TYR D 157 10.72 -53.07 10.04
C TYR D 157 10.06 -52.67 11.35
N PHE D 158 9.54 -51.46 11.48
CA PHE D 158 8.98 -51.00 12.73
C PHE D 158 7.63 -50.31 12.49
N GLY D 159 6.76 -50.98 11.74
CA GLY D 159 5.41 -50.53 11.56
C GLY D 159 5.19 -49.61 10.37
N GLY D 160 6.25 -49.22 9.67
CA GLY D 160 6.08 -48.36 8.53
C GLY D 160 5.70 -46.95 8.93
N VAL D 161 5.35 -46.15 7.93
CA VAL D 161 4.97 -44.76 8.14
C VAL D 161 3.67 -44.51 7.39
N TYR D 162 3.11 -43.32 7.62
CA TYR D 162 1.77 -43.02 7.13
C TYR D 162 1.82 -42.67 5.65
N ASP D 163 1.37 -43.61 4.81
CA ASP D 163 1.27 -43.39 3.38
C ASP D 163 -0.08 -42.74 3.09
N THR D 164 -0.05 -41.51 2.59
CA THR D 164 -1.29 -40.84 2.21
C THR D 164 -1.78 -41.27 0.85
N TRP D 165 -0.95 -41.96 0.07
CA TRP D 165 -1.33 -42.43 -1.25
C TRP D 165 -1.88 -43.85 -1.22
N ALA D 166 -2.00 -44.46 -0.05
CA ALA D 166 -2.57 -45.80 0.04
C ALA D 166 -4.03 -45.75 -0.40
N PRO D 167 -4.55 -46.85 -0.96
CA PRO D 167 -5.94 -46.85 -1.42
C PRO D 167 -6.91 -46.53 -0.29
N GLY D 168 -7.94 -45.76 -0.62
CA GLY D 168 -8.83 -45.24 0.39
C GLY D 168 -8.39 -43.86 0.83
N GLY D 169 -8.47 -43.57 2.13
CA GLY D 169 -8.04 -42.30 2.66
C GLY D 169 -6.60 -42.23 3.11
N GLY D 170 -5.81 -43.26 2.85
CA GLY D 170 -4.45 -43.30 3.36
C GLY D 170 -4.37 -44.01 4.70
N ASP D 171 -3.22 -44.65 4.94
CA ASP D 171 -3.08 -45.47 6.13
C ASP D 171 -1.59 -45.68 6.40
N VAL D 172 -1.30 -46.22 7.57
CA VAL D 172 0.08 -46.51 7.95
C VAL D 172 0.51 -47.79 7.26
N ARG D 173 1.48 -47.68 6.35
CA ARG D 173 1.93 -48.80 5.55
C ARG D 173 3.40 -49.09 5.82
N ILE D 174 3.75 -50.37 5.75
CA ILE D 174 5.13 -50.81 5.88
C ILE D 174 5.75 -50.78 4.49
N ILE D 175 6.72 -49.88 4.29
CA ILE D 175 7.31 -49.72 2.96
C ILE D 175 8.23 -50.89 2.69
N SER D 176 7.87 -51.70 1.70
CA SER D 176 8.74 -52.75 1.20
C SER D 176 9.13 -52.42 -0.24
N ASN D 177 10.30 -52.87 -0.64
CA ASN D 177 10.89 -52.52 -1.92
C ASN D 177 11.07 -51.02 -2.04
N PRO D 178 11.98 -50.42 -1.28
CA PRO D 178 12.29 -49.00 -1.49
C PRO D 178 12.98 -48.79 -2.83
N THR D 179 12.82 -47.58 -3.37
CA THR D 179 13.40 -47.25 -4.66
C THR D 179 14.90 -47.05 -4.50
N THR D 180 15.67 -48.11 -4.76
CA THR D 180 17.13 -48.06 -4.65
C THR D 180 17.79 -47.96 -6.01
N ASN D 181 17.15 -47.32 -6.97
CA ASN D 181 17.70 -47.15 -8.32
C ASN D 181 18.40 -45.80 -8.40
N ALA D 182 19.63 -45.81 -8.89
CA ALA D 182 20.43 -44.59 -8.91
C ALA D 182 19.79 -43.52 -9.78
N ALA D 183 19.30 -43.92 -10.96
CA ALA D 183 18.74 -42.94 -11.89
C ALA D 183 17.52 -42.24 -11.27
N ILE D 184 16.61 -43.02 -10.69
CA ILE D 184 15.40 -42.43 -10.11
C ILE D 184 15.76 -41.53 -8.93
N ILE D 185 16.65 -41.99 -8.06
CA ILE D 185 16.92 -41.25 -6.83
C ILE D 185 17.68 -39.97 -7.13
N PHE D 186 18.70 -40.04 -7.98
CA PHE D 186 19.49 -38.86 -8.28
C PHE D 186 18.90 -38.01 -9.39
N GLY D 187 17.81 -38.46 -10.02
CA GLY D 187 17.12 -37.61 -10.98
C GLY D 187 16.39 -36.46 -10.33
N TYR D 188 16.09 -36.58 -9.03
CA TYR D 188 15.40 -35.49 -8.34
C TYR D 188 16.30 -34.28 -8.16
N ILE D 189 17.56 -34.49 -7.78
CA ILE D 189 18.43 -33.36 -7.47
C ILE D 189 18.75 -32.57 -8.72
N VAL D 190 18.94 -33.23 -9.87
CA VAL D 190 19.18 -32.53 -11.12
C VAL D 190 17.89 -32.11 -11.80
N LYS D 191 16.74 -32.42 -11.22
CA LYS D 191 15.48 -31.98 -11.77
C LYS D 191 15.32 -30.47 -11.59
N SER D 192 14.59 -29.86 -12.51
CA SER D 192 14.39 -28.43 -12.46
C SER D 192 13.56 -28.03 -11.25
N PRO D 193 13.77 -26.82 -10.72
CA PRO D 193 12.95 -26.34 -9.60
C PRO D 193 11.68 -25.60 -10.01
N PHE D 194 11.37 -25.52 -11.29
CA PHE D 194 10.23 -24.73 -11.74
C PHE D 194 8.96 -25.56 -11.66
N GLY D 195 7.87 -25.02 -12.22
CA GLY D 195 6.61 -25.72 -12.16
C GLY D 195 6.63 -27.02 -12.94
N GLY D 196 5.84 -27.99 -12.47
CA GLY D 196 5.81 -29.30 -13.07
C GLY D 196 6.97 -30.19 -12.71
N ASP D 197 8.11 -29.61 -12.32
CA ASP D 197 9.28 -30.39 -11.93
C ASP D 197 9.54 -30.30 -10.43
N GLY D 198 9.68 -29.09 -9.89
CA GLY D 198 9.71 -28.90 -8.46
C GLY D 198 10.95 -29.39 -7.74
N TRP D 199 11.96 -29.85 -8.47
CA TRP D 199 13.23 -30.33 -7.87
C TRP D 199 12.88 -31.47 -6.92
N ILE D 200 13.49 -31.54 -5.73
CA ILE D 200 13.21 -32.63 -4.81
C ILE D 200 11.91 -32.45 -4.06
N VAL D 201 11.31 -31.26 -4.11
CA VAL D 201 10.03 -31.03 -3.43
C VAL D 201 8.94 -31.90 -4.05
N SER D 202 9.10 -32.29 -5.30
CA SER D 202 8.10 -33.06 -6.01
C SER D 202 8.20 -34.56 -5.77
N VAL D 203 8.83 -34.98 -4.68
CA VAL D 203 8.88 -36.40 -4.38
C VAL D 203 7.50 -36.84 -3.92
N ASP D 204 6.98 -37.91 -4.53
CA ASP D 204 5.59 -38.29 -4.36
C ASP D 204 5.38 -39.66 -3.74
N ASN D 205 6.29 -40.61 -3.93
CA ASN D 205 6.14 -41.94 -3.38
C ASN D 205 6.81 -42.02 -2.02
N LEU D 206 6.34 -42.95 -1.19
CA LEU D 206 7.09 -43.29 -0.01
C LEU D 206 8.29 -44.15 -0.35
N GLU D 207 8.18 -44.96 -1.40
CA GLU D 207 9.32 -45.77 -1.83
C GLU D 207 10.49 -44.89 -2.25
N ASP D 208 10.20 -43.82 -2.98
CA ASP D 208 11.26 -42.90 -3.38
C ASP D 208 11.90 -42.24 -2.15
N ILE D 209 11.08 -41.83 -1.19
CA ILE D 209 11.61 -41.18 0.01
C ILE D 209 12.51 -42.13 0.78
N ILE D 210 12.06 -43.39 0.94
CA ILE D 210 12.85 -44.33 1.72
C ILE D 210 14.13 -44.71 0.98
N GLY D 211 14.06 -44.90 -0.33
CA GLY D 211 15.27 -45.18 -1.08
C GLY D 211 16.25 -44.02 -1.05
N GLY D 212 15.74 -42.79 -1.13
CA GLY D 212 16.60 -41.64 -1.05
C GLY D 212 17.28 -41.53 0.31
N HIS D 213 16.52 -41.77 1.39
CA HIS D 213 17.15 -41.72 2.70
C HIS D 213 18.12 -42.88 2.89
N ILE D 214 17.88 -44.01 2.23
CA ILE D 214 18.86 -45.11 2.23
C ILE D 214 20.17 -44.64 1.61
N TRP D 215 20.08 -44.06 0.42
CA TRP D 215 21.28 -43.58 -0.26
C TRP D 215 21.97 -42.52 0.56
N ILE D 216 21.21 -41.59 1.16
CA ILE D 216 21.82 -40.51 1.92
C ILE D 216 22.49 -41.04 3.17
N GLY D 217 21.87 -41.99 3.86
CA GLY D 217 22.50 -42.56 5.05
C GLY D 217 23.79 -43.28 4.71
N THR D 218 23.76 -44.12 3.67
CA THR D 218 24.95 -44.85 3.28
C THR D 218 26.06 -43.90 2.86
N LEU D 219 25.71 -42.90 2.04
CA LEU D 219 26.71 -41.94 1.58
C LEU D 219 27.26 -41.12 2.73
N CYS D 220 26.41 -40.76 3.70
CA CYS D 220 26.88 -39.98 4.84
C CYS D 220 27.83 -40.77 5.70
N ILE D 221 27.56 -42.05 5.93
CA ILE D 221 28.49 -42.87 6.69
C ILE D 221 29.81 -43.02 5.94
N LEU D 222 29.73 -43.30 4.64
CA LEU D 222 30.95 -43.46 3.85
C LEU D 222 31.76 -42.17 3.81
N GLY D 223 31.09 -41.04 3.61
CA GLY D 223 31.78 -39.77 3.61
C GLY D 223 32.34 -39.39 4.96
N GLY D 224 31.65 -39.77 6.04
CA GLY D 224 32.22 -39.56 7.35
C GLY D 224 33.52 -40.32 7.54
N ILE D 225 33.53 -41.58 7.11
CA ILE D 225 34.76 -42.36 7.20
C ILE D 225 35.85 -41.74 6.33
N TRP D 226 35.48 -41.32 5.11
CA TRP D 226 36.46 -40.73 4.20
C TRP D 226 37.06 -39.45 4.77
N HIS D 227 36.21 -38.54 5.23
CA HIS D 227 36.68 -37.29 5.83
C HIS D 227 37.41 -37.55 7.15
N ILE D 228 37.18 -38.70 7.80
CA ILE D 228 37.97 -39.06 8.98
C ILE D 228 39.39 -39.43 8.56
N TYR D 229 39.52 -40.28 7.55
CA TYR D 229 40.81 -40.86 7.23
C TYR D 229 41.61 -40.06 6.22
N THR D 230 41.12 -38.89 5.79
CA THR D 230 41.84 -38.08 4.82
C THR D 230 41.88 -36.63 5.29
N THR D 231 42.86 -35.91 4.76
CA THR D 231 43.23 -34.51 4.79
C THR D 231 42.79 -33.83 3.50
N PRO D 232 42.30 -32.60 3.55
CA PRO D 232 41.86 -31.93 2.32
C PRO D 232 42.98 -31.82 1.30
N TRP D 233 42.60 -31.91 0.03
CA TRP D 233 43.56 -31.87 -1.06
C TRP D 233 44.25 -30.53 -1.11
N PRO D 234 45.44 -30.47 -1.72
CA PRO D 234 46.13 -29.17 -1.85
C PRO D 234 45.30 -28.13 -2.57
N TRP D 235 44.50 -28.51 -3.56
CA TRP D 235 43.63 -27.54 -4.19
C TRP D 235 42.52 -27.09 -3.24
N ALA D 236 42.09 -27.98 -2.34
CA ALA D 236 41.09 -27.59 -1.35
C ALA D 236 41.65 -26.60 -0.34
N ARG D 237 42.94 -26.71 -0.02
CA ARG D 237 43.55 -25.78 0.93
C ARG D 237 43.53 -24.36 0.38
N ARG D 238 43.83 -24.20 -0.91
CA ARG D 238 43.88 -22.86 -1.49
C ARG D 238 42.48 -22.28 -1.70
N ALA D 239 41.48 -23.14 -1.91
CA ALA D 239 40.15 -22.66 -2.26
C ALA D 239 39.40 -22.07 -1.08
N PHE D 240 39.59 -22.61 0.11
CA PHE D 240 38.79 -22.24 1.27
C PHE D 240 39.61 -21.46 2.28
N VAL D 241 38.92 -20.68 3.10
CA VAL D 241 39.49 -20.05 4.28
C VAL D 241 39.37 -21.03 5.42
N TRP D 242 40.42 -21.15 6.23
CA TRP D 242 40.48 -22.16 7.28
C TRP D 242 40.49 -21.45 8.63
N SER D 243 39.29 -21.18 9.14
CA SER D 243 39.10 -20.57 10.44
C SER D 243 37.72 -20.94 10.95
N GLY D 244 37.53 -20.77 12.26
CA GLY D 244 36.25 -21.12 12.84
C GLY D 244 35.10 -20.34 12.24
N GLU D 245 35.29 -19.03 12.06
CA GLU D 245 34.24 -18.23 11.47
C GLU D 245 33.96 -18.64 10.02
N ALA D 246 34.98 -19.09 9.30
CA ALA D 246 34.77 -19.56 7.94
C ALA D 246 33.89 -20.81 7.93
N TYR D 247 34.16 -21.75 8.81
CA TYR D 247 33.34 -22.96 8.89
C TYR D 247 31.92 -22.61 9.28
N LEU D 248 31.78 -21.68 10.22
CA LEU D 248 30.45 -21.22 10.61
C LEU D 248 29.71 -20.63 9.42
N SER D 249 30.40 -19.83 8.60
CA SER D 249 29.76 -19.23 7.44
C SER D 249 29.33 -20.27 6.43
N TYR D 250 30.17 -21.28 6.19
CA TYR D 250 29.79 -22.35 5.27
C TYR D 250 28.52 -23.05 5.77
N SER D 251 28.49 -23.37 7.06
CA SER D 251 27.31 -24.02 7.62
C SER D 251 26.09 -23.11 7.54
N LEU D 252 26.29 -21.81 7.73
CA LEU D 252 25.18 -20.87 7.65
C LEU D 252 24.58 -20.86 6.25
N ALA D 253 25.43 -20.84 5.23
CA ALA D 253 24.92 -20.90 3.86
C ALA D 253 24.16 -22.19 3.62
N ALA D 254 24.72 -23.31 4.07
CA ALA D 254 24.08 -24.60 3.86
C ALA D 254 22.71 -24.64 4.51
N VAL D 255 22.62 -24.21 5.78
CA VAL D 255 21.33 -24.30 6.46
C VAL D 255 20.36 -23.24 5.99
N SER D 256 20.82 -22.12 5.43
CA SER D 256 19.88 -21.21 4.79
C SER D 256 19.26 -21.85 3.57
N LEU D 257 20.07 -22.52 2.76
CA LEU D 257 19.52 -23.26 1.62
C LEU D 257 18.54 -24.32 2.09
N MET D 258 18.88 -25.04 3.16
CA MET D 258 18.00 -26.06 3.69
C MET D 258 16.71 -25.47 4.25
N GLY D 259 16.76 -24.28 4.84
CA GLY D 259 15.56 -23.64 5.33
C GLY D 259 14.62 -23.24 4.21
N PHE D 260 15.17 -22.69 3.13
CA PHE D 260 14.33 -22.40 1.97
C PHE D 260 13.71 -23.67 1.41
N THR D 261 14.50 -24.75 1.33
CA THR D 261 13.97 -26.01 0.84
C THR D 261 12.86 -26.54 1.73
N ALA D 262 13.02 -26.42 3.05
CA ALA D 262 11.98 -26.88 3.97
C ALA D 262 10.71 -26.04 3.84
N CYS D 263 10.87 -24.73 3.67
CA CYS D 263 9.70 -23.88 3.45
C CYS D 263 8.91 -24.35 2.23
N CYS D 264 9.61 -24.56 1.11
CA CYS D 264 8.92 -25.02 -0.08
C CYS D 264 8.35 -26.42 0.09
N PHE D 265 9.05 -27.29 0.82
CA PHE D 265 8.53 -28.63 1.08
C PHE D 265 7.22 -28.58 1.84
N ALA D 266 7.17 -27.76 2.88
CA ALA D 266 5.94 -27.65 3.66
C ALA D 266 4.82 -27.03 2.86
N TRP D 267 5.15 -26.06 1.99
CA TRP D 267 4.08 -25.39 1.25
C TRP D 267 3.52 -26.27 0.13
N PHE D 268 4.39 -26.98 -0.60
CA PHE D 268 3.95 -27.70 -1.80
C PHE D 268 3.73 -29.17 -1.56
N ASN D 269 4.69 -29.87 -0.95
CA ASN D 269 4.63 -31.31 -0.86
C ASN D 269 3.50 -31.76 0.05
N ASN D 270 2.80 -32.82 -0.35
CA ASN D 270 1.78 -33.44 0.48
C ASN D 270 2.04 -34.92 0.72
N THR D 271 3.18 -35.45 0.26
CA THR D 271 3.53 -36.83 0.56
C THR D 271 4.20 -36.93 1.92
N ALA D 272 5.34 -36.27 2.08
CA ALA D 272 6.01 -36.25 3.38
C ALA D 272 5.30 -35.36 4.38
N TYR D 273 4.33 -34.57 3.93
CA TYR D 273 3.53 -33.72 4.80
C TYR D 273 2.07 -34.00 4.46
N PRO D 274 1.53 -35.12 4.92
CA PRO D 274 0.18 -35.52 4.51
C PRO D 274 -0.85 -34.46 4.87
N SER D 275 -1.80 -34.25 3.96
CA SER D 275 -2.82 -33.24 4.18
C SER D 275 -3.79 -33.64 5.28
N GLU D 276 -3.82 -34.91 5.67
CA GLU D 276 -4.67 -35.32 6.78
C GLU D 276 -4.25 -34.67 8.08
N PHE D 277 -2.97 -34.34 8.22
CA PHE D 277 -2.44 -33.72 9.43
C PHE D 277 -2.10 -32.25 9.25
N TYR D 278 -1.45 -31.89 8.15
CA TYR D 278 -1.05 -30.52 7.91
C TYR D 278 -2.12 -29.70 7.19
N GLY D 279 -3.21 -30.33 6.77
CA GLY D 279 -4.22 -29.63 6.03
C GLY D 279 -3.86 -29.55 4.55
N PRO D 280 -4.77 -29.01 3.75
CA PRO D 280 -4.49 -28.90 2.31
C PRO D 280 -3.44 -27.85 2.03
N THR D 281 -2.77 -28.01 0.89
CA THR D 281 -1.87 -26.99 0.41
C THR D 281 -2.68 -25.89 -0.26
N GLY D 282 -1.99 -24.90 -0.81
CA GLY D 282 -2.62 -23.90 -1.63
C GLY D 282 -3.22 -24.49 -2.89
N PRO D 283 -2.38 -25.16 -3.68
CA PRO D 283 -2.90 -25.85 -4.86
C PRO D 283 -3.98 -26.86 -4.53
N GLU D 284 -3.82 -27.59 -3.42
CA GLU D 284 -4.82 -28.58 -3.04
C GLU D 284 -6.14 -27.91 -2.74
N ALA D 285 -6.13 -26.80 -2.01
CA ALA D 285 -7.37 -26.11 -1.69
C ALA D 285 -8.03 -25.54 -2.94
N SER D 286 -7.25 -24.98 -3.86
CA SER D 286 -7.83 -24.43 -5.08
C SER D 286 -8.48 -25.53 -5.92
N GLN D 287 -7.76 -26.64 -6.10
CA GLN D 287 -8.33 -27.76 -6.83
C GLN D 287 -9.56 -28.32 -6.13
N ALA D 288 -9.54 -28.33 -4.80
CA ALA D 288 -10.70 -28.83 -4.06
C ALA D 288 -11.91 -27.95 -4.28
N GLN D 289 -11.73 -26.63 -4.28
CA GLN D 289 -12.85 -25.74 -4.53
C GLN D 289 -13.41 -25.96 -5.93
N ALA D 290 -12.53 -26.04 -6.92
CA ALA D 290 -12.99 -26.26 -8.30
C ALA D 290 -13.73 -27.58 -8.41
N PHE D 291 -13.20 -28.64 -7.79
CA PHE D 291 -13.84 -29.95 -7.84
C PHE D 291 -15.20 -29.94 -7.16
N THR D 292 -15.29 -29.29 -6.01
CA THR D 292 -16.56 -29.24 -5.28
C THR D 292 -17.63 -28.52 -6.10
N PHE D 293 -17.27 -27.38 -6.70
CA PHE D 293 -18.26 -26.67 -7.49
C PHE D 293 -18.61 -27.45 -8.76
N LEU D 294 -17.64 -28.15 -9.34
CA LEU D 294 -17.94 -29.00 -10.48
C LEU D 294 -18.96 -30.06 -10.12
N VAL D 295 -18.77 -30.75 -9.00
CA VAL D 295 -19.71 -31.82 -8.66
C VAL D 295 -21.05 -31.24 -8.25
N ARG D 296 -21.07 -30.06 -7.63
CA ARG D 296 -22.35 -29.45 -7.27
C ARG D 296 -23.16 -29.10 -8.51
N ASP D 297 -22.52 -28.44 -9.48
CA ASP D 297 -23.25 -28.06 -10.69
C ASP D 297 -23.51 -29.24 -11.60
N GLN D 298 -22.74 -30.32 -11.47
CA GLN D 298 -23.01 -31.53 -12.23
C GLN D 298 -24.17 -32.31 -11.64
N ARG D 299 -24.33 -32.27 -10.31
CA ARG D 299 -25.48 -32.91 -9.68
C ARG D 299 -26.77 -32.18 -10.02
N LEU D 300 -26.71 -30.86 -10.19
CA LEU D 300 -27.87 -30.06 -10.58
C LEU D 300 -28.05 -30.04 -12.10
N GLY D 301 -28.10 -31.23 -12.69
CA GLY D 301 -28.14 -31.30 -14.14
C GLY D 301 -26.85 -30.78 -14.74
N ALA D 302 -26.98 -30.06 -15.85
CA ALA D 302 -25.87 -29.40 -16.53
C ALA D 302 -24.86 -30.40 -17.07
N ASN D 303 -23.95 -29.90 -17.91
CA ASN D 303 -22.87 -30.71 -18.48
C ASN D 303 -21.59 -29.90 -18.38
N VAL D 304 -20.77 -30.22 -17.38
CA VAL D 304 -19.58 -29.41 -17.10
C VAL D 304 -18.60 -29.47 -18.26
N ALA D 305 -18.65 -30.54 -19.05
CA ALA D 305 -17.70 -30.69 -20.15
C ALA D 305 -17.89 -29.60 -21.20
N SER D 306 -19.14 -29.30 -21.54
CA SER D 306 -19.46 -28.30 -22.57
C SER D 306 -19.79 -26.94 -21.98
N ALA D 307 -19.69 -26.77 -20.66
CA ALA D 307 -20.06 -25.51 -20.03
C ALA D 307 -18.99 -24.47 -20.29
N GLN D 308 -19.36 -23.41 -21.00
CA GLN D 308 -18.43 -22.36 -21.39
C GLN D 308 -18.52 -21.21 -20.40
N GLY D 309 -17.35 -20.74 -19.95
CA GLY D 309 -17.30 -19.65 -19.01
C GLY D 309 -17.44 -18.31 -19.68
N PRO D 310 -17.42 -17.25 -18.87
CA PRO D 310 -17.54 -15.90 -19.43
C PRO D 310 -16.46 -15.53 -20.42
N THR D 311 -15.24 -16.05 -20.23
CA THR D 311 -14.14 -15.75 -21.13
C THR D 311 -14.15 -16.64 -22.37
N GLY D 312 -15.08 -17.58 -22.46
CA GLY D 312 -15.09 -18.51 -23.56
C GLY D 312 -14.05 -19.60 -23.47
N LEU D 313 -13.54 -19.88 -22.27
CA LEU D 313 -12.43 -20.79 -22.09
C LEU D 313 -12.80 -22.08 -21.37
N GLY D 314 -13.96 -22.13 -20.73
CA GLY D 314 -14.35 -23.32 -19.99
C GLY D 314 -14.56 -23.04 -18.52
N LYS D 315 -15.80 -23.18 -18.06
CA LYS D 315 -16.13 -22.83 -16.69
C LYS D 315 -15.63 -23.88 -15.70
N TYR D 316 -15.67 -25.15 -16.06
CA TYR D 316 -15.25 -26.22 -15.15
C TYR D 316 -14.03 -26.97 -15.64
N LEU D 317 -13.91 -27.20 -16.94
CA LEU D 317 -12.81 -27.97 -17.49
C LEU D 317 -12.22 -27.24 -18.69
N MET D 318 -10.91 -27.40 -18.87
CA MET D 318 -10.21 -26.76 -20.01
C MET D 318 -9.04 -27.67 -20.42
N ARG D 319 -8.08 -27.14 -21.17
CA ARG D 319 -6.91 -27.95 -21.61
C ARG D 319 -5.62 -27.27 -21.16
N SER D 320 -4.75 -28.00 -20.44
CA SER D 320 -3.44 -27.43 -20.03
C SER D 320 -2.63 -27.11 -21.29
N PRO D 321 -1.68 -26.15 -21.24
CA PRO D 321 -0.90 -25.78 -22.43
C PRO D 321 -0.29 -26.96 -23.15
N THR D 322 -0.08 -28.07 -22.43
CA THR D 322 0.45 -29.31 -23.06
C THR D 322 -0.71 -30.08 -23.70
N GLY D 323 -1.93 -29.92 -23.18
CA GLY D 323 -3.11 -30.58 -23.79
C GLY D 323 -3.89 -31.41 -22.79
N GLU D 324 -3.43 -31.50 -21.54
CA GLU D 324 -4.10 -32.34 -20.51
C GLU D 324 -5.36 -31.62 -20.02
N ILE D 325 -6.48 -32.35 -19.91
CA ILE D 325 -7.75 -31.77 -19.39
C ILE D 325 -7.53 -31.36 -17.93
N ILE D 326 -7.90 -30.13 -17.57
CA ILE D 326 -7.64 -29.62 -16.18
C ILE D 326 -8.83 -28.80 -15.71
N PHE D 327 -8.95 -28.58 -14.39
CA PHE D 327 -10.02 -27.75 -13.86
C PHE D 327 -9.86 -26.31 -14.34
N GLY D 328 -10.98 -25.68 -14.69
CA GLY D 328 -10.96 -24.34 -15.23
C GLY D 328 -10.94 -23.27 -14.16
N GLY D 329 -10.85 -22.03 -14.62
CA GLY D 329 -10.73 -20.89 -13.72
C GLY D 329 -9.28 -20.58 -13.42
N GLU D 330 -9.08 -19.86 -12.32
CA GLU D 330 -7.72 -19.52 -11.90
C GLU D 330 -6.93 -20.77 -11.52
N THR D 331 -7.61 -21.81 -11.05
CA THR D 331 -6.92 -23.01 -10.57
C THR D 331 -6.16 -23.71 -11.70
N MET D 332 -6.29 -23.20 -12.93
CA MET D 332 -5.45 -23.70 -14.01
C MET D 332 -3.98 -23.46 -13.74
N ARG D 333 -3.64 -22.52 -12.86
CA ARG D 333 -2.25 -22.35 -12.47
C ARG D 333 -1.74 -23.52 -11.65
N PHE D 334 -2.63 -24.28 -11.00
CA PHE D 334 -2.25 -25.40 -10.17
C PHE D 334 -2.55 -26.73 -10.85
N TRP D 335 -2.52 -26.77 -12.18
CA TRP D 335 -2.93 -27.99 -12.92
C TRP D 335 -2.01 -29.18 -12.61
N ASP D 336 -0.79 -28.91 -12.14
CA ASP D 336 0.16 -29.98 -11.87
C ASP D 336 0.04 -30.52 -10.45
N PHE D 337 -0.98 -30.12 -9.72
CA PHE D 337 -1.24 -30.68 -8.40
C PHE D 337 -1.63 -32.15 -8.52
N ARG D 338 -1.15 -32.96 -7.57
CA ARG D 338 -1.51 -34.35 -7.49
C ARG D 338 -1.85 -34.69 -6.04
N GLY D 339 -3.01 -35.30 -5.84
CA GLY D 339 -3.48 -35.63 -4.52
C GLY D 339 -4.14 -36.99 -4.45
N PRO D 340 -4.20 -37.57 -3.25
CA PRO D 340 -4.80 -38.91 -3.13
C PRO D 340 -6.26 -38.96 -3.53
N TRP D 341 -6.98 -37.85 -3.42
CA TRP D 341 -8.41 -37.83 -3.68
C TRP D 341 -8.75 -37.45 -5.10
N VAL D 342 -7.77 -37.11 -5.93
CA VAL D 342 -8.02 -36.69 -7.30
C VAL D 342 -7.36 -37.60 -8.33
N GLU D 343 -6.33 -38.36 -7.95
CA GLU D 343 -5.70 -39.27 -8.89
C GLU D 343 -6.65 -40.32 -9.49
N PRO D 344 -7.58 -40.92 -8.73
CA PRO D 344 -8.47 -41.90 -9.36
C PRO D 344 -9.29 -41.34 -10.51
N LEU D 345 -9.49 -40.03 -10.57
CA LEU D 345 -10.28 -39.41 -11.63
C LEU D 345 -9.45 -38.99 -12.83
N ARG D 346 -8.17 -39.34 -12.86
CA ARG D 346 -7.27 -38.93 -13.94
C ARG D 346 -7.02 -40.09 -14.87
N GLY D 347 -7.28 -39.90 -16.16
CA GLY D 347 -6.96 -40.87 -17.16
C GLY D 347 -5.61 -40.59 -17.80
N PRO D 348 -5.32 -41.25 -18.92
CA PRO D 348 -4.05 -41.01 -19.60
C PRO D 348 -3.88 -39.58 -20.07
N SER D 349 -4.97 -38.93 -20.46
CA SER D 349 -4.89 -37.55 -21.01
C SER D 349 -5.36 -36.53 -19.96
N GLY D 350 -5.21 -36.85 -18.67
CA GLY D 350 -5.62 -35.92 -17.60
C GLY D 350 -6.98 -36.29 -17.05
N LEU D 351 -7.70 -35.29 -16.50
CA LEU D 351 -9.01 -35.56 -15.91
C LEU D 351 -9.92 -36.23 -16.93
N ASP D 352 -10.56 -37.31 -16.52
CA ASP D 352 -11.39 -38.08 -17.42
C ASP D 352 -12.83 -37.61 -17.34
N LEU D 353 -13.42 -37.32 -18.50
CA LEU D 353 -14.80 -36.84 -18.53
C LEU D 353 -15.76 -37.90 -18.02
N VAL D 354 -15.53 -39.16 -18.38
CA VAL D 354 -16.42 -40.22 -17.96
C VAL D 354 -16.32 -40.44 -16.45
N LYS D 355 -15.09 -40.51 -15.93
CA LYS D 355 -14.90 -40.72 -14.50
C LYS D 355 -15.45 -39.54 -13.69
N LEU D 356 -15.32 -38.33 -14.22
CA LEU D 356 -15.85 -37.16 -13.53
C LEU D 356 -17.37 -37.14 -13.50
N LYS D 357 -18.03 -38.00 -14.26
CA LYS D 357 -19.49 -38.06 -14.27
C LYS D 357 -20.05 -39.02 -13.23
N ASN D 358 -19.46 -40.21 -13.12
CA ASN D 358 -20.03 -41.26 -12.29
C ASN D 358 -19.06 -41.94 -11.34
N ASP D 359 -17.75 -41.81 -11.54
CA ASP D 359 -16.79 -42.53 -10.72
C ASP D 359 -16.44 -41.80 -9.43
N ILE D 360 -17.01 -40.62 -9.19
CA ILE D 360 -16.69 -39.87 -7.98
C ILE D 360 -17.33 -40.55 -6.77
N GLN D 361 -16.52 -40.80 -5.75
CA GLN D 361 -16.97 -41.42 -4.52
C GLN D 361 -17.22 -40.38 -3.44
N PRO D 362 -18.15 -40.64 -2.51
CA PRO D 362 -18.53 -39.61 -1.54
C PRO D 362 -17.39 -39.16 -0.64
N TRP D 363 -16.46 -40.04 -0.29
CA TRP D 363 -15.36 -39.64 0.58
C TRP D 363 -14.48 -38.59 -0.10
N GLN D 364 -14.30 -38.73 -1.41
CA GLN D 364 -13.57 -37.71 -2.15
C GLN D 364 -14.28 -36.36 -2.07
N GLU D 365 -15.60 -36.35 -2.21
CA GLU D 365 -16.35 -35.11 -2.11
C GLU D 365 -16.22 -34.49 -0.73
N ARG D 366 -16.33 -35.31 0.31
CA ARG D 366 -16.23 -34.78 1.67
C ARG D 366 -14.84 -34.20 1.93
N ARG D 367 -13.80 -34.90 1.49
CA ARG D 367 -12.45 -34.39 1.69
C ARG D 367 -12.23 -33.11 0.90
N ALA D 368 -12.75 -33.04 -0.33
CA ALA D 368 -12.60 -31.83 -1.13
C ALA D 368 -13.30 -30.66 -0.48
N ALA D 369 -14.51 -30.87 0.04
CA ALA D 369 -15.23 -29.79 0.70
C ALA D 369 -14.49 -29.33 1.95
N GLU D 370 -13.99 -30.28 2.74
CA GLU D 370 -13.27 -29.93 3.95
C GLU D 370 -12.00 -29.14 3.63
N TYR D 371 -11.28 -29.54 2.58
CA TYR D 371 -10.09 -28.80 2.18
C TYR D 371 -10.45 -27.42 1.67
N MET D 372 -11.55 -27.30 0.93
CA MET D 372 -11.97 -25.99 0.43
C MET D 372 -12.28 -25.05 1.58
N THR D 373 -12.97 -25.55 2.61
CA THR D 373 -13.31 -24.69 3.73
C THR D 373 -12.12 -24.38 4.63
N HIS D 374 -11.00 -25.06 4.46
CA HIS D 374 -9.81 -24.87 5.29
C HIS D 374 -8.60 -24.58 4.42
N ALA D 375 -8.77 -23.67 3.47
CA ALA D 375 -7.67 -23.28 2.60
C ALA D 375 -6.60 -22.57 3.43
N PRO D 376 -5.33 -22.72 3.05
CA PRO D 376 -4.26 -22.06 3.82
C PRO D 376 -4.26 -20.55 3.65
N LEU D 377 -5.30 -19.89 4.17
CA LEU D 377 -5.39 -18.44 4.20
C LEU D 377 -5.78 -18.01 5.60
N GLY D 378 -5.03 -17.09 6.17
CA GLY D 378 -5.33 -16.63 7.51
C GLY D 378 -4.71 -15.27 7.75
N SER D 379 -4.92 -14.77 8.95
CA SER D 379 -4.38 -13.47 9.35
C SER D 379 -3.32 -13.67 10.43
N LEU D 380 -2.67 -12.55 10.78
CA LEU D 380 -1.64 -12.61 11.81
C LEU D 380 -2.22 -13.03 13.15
N ASN D 381 -3.40 -12.53 13.49
CA ASN D 381 -4.07 -12.88 14.73
C ASN D 381 -4.93 -14.13 14.59
N SER D 382 -4.62 -14.99 13.61
CA SER D 382 -5.31 -16.26 13.41
C SER D 382 -6.81 -16.06 13.19
N VAL D 383 -7.12 -15.41 12.06
CA VAL D 383 -8.54 -15.23 11.62
C VAL D 383 -8.59 -15.89 10.25
N GLY D 384 -9.34 -16.98 10.09
CA GLY D 384 -9.36 -17.75 8.86
C GLY D 384 -10.02 -17.00 7.72
N GLY D 385 -9.61 -17.33 6.52
CA GLY D 385 -10.19 -16.75 5.32
C GLY D 385 -9.30 -15.69 4.70
N VAL D 386 -9.85 -15.08 3.65
CA VAL D 386 -9.16 -14.03 2.90
C VAL D 386 -9.07 -12.79 3.78
N ALA D 387 -8.28 -11.80 3.35
CA ALA D 387 -8.12 -10.58 4.13
C ALA D 387 -9.44 -9.85 4.34
N THR D 388 -10.43 -10.08 3.48
CA THR D 388 -11.74 -9.46 3.63
C THR D 388 -12.70 -10.50 4.20
N GLU D 389 -12.68 -10.64 5.54
CA GLU D 389 -13.54 -11.66 6.19
C GLU D 389 -14.39 -11.01 7.28
N ILE D 390 -14.98 -11.83 8.16
CA ILE D 390 -15.88 -11.29 9.22
C ILE D 390 -15.27 -11.57 10.59
N ASN D 391 -14.01 -12.02 10.63
CA ASN D 391 -13.32 -12.28 11.92
C ASN D 391 -14.17 -13.23 12.77
N ALA D 392 -14.51 -14.40 12.24
CA ALA D 392 -15.37 -15.37 12.97
C ALA D 392 -14.65 -16.71 13.13
N VAL D 393 -13.78 -17.06 12.18
CA VAL D 393 -13.09 -18.38 12.21
C VAL D 393 -11.70 -18.21 12.84
N ASN D 394 -11.27 -19.17 13.66
CA ASN D 394 -9.95 -19.10 14.28
C ASN D 394 -9.11 -20.22 13.67
N PHE D 395 -8.41 -19.91 12.58
CA PHE D 395 -7.64 -20.93 11.86
C PHE D 395 -6.60 -20.28 10.97
N VAL D 396 -5.35 -20.71 11.12
CA VAL D 396 -4.31 -20.48 10.12
C VAL D 396 -3.62 -21.81 9.88
N SER D 397 -3.45 -22.17 8.62
CA SER D 397 -2.97 -23.50 8.28
C SER D 397 -1.57 -23.72 8.85
N PRO D 398 -1.28 -24.90 9.39
CA PRO D 398 0.09 -25.18 9.84
C PRO D 398 1.10 -25.06 8.73
N ARG D 399 0.71 -25.38 7.49
CA ARG D 399 1.61 -25.19 6.36
C ARG D 399 2.03 -23.74 6.23
N SER D 400 1.08 -22.82 6.41
CA SER D 400 1.41 -21.40 6.33
C SER D 400 2.40 -21.00 7.40
N TRP D 401 2.19 -21.46 8.64
CA TRP D 401 3.12 -21.13 9.72
C TRP D 401 4.51 -21.67 9.42
N LEU D 402 4.60 -22.94 9.03
CA LEU D 402 5.90 -23.54 8.76
C LEU D 402 6.59 -22.81 7.62
N ALA D 403 5.87 -22.54 6.53
CA ALA D 403 6.47 -21.89 5.38
C ALA D 403 6.98 -20.50 5.75
N THR D 404 6.13 -19.68 6.36
CA THR D 404 6.55 -18.32 6.69
C THR D 404 7.73 -18.31 7.65
N SER D 405 7.62 -19.07 8.75
CA SER D 405 8.67 -19.03 9.76
C SER D 405 9.99 -19.51 9.19
N HIS D 406 9.99 -20.67 8.53
CA HIS D 406 11.26 -21.19 8.07
C HIS D 406 11.79 -20.45 6.85
N PHE D 407 10.95 -19.72 6.11
CA PHE D 407 11.49 -18.84 5.08
C PHE D 407 12.19 -17.65 5.71
N CYS D 408 11.60 -17.06 6.75
CA CYS D 408 12.29 -15.97 7.43
C CYS D 408 13.62 -16.44 8.00
N LEU D 409 13.63 -17.62 8.60
CA LEU D 409 14.87 -18.17 9.14
C LEU D 409 15.89 -18.42 8.04
N GLY D 410 15.46 -18.96 6.90
CA GLY D 410 16.39 -19.17 5.80
C GLY D 410 16.99 -17.88 5.29
N PHE D 411 16.17 -16.83 5.16
CA PHE D 411 16.72 -15.57 4.70
C PHE D 411 17.71 -14.98 5.68
N PHE D 412 17.39 -15.02 6.97
CA PHE D 412 18.31 -14.46 7.94
C PHE D 412 19.60 -15.26 8.00
N PHE D 413 19.53 -16.58 7.80
CA PHE D 413 20.77 -17.33 7.79
C PHE D 413 21.55 -17.16 6.49
N PHE D 414 20.90 -16.80 5.40
CA PHE D 414 21.67 -16.35 4.24
C PHE D 414 22.42 -15.06 4.54
N VAL D 415 21.75 -14.12 5.20
CA VAL D 415 22.45 -12.92 5.65
C VAL D 415 23.59 -13.30 6.58
N GLY D 416 23.42 -14.38 7.34
CA GLY D 416 24.52 -14.89 8.14
C GLY D 416 25.69 -15.38 7.31
N HIS D 417 25.41 -16.13 6.23
CA HIS D 417 26.48 -16.49 5.30
C HIS D 417 27.23 -15.24 4.88
N LEU D 418 26.50 -14.23 4.44
CA LEU D 418 27.13 -13.00 3.99
C LEU D 418 28.02 -12.40 5.06
N TRP D 419 27.46 -12.17 6.25
CA TRP D 419 28.19 -11.47 7.30
C TRP D 419 29.39 -12.27 7.77
N HIS D 420 29.15 -13.46 8.31
CA HIS D 420 30.24 -14.23 8.90
C HIS D 420 31.26 -14.64 7.85
N ALA D 421 30.86 -14.83 6.59
CA ALA D 421 31.80 -15.20 5.54
C ALA D 421 32.68 -14.04 5.12
N GLY D 422 32.09 -12.87 4.90
CA GLY D 422 32.91 -11.70 4.62
C GLY D 422 33.87 -11.41 5.75
N ARG D 423 33.40 -11.54 6.99
CA ARG D 423 34.29 -11.27 8.11
C ARG D 423 35.40 -12.30 8.19
N ALA D 424 35.11 -13.56 7.88
CA ALA D 424 36.17 -14.57 7.86
C ALA D 424 37.22 -14.23 6.83
N ARG D 425 36.80 -13.84 5.63
CA ARG D 425 37.76 -13.47 4.59
C ARG D 425 38.60 -12.28 5.02
N ALA D 426 37.96 -11.24 5.56
CA ALA D 426 38.69 -10.05 5.96
C ALA D 426 39.67 -10.34 7.09
N ALA D 427 39.24 -11.12 8.08
CA ALA D 427 40.11 -11.44 9.21
C ALA D 427 41.29 -12.29 8.77
N ALA D 428 41.06 -13.23 7.85
CA ALA D 428 42.18 -14.00 7.31
C ALA D 428 43.16 -13.10 6.58
N ALA D 429 42.64 -12.16 5.78
CA ALA D 429 43.53 -11.25 5.06
C ALA D 429 44.13 -10.21 5.98
N GLY D 430 43.34 -9.66 6.90
CA GLY D 430 43.85 -8.71 7.87
C GLY D 430 43.14 -7.38 7.89
N PHE D 431 42.03 -7.27 7.17
CA PHE D 431 41.29 -6.01 7.08
C PHE D 431 40.18 -5.91 8.13
N GLU D 432 40.08 -6.89 9.03
CA GLU D 432 38.93 -6.98 9.92
C GLU D 432 38.71 -5.71 10.71
N LYS D 433 39.79 -5.02 11.10
CA LYS D 433 39.66 -3.86 11.97
C LYS D 433 39.67 -2.53 11.22
N GLY D 434 40.11 -2.51 9.97
CA GLY D 434 40.06 -1.29 9.20
C GLY D 434 41.27 -1.07 8.31
N ILE D 435 41.27 0.07 7.60
CA ILE D 435 42.38 0.39 6.71
C ILE D 435 43.64 0.63 7.53
N ASP D 436 44.80 0.41 6.90
CA ASP D 436 46.06 0.49 7.64
C ASP D 436 46.40 1.91 8.06
N ARG D 437 45.99 2.90 7.28
CA ARG D 437 46.18 4.33 7.55
C ARG D 437 47.65 4.74 7.37
N VAL D 438 48.53 3.78 7.15
CA VAL D 438 49.92 4.06 6.80
C VAL D 438 50.25 3.55 5.40
N ASP D 439 49.70 2.40 5.02
CA ASP D 439 49.82 1.86 3.66
C ASP D 439 48.41 1.48 3.22
N GLU D 440 47.68 2.45 2.72
CA GLU D 440 46.38 2.15 2.10
C GLU D 440 46.61 1.50 0.75
N PRO D 441 45.93 0.40 0.43
CA PRO D 441 46.08 -0.18 -0.90
C PRO D 441 45.72 0.78 -2.01
N VAL D 442 44.68 1.59 -1.81
CA VAL D 442 44.19 2.47 -2.86
C VAL D 442 45.25 3.48 -3.26
N LEU D 443 46.02 3.96 -2.28
CA LEU D 443 47.05 4.95 -2.57
C LEU D 443 48.19 4.38 -3.41
N SER D 444 48.25 3.06 -3.58
CA SER D 444 49.28 2.44 -4.39
C SER D 444 48.79 2.09 -5.79
N MET D 445 47.59 2.52 -6.16
CA MET D 445 46.99 2.20 -7.44
C MET D 445 46.96 3.43 -8.33
N ARG D 446 46.98 3.19 -9.63
CA ARG D 446 46.93 4.28 -10.59
C ARG D 446 45.59 5.00 -10.51
N PRO D 447 45.57 6.31 -10.75
CA PRO D 447 44.31 7.06 -10.64
C PRO D 447 43.30 6.70 -11.71
N LEU D 448 42.14 7.36 -11.66
CA LEU D 448 41.05 7.15 -12.61
C LEU D 448 40.68 5.67 -12.69
N ASP D 449 40.58 5.05 -11.52
CA ASP D 449 40.15 3.66 -11.39
C ASP D 449 41.00 2.71 -12.21
N ILE E 1 23.14 47.22 22.50
CA ILE E 1 23.70 45.93 22.11
C ILE E 1 24.99 46.14 21.32
N GLY E 2 24.89 46.82 20.19
CA GLY E 2 26.05 47.05 19.35
C GLY E 2 26.94 48.18 19.85
N THR E 3 26.41 49.41 19.86
CA THR E 3 27.18 50.53 20.40
C THR E 3 27.40 50.38 21.90
N TYR E 4 26.37 49.95 22.62
CA TYR E 4 26.48 49.69 24.05
C TYR E 4 25.30 48.83 24.47
N GLN E 5 25.41 48.23 25.65
CA GLN E 5 24.37 47.37 26.17
C GLN E 5 23.31 48.11 26.97
N GLU E 6 23.45 49.43 27.13
CA GLU E 6 22.49 50.28 27.85
C GLU E 6 22.33 49.70 29.26
N LYS E 7 21.12 49.54 29.77
CA LYS E 7 20.89 48.94 31.08
C LYS E 7 20.16 47.62 30.92
N ARG E 8 20.35 46.74 31.90
CA ARG E 8 19.67 45.47 31.91
C ARG E 8 18.18 45.68 32.18
N THR E 9 17.34 45.06 31.34
CA THR E 9 15.89 45.17 31.45
C THR E 9 15.33 43.82 31.90
N TRP E 10 14.04 43.82 32.22
CA TRP E 10 13.40 42.57 32.62
C TRP E 10 13.42 41.56 31.48
N PHE E 11 13.43 42.04 30.23
CA PHE E 11 13.63 41.13 29.11
C PHE E 11 14.99 40.44 29.21
N ASP E 12 16.00 41.16 29.69
CA ASP E 12 17.31 40.54 29.83
C ASP E 12 17.29 39.42 30.86
N ASP E 13 16.61 39.65 32.00
CA ASP E 13 16.50 38.59 32.99
C ASP E 13 15.75 37.38 32.44
N ALA E 14 14.63 37.64 31.75
CA ALA E 14 13.87 36.54 31.16
C ALA E 14 14.70 35.77 30.15
N ASP E 15 15.46 36.48 29.31
CA ASP E 15 16.31 35.83 28.33
C ASP E 15 17.39 34.99 29.00
N ASP E 16 18.03 35.54 30.02
CA ASP E 16 19.08 34.80 30.72
C ASP E 16 18.52 33.54 31.34
N TRP E 17 17.33 33.63 31.95
CA TRP E 17 16.76 32.43 32.56
C TRP E 17 16.38 31.41 31.50
N LEU E 18 15.66 31.84 30.46
CA LEU E 18 15.17 30.89 29.46
C LEU E 18 16.30 30.26 28.67
N ARG E 19 17.42 30.94 28.53
CA ARG E 19 18.52 30.47 27.70
C ARG E 19 19.53 29.63 28.46
N GLN E 20 19.26 29.32 29.73
CA GLN E 20 20.15 28.45 30.49
C GLN E 20 20.20 27.07 29.88
N ASP E 21 21.37 26.42 29.98
CA ASP E 21 21.56 25.08 29.46
C ASP E 21 21.25 24.08 30.56
N ARG E 22 19.95 23.87 30.79
CA ARG E 22 19.48 22.87 31.73
C ARG E 22 19.25 21.57 30.97
N PHE E 23 18.65 20.57 31.64
CA PHE E 23 18.44 19.29 30.99
C PHE E 23 17.50 19.41 29.81
N VAL E 24 16.42 20.16 29.98
CA VAL E 24 15.45 20.40 28.91
C VAL E 24 15.54 21.87 28.56
N PHE E 25 16.15 22.18 27.43
CA PHE E 25 16.25 23.56 26.98
C PHE E 25 14.87 24.09 26.66
N VAL E 26 14.46 25.14 27.35
CA VAL E 26 13.15 25.74 27.10
C VAL E 26 13.32 26.86 26.08
N GLY E 27 14.11 27.87 26.39
CA GLY E 27 14.30 28.98 25.49
C GLY E 27 13.04 29.79 25.33
N TRP E 28 13.11 30.80 24.46
CA TRP E 28 11.93 31.59 24.18
C TRP E 28 10.91 30.79 23.40
N SER E 29 11.37 29.95 22.48
CA SER E 29 10.47 29.09 21.72
C SER E 29 9.76 28.08 22.61
N GLY E 30 10.32 27.79 23.78
CA GLY E 30 9.68 26.83 24.67
C GLY E 30 8.31 27.27 25.12
N LEU E 31 8.13 28.56 25.36
CA LEU E 31 6.84 29.08 25.81
C LEU E 31 5.73 28.78 24.84
N LEU E 32 6.05 28.55 23.56
CA LEU E 32 5.08 28.12 22.57
C LEU E 32 5.11 26.63 22.31
N LEU E 33 6.29 26.01 22.39
CA LEU E 33 6.40 24.60 22.05
C LEU E 33 5.87 23.70 23.15
N LEU E 34 6.35 23.90 24.38
CA LEU E 34 6.02 22.96 25.46
C LEU E 34 4.53 22.88 25.74
N PRO E 35 3.81 23.98 25.97
CA PRO E 35 2.36 23.84 26.20
C PRO E 35 1.62 23.26 25.00
N CYS E 36 1.90 23.77 23.80
CA CYS E 36 1.17 23.30 22.62
C CYS E 36 1.46 21.83 22.33
N ALA E 37 2.73 21.44 22.32
CA ALA E 37 3.06 20.05 22.03
C ALA E 37 2.53 19.14 23.13
N TYR E 38 2.66 19.55 24.39
CA TYR E 38 2.16 18.74 25.49
C TYR E 38 0.66 18.53 25.37
N PHE E 39 -0.09 19.59 25.08
CA PHE E 39 -1.53 19.45 24.95
C PHE E 39 -1.91 18.63 23.73
N ALA E 40 -1.17 18.76 22.63
CA ALA E 40 -1.48 17.96 21.45
C ALA E 40 -1.30 16.48 21.74
N VAL E 41 -0.17 16.10 22.32
CA VAL E 41 0.08 14.68 22.60
C VAL E 41 -0.89 14.17 23.66
N GLY E 42 -1.14 14.95 24.70
CA GLY E 42 -2.08 14.53 25.72
C GLY E 42 -3.49 14.41 25.19
N GLY E 43 -3.89 15.31 24.30
CA GLY E 43 -5.20 15.20 23.69
C GLY E 43 -5.32 13.98 22.82
N TRP E 44 -4.27 13.65 22.07
CA TRP E 44 -4.30 12.43 21.28
C TRP E 44 -4.44 11.21 22.18
N LEU E 45 -3.72 11.19 23.30
CA LEU E 45 -3.79 10.03 24.18
C LEU E 45 -5.15 9.93 24.87
N THR E 46 -5.70 11.04 25.34
CA THR E 46 -7.03 11.01 25.94
C THR E 46 -8.08 10.58 24.93
N GLY E 47 -7.98 11.09 23.70
CA GLY E 47 -8.94 10.71 22.68
C GLY E 47 -8.85 9.23 22.31
N CYS E 48 -7.63 8.73 22.16
CA CYS E 48 -7.47 7.31 21.86
C CYS E 48 -7.83 6.44 23.05
N THR E 49 -7.91 7.02 24.25
CA THR E 49 -8.25 6.25 25.44
C THR E 49 -9.75 6.31 25.77
N PHE E 50 -10.32 7.50 25.85
CA PHE E 50 -11.68 7.66 26.35
C PHE E 50 -12.67 8.19 25.33
N VAL E 51 -12.25 9.15 24.50
CA VAL E 51 -13.19 9.81 23.55
C VAL E 51 -13.61 8.84 22.44
N THR E 52 -14.88 8.90 22.01
CA THR E 52 -15.41 7.99 20.96
C THR E 52 -15.73 8.77 19.69
N SER E 53 -16.02 8.08 18.58
CA SER E 53 -16.40 8.75 17.31
C SER E 53 -17.78 8.26 16.88
N TRP E 54 -18.59 7.78 17.83
CA TRP E 54 -19.93 7.23 17.51
C TRP E 54 -20.82 8.32 16.90
N TYR E 55 -20.69 9.56 17.37
CA TYR E 55 -21.57 10.65 16.89
C TYR E 55 -20.93 11.38 15.70
N THR E 56 -19.62 11.19 15.49
CA THR E 56 -18.91 11.91 14.40
C THR E 56 -18.86 11.03 13.15
N HIS E 57 -18.31 9.81 13.27
CA HIS E 57 -18.18 8.89 12.11
C HIS E 57 -19.04 7.65 12.34
N GLY E 58 -19.79 7.61 13.45
CA GLY E 58 -20.55 6.38 13.78
C GLY E 58 -19.61 5.21 13.96
N LEU E 59 -18.41 5.49 14.49
CA LEU E 59 -17.38 4.42 14.65
C LEU E 59 -16.85 4.43 16.09
N ALA E 60 -16.53 3.26 16.64
CA ALA E 60 -15.94 3.18 17.96
C ALA E 60 -14.44 3.32 17.80
N SER E 61 -13.85 4.36 18.39
CA SER E 61 -12.39 4.61 18.15
C SER E 61 -11.69 4.98 19.46
N SER E 62 -11.94 4.24 20.53
CA SER E 62 -11.23 4.48 21.79
C SER E 62 -10.95 3.16 22.47
N TYR E 63 -10.02 3.18 23.43
CA TYR E 63 -9.70 1.98 24.18
C TYR E 63 -10.88 1.52 25.01
N ILE E 64 -11.58 2.45 25.65
CA ILE E 64 -12.68 2.09 26.54
C ILE E 64 -13.83 1.45 25.78
N GLU E 65 -13.80 1.53 24.45
CA GLU E 65 -14.86 0.92 23.61
C GLU E 65 -14.42 -0.47 23.14
N GLY E 66 -13.15 -0.82 23.33
CA GLY E 66 -12.65 -2.10 22.88
C GLY E 66 -11.67 -2.04 21.73
N CYS E 67 -11.20 -0.85 21.35
CA CYS E 67 -10.23 -0.73 20.28
C CYS E 67 -8.82 -0.84 20.85
N ASN E 68 -7.90 -1.28 20.01
CA ASN E 68 -6.51 -1.43 20.39
C ASN E 68 -5.71 -0.25 19.84
N PHE E 69 -4.39 -0.32 20.02
CA PHE E 69 -3.52 0.78 19.58
C PHE E 69 -3.63 1.00 18.08
N LEU E 70 -3.89 -0.05 17.31
CA LEU E 70 -3.95 0.11 15.85
C LEU E 70 -5.23 0.78 15.41
N THR E 71 -6.37 0.41 16.00
CA THR E 71 -7.65 0.88 15.50
C THR E 71 -8.18 2.10 16.23
N ALA E 72 -7.63 2.45 17.39
CA ALA E 72 -8.06 3.65 18.08
C ALA E 72 -7.57 4.89 17.33
N ALA E 73 -8.37 5.96 17.37
CA ALA E 73 -8.01 7.16 16.59
C ALA E 73 -8.86 8.37 17.00
N VAL E 74 -8.25 9.55 17.07
CA VAL E 74 -8.97 10.79 17.36
C VAL E 74 -9.61 11.21 16.04
N SER E 75 -10.86 10.81 15.87
CA SER E 75 -11.54 11.04 14.57
C SER E 75 -11.90 12.50 14.34
N THR E 76 -11.91 12.90 13.08
CA THR E 76 -12.29 14.24 12.69
C THR E 76 -13.79 14.45 12.86
N PRO E 77 -14.23 15.70 13.07
CA PRO E 77 -15.64 15.94 13.37
C PRO E 77 -16.58 15.60 12.23
N ALA E 78 -17.88 15.80 12.46
CA ALA E 78 -18.88 15.51 11.45
C ALA E 78 -18.79 16.49 10.29
N ASN E 79 -19.21 16.03 9.11
CA ASN E 79 -19.11 16.88 7.92
C ASN E 79 -20.07 18.05 7.99
N SER E 80 -21.18 17.92 8.71
CA SER E 80 -22.14 19.00 8.80
C SER E 80 -21.56 20.21 9.51
N LEU E 81 -20.52 20.03 10.31
CA LEU E 81 -19.85 21.15 10.95
C LEU E 81 -18.91 21.89 10.00
N GLY E 82 -18.69 21.36 8.80
CA GLY E 82 -17.89 22.07 7.81
C GLY E 82 -16.47 22.26 8.29
N HIS E 83 -15.96 23.49 8.10
CA HIS E 83 -14.64 23.87 8.57
C HIS E 83 -14.70 24.68 9.86
N SER E 84 -15.68 24.40 10.71
CA SER E 84 -15.79 25.11 11.97
C SER E 84 -14.56 24.82 12.82
N LEU E 85 -14.06 25.86 13.49
CA LEU E 85 -12.89 25.69 14.33
C LEU E 85 -13.21 24.89 15.59
N LEU E 86 -14.48 24.77 15.95
CA LEU E 86 -14.91 23.91 17.05
C LEU E 86 -14.22 24.30 18.37
N PHE E 87 -14.27 25.58 18.69
CA PHE E 87 -13.83 26.02 20.00
C PHE E 87 -14.76 25.48 21.06
N VAL E 88 -14.21 25.14 22.22
CA VAL E 88 -15.02 24.58 23.29
C VAL E 88 -16.04 25.60 23.78
N TRP E 89 -15.82 26.89 23.49
CA TRP E 89 -16.79 27.93 23.78
C TRP E 89 -17.62 28.33 22.58
N GLY E 90 -17.41 27.66 21.44
CA GLY E 90 -17.99 28.11 20.20
C GLY E 90 -19.50 27.92 20.16
N PRO E 91 -20.10 28.29 19.03
CA PRO E 91 -21.55 28.11 18.88
C PRO E 91 -21.99 26.68 18.69
N GLU E 92 -21.05 25.73 18.55
CA GLU E 92 -21.42 24.33 18.41
C GLU E 92 -21.49 23.64 19.76
N ALA E 93 -20.37 23.59 20.49
CA ALA E 93 -20.35 22.93 21.79
C ALA E 93 -20.99 23.80 22.86
N GLN E 94 -20.81 25.12 22.78
CA GLN E 94 -21.41 26.08 23.70
C GLN E 94 -20.99 25.82 25.14
N GLY E 95 -19.78 25.31 25.34
CA GLY E 95 -19.22 25.15 26.66
C GLY E 95 -19.29 23.75 27.23
N ASP E 96 -20.12 22.89 26.68
CA ASP E 96 -20.30 21.54 27.23
C ASP E 96 -19.07 20.72 26.85
N LEU E 97 -18.19 20.49 27.83
CA LEU E 97 -16.94 19.79 27.54
C LEU E 97 -17.21 18.37 27.06
N THR E 98 -18.14 17.67 27.71
CA THR E 98 -18.46 16.30 27.31
C THR E 98 -18.99 16.26 25.89
N ARG E 99 -19.93 17.16 25.57
CA ARG E 99 -20.47 17.20 24.22
C ARG E 99 -19.43 17.70 23.23
N TRP E 100 -18.53 18.58 23.66
CA TRP E 100 -17.43 19.00 22.80
C TRP E 100 -16.56 17.81 22.42
N PHE E 101 -16.30 16.92 23.38
CA PHE E 101 -15.65 15.66 23.05
C PHE E 101 -16.49 14.85 22.08
N GLN E 102 -17.81 14.80 22.31
CA GLN E 102 -18.67 13.98 21.46
C GLN E 102 -18.75 14.54 20.05
N LEU E 103 -18.79 15.87 19.90
CA LEU E 103 -18.89 16.47 18.58
C LEU E 103 -17.63 16.33 17.75
N GLY E 104 -16.53 15.89 18.35
CA GLY E 104 -15.28 15.78 17.63
C GLY E 104 -14.38 16.97 17.74
N GLY E 105 -14.65 17.91 18.67
CA GLY E 105 -13.80 19.07 18.82
C GLY E 105 -12.39 18.74 19.24
N LEU E 106 -12.18 17.55 19.79
CA LEU E 106 -10.83 17.15 20.17
C LEU E 106 -9.91 17.09 18.97
N TRP E 107 -10.45 16.74 17.79
CA TRP E 107 -9.60 16.69 16.60
C TRP E 107 -9.08 18.07 16.25
N ALA E 108 -9.98 19.07 16.25
CA ALA E 108 -9.54 20.44 15.96
C ALA E 108 -8.56 20.92 17.02
N PHE E 109 -8.84 20.63 18.29
CA PHE E 109 -7.93 20.97 19.37
C PHE E 109 -6.54 20.42 19.11
N VAL E 110 -6.45 19.12 18.83
CA VAL E 110 -5.16 18.46 18.64
C VAL E 110 -4.47 19.01 17.39
N ALA E 111 -5.21 19.21 16.31
CA ALA E 111 -4.60 19.68 15.07
C ALA E 111 -4.02 21.06 15.23
N LEU E 112 -4.76 21.98 15.84
CA LEU E 112 -4.27 23.34 15.99
C LEU E 112 -3.10 23.40 16.96
N HIS E 113 -3.21 22.70 18.09
CA HIS E 113 -2.09 22.69 19.02
C HIS E 113 -0.86 22.02 18.42
N GLY E 114 -1.06 21.01 17.58
CA GLY E 114 0.08 20.39 16.92
C GLY E 114 0.72 21.30 15.88
N ALA E 115 -0.09 22.05 15.14
CA ALA E 115 0.47 22.99 14.19
C ALA E 115 1.31 24.04 14.90
N PHE E 116 0.79 24.59 15.99
CA PHE E 116 1.59 25.58 16.71
C PHE E 116 2.77 24.93 17.41
N GLY E 117 2.68 23.65 17.77
CA GLY E 117 3.83 22.96 18.30
C GLY E 117 4.92 22.78 17.27
N LEU E 118 4.55 22.49 16.02
CA LEU E 118 5.55 22.38 14.97
C LEU E 118 6.21 23.73 14.70
N ILE E 119 5.43 24.81 14.70
CA ILE E 119 6.00 26.14 14.59
C ILE E 119 6.99 26.38 15.73
N GLY E 120 6.58 26.04 16.95
CA GLY E 120 7.46 26.21 18.10
C GLY E 120 8.71 25.37 18.02
N PHE E 121 8.61 24.17 17.43
CA PHE E 121 9.78 23.31 17.35
C PHE E 121 10.78 23.83 16.32
N MET E 122 10.29 24.34 15.18
CA MET E 122 11.23 24.96 14.26
C MET E 122 11.86 26.21 14.87
N LEU E 123 11.07 26.98 15.63
CA LEU E 123 11.63 28.12 16.35
C LEU E 123 12.70 27.66 17.34
N ARG E 124 12.46 26.53 18.01
CA ARG E 124 13.44 25.97 18.93
C ARG E 124 14.72 25.61 18.21
N GLN E 125 14.61 24.99 17.03
CA GLN E 125 15.80 24.67 16.27
C GLN E 125 16.58 25.93 15.89
N PHE E 126 15.87 26.97 15.46
CA PHE E 126 16.54 28.22 15.14
C PHE E 126 17.25 28.80 16.36
N GLU E 127 16.56 28.80 17.50
CA GLU E 127 17.12 29.40 18.72
C GLU E 127 18.35 28.64 19.18
N ILE E 128 18.29 27.30 19.17
CA ILE E 128 19.42 26.50 19.62
C ILE E 128 20.59 26.65 18.66
N ALA E 129 20.33 26.67 17.35
CA ALA E 129 21.41 26.86 16.40
C ALA E 129 22.07 28.21 16.57
N ARG E 130 21.28 29.25 16.80
CA ARG E 130 21.85 30.58 17.02
C ARG E 130 22.66 30.63 18.30
N SER E 131 22.23 29.88 19.33
CA SER E 131 22.97 29.87 20.59
C SER E 131 24.36 29.26 20.41
N VAL E 132 24.47 28.20 19.62
CA VAL E 132 25.75 27.52 19.43
C VAL E 132 26.47 27.97 18.16
N ASN E 133 25.93 28.96 17.45
CA ASN E 133 26.56 29.53 16.26
C ASN E 133 26.79 28.48 15.18
N LEU E 134 25.69 27.93 14.68
CA LEU E 134 25.71 27.00 13.57
C LEU E 134 24.70 27.43 12.52
N ARG E 135 25.00 27.12 11.27
CA ARG E 135 24.09 27.42 10.18
C ARG E 135 22.84 26.56 10.32
N PRO E 136 21.66 27.13 10.41
CA PRO E 136 20.48 26.37 10.84
C PRO E 136 19.91 25.50 9.72
N TYR E 137 20.72 24.58 9.22
CA TYR E 137 20.26 23.74 8.12
C TYR E 137 19.22 22.73 8.59
N ASN E 138 19.21 22.38 9.87
CA ASN E 138 18.24 21.40 10.32
C ASN E 138 16.84 21.99 10.41
N ALA E 139 16.72 23.28 10.74
CA ALA E 139 15.42 23.93 10.67
C ALA E 139 14.92 23.98 9.24
N ILE E 140 15.81 24.30 8.30
CA ILE E 140 15.45 24.30 6.89
C ILE E 140 14.99 22.92 6.45
N ALA E 141 15.66 21.87 6.94
CA ALA E 141 15.21 20.51 6.65
C ALA E 141 13.85 20.22 7.26
N PHE E 142 13.64 20.64 8.51
CA PHE E 142 12.37 20.43 9.18
C PHE E 142 11.24 21.22 8.56
N SER E 143 11.55 22.19 7.69
CA SER E 143 10.49 22.84 6.93
C SER E 143 9.69 21.84 6.11
N ALA E 144 10.32 20.76 5.66
CA ALA E 144 9.59 19.78 4.86
C ALA E 144 8.49 19.06 5.63
N PRO E 145 8.74 18.52 6.84
CA PRO E 145 7.61 17.95 7.59
C PRO E 145 6.52 18.96 7.90
N ILE E 146 6.89 20.23 8.14
CA ILE E 146 5.87 21.24 8.36
C ILE E 146 5.04 21.45 7.10
N ALA E 147 5.68 21.46 5.94
CA ALA E 147 4.94 21.58 4.69
C ALA E 147 3.99 20.41 4.51
N VAL E 148 4.44 19.20 4.81
CA VAL E 148 3.59 18.01 4.68
C VAL E 148 2.39 18.12 5.61
N PHE E 149 2.64 18.47 6.88
CA PHE E 149 1.55 18.58 7.84
C PHE E 149 0.56 19.64 7.42
N VAL E 150 1.04 20.80 6.97
CA VAL E 150 0.16 21.88 6.57
C VAL E 150 -0.68 21.48 5.37
N SER E 151 -0.05 20.87 4.37
CA SER E 151 -0.77 20.54 3.15
C SER E 151 -1.77 19.41 3.36
N VAL E 152 -1.47 18.47 4.24
CA VAL E 152 -2.35 17.31 4.42
C VAL E 152 -3.43 17.58 5.46
N PHE E 153 -3.05 18.05 6.64
CA PHE E 153 -4.01 18.21 7.72
C PHE E 153 -4.72 19.55 7.71
N LEU E 154 -4.21 20.54 6.98
CA LEU E 154 -4.84 21.86 6.97
C LEU E 154 -5.33 22.28 5.61
N ILE E 155 -4.47 22.27 4.58
CA ILE E 155 -4.87 22.77 3.27
C ILE E 155 -5.88 21.81 2.63
N TYR E 156 -5.60 20.52 2.68
CA TYR E 156 -6.51 19.56 2.05
C TYR E 156 -7.91 19.59 2.64
N PRO E 157 -8.11 19.51 3.96
CA PRO E 157 -9.48 19.58 4.47
C PRO E 157 -10.17 20.88 4.15
N LEU E 158 -9.42 21.99 4.11
CA LEU E 158 -10.03 23.28 3.77
C LEU E 158 -10.45 23.32 2.31
N GLY E 159 -9.74 22.60 1.45
CA GLY E 159 -10.17 22.52 0.06
C GLY E 159 -11.40 21.67 -0.15
N GLN E 160 -11.69 20.75 0.78
CA GLN E 160 -12.85 19.87 0.68
C GLN E 160 -14.03 20.51 1.41
N SER E 161 -15.06 19.72 1.68
CA SER E 161 -16.28 20.24 2.28
C SER E 161 -16.17 20.46 3.78
N GLY E 162 -15.15 19.92 4.44
CA GLY E 162 -15.01 20.13 5.86
C GLY E 162 -13.85 19.32 6.41
N TRP E 163 -13.69 19.40 7.73
CA TRP E 163 -12.64 18.64 8.40
C TRP E 163 -12.87 17.14 8.30
N PHE E 164 -14.07 16.72 7.93
CA PHE E 164 -14.41 15.30 7.94
C PHE E 164 -13.46 14.49 7.06
N PHE E 165 -12.93 15.09 6.00
CA PHE E 165 -12.08 14.39 5.07
C PHE E 165 -10.60 14.57 5.37
N ALA E 166 -10.28 15.19 6.51
CA ALA E 166 -8.92 15.23 6.99
C ALA E 166 -8.50 13.86 7.49
N PRO E 167 -7.20 13.62 7.63
CA PRO E 167 -6.75 12.38 8.29
C PRO E 167 -7.06 12.44 9.79
N SER E 168 -7.78 11.43 10.26
CA SER E 168 -7.98 11.29 11.70
C SER E 168 -6.69 10.80 12.33
N PHE E 169 -6.37 11.32 13.50
CA PHE E 169 -5.11 10.96 14.14
C PHE E 169 -5.16 9.55 14.68
N GLY E 170 -4.68 8.60 13.89
CA GLY E 170 -4.65 7.20 14.30
C GLY E 170 -3.99 6.39 13.22
N VAL E 171 -3.78 5.11 13.52
CA VAL E 171 -3.09 4.23 12.58
C VAL E 171 -4.04 3.78 11.50
N ALA E 172 -5.11 3.08 11.87
CA ALA E 172 -6.06 2.61 10.89
C ALA E 172 -6.78 3.76 10.19
N SER E 173 -6.97 4.87 10.90
CA SER E 173 -7.58 6.03 10.27
C SER E 173 -6.67 6.58 9.17
N ILE E 174 -5.37 6.61 9.40
CA ILE E 174 -4.43 7.03 8.37
C ILE E 174 -4.46 6.06 7.19
N PHE E 175 -4.57 4.77 7.48
CA PHE E 175 -4.67 3.80 6.39
C PHE E 175 -5.93 4.02 5.57
N ARG E 176 -7.04 4.32 6.25
CA ARG E 176 -8.28 4.66 5.54
C ARG E 176 -8.07 5.89 4.66
N PHE E 177 -7.38 6.90 5.19
CA PHE E 177 -7.09 8.10 4.40
C PHE E 177 -6.30 7.75 3.16
N ILE E 178 -5.32 6.87 3.30
CA ILE E 178 -4.47 6.49 2.16
C ILE E 178 -5.29 5.77 1.11
N LEU E 179 -6.10 4.80 1.52
CA LEU E 179 -6.92 4.06 0.56
C LEU E 179 -7.98 4.96 -0.08
N PHE E 180 -8.52 5.91 0.69
CA PHE E 180 -9.44 6.88 0.12
C PHE E 180 -8.77 7.70 -0.95
N PHE E 181 -7.53 8.13 -0.71
CA PHE E 181 -6.82 8.89 -1.73
C PHE E 181 -6.60 8.05 -2.98
N GLN E 182 -6.22 6.79 -2.82
CA GLN E 182 -6.05 5.94 -3.99
C GLN E 182 -7.36 5.79 -4.76
N GLY E 183 -8.45 5.52 -4.05
CA GLY E 183 -9.71 5.29 -4.73
C GLY E 183 -10.26 6.51 -5.42
N PHE E 184 -10.22 7.67 -4.77
CA PHE E 184 -10.88 8.85 -5.30
C PHE E 184 -9.95 9.70 -6.14
N HIS E 185 -8.76 10.02 -5.62
CA HIS E 185 -7.87 10.93 -6.31
C HIS E 185 -6.90 10.25 -7.26
N ASN E 186 -6.81 8.92 -7.21
CA ASN E 186 -5.80 8.19 -7.97
C ASN E 186 -4.40 8.76 -7.69
N TRP E 187 -4.09 8.83 -6.39
CA TRP E 187 -2.91 9.55 -5.92
C TRP E 187 -1.63 8.92 -6.40
N THR E 188 -1.62 7.61 -6.66
CA THR E 188 -0.41 6.94 -7.13
C THR E 188 0.02 7.47 -8.49
N LEU E 189 -0.94 7.73 -9.37
CA LEU E 189 -0.62 8.20 -10.72
C LEU E 189 -0.16 9.64 -10.74
N ASN E 190 -0.30 10.37 -9.65
CA ASN E 190 0.06 11.77 -9.63
C ASN E 190 1.58 11.91 -9.62
N PRO E 191 2.16 12.67 -10.55
CA PRO E 191 3.63 12.77 -10.60
C PRO E 191 4.25 13.37 -9.36
N PHE E 192 3.49 14.09 -8.56
CA PHE E 192 4.07 14.68 -7.35
C PHE E 192 4.23 13.66 -6.24
N HIS E 193 3.28 12.75 -6.04
CA HIS E 193 3.57 11.64 -5.14
C HIS E 193 4.67 10.76 -5.71
N MET E 194 4.81 10.73 -7.04
CA MET E 194 5.93 10.00 -7.63
C MET E 194 7.25 10.62 -7.22
N MET E 195 7.37 11.95 -7.30
CA MET E 195 8.59 12.61 -6.88
C MET E 195 8.80 12.46 -5.37
N GLY E 196 7.73 12.49 -4.59
CA GLY E 196 7.87 12.27 -3.16
C GLY E 196 8.35 10.86 -2.82
N VAL E 197 7.81 9.86 -3.52
CA VAL E 197 8.26 8.48 -3.33
C VAL E 197 9.73 8.36 -3.70
N ALA E 198 10.10 8.96 -4.83
CA ALA E 198 11.51 8.90 -5.24
C ALA E 198 12.39 9.56 -4.20
N GLY E 199 11.97 10.71 -3.67
CA GLY E 199 12.76 11.39 -2.67
C GLY E 199 12.92 10.57 -1.39
N VAL E 200 11.84 9.98 -0.91
CA VAL E 200 11.91 9.23 0.34
C VAL E 200 12.72 7.95 0.17
N LEU E 201 12.49 7.22 -0.93
CA LEU E 201 13.27 6.01 -1.16
C LEU E 201 14.74 6.32 -1.39
N GLY E 202 15.04 7.41 -2.10
CA GLY E 202 16.42 7.81 -2.28
C GLY E 202 17.07 8.24 -0.98
N ALA E 203 16.29 8.89 -0.11
CA ALA E 203 16.83 9.27 1.20
C ALA E 203 17.15 8.04 2.04
N ALA E 204 16.27 7.04 2.03
CA ALA E 204 16.58 5.80 2.73
C ALA E 204 17.79 5.11 2.13
N LEU E 205 17.90 5.10 0.81
CA LEU E 205 19.05 4.52 0.15
C LEU E 205 20.33 5.23 0.56
N LEU E 206 20.30 6.57 0.60
CA LEU E 206 21.47 7.34 0.98
C LEU E 206 21.83 7.09 2.43
N CYS E 207 20.84 7.01 3.32
CA CYS E 207 21.13 6.71 4.71
C CYS E 207 21.85 5.38 4.84
N ALA E 208 21.28 4.33 4.24
CA ALA E 208 21.88 3.01 4.33
C ALA E 208 23.27 2.97 3.70
N ILE E 209 23.41 3.57 2.52
CA ILE E 209 24.68 3.51 1.80
C ILE E 209 25.76 4.28 2.54
N HIS E 210 25.45 5.48 3.03
CA HIS E 210 26.44 6.25 3.76
C HIS E 210 26.85 5.53 5.04
N GLY E 211 25.89 5.01 5.79
CA GLY E 211 26.24 4.29 7.00
C GLY E 211 27.13 3.10 6.71
N ALA E 212 26.75 2.27 5.73
CA ALA E 212 27.54 1.09 5.42
C ALA E 212 28.92 1.45 4.90
N THR E 213 29.00 2.44 4.02
CA THR E 213 30.28 2.82 3.44
C THR E 213 31.22 3.38 4.49
N VAL E 214 30.71 4.19 5.41
CA VAL E 214 31.56 4.69 6.49
C VAL E 214 32.00 3.56 7.39
N GLU E 215 31.07 2.67 7.76
CA GLU E 215 31.43 1.58 8.66
C GLU E 215 32.33 0.55 8.01
N ASN E 216 32.46 0.56 6.68
CA ASN E 216 33.28 -0.42 5.98
C ASN E 216 34.53 0.19 5.37
N THR E 217 34.78 1.48 5.57
CA THR E 217 36.03 2.11 5.15
C THR E 217 36.74 2.75 6.33
N LEU E 218 36.46 2.29 7.54
CA LEU E 218 37.06 2.87 8.73
C LEU E 218 38.56 2.64 8.75
N PHE E 219 39.29 3.64 9.23
CA PHE E 219 40.69 3.42 9.55
C PHE E 219 40.80 2.58 10.81
N GLU E 220 41.93 1.89 10.95
CA GLU E 220 42.09 0.94 12.04
C GLU E 220 41.99 1.63 13.40
N ASP E 221 42.96 2.49 13.71
CA ASP E 221 42.94 3.35 14.89
C ASP E 221 42.78 2.59 16.20
N GLY E 222 42.94 1.28 16.21
CA GLY E 222 42.77 0.51 17.42
C GLY E 222 43.12 -0.94 17.20
N ASP E 223 43.29 -1.64 18.32
CA ASP E 223 43.69 -3.05 18.31
C ASP E 223 42.57 -3.99 18.70
N GLY E 224 41.42 -3.48 19.13
CA GLY E 224 40.30 -4.32 19.48
C GLY E 224 39.44 -4.65 18.28
N ALA E 225 38.83 -5.83 18.30
CA ALA E 225 37.90 -6.21 17.25
C ALA E 225 36.63 -5.38 17.28
N ASN E 226 36.37 -4.67 18.37
CA ASN E 226 35.26 -3.73 18.47
C ASN E 226 35.74 -2.39 17.95
N THR E 227 35.35 -2.06 16.72
CA THR E 227 35.82 -0.84 16.08
C THR E 227 35.21 0.43 16.66
N PHE E 228 34.19 0.31 17.52
CA PHE E 228 33.57 1.51 18.07
C PHE E 228 34.45 2.16 19.12
N ARG E 229 35.25 1.38 19.85
CA ARG E 229 36.11 1.95 20.87
C ARG E 229 37.25 2.77 20.28
N ALA E 230 37.61 2.54 19.02
CA ALA E 230 38.75 3.19 18.41
C ALA E 230 38.35 4.53 17.79
N PHE E 231 37.75 5.38 18.60
CA PHE E 231 37.31 6.70 18.16
C PHE E 231 37.33 7.66 19.32
N ASN E 232 37.84 8.86 19.09
CA ASN E 232 37.85 9.93 20.07
C ASN E 232 37.00 11.08 19.55
N PRO E 233 36.08 11.62 20.36
CA PRO E 233 35.22 12.70 19.87
C PRO E 233 35.98 13.93 19.42
N THR E 234 37.12 14.22 20.01
CA THR E 234 37.87 15.44 19.74
C THR E 234 38.97 15.24 18.71
N GLN E 235 39.12 14.05 18.14
CA GLN E 235 40.18 13.84 17.15
C GLN E 235 39.90 14.65 15.89
N ALA E 236 40.98 15.01 15.19
CA ALA E 236 40.88 15.83 13.99
C ALA E 236 40.89 15.01 12.71
N GLU E 237 41.63 13.90 12.68
CA GLU E 237 41.68 13.09 11.47
C GLU E 237 40.35 12.38 11.25
N GLU E 238 40.01 12.19 9.97
CA GLU E 238 38.78 11.51 9.62
C GLU E 238 38.87 10.05 9.99
N THR E 239 37.76 9.49 10.49
CA THR E 239 37.76 8.12 10.96
C THR E 239 37.61 7.10 9.85
N TYR E 240 37.31 7.52 8.62
CA TYR E 240 37.19 6.60 7.50
C TYR E 240 37.88 7.19 6.28
N SER E 241 38.30 6.31 5.38
CA SER E 241 39.05 6.70 4.20
C SER E 241 38.10 7.17 3.12
N MET E 242 38.16 8.46 2.79
CA MET E 242 37.32 8.97 1.70
C MET E 242 37.84 8.49 0.35
N VAL E 243 39.16 8.37 0.20
CA VAL E 243 39.73 7.92 -1.07
C VAL E 243 39.30 6.50 -1.38
N THR E 244 39.37 5.61 -0.38
CA THR E 244 38.99 4.22 -0.59
C THR E 244 37.51 4.11 -0.95
N ALA E 245 36.65 4.85 -0.25
CA ALA E 245 35.23 4.82 -0.55
C ALA E 245 34.96 5.33 -1.96
N ASN E 246 35.61 6.42 -2.35
CA ASN E 246 35.41 6.97 -3.68
C ASN E 246 35.85 5.97 -4.75
N ARG E 247 37.00 5.34 -4.56
CA ARG E 247 37.47 4.34 -5.53
C ARG E 247 36.51 3.17 -5.60
N PHE E 248 36.07 2.67 -4.44
CA PHE E 248 35.17 1.53 -4.42
C PHE E 248 33.89 1.81 -5.18
N TRP E 249 33.24 2.93 -4.88
CA TRP E 249 31.97 3.21 -5.53
C TRP E 249 32.17 3.61 -6.99
N SER E 250 33.34 4.16 -7.33
CA SER E 250 33.59 4.47 -8.73
C SER E 250 33.71 3.20 -9.55
N GLN E 251 34.34 2.17 -8.99
CA GLN E 251 34.49 0.93 -9.74
C GLN E 251 33.28 0.01 -9.65
N ILE E 252 32.48 0.14 -8.60
CA ILE E 252 31.27 -0.68 -8.48
C ILE E 252 30.11 -0.06 -9.24
N PHE E 253 29.84 1.21 -8.98
CA PHE E 253 28.64 1.88 -9.48
C PHE E 253 28.89 2.75 -10.70
N GLY E 254 30.10 3.26 -10.87
CA GLY E 254 30.40 4.12 -12.00
C GLY E 254 30.71 5.55 -11.61
N VAL E 255 29.93 6.09 -10.67
CA VAL E 255 30.15 7.42 -10.15
C VAL E 255 30.19 7.35 -8.63
N ALA E 256 30.86 8.31 -8.03
CA ALA E 256 31.02 8.31 -6.58
C ALA E 256 31.31 9.72 -6.10
N PHE E 257 30.89 10.00 -4.86
CA PHE E 257 31.18 11.28 -4.26
C PHE E 257 32.68 11.47 -4.06
N SER E 258 33.11 12.72 -4.16
CA SER E 258 34.48 13.08 -3.84
C SER E 258 34.55 14.27 -2.89
N ASN E 259 33.41 14.71 -2.37
CA ASN E 259 33.34 15.89 -1.52
C ASN E 259 32.39 15.58 -0.37
N LYS E 260 32.91 15.63 0.86
CA LYS E 260 32.08 15.31 2.01
C LYS E 260 30.94 16.31 2.17
N ARG E 261 31.24 17.61 1.98
CA ARG E 261 30.21 18.62 2.11
C ARG E 261 29.09 18.39 1.11
N TRP E 262 29.45 18.11 -0.14
CA TRP E 262 28.43 17.84 -1.16
C TRP E 262 27.65 16.58 -0.83
N LEU E 263 28.33 15.55 -0.33
CA LEU E 263 27.63 14.32 0.03
C LEU E 263 26.57 14.57 1.08
N HIS E 264 26.94 15.26 2.15
CA HIS E 264 25.98 15.47 3.23
C HIS E 264 24.91 16.48 2.84
N PHE E 265 25.24 17.45 1.99
CA PHE E 265 24.20 18.33 1.48
C PHE E 265 23.21 17.56 0.62
N PHE E 266 23.70 16.59 -0.16
CA PHE E 266 22.80 15.77 -0.95
C PHE E 266 21.90 14.94 -0.07
N MET E 267 22.46 14.38 1.01
CA MET E 267 21.66 13.62 1.97
C MET E 267 20.56 14.49 2.57
N LEU E 268 20.89 15.74 2.89
CA LEU E 268 19.86 16.66 3.38
C LEU E 268 18.87 17.01 2.29
N PHE E 269 19.34 17.16 1.06
CA PHE E 269 18.55 17.74 -0.02
C PHE E 269 17.47 16.79 -0.55
N VAL E 270 17.80 15.51 -0.69
CA VAL E 270 16.88 14.60 -1.38
C VAL E 270 15.54 14.47 -0.65
N PRO E 271 15.49 14.12 0.63
CA PRO E 271 14.18 13.95 1.27
C PRO E 271 13.36 15.23 1.36
N VAL E 272 14.01 16.37 1.56
CA VAL E 272 13.29 17.63 1.67
C VAL E 272 12.59 17.95 0.36
N THR E 273 13.30 17.80 -0.75
CA THR E 273 12.70 18.04 -2.06
C THR E 273 11.57 17.06 -2.33
N GLY E 274 11.76 15.78 -1.98
CA GLY E 274 10.70 14.82 -2.17
C GLY E 274 9.44 15.20 -1.42
N LEU E 275 9.59 15.56 -0.14
CA LEU E 275 8.42 15.90 0.65
C LEU E 275 7.76 17.18 0.15
N TRP E 276 8.55 18.16 -0.30
CA TRP E 276 7.94 19.39 -0.81
C TRP E 276 7.16 19.14 -2.09
N MET E 277 7.68 18.30 -2.99
CA MET E 277 6.93 17.95 -4.18
C MET E 277 5.63 17.23 -3.84
N SER E 278 5.70 16.30 -2.89
CA SER E 278 4.48 15.63 -2.45
C SER E 278 3.48 16.62 -1.87
N ALA E 279 3.96 17.62 -1.14
CA ALA E 279 3.07 18.63 -0.58
C ALA E 279 2.38 19.44 -1.68
N LEU E 280 3.11 19.81 -2.72
CA LEU E 280 2.48 20.50 -3.85
C LEU E 280 1.41 19.64 -4.49
N GLY E 281 1.69 18.35 -4.67
CA GLY E 281 0.69 17.45 -5.21
C GLY E 281 -0.54 17.37 -4.33
N VAL E 282 -0.35 17.35 -3.01
CA VAL E 282 -1.48 17.28 -2.10
C VAL E 282 -2.30 18.56 -2.17
N VAL E 283 -1.66 19.71 -2.37
CA VAL E 283 -2.43 20.94 -2.59
C VAL E 283 -3.30 20.79 -3.83
N GLY E 284 -2.71 20.28 -4.91
CA GLY E 284 -3.48 20.06 -6.11
C GLY E 284 -4.68 19.15 -5.87
N LEU E 285 -4.49 18.10 -5.07
CA LEU E 285 -5.60 17.23 -4.71
C LEU E 285 -6.63 17.94 -3.85
N ALA E 286 -6.17 18.82 -2.95
CA ALA E 286 -7.08 19.61 -2.15
C ALA E 286 -8.04 20.38 -3.02
N LEU E 287 -7.57 20.83 -4.17
CA LEU E 287 -8.47 21.45 -5.13
C LEU E 287 -9.14 20.46 -6.07
N ASN E 288 -8.93 19.17 -5.86
CA ASN E 288 -9.41 18.11 -6.75
C ASN E 288 -8.83 18.24 -8.15
N LEU E 289 -7.67 18.86 -8.29
CA LEU E 289 -6.93 18.85 -9.56
C LEU E 289 -6.06 17.60 -9.60
N ARG E 290 -6.73 16.47 -9.71
CA ARG E 290 -6.10 15.17 -9.64
C ARG E 290 -5.64 14.74 -11.03
N ALA E 291 -4.48 14.07 -11.07
CA ALA E 291 -4.00 13.44 -12.30
C ALA E 291 -4.65 12.07 -12.46
N TYR E 292 -5.97 12.09 -12.64
CA TYR E 292 -6.75 10.86 -12.55
C TYR E 292 -6.56 9.98 -13.77
N ASP E 293 -6.59 10.57 -14.96
CA ASP E 293 -6.71 9.77 -16.17
C ASP E 293 -5.83 10.31 -17.29
N PHE E 294 -5.48 9.43 -18.21
CA PHE E 294 -4.91 9.80 -19.51
C PHE E 294 -6.04 9.73 -20.51
N VAL E 295 -6.48 10.89 -20.99
CA VAL E 295 -7.70 10.96 -21.79
C VAL E 295 -7.52 10.20 -23.10
N SER E 296 -6.31 10.20 -23.67
CA SER E 296 -6.08 9.47 -24.90
C SER E 296 -6.37 7.98 -24.74
N GLN E 297 -5.90 7.38 -23.65
CA GLN E 297 -6.13 5.96 -23.43
C GLN E 297 -7.59 5.67 -23.13
N GLU E 298 -8.26 6.54 -22.39
CA GLU E 298 -9.68 6.34 -22.14
C GLU E 298 -10.48 6.39 -23.45
N ILE E 299 -10.16 7.34 -24.31
CA ILE E 299 -10.85 7.46 -25.59
C ILE E 299 -10.57 6.24 -26.45
N ARG E 300 -9.31 5.78 -26.49
CA ARG E 300 -8.98 4.61 -27.28
C ARG E 300 -9.71 3.37 -26.77
N ALA E 301 -9.77 3.19 -25.45
CA ALA E 301 -10.48 2.06 -24.89
C ALA E 301 -11.97 2.14 -25.19
N ALA E 302 -12.54 3.34 -25.14
CA ALA E 302 -13.95 3.50 -25.47
C ALA E 302 -14.21 3.12 -26.92
N GLU E 303 -13.33 3.53 -27.83
CA GLU E 303 -13.49 3.18 -29.23
C GLU E 303 -13.09 1.73 -29.51
N ASP E 304 -12.10 1.22 -28.80
CA ASP E 304 -11.57 -0.13 -29.05
C ASP E 304 -11.86 -1.03 -27.85
N PRO E 305 -12.83 -1.93 -27.95
CA PRO E 305 -13.25 -2.69 -26.76
C PRO E 305 -12.26 -3.78 -26.35
N GLU E 306 -11.09 -3.84 -26.96
CA GLU E 306 -10.11 -4.87 -26.63
C GLU E 306 -8.75 -4.29 -26.25
N PHE E 307 -8.63 -2.98 -26.16
CA PHE E 307 -7.39 -2.35 -25.74
C PHE E 307 -7.38 -2.26 -24.22
N GLU E 308 -6.37 -2.87 -23.59
CA GLU E 308 -6.27 -2.89 -22.14
C GLU E 308 -4.83 -2.68 -21.71
N THR E 309 -4.66 -1.86 -20.68
CA THR E 309 -3.37 -1.63 -20.06
C THR E 309 -3.54 -1.69 -18.54
N PHE E 310 -2.42 -1.69 -17.82
CA PHE E 310 -2.50 -1.70 -16.36
C PHE E 310 -3.16 -0.43 -15.84
N TYR E 311 -3.10 0.65 -16.60
CA TYR E 311 -3.76 1.88 -16.19
C TYR E 311 -5.28 1.71 -16.15
N THR E 312 -5.86 1.06 -17.16
CA THR E 312 -7.30 0.83 -17.15
C THR E 312 -7.72 -0.07 -16.00
N LYS E 313 -6.91 -1.09 -15.71
CA LYS E 313 -7.20 -1.95 -14.58
C LYS E 313 -7.15 -1.17 -13.27
N ASN E 314 -6.19 -0.25 -13.14
CA ASN E 314 -6.15 0.60 -11.96
C ASN E 314 -7.39 1.48 -11.88
N ILE E 315 -7.88 1.97 -13.01
CA ILE E 315 -9.09 2.77 -13.00
C ILE E 315 -10.27 1.94 -12.49
N LEU E 316 -10.37 0.70 -12.95
CA LEU E 316 -11.43 -0.18 -12.47
C LEU E 316 -11.32 -0.41 -10.97
N LEU E 317 -10.09 -0.61 -10.48
CA LEU E 317 -9.89 -0.79 -9.05
C LEU E 317 -10.34 0.46 -8.27
N ASN E 318 -10.00 1.64 -8.78
CA ASN E 318 -10.43 2.87 -8.12
C ASN E 318 -11.95 2.96 -8.09
N GLU E 319 -12.60 2.58 -9.18
CA GLU E 319 -14.05 2.61 -9.24
C GLU E 319 -14.65 1.68 -8.19
N GLY E 320 -14.09 0.48 -8.07
CA GLY E 320 -14.57 -0.42 -7.03
C GLY E 320 -14.39 0.13 -5.63
N ILE E 321 -13.22 0.71 -5.37
CA ILE E 321 -12.96 1.30 -4.05
C ILE E 321 -14.00 2.36 -3.73
N ARG E 322 -14.21 3.28 -4.67
CA ARG E 322 -15.16 4.37 -4.43
C ARG E 322 -16.54 3.81 -4.14
N ALA E 323 -17.03 2.91 -5.00
CA ALA E 323 -18.40 2.44 -4.87
C ALA E 323 -18.60 1.69 -3.56
N TRP E 324 -17.64 0.84 -3.18
CA TRP E 324 -17.83 0.01 -2.00
C TRP E 324 -17.46 0.71 -0.70
N MET E 325 -16.77 1.85 -0.75
CA MET E 325 -16.43 2.55 0.46
C MET E 325 -17.31 3.78 0.71
N ALA E 326 -18.02 4.26 -0.31
CA ALA E 326 -18.77 5.50 -0.15
C ALA E 326 -19.86 5.37 0.91
N ALA E 327 -20.56 4.25 0.95
CA ALA E 327 -21.75 4.14 1.77
C ALA E 327 -21.44 4.33 3.25
N GLN E 328 -20.36 3.72 3.73
CA GLN E 328 -20.02 3.79 5.14
C GLN E 328 -18.94 4.79 5.46
N ASP E 329 -18.13 5.19 4.49
CA ASP E 329 -17.08 6.17 4.75
C ASP E 329 -17.63 7.57 4.88
N GLN E 330 -18.73 7.88 4.18
CA GLN E 330 -19.32 9.21 4.16
C GLN E 330 -20.77 9.09 4.56
N PRO E 331 -21.04 8.92 5.86
CA PRO E 331 -22.43 8.71 6.30
C PRO E 331 -23.35 9.88 6.00
N HIS E 332 -22.80 11.09 5.93
CA HIS E 332 -23.63 12.26 5.69
C HIS E 332 -24.29 12.21 4.31
N GLU E 333 -23.69 11.48 3.36
CA GLU E 333 -24.28 11.36 2.05
C GLU E 333 -25.55 10.50 2.06
N LYS E 334 -25.70 9.63 3.07
CA LYS E 334 -26.85 8.74 3.17
C LYS E 334 -27.04 7.92 1.90
N LEU E 335 -25.97 7.24 1.49
CA LEU E 335 -25.96 6.47 0.25
C LEU E 335 -26.46 5.06 0.54
N THR E 336 -27.74 4.82 0.24
CA THR E 336 -28.32 3.48 0.37
C THR E 336 -28.30 2.79 -1.00
N LEU E 337 -27.10 2.50 -1.45
CA LEU E 337 -26.91 1.88 -2.75
C LEU E 337 -27.35 0.42 -2.71
N PRO E 338 -28.29 0.00 -3.56
CA PRO E 338 -28.60 -1.42 -3.66
C PRO E 338 -27.43 -2.21 -4.21
N GLU E 339 -27.37 -3.49 -3.83
CA GLU E 339 -26.22 -4.31 -4.20
C GLU E 339 -26.08 -4.49 -5.70
N GLU E 340 -27.13 -4.20 -6.47
CA GLU E 340 -27.07 -4.41 -7.91
C GLU E 340 -26.38 -3.26 -8.66
N VAL E 341 -26.19 -2.11 -8.01
CA VAL E 341 -25.51 -1.00 -8.67
C VAL E 341 -24.02 -0.96 -8.35
N LEU E 342 -23.57 -1.70 -7.36
CA LEU E 342 -22.16 -1.72 -7.03
C LEU E 342 -21.39 -2.48 -8.09
N PRO E 343 -20.36 -1.87 -8.71
CA PRO E 343 -19.57 -2.60 -9.70
C PRO E 343 -18.91 -3.82 -9.07
N ARG E 344 -18.82 -4.89 -9.85
CA ARG E 344 -18.37 -6.17 -9.32
C ARG E 344 -17.92 -7.04 -10.47
N GLY E 345 -16.88 -7.83 -10.25
CA GLY E 345 -16.38 -8.75 -11.25
C GLY E 345 -17.27 -9.96 -11.41
N ASN E 346 -16.66 -11.08 -11.74
CA ASN E 346 -17.38 -12.34 -11.94
C ASN E 346 -17.07 -13.29 -10.79
N ALA E 347 -18.13 -13.80 -10.16
CA ALA E 347 -18.03 -14.84 -9.15
C ALA E 347 -17.14 -14.42 -7.99
N LEU E 348 -17.31 -13.20 -7.53
CA LEU E 348 -16.48 -12.68 -6.44
C LEU E 348 -17.25 -11.67 -5.61
N GLU F 1 21.85 18.97 38.86
CA GLU F 1 20.97 17.82 38.70
C GLU F 1 21.66 16.52 39.06
N ARG F 2 21.06 15.76 39.97
CA ARG F 2 21.59 14.47 40.34
C ARG F 2 21.47 13.50 39.17
N PRO F 3 22.48 12.65 38.94
CA PRO F 3 22.36 11.66 37.88
C PRO F 3 21.19 10.71 38.13
N PHE F 4 20.59 10.23 37.04
CA PHE F 4 19.43 9.36 37.16
C PHE F 4 19.77 8.05 37.88
N SER F 5 20.99 7.54 37.71
CA SER F 5 21.36 6.30 38.38
C SER F 5 21.34 6.48 39.90
N ASP F 6 21.86 7.60 40.39
CA ASP F 6 21.87 7.84 41.83
C ASP F 6 20.46 7.91 42.40
N ILE F 7 19.55 8.58 41.69
CA ILE F 7 18.18 8.70 42.17
C ILE F 7 17.48 7.34 42.13
N LEU F 8 17.60 6.65 40.99
CA LEU F 8 16.89 5.37 40.83
C LEU F 8 17.43 4.29 41.74
N THR F 9 18.69 4.38 42.15
CA THR F 9 19.24 3.43 43.12
C THR F 9 19.12 3.90 44.56
N SER F 10 18.57 5.09 44.79
CA SER F 10 18.40 5.58 46.15
C SER F 10 17.16 4.96 46.78
N ILE F 11 17.31 4.49 48.01
CA ILE F 11 16.19 3.90 48.72
C ILE F 11 15.12 4.94 49.01
N ARG F 12 15.54 6.18 49.28
CA ARG F 12 14.58 7.24 49.60
C ARG F 12 13.59 7.46 48.46
N TYR F 13 14.08 7.46 47.22
CA TYR F 13 13.19 7.63 46.08
C TYR F 13 12.14 6.53 46.02
N TRP F 14 12.56 5.29 46.25
CA TRP F 14 11.63 4.16 46.16
C TRP F 14 10.63 4.17 47.30
N VAL F 15 11.06 4.51 48.51
CA VAL F 15 10.09 4.55 49.61
C VAL F 15 9.13 5.72 49.43
N ILE F 16 9.57 6.79 48.77
CA ILE F 16 8.66 7.90 48.49
C ILE F 16 7.64 7.50 47.42
N HIS F 17 8.09 6.81 46.37
CA HIS F 17 7.23 6.54 45.23
C HIS F 17 6.41 5.26 45.37
N SER F 18 6.75 4.38 46.30
CA SER F 18 6.01 3.12 46.42
C SER F 18 4.62 3.31 46.98
N ILE F 19 4.29 4.49 47.49
CA ILE F 19 2.93 4.79 47.93
C ILE F 19 2.22 5.76 47.00
N THR F 20 2.90 6.28 45.99
CA THR F 20 2.33 7.21 45.04
C THR F 20 2.10 6.61 43.66
N VAL F 21 3.05 5.83 43.15
CA VAL F 21 2.82 5.13 41.88
C VAL F 21 1.62 4.18 41.99
N PRO F 22 1.53 3.30 42.99
CA PRO F 22 0.31 2.52 43.15
C PRO F 22 -0.91 3.38 43.39
N SER F 23 -0.76 4.52 44.06
CA SER F 23 -1.91 5.39 44.27
C SER F 23 -2.45 5.92 42.94
N LEU F 24 -1.56 6.34 42.04
CA LEU F 24 -2.02 6.77 40.72
C LEU F 24 -2.64 5.62 39.94
N PHE F 25 -2.03 4.43 40.00
CA PHE F 25 -2.57 3.29 39.28
C PHE F 25 -3.97 2.94 39.78
N ILE F 26 -4.15 2.91 41.10
CA ILE F 26 -5.45 2.62 41.68
C ILE F 26 -6.44 3.72 41.37
N ALA F 27 -5.98 4.96 41.31
CA ALA F 27 -6.85 6.06 40.92
C ALA F 27 -7.38 5.86 39.51
N GLY F 28 -6.51 5.44 38.59
CA GLY F 28 -6.96 5.17 37.23
C GLY F 28 -7.93 4.00 37.15
N TRP F 29 -7.64 2.93 37.88
CA TRP F 29 -8.54 1.79 37.91
C TRP F 29 -9.91 2.19 38.45
N LEU F 30 -9.94 2.98 39.53
CA LEU F 30 -11.19 3.45 40.08
C LEU F 30 -11.91 4.37 39.09
N PHE F 31 -11.15 5.20 38.39
CA PHE F 31 -11.75 6.10 37.40
C PHE F 31 -12.48 5.32 36.33
N VAL F 32 -11.87 4.24 35.85
CA VAL F 32 -12.55 3.43 34.84
C VAL F 32 -13.73 2.67 35.46
N SER F 33 -13.52 2.03 36.60
CA SER F 33 -14.51 1.09 37.13
C SER F 33 -15.75 1.81 37.63
N THR F 34 -15.58 2.94 38.29
CA THR F 34 -16.73 3.64 38.87
C THR F 34 -17.59 4.33 37.83
N GLY F 35 -17.35 4.15 36.54
CA GLY F 35 -18.17 4.78 35.52
C GLY F 35 -17.91 6.26 35.33
N LEU F 36 -16.90 6.82 35.96
CA LEU F 36 -16.59 8.23 35.78
C LEU F 36 -16.11 8.52 34.37
N ALA F 37 -15.36 7.59 33.76
CA ALA F 37 -14.81 7.83 32.43
C ALA F 37 -15.93 8.04 31.41
N TYR F 38 -16.93 7.17 31.42
CA TYR F 38 -18.08 7.36 30.54
C TYR F 38 -18.78 8.68 30.85
N ASP F 39 -18.90 9.00 32.14
CA ASP F 39 -19.66 10.18 32.54
C ASP F 39 -19.02 11.46 32.03
N VAL F 40 -17.69 11.55 32.09
CA VAL F 40 -17.02 12.80 31.74
C VAL F 40 -16.66 12.86 30.27
N PHE F 41 -16.21 11.75 29.67
CA PHE F 41 -15.79 11.80 28.28
C PHE F 41 -16.88 11.43 27.29
N GLY F 42 -18.04 11.00 27.76
CA GLY F 42 -19.20 10.85 26.90
C GLY F 42 -19.21 9.65 26.00
N SER F 43 -18.25 8.74 26.12
CA SER F 43 -18.30 7.51 25.33
C SER F 43 -19.43 6.63 25.85
N PRO F 44 -20.33 6.17 24.98
CA PRO F 44 -21.47 5.38 25.45
C PRO F 44 -21.04 4.02 25.96
N ARG F 45 -21.77 3.53 26.95
CA ARG F 45 -21.55 2.20 27.49
C ARG F 45 -21.98 1.14 26.49
N PRO F 46 -21.54 -0.10 26.65
CA PRO F 46 -21.88 -1.13 25.67
C PRO F 46 -23.38 -1.34 25.49
N ASN F 47 -24.20 -0.93 26.46
CA ASN F 47 -25.64 -1.07 26.37
C ASN F 47 -26.33 0.24 26.02
N GLU F 48 -25.59 1.24 25.55
CA GLU F 48 -26.15 2.56 25.30
C GLU F 48 -25.89 3.05 23.88
N TYR F 49 -25.33 2.22 23.01
CA TYR F 49 -25.05 2.66 21.65
C TYR F 49 -26.33 2.92 20.87
N PHE F 50 -27.34 2.09 21.05
CA PHE F 50 -28.59 2.21 20.33
C PHE F 50 -29.74 2.44 21.30
N THR F 51 -30.62 3.38 20.96
CA THR F 51 -31.76 3.73 21.78
C THR F 51 -32.99 2.95 21.32
N GLU F 52 -34.15 3.33 21.84
CA GLU F 52 -35.40 2.68 21.46
C GLU F 52 -35.71 2.91 19.98
N ASP F 53 -35.64 4.16 19.54
CA ASP F 53 -36.00 4.48 18.16
C ASP F 53 -34.80 4.49 17.23
N ARG F 54 -33.62 4.90 17.72
CA ARG F 54 -32.42 4.92 16.89
C ARG F 54 -31.78 3.54 16.96
N GLN F 55 -31.98 2.74 15.92
CA GLN F 55 -31.38 1.42 15.83
C GLN F 55 -30.20 1.38 14.87
N ASP F 56 -29.72 2.55 14.44
CA ASP F 56 -28.57 2.65 13.56
C ASP F 56 -27.59 3.67 14.13
N ALA F 57 -26.51 3.91 13.40
CA ALA F 57 -25.51 4.86 13.85
C ALA F 57 -26.06 6.28 13.81
N PRO F 58 -25.68 7.14 14.74
CA PRO F 58 -26.18 8.52 14.73
C PRO F 58 -25.48 9.37 13.68
N LEU F 59 -26.12 10.49 13.35
CA LEU F 59 -25.61 11.44 12.38
C LEU F 59 -25.86 12.85 12.89
N ILE F 60 -24.81 13.66 12.94
CA ILE F 60 -24.93 15.00 13.54
C ILE F 60 -25.78 15.91 12.68
N THR F 61 -25.53 15.91 11.37
CA THR F 61 -26.32 16.61 10.35
C THR F 61 -26.84 17.99 10.76
N ASP F 62 -26.04 18.77 11.48
CA ASP F 62 -26.43 20.15 11.78
C ASP F 62 -25.22 20.92 12.29
N ARG F 63 -25.07 22.15 11.82
CA ARG F 63 -23.94 22.98 12.22
C ARG F 63 -24.19 23.66 13.56
N PHE F 64 -25.18 24.55 13.61
CA PHE F 64 -25.66 25.09 14.87
C PHE F 64 -26.75 24.19 15.41
N ASN F 65 -27.13 24.41 16.66
CA ASN F 65 -28.00 23.50 17.40
C ASN F 65 -27.42 22.09 17.45
N ALA F 66 -26.15 21.92 17.09
CA ALA F 66 -25.52 20.61 17.18
C ALA F 66 -25.43 20.13 18.62
N LEU F 67 -25.40 21.06 19.58
CA LEU F 67 -25.45 20.67 20.98
C LEU F 67 -26.74 19.91 21.29
N GLU F 68 -27.89 20.48 20.90
CA GLU F 68 -29.15 19.81 21.15
C GLU F 68 -29.25 18.50 20.39
N GLN F 69 -28.76 18.48 19.15
CA GLN F 69 -28.82 17.26 18.36
C GLN F 69 -28.00 16.15 18.99
N VAL F 70 -26.77 16.45 19.40
CA VAL F 70 -25.95 15.41 20.00
C VAL F 70 -26.48 15.04 21.38
N LYS F 71 -27.15 15.95 22.07
CA LYS F 71 -27.71 15.63 23.37
C LYS F 71 -28.90 14.69 23.23
N LYS F 72 -29.75 14.91 22.24
CA LYS F 72 -30.89 14.01 22.04
C LYS F 72 -30.47 12.71 21.37
N LEU F 73 -29.38 12.70 20.61
CA LEU F 73 -28.87 11.46 20.05
C LEU F 73 -28.13 10.63 21.08
N SER F 74 -27.50 11.26 22.05
CA SER F 74 -26.75 10.53 23.06
C SER F 74 -27.70 9.86 24.06
N ALA F 75 -27.14 8.94 24.83
CA ALA F 75 -27.93 8.19 25.80
C ALA F 75 -28.51 9.13 26.85
N GLN F 76 -29.78 8.92 27.18
CA GLN F 76 -30.45 9.75 28.17
C GLN F 76 -30.63 8.99 29.47
N ILE G 1 13.55 20.08 45.74
CA ILE G 1 13.96 19.87 44.36
C ILE G 1 13.11 20.73 43.44
N PHE G 2 11.98 20.17 42.99
CA PHE G 2 11.00 20.85 42.13
C PHE G 2 11.67 21.74 41.09
N THR G 3 12.58 21.13 40.32
CA THR G 3 13.29 21.82 39.27
C THR G 3 12.55 21.65 37.95
N VAL G 4 13.11 22.22 36.88
CA VAL G 4 12.50 22.10 35.56
C VAL G 4 12.48 20.64 35.12
N ARG G 5 13.57 19.91 35.36
CA ARG G 5 13.60 18.50 35.01
C ARG G 5 12.58 17.70 35.81
N TRP G 6 12.34 18.08 37.07
CA TRP G 6 11.32 17.43 37.87
C TRP G 6 9.95 17.59 37.22
N LEU G 7 9.61 18.81 36.82
CA LEU G 7 8.33 19.05 36.15
C LEU G 7 8.26 18.29 34.83
N ALA G 8 9.35 18.27 34.07
CA ALA G 8 9.34 17.59 32.78
C ALA G 8 9.14 16.09 32.95
N ILE G 9 9.71 15.51 34.01
CA ILE G 9 9.52 14.09 34.26
C ILE G 9 8.08 13.82 34.74
N HIS G 10 7.58 14.64 35.65
CA HIS G 10 6.29 14.36 36.26
C HIS G 10 5.11 14.76 35.39
N ALA G 11 5.32 15.57 34.37
CA ALA G 11 4.22 15.90 33.46
C ALA G 11 3.91 14.73 32.54
N ILE G 12 4.88 13.84 32.32
CA ILE G 12 4.71 12.68 31.46
C ILE G 12 4.68 11.39 32.25
N ALA G 13 4.75 11.45 33.58
CA ALA G 13 4.76 10.25 34.40
C ALA G 13 3.43 10.03 35.12
N VAL G 14 2.95 11.03 35.85
CA VAL G 14 1.68 10.88 36.56
C VAL G 14 0.53 10.60 35.61
N PRO G 15 0.31 11.38 34.54
CA PRO G 15 -0.72 10.99 33.58
C PRO G 15 -0.47 9.63 32.96
N THR G 16 0.79 9.28 32.71
CA THR G 16 1.08 7.98 32.12
C THR G 16 0.64 6.85 33.04
N ILE G 17 0.95 6.95 34.33
CA ILE G 17 0.57 5.89 35.25
C ILE G 17 -0.95 5.84 35.42
N PHE G 18 -1.59 7.01 35.50
CA PHE G 18 -3.04 7.04 35.59
C PHE G 18 -3.69 6.36 34.39
N PHE G 19 -3.19 6.65 33.19
CA PHE G 19 -3.75 6.04 31.99
C PHE G 19 -3.42 4.56 31.90
N LEU G 20 -2.25 4.15 32.38
CA LEU G 20 -1.94 2.72 32.42
C LEU G 20 -2.91 1.98 33.33
N GLY G 21 -3.21 2.56 34.49
CA GLY G 21 -4.22 1.97 35.36
C GLY G 21 -5.58 1.92 34.70
N ALA G 22 -5.96 2.99 34.01
CA ALA G 22 -7.24 3.03 33.33
C ALA G 22 -7.34 1.94 32.27
N ILE G 23 -6.29 1.78 31.46
CA ILE G 23 -6.31 0.79 30.38
C ILE G 23 -6.30 -0.61 30.97
N THR G 24 -5.55 -0.84 32.04
CA THR G 24 -5.57 -2.13 32.68
C THR G 24 -6.96 -2.48 33.18
N ALA G 25 -7.65 -1.50 33.79
CA ALA G 25 -9.02 -1.74 34.22
C ALA G 25 -9.93 -2.02 33.04
N MET G 26 -9.73 -1.31 31.92
CA MET G 26 -10.50 -1.58 30.71
C MET G 26 -10.32 -3.02 30.24
N GLN G 27 -9.13 -3.58 30.45
CA GLN G 27 -8.86 -4.93 29.96
C GLN G 27 -9.79 -5.97 30.57
N PHE G 28 -10.45 -5.66 31.69
CA PHE G 28 -11.31 -6.60 32.40
C PHE G 28 -12.77 -6.17 32.41
N ILE G 29 -13.26 -5.71 31.26
CA ILE G 29 -14.66 -5.32 31.08
C ILE G 29 -15.35 -6.38 30.24
N GLN G 30 -16.55 -6.77 30.67
CA GLN G 30 -17.40 -7.69 29.92
C GLN G 30 -18.54 -6.90 29.29
N ARG G 31 -18.75 -7.09 28.00
CA ARG G 31 -19.80 -6.38 27.28
C ARG G 31 -21.19 -6.78 27.75
N GLU H 1 35.63 56.31 -6.12
CA GLU H 1 35.20 57.44 -6.92
C GLU H 1 34.03 58.17 -6.25
N PRO H 2 33.95 59.48 -6.44
CA PRO H 2 32.89 60.26 -5.78
C PRO H 2 31.48 59.81 -6.11
N GLY H 3 31.23 59.36 -7.32
CA GLY H 3 29.91 58.94 -7.74
C GLY H 3 29.33 59.89 -8.77
N ILE H 4 28.02 59.75 -9.00
CA ILE H 4 27.29 60.53 -9.97
C ILE H 4 26.36 61.49 -9.23
N VAL H 5 26.42 62.77 -9.58
CA VAL H 5 25.56 63.79 -9.00
C VAL H 5 24.54 64.20 -10.05
N THR H 6 23.27 64.12 -9.68
CA THR H 6 22.16 64.43 -10.56
C THR H 6 21.13 65.25 -9.79
N PRO H 7 20.35 66.08 -10.47
CA PRO H 7 19.37 66.91 -9.74
C PRO H 7 18.41 66.11 -8.90
N LEU H 8 17.92 64.98 -9.40
CA LEU H 8 17.03 64.14 -8.60
C LEU H 8 17.75 63.56 -7.41
N GLY H 9 19.00 63.13 -7.58
CA GLY H 9 19.77 62.62 -6.47
C GLY H 9 19.99 63.66 -5.39
N THR H 10 20.33 64.89 -5.79
CA THR H 10 20.49 65.96 -4.82
C THR H 10 19.17 66.25 -4.10
N LEU H 11 18.05 66.22 -4.84
CA LEU H 11 16.76 66.43 -4.22
C LEU H 11 16.45 65.35 -3.20
N LEU H 12 16.74 64.09 -3.52
CA LEU H 12 16.33 62.97 -2.69
C LEU H 12 17.36 62.56 -1.65
N ARG H 13 18.53 63.20 -1.63
CA ARG H 13 19.56 62.87 -0.65
C ARG H 13 19.08 62.88 0.79
N PRO H 14 18.34 63.89 1.28
CA PRO H 14 17.99 63.91 2.71
C PRO H 14 17.21 62.70 3.17
N LEU H 15 16.41 62.09 2.30
CA LEU H 15 15.62 60.92 2.70
C LEU H 15 16.52 59.76 3.09
N ASN H 16 17.58 59.52 2.32
CA ASN H 16 18.52 58.46 2.61
C ASN H 16 19.71 58.93 3.44
N SER H 17 19.71 60.20 3.85
CA SER H 17 20.87 60.74 4.55
C SER H 17 21.10 60.07 5.89
N GLU H 18 20.08 60.01 6.75
CA GLU H 18 20.25 59.54 8.12
C GLU H 18 20.01 58.03 8.21
N ALA H 19 20.99 57.29 7.69
CA ALA H 19 20.95 55.83 7.70
C ALA H 19 21.71 55.31 8.90
N GLY H 20 21.07 54.45 9.69
CA GLY H 20 21.67 53.86 10.86
C GLY H 20 21.29 54.51 12.18
N LYS H 21 20.68 55.69 12.15
CA LYS H 21 20.27 56.35 13.37
C LYS H 21 19.22 55.53 14.10
N VAL H 22 19.40 55.36 15.41
CA VAL H 22 18.51 54.56 16.24
C VAL H 22 18.16 55.35 17.49
N LEU H 23 17.27 54.78 18.30
CA LEU H 23 16.88 55.32 19.58
C LEU H 23 17.41 54.46 20.72
N PRO H 24 17.78 55.06 21.84
CA PRO H 24 18.28 54.28 22.97
C PRO H 24 17.18 53.43 23.59
N GLY H 25 17.60 52.32 24.20
CA GLY H 25 16.65 51.46 24.88
C GLY H 25 15.73 50.74 23.90
N TRP H 26 14.55 50.37 24.40
CA TRP H 26 13.57 49.71 23.57
C TRP H 26 12.71 50.67 22.78
N GLY H 27 12.77 51.97 23.06
CA GLY H 27 12.04 52.95 22.29
C GLY H 27 10.55 52.69 22.35
N THR H 28 9.92 52.63 21.17
CA THR H 28 8.48 52.44 21.05
C THR H 28 8.11 50.98 20.82
N THR H 29 8.89 50.05 21.36
CA THR H 29 8.59 48.64 21.16
C THR H 29 7.34 48.21 21.92
N VAL H 30 7.08 48.83 23.08
CA VAL H 30 5.87 48.48 23.84
C VAL H 30 4.62 48.85 23.06
N LEU H 31 4.61 50.04 22.47
CA LEU H 31 3.47 50.44 21.65
C LEU H 31 3.34 49.54 20.43
N MET H 32 4.46 49.11 19.87
CA MET H 32 4.42 48.14 18.78
C MET H 32 3.76 46.85 19.23
N ALA H 33 4.09 46.39 20.44
CA ALA H 33 3.48 45.17 20.94
C ALA H 33 1.98 45.33 21.14
N VAL H 34 1.55 46.50 21.64
CA VAL H 34 0.13 46.74 21.81
C VAL H 34 -0.58 46.74 20.46
N ALA H 35 0.02 47.38 19.45
CA ALA H 35 -0.58 47.40 18.12
C ALA H 35 -0.66 46.00 17.53
N ILE H 36 0.40 45.20 17.69
CA ILE H 36 0.40 43.84 17.18
C ILE H 36 -0.68 43.02 17.88
N LEU H 37 -0.83 43.22 19.18
CA LEU H 37 -1.87 42.50 19.92
C LEU H 37 -3.25 42.84 19.40
N LEU H 38 -3.53 44.12 19.22
CA LEU H 38 -4.83 44.53 18.70
C LEU H 38 -5.05 43.99 17.30
N PHE H 39 -4.02 43.99 16.47
CA PHE H 39 -4.16 43.48 15.11
C PHE H 39 -4.42 41.97 15.12
N ALA H 40 -3.78 41.25 16.02
CA ALA H 40 -4.06 39.82 16.14
C ALA H 40 -5.49 39.58 16.56
N VAL H 41 -5.99 40.36 17.51
CA VAL H 41 -7.39 40.23 17.93
C VAL H 41 -8.32 40.54 16.77
N PHE H 42 -8.00 41.58 15.99
CA PHE H 42 -8.83 41.95 14.86
C PHE H 42 -8.88 40.85 13.80
N LEU H 43 -7.71 40.30 13.46
CA LEU H 43 -7.67 39.20 12.51
C LEU H 43 -8.42 38.00 13.05
N LEU H 44 -8.34 37.77 14.35
CA LEU H 44 -9.08 36.67 14.96
C LEU H 44 -10.58 36.87 14.80
N ILE H 45 -11.06 38.09 15.01
CA ILE H 45 -12.48 38.38 14.83
C ILE H 45 -12.90 38.12 13.39
N ILE H 46 -12.09 38.59 12.45
CA ILE H 46 -12.44 38.42 11.03
C ILE H 46 -12.48 36.94 10.66
N LEU H 47 -11.46 36.19 11.09
CA LEU H 47 -11.43 34.76 10.79
C LEU H 47 -12.60 34.05 11.45
N GLU H 48 -12.95 34.46 12.67
CA GLU H 48 -14.10 33.87 13.35
C GLU H 48 -15.38 34.10 12.56
N ILE H 49 -15.58 35.33 12.07
CA ILE H 49 -16.81 35.65 11.35
C ILE H 49 -16.88 34.84 10.06
N TYR H 50 -15.78 34.82 9.30
CA TYR H 50 -15.78 34.08 8.04
C TYR H 50 -15.99 32.59 8.28
N ASN H 51 -15.31 32.04 9.29
CA ASN H 51 -15.43 30.63 9.62
C ASN H 51 -16.77 30.28 10.25
N SER H 52 -17.59 31.28 10.57
CA SER H 52 -18.91 31.15 11.20
C SER H 52 -18.82 30.72 12.66
N SER H 53 -17.64 30.73 13.26
CA SER H 53 -17.53 30.48 14.69
C SER H 53 -17.97 31.68 15.52
N LEU H 54 -18.21 32.83 14.90
CA LEU H 54 -18.65 34.04 15.59
C LEU H 54 -19.84 34.60 14.82
N ILE H 55 -21.04 34.19 15.22
CA ILE H 55 -22.26 34.68 14.58
C ILE H 55 -22.53 36.09 15.09
N LEU H 56 -22.79 37.01 14.17
CA LEU H 56 -23.05 38.39 14.51
C LEU H 56 -24.50 38.74 14.20
N ASP H 57 -24.92 39.90 14.71
CA ASP H 57 -26.34 40.26 14.64
C ASP H 57 -26.74 40.64 13.23
N GLY H 58 -25.94 41.44 12.55
CA GLY H 58 -26.24 41.89 11.21
C GLY H 58 -25.46 41.22 10.10
N VAL H 59 -24.75 40.13 10.39
CA VAL H 59 -23.86 39.48 9.44
C VAL H 59 -24.44 38.11 9.08
N THR H 60 -24.63 37.88 7.79
CA THR H 60 -25.18 36.60 7.32
C THR H 60 -24.10 35.62 6.87
N ASN H 61 -22.96 36.12 6.39
CA ASN H 61 -21.84 35.27 5.99
C ASN H 61 -22.28 34.21 4.98
N SER H 62 -22.96 34.67 3.93
CA SER H 62 -23.45 33.78 2.89
C SER H 62 -23.69 34.60 1.63
N TRP H 63 -23.98 33.90 0.53
CA TRP H 63 -24.23 34.58 -0.72
C TRP H 63 -25.47 35.48 -0.66
N GLU H 64 -26.33 35.28 0.34
CA GLU H 64 -27.53 36.11 0.46
C GLU H 64 -27.19 37.55 0.80
N SER H 65 -25.95 37.83 1.24
CA SER H 65 -25.55 39.20 1.51
C SER H 65 -25.51 40.06 0.26
N LEU H 66 -25.40 39.45 -0.92
CA LEU H 66 -25.47 40.21 -2.16
C LEU H 66 -26.82 40.86 -2.35
N ALA H 67 -27.88 40.33 -1.75
CA ALA H 67 -29.22 40.90 -1.88
C ALA H 67 -29.31 42.25 -1.19
N MET I 1 14.61 -24.03 -33.01
CA MET I 1 14.64 -23.71 -31.59
C MET I 1 15.69 -24.55 -30.87
N LEU I 2 16.00 -25.72 -31.43
CA LEU I 2 17.04 -26.55 -30.84
C LEU I 2 18.39 -25.87 -30.92
N THR I 3 18.68 -25.21 -32.05
CA THR I 3 19.96 -24.52 -32.19
C THR I 3 20.09 -23.40 -31.17
N LEU I 4 19.01 -22.65 -30.94
CA LEU I 4 19.05 -21.62 -29.92
C LEU I 4 19.29 -22.22 -28.54
N LYS I 5 18.64 -23.35 -28.24
CA LYS I 5 18.83 -23.97 -26.95
C LYS I 5 20.27 -24.43 -26.75
N ILE I 6 20.85 -25.07 -27.75
CA ILE I 6 22.22 -25.55 -27.59
C ILE I 6 23.19 -24.37 -27.50
N PHE I 7 22.93 -23.30 -28.24
CA PHE I 7 23.76 -22.11 -28.15
C PHE I 7 23.72 -21.51 -26.76
N VAL I 8 22.51 -21.38 -26.19
CA VAL I 8 22.39 -20.81 -24.85
C VAL I 8 23.02 -21.72 -23.82
N TYR I 9 22.87 -23.04 -23.97
CA TYR I 9 23.52 -23.97 -23.06
C TYR I 9 25.03 -23.82 -23.09
N THR I 10 25.59 -23.69 -24.29
CA THR I 10 27.04 -23.49 -24.41
C THR I 10 27.46 -22.20 -23.74
N VAL I 11 26.72 -21.11 -23.96
CA VAL I 11 27.09 -19.82 -23.38
C VAL I 11 27.03 -19.89 -21.86
N VAL I 12 25.94 -20.43 -21.32
CA VAL I 12 25.79 -20.50 -19.87
C VAL I 12 26.86 -21.37 -19.25
N THR I 13 27.13 -22.52 -19.86
CA THR I 13 28.17 -23.41 -19.34
C THR I 13 29.53 -22.72 -19.36
N PHE I 14 29.83 -22.01 -20.45
CA PHE I 14 31.10 -21.29 -20.54
C PHE I 14 31.25 -20.28 -19.41
N PHE I 15 30.23 -19.45 -19.20
CA PHE I 15 30.37 -18.41 -18.18
C PHE I 15 30.39 -19.00 -16.77
N VAL I 16 29.58 -20.02 -16.51
CA VAL I 16 29.57 -20.62 -15.18
C VAL I 16 30.90 -21.32 -14.90
N GLY I 17 31.46 -21.98 -15.92
CA GLY I 17 32.76 -22.59 -15.75
C GLY I 17 33.84 -21.56 -15.47
N LEU I 18 33.78 -20.42 -16.18
CA LEU I 18 34.73 -19.35 -15.89
C LEU I 18 34.60 -18.89 -14.45
N PHE I 19 33.38 -18.71 -13.96
CA PHE I 19 33.17 -18.30 -12.57
C PHE I 19 33.78 -19.32 -11.62
N ILE I 20 33.42 -20.60 -11.79
CA ILE I 20 33.83 -21.64 -10.86
C ILE I 20 35.35 -21.76 -10.83
N PHE I 21 35.98 -21.79 -12.00
CA PHE I 21 37.41 -21.99 -12.08
C PHE I 21 38.21 -20.71 -11.90
N GLY I 22 37.54 -19.56 -11.82
CA GLY I 22 38.24 -18.34 -11.47
C GLY I 22 38.27 -18.16 -9.99
N PHE I 23 37.18 -18.53 -9.32
CA PHE I 23 37.20 -18.46 -7.86
C PHE I 23 38.06 -19.55 -7.24
N LEU I 24 38.46 -20.56 -8.01
CA LEU I 24 39.35 -21.60 -7.49
C LEU I 24 40.82 -21.24 -7.65
N SER I 25 41.15 -20.41 -8.64
CA SER I 25 42.55 -20.14 -8.98
C SER I 25 43.17 -19.19 -7.95
N ASN I 26 43.35 -19.71 -6.74
CA ASN I 26 44.09 -19.04 -5.68
C ASN I 26 43.51 -17.66 -5.37
N ASP I 27 42.19 -17.57 -5.35
CA ASP I 27 41.53 -16.30 -5.08
C ASP I 27 41.85 -15.70 -3.72
N PRO I 28 41.86 -16.44 -2.60
CA PRO I 28 42.07 -15.79 -1.30
C PRO I 28 43.41 -15.07 -1.18
N SER I 29 44.38 -15.37 -2.03
CA SER I 29 45.66 -14.70 -2.01
C SER I 29 45.69 -13.45 -2.89
N ARG I 30 44.55 -13.03 -3.42
CA ARG I 30 44.46 -11.87 -4.29
C ARG I 30 44.03 -10.61 -3.54
N ASN I 31 44.42 -10.49 -2.28
CA ASN I 31 44.13 -9.31 -1.51
C ASN I 31 45.40 -8.51 -1.26
N PRO I 32 45.30 -7.19 -1.08
CA PRO I 32 46.50 -6.39 -0.80
C PRO I 32 47.19 -6.77 0.50
N GLY I 33 46.43 -7.21 1.51
CA GLY I 33 47.01 -7.56 2.79
C GLY I 33 47.89 -8.79 2.75
N THR J 1 24.33 5.73 47.99
CA THR J 1 23.26 5.41 47.04
C THR J 1 23.56 4.12 46.29
N GLY J 2 24.54 3.37 46.79
CA GLY J 2 24.91 2.11 46.18
C GLY J 2 23.95 0.97 46.46
N ARG J 3 23.03 1.14 47.40
CA ARG J 3 22.03 0.12 47.68
C ARG J 3 21.06 0.02 46.52
N ILE J 4 20.35 -1.11 46.46
CA ILE J 4 19.38 -1.37 45.40
C ILE J 4 20.07 -1.20 44.05
N PRO J 5 20.90 -2.15 43.63
CA PRO J 5 21.71 -1.96 42.42
C PRO J 5 20.85 -1.68 41.20
N LEU J 6 21.40 -0.88 40.28
CA LEU J 6 20.62 -0.42 39.14
C LEU J 6 20.15 -1.57 38.25
N TRP J 7 20.95 -2.63 38.14
CA TRP J 7 20.53 -3.77 37.32
C TRP J 7 19.28 -4.43 37.91
N LEU J 8 19.20 -4.51 39.24
CA LEU J 8 18.00 -5.06 39.87
C LEU J 8 16.77 -4.21 39.59
N VAL J 9 16.93 -2.88 39.68
CA VAL J 9 15.82 -1.99 39.37
C VAL J 9 15.39 -2.16 37.93
N GLY J 10 16.35 -2.24 37.01
CA GLY J 10 16.03 -2.42 35.61
C GLY J 10 15.30 -3.73 35.35
N THR J 11 15.77 -4.81 35.98
CA THR J 11 15.12 -6.10 35.80
C THR J 11 13.69 -6.09 36.33
N VAL J 12 13.47 -5.50 37.50
CA VAL J 12 12.12 -5.45 38.06
C VAL J 12 11.20 -4.60 37.20
N VAL J 13 11.69 -3.45 36.74
CA VAL J 13 10.87 -2.58 35.89
C VAL J 13 10.56 -3.27 34.57
N GLY J 14 11.54 -3.96 33.99
CA GLY J 14 11.29 -4.69 32.76
C GLY J 14 10.29 -5.81 32.94
N LEU J 15 10.37 -6.52 34.06
CA LEU J 15 9.39 -7.56 34.35
C LEU J 15 8.00 -6.97 34.46
N LEU J 16 7.87 -5.83 35.14
CA LEU J 16 6.56 -5.18 35.24
C LEU J 16 6.05 -4.74 33.88
N ALA J 17 6.93 -4.19 33.04
CA ALA J 17 6.50 -3.77 31.71
C ALA J 17 6.06 -4.94 30.85
N ILE J 18 6.80 -6.05 30.90
CA ILE J 18 6.41 -7.24 30.14
C ILE J 18 5.09 -7.79 30.67
N GLY J 19 4.90 -7.77 31.99
CA GLY J 19 3.63 -8.20 32.54
C GLY J 19 2.47 -7.33 32.09
N LEU J 20 2.70 -6.02 32.05
CA LEU J 20 1.66 -5.11 31.56
C LEU J 20 1.33 -5.39 30.10
N LEU J 21 2.35 -5.62 29.28
CA LEU J 21 2.11 -5.93 27.88
C LEU J 21 1.33 -7.24 27.72
N ALA J 22 1.68 -8.24 28.54
CA ALA J 22 0.96 -9.50 28.49
C ALA J 22 -0.49 -9.34 28.92
N ILE J 23 -0.73 -8.49 29.92
CA ILE J 23 -2.11 -8.22 30.33
C ILE J 23 -2.87 -7.54 29.20
N PHE J 24 -2.20 -6.64 28.46
CA PHE J 24 -2.85 -5.98 27.34
C PHE J 24 -3.22 -6.98 26.25
N PHE J 25 -2.31 -7.91 25.93
CA PHE J 25 -2.64 -8.93 24.94
C PHE J 25 -3.77 -9.83 25.42
N TYR J 26 -3.75 -10.22 26.70
CA TYR J 26 -4.85 -11.01 27.25
C TYR J 26 -6.17 -10.27 27.07
N GLY J 27 -6.19 -8.98 27.41
CA GLY J 27 -7.40 -8.21 27.21
C GLY J 27 -7.77 -8.07 25.75
N SER J 28 -6.78 -8.17 24.86
CA SER J 28 -7.10 -8.21 23.45
C SER J 28 -7.86 -9.48 23.08
N TYR J 29 -7.57 -10.58 23.76
CA TYR J 29 -8.23 -11.84 23.42
C TYR J 29 -9.54 -12.08 24.18
N VAL J 30 -9.89 -11.26 25.16
CA VAL J 30 -11.11 -11.44 25.94
C VAL J 30 -11.82 -10.12 26.10
N GLY J 31 -13.08 -10.19 26.55
CA GLY J 31 -13.82 -8.98 26.87
C GLY J 31 -14.11 -8.13 25.64
N LEU J 32 -14.09 -6.81 25.82
CA LEU J 32 -14.33 -5.89 24.72
C LEU J 32 -13.23 -6.02 23.66
N GLY J 33 -13.63 -5.96 22.40
CA GLY J 33 -12.69 -6.05 21.31
C GLY J 33 -12.23 -7.45 20.98
N SER J 34 -12.80 -8.47 21.60
CA SER J 34 -12.42 -9.85 21.35
C SER J 34 -13.23 -10.48 20.23
N SER J 35 -14.12 -9.71 19.60
CA SER J 35 -14.92 -10.22 18.45
C SER J 35 -15.93 -11.28 18.91
N LEU J 36 -16.24 -11.34 20.21
CA LEU J 36 -17.25 -12.28 20.69
C LEU J 36 -17.76 -11.85 22.07
N LYS K 1 -5.89 -34.93 25.13
CA LYS K 1 -5.27 -34.26 26.26
C LYS K 1 -4.29 -35.19 26.96
N LEU K 2 -3.75 -34.72 28.08
CA LEU K 2 -2.81 -35.53 28.85
C LEU K 2 -3.53 -36.73 29.44
N PRO K 3 -2.81 -37.82 29.69
CA PRO K 3 -3.41 -38.96 30.39
C PRO K 3 -3.94 -38.54 31.76
N GLU K 4 -4.99 -39.22 32.20
CA GLU K 4 -5.75 -38.78 33.36
C GLU K 4 -4.89 -38.66 34.61
N ALA K 5 -3.79 -39.40 34.68
CA ALA K 5 -2.88 -39.26 35.82
C ALA K 5 -2.25 -37.89 35.87
N TYR K 6 -1.90 -37.33 34.70
CA TYR K 6 -1.18 -36.07 34.62
C TYR K 6 -2.10 -34.88 34.43
N ALA K 7 -3.41 -35.07 34.54
CA ALA K 7 -4.35 -33.95 34.39
C ALA K 7 -4.09 -32.82 35.37
N PRO K 8 -3.87 -33.06 36.67
CA PRO K 8 -3.62 -31.92 37.57
C PRO K 8 -2.40 -31.11 37.22
N PHE K 9 -1.41 -31.69 36.55
CA PHE K 9 -0.19 -30.98 36.18
C PHE K 9 -0.32 -30.22 34.87
N SER K 10 -1.55 -30.04 34.38
CA SER K 10 -1.74 -29.28 33.15
C SER K 10 -1.21 -27.86 33.20
N PRO K 11 -1.39 -27.09 34.30
CA PRO K 11 -0.83 -25.72 34.30
C PRO K 11 0.67 -25.66 34.08
N ILE K 12 1.42 -26.62 34.65
CA ILE K 12 2.86 -26.62 34.46
C ILE K 12 3.21 -26.80 32.99
N VAL K 13 2.51 -27.72 32.32
CA VAL K 13 2.74 -27.94 30.90
C VAL K 13 2.34 -26.72 30.09
N ASP K 14 1.26 -26.04 30.49
CA ASP K 14 0.85 -24.83 29.79
C ASP K 14 1.86 -23.70 29.97
N VAL K 15 2.63 -23.73 31.04
CA VAL K 15 3.63 -22.69 31.25
C VAL K 15 4.99 -23.03 30.64
N LEU K 16 5.32 -24.32 30.52
CA LEU K 16 6.66 -24.73 30.12
C LEU K 16 7.20 -24.10 28.84
N PRO K 17 6.46 -24.01 27.73
CA PRO K 17 7.10 -23.66 26.45
C PRO K 17 7.77 -22.31 26.41
N ILE K 18 7.44 -21.38 27.32
CA ILE K 18 8.01 -20.04 27.25
C ILE K 18 9.38 -19.93 27.90
N ILE K 19 9.88 -21.00 28.50
CA ILE K 19 11.20 -20.94 29.15
C ILE K 19 12.32 -20.66 28.18
N PRO K 20 12.38 -21.28 26.98
CA PRO K 20 13.48 -20.95 26.07
C PRO K 20 13.62 -19.48 25.75
N VAL K 21 12.51 -18.74 25.60
CA VAL K 21 12.64 -17.31 25.41
C VAL K 21 12.97 -16.60 26.72
N LEU K 22 12.81 -17.28 27.86
CA LEU K 22 13.29 -16.72 29.11
C LEU K 22 14.80 -16.85 29.25
N PHE K 23 15.41 -17.83 28.59
CA PHE K 23 16.86 -18.01 28.73
C PHE K 23 17.64 -16.85 28.15
N ILE K 24 17.21 -16.31 27.01
CA ILE K 24 17.93 -15.18 26.42
C ILE K 24 17.78 -13.94 27.30
N LEU K 25 16.59 -13.73 27.86
CA LEU K 25 16.41 -12.64 28.81
C LEU K 25 17.27 -12.85 30.05
N LEU K 26 17.45 -14.10 30.46
CA LEU K 26 18.35 -14.37 31.58
C LEU K 26 19.79 -14.03 31.24
N ALA K 27 20.19 -14.30 29.99
CA ALA K 27 21.53 -13.90 29.56
C ALA K 27 21.70 -12.39 29.63
N PHE K 28 20.69 -11.65 29.20
CA PHE K 28 20.76 -10.19 29.30
C PHE K 28 20.80 -9.73 30.75
N VAL K 29 20.02 -10.38 31.62
CA VAL K 29 20.07 -10.05 33.05
C VAL K 29 21.45 -10.31 33.61
N TRP K 30 22.04 -11.45 33.27
CA TRP K 30 23.38 -11.77 33.77
C TRP K 30 24.39 -10.74 33.30
N GLN K 31 24.32 -10.34 32.03
CA GLN K 31 25.24 -9.31 31.55
C GLN K 31 25.04 -8.00 32.29
N ALA K 32 23.79 -7.63 32.55
CA ALA K 32 23.53 -6.41 33.31
C ALA K 32 24.06 -6.51 34.73
N SER K 33 24.05 -7.71 35.31
CA SER K 33 24.52 -7.89 36.67
C SER K 33 26.00 -7.57 36.80
N VAL K 34 26.76 -7.74 35.73
CA VAL K 34 28.19 -7.44 35.73
C VAL K 34 28.47 -6.09 35.07
N SER K 35 27.48 -5.20 35.06
CA SER K 35 27.63 -3.87 34.48
C SER K 35 28.03 -3.93 33.00
N PHE K 36 27.58 -4.99 32.32
CA PHE K 36 27.93 -5.21 30.91
C PHE K 36 29.43 -5.16 30.71
N ARG K 37 30.15 -5.78 31.65
CA ARG K 37 31.61 -5.86 31.62
C ARG K 37 32.09 -6.40 30.29
N ARG L 1 34.90 53.27 -12.05
CA ARG L 1 33.88 53.36 -13.09
C ARG L 1 33.21 52.00 -13.39
N PRO L 2 33.98 50.92 -13.57
CA PRO L 2 33.35 49.61 -13.68
C PRO L 2 32.76 49.18 -12.34
N ASN L 3 31.70 48.38 -12.43
CA ASN L 3 31.00 47.96 -11.22
C ASN L 3 31.85 46.96 -10.45
N PRO L 4 32.19 47.23 -9.18
CA PRO L 4 33.04 46.30 -8.43
C PRO L 4 32.35 44.98 -8.11
N ASN L 5 31.02 44.96 -8.06
CA ASN L 5 30.28 43.76 -7.71
C ASN L 5 30.24 42.73 -8.84
N LYS L 6 31.02 42.94 -9.89
CA LYS L 6 31.06 41.99 -10.99
C LYS L 6 31.58 40.64 -10.52
N GLN L 7 30.89 39.58 -10.92
CA GLN L 7 31.29 38.21 -10.61
C GLN L 7 31.07 37.36 -11.84
N VAL L 8 31.79 36.24 -11.89
CA VAL L 8 31.72 35.31 -13.02
C VAL L 8 31.06 34.02 -12.55
N VAL L 9 30.03 33.59 -13.27
CA VAL L 9 29.35 32.35 -12.97
C VAL L 9 30.21 31.18 -13.44
N GLU L 10 30.23 30.11 -12.66
CA GLU L 10 30.96 28.91 -13.02
C GLU L 10 30.03 27.70 -12.96
N LEU L 11 30.35 26.68 -13.74
CA LEU L 11 29.56 25.46 -13.78
C LEU L 11 30.51 24.32 -14.13
N ASN L 12 30.88 23.53 -13.11
CA ASN L 12 31.75 22.40 -13.37
C ASN L 12 30.97 21.28 -14.05
N ARG L 13 31.70 20.30 -14.58
CA ARG L 13 31.09 19.27 -15.41
C ARG L 13 30.12 18.41 -14.61
N SER L 14 30.39 18.18 -13.33
CA SER L 14 29.44 17.42 -12.52
C SER L 14 28.11 18.14 -12.41
N SER L 15 28.15 19.47 -12.25
CA SER L 15 26.90 20.24 -12.22
C SER L 15 26.19 20.18 -13.56
N LEU L 16 26.95 20.21 -14.66
CA LEU L 16 26.33 20.09 -15.97
C LEU L 16 25.62 18.75 -16.13
N TYR L 17 26.28 17.67 -15.70
CA TYR L 17 25.65 16.36 -15.78
C TYR L 17 24.42 16.28 -14.89
N TRP L 18 24.49 16.84 -13.68
CA TRP L 18 23.32 16.86 -12.82
C TRP L 18 22.18 17.62 -13.44
N GLY L 19 22.46 18.77 -14.05
CA GLY L 19 21.41 19.55 -14.67
C GLY L 19 20.79 18.85 -15.86
N LEU L 20 21.61 18.25 -16.72
CA LEU L 20 21.06 17.52 -17.86
C LEU L 20 20.23 16.33 -17.40
N LEU L 21 20.71 15.61 -16.40
CA LEU L 21 19.95 14.49 -15.87
C LEU L 21 18.62 14.95 -15.28
N LEU L 22 18.63 16.05 -14.53
CA LEU L 22 17.39 16.57 -13.96
C LEU L 22 16.42 16.96 -15.06
N ILE L 23 16.90 17.65 -16.09
CA ILE L 23 16.01 18.08 -17.16
C ILE L 23 15.40 16.89 -17.87
N PHE L 24 16.23 15.90 -18.21
CA PHE L 24 15.71 14.78 -18.98
C PHE L 24 14.84 13.87 -18.13
N VAL L 25 15.13 13.72 -16.84
CA VAL L 25 14.27 12.91 -15.98
C VAL L 25 12.94 13.60 -15.77
N LEU L 26 12.93 14.92 -15.60
CA LEU L 26 11.66 15.64 -15.49
C LEU L 26 10.86 15.51 -16.79
N ALA L 27 11.52 15.61 -17.93
CA ALA L 27 10.82 15.44 -19.20
C ALA L 27 10.24 14.03 -19.31
N VAL L 28 11.01 13.02 -18.92
CA VAL L 28 10.50 11.65 -18.95
C VAL L 28 9.28 11.51 -18.05
N LEU L 29 9.35 12.09 -16.85
CA LEU L 29 8.25 11.97 -15.90
C LEU L 29 7.00 12.65 -16.40
N PHE L 30 7.11 13.88 -16.93
CA PHE L 30 5.95 14.69 -17.24
C PHE L 30 5.48 14.59 -18.68
N SER L 31 6.22 13.92 -19.57
CA SER L 31 5.80 13.87 -20.96
C SER L 31 4.54 13.04 -21.14
N SER L 32 4.37 12.00 -20.34
CA SER L 32 3.16 11.20 -20.42
C SER L 32 1.94 12.04 -20.08
N TYR L 33 2.07 12.92 -19.09
CA TYR L 33 0.95 13.75 -18.67
C TYR L 33 0.72 14.91 -19.62
N ILE L 34 1.79 15.47 -20.18
CA ILE L 34 1.63 16.59 -21.10
C ILE L 34 0.91 16.15 -22.36
N PHE L 35 1.29 15.01 -22.92
CA PHE L 35 0.57 14.46 -24.06
C PHE L 35 -0.80 13.93 -23.66
N ASN L 36 -0.95 13.51 -22.40
CA ASN L 36 -2.23 13.09 -21.84
C ASN L 36 -2.88 11.97 -22.64
N VAL M 1 -2.81 18.44 -28.08
CA VAL M 1 -1.63 17.85 -27.46
C VAL M 1 -0.77 17.18 -28.52
N ASN M 2 -1.33 17.05 -29.73
CA ASN M 2 -0.56 16.48 -30.83
C ASN M 2 0.64 17.37 -31.17
N ILE M 3 0.44 18.67 -31.20
CA ILE M 3 1.49 19.62 -31.52
C ILE M 3 1.85 20.49 -30.32
N LEU M 4 0.85 21.00 -29.60
CA LEU M 4 1.11 21.90 -28.49
C LEU M 4 1.92 21.20 -27.41
N GLY M 5 1.54 19.97 -27.05
CA GLY M 5 2.33 19.21 -26.10
C GLY M 5 3.71 18.89 -26.65
N LEU M 6 3.79 18.61 -27.96
CA LEU M 6 5.09 18.35 -28.57
C LEU M 6 5.98 19.58 -28.48
N ILE M 7 5.44 20.76 -28.75
CA ILE M 7 6.22 21.99 -28.66
C ILE M 7 6.65 22.22 -27.22
N ALA M 8 5.74 21.99 -26.26
CA ALA M 8 6.10 22.19 -24.86
C ALA M 8 7.25 21.27 -24.44
N THR M 9 7.16 19.99 -24.80
CA THR M 9 8.23 19.06 -24.46
C THR M 9 9.53 19.44 -25.13
N ALA M 10 9.48 19.81 -26.42
CA ALA M 10 10.69 20.17 -27.14
C ALA M 10 11.36 21.39 -26.53
N LEU M 11 10.57 22.41 -26.20
CA LEU M 11 11.14 23.61 -25.58
C LEU M 11 11.72 23.30 -24.21
N PHE M 12 11.01 22.48 -23.41
CA PHE M 12 11.53 22.14 -22.10
C PHE M 12 12.83 21.36 -22.19
N ILE M 13 12.99 20.58 -23.26
CA ILE M 13 14.26 19.89 -23.46
C ILE M 13 15.34 20.85 -23.93
N ILE M 14 14.98 21.77 -24.83
CA ILE M 14 15.99 22.55 -25.55
C ILE M 14 16.51 23.70 -24.72
N ILE M 15 15.61 24.50 -24.13
CA ILE M 15 16.03 25.76 -23.50
C ILE M 15 16.97 25.50 -22.33
N PRO M 16 16.58 24.72 -21.30
CA PRO M 16 17.52 24.49 -20.20
C PRO M 16 18.80 23.79 -20.63
N THR M 17 18.71 22.87 -21.59
CA THR M 17 19.91 22.19 -22.06
C THR M 17 20.87 23.18 -22.70
N SER M 18 20.35 24.08 -23.55
CA SER M 18 21.21 25.08 -24.16
C SER M 18 21.81 26.00 -23.11
N PHE M 19 21.02 26.39 -22.11
CA PHE M 19 21.53 27.24 -21.05
C PHE M 19 22.68 26.56 -20.32
N LEU M 20 22.49 25.30 -19.93
CA LEU M 20 23.53 24.58 -19.19
C LEU M 20 24.78 24.39 -20.04
N LEU M 21 24.60 24.02 -21.31
CA LEU M 21 25.77 23.81 -22.18
C LEU M 21 26.54 25.10 -22.40
N ILE M 22 25.83 26.21 -22.58
CA ILE M 22 26.50 27.49 -22.74
C ILE M 22 27.28 27.85 -21.49
N LEU M 23 26.67 27.65 -20.31
CA LEU M 23 27.37 27.96 -19.08
C LEU M 23 28.62 27.10 -18.91
N TYR M 24 28.51 25.80 -19.21
CA TYR M 24 29.67 24.93 -19.06
C TYR M 24 30.77 25.30 -20.04
N VAL M 25 30.40 25.62 -21.29
CA VAL M 25 31.42 26.01 -22.27
C VAL M 25 32.10 27.29 -21.84
N LYS M 26 31.34 28.28 -21.36
CA LYS M 26 31.93 29.52 -20.88
C LYS M 26 32.87 29.26 -19.71
N THR M 27 32.47 28.41 -18.77
CA THR M 27 33.32 28.10 -17.64
C THR M 27 34.61 27.43 -18.09
N ALA M 28 34.50 26.42 -18.96
CA ALA M 28 35.69 25.70 -19.41
C ALA M 28 36.61 26.57 -20.24
N ALA M 29 36.06 27.53 -20.98
CA ALA M 29 36.90 28.43 -21.75
C ALA M 29 37.60 29.44 -20.85
N SER M 30 36.89 29.95 -19.83
CA SER M 30 37.48 30.96 -18.96
C SER M 30 38.60 30.37 -18.10
N GLU M 31 38.33 29.24 -17.46
CA GLU M 31 39.32 28.64 -16.57
C GLU M 31 40.20 27.63 -17.31
N LEU N 1 -0.20 -43.65 -32.48
CA LEU N 1 -0.79 -44.06 -31.22
C LEU N 1 -2.28 -44.33 -31.37
N THR N 2 -2.65 -45.61 -31.44
CA THR N 2 -4.06 -45.97 -31.49
C THR N 2 -4.70 -45.73 -30.12
N TYR N 3 -5.97 -46.07 -30.01
CA TYR N 3 -6.68 -45.82 -28.76
C TYR N 3 -6.11 -46.66 -27.63
N ASP N 4 -5.80 -47.93 -27.89
CA ASP N 4 -5.26 -48.79 -26.84
C ASP N 4 -3.87 -48.33 -26.40
N GLU N 5 -3.02 -47.91 -27.35
CA GLU N 5 -1.70 -47.44 -26.98
C GLU N 5 -1.77 -46.21 -26.11
N LEU N 6 -2.67 -45.27 -26.44
CA LEU N 6 -2.86 -44.09 -25.61
C LEU N 6 -3.41 -44.47 -24.24
N GLN N 7 -4.37 -45.42 -24.20
CA GLN N 7 -5.02 -45.76 -22.95
C GLN N 7 -4.09 -46.50 -22.01
N GLY N 8 -3.14 -47.27 -22.55
CA GLY N 8 -2.22 -47.99 -21.70
C GLY N 8 -1.30 -47.07 -20.91
N LEU N 9 -0.90 -45.96 -21.51
CA LEU N 9 0.01 -45.04 -20.85
C LEU N 9 -0.65 -44.38 -19.65
N THR N 10 0.15 -44.15 -18.61
CA THR N 10 -0.33 -43.49 -17.41
C THR N 10 -0.25 -41.98 -17.54
N TYR N 11 -0.88 -41.28 -16.60
CA TYR N 11 -0.87 -39.79 -16.64
C TYR N 11 0.57 -39.30 -16.55
N LEU N 12 1.37 -39.89 -15.64
CA LEU N 12 2.73 -39.41 -15.47
C LEU N 12 3.57 -39.64 -16.72
N GLN N 13 3.23 -40.65 -17.52
CA GLN N 13 3.94 -40.89 -18.77
C GLN N 13 3.45 -40.02 -19.91
N VAL N 14 2.38 -39.25 -19.69
CA VAL N 14 1.78 -38.44 -20.79
C VAL N 14 1.92 -36.95 -20.45
N LYS N 15 1.82 -36.59 -19.16
CA LYS N 15 1.84 -35.16 -18.77
C LYS N 15 3.16 -34.51 -19.22
N GLY N 16 3.07 -33.43 -20.00
CA GLY N 16 4.30 -32.70 -20.40
C GLY N 16 4.79 -33.06 -21.79
N THR N 17 4.20 -34.08 -22.44
CA THR N 17 4.69 -34.52 -23.73
C THR N 17 3.83 -34.04 -24.89
N GLY N 18 2.68 -33.45 -24.64
CA GLY N 18 1.80 -32.99 -25.69
C GLY N 18 0.96 -34.08 -26.34
N ILE N 19 1.07 -35.32 -25.87
CA ILE N 19 0.29 -36.41 -26.45
C ILE N 19 -1.20 -36.21 -26.20
N ALA N 20 -1.53 -35.57 -25.08
CA ALA N 20 -2.96 -35.40 -24.70
C ALA N 20 -3.73 -34.68 -25.81
N ASN N 21 -3.17 -33.62 -26.38
CA ASN N 21 -3.90 -32.85 -27.37
C ASN N 21 -4.13 -33.63 -28.66
N THR N 22 -3.31 -34.63 -28.92
CA THR N 22 -3.46 -35.42 -30.14
C THR N 22 -4.67 -36.35 -30.04
N CYS N 23 -5.40 -36.51 -31.15
CA CYS N 23 -6.48 -37.47 -31.14
C CYS N 23 -5.97 -38.84 -31.58
N PRO N 24 -6.57 -39.92 -31.07
CA PRO N 24 -6.10 -41.26 -31.45
C PRO N 24 -6.33 -41.53 -32.92
N VAL N 25 -5.47 -42.38 -33.48
CA VAL N 25 -5.47 -42.69 -34.91
C VAL N 25 -5.63 -44.19 -35.09
N VAL N 26 -6.64 -44.59 -35.87
CA VAL N 26 -6.81 -46.00 -36.19
C VAL N 26 -5.63 -46.48 -37.00
N GLU N 27 -5.19 -47.70 -36.75
CA GLU N 27 -3.96 -48.21 -37.35
C GLU N 27 -4.14 -49.53 -38.09
N GLN N 28 -5.08 -50.38 -37.70
CA GLN N 28 -5.26 -51.68 -38.33
C GLN N 28 -6.63 -51.83 -38.97
N GLY N 29 -7.20 -50.73 -39.44
CA GLY N 29 -8.47 -50.78 -40.14
C GLY N 29 -8.29 -51.09 -41.61
N THR N 30 -9.37 -50.87 -42.36
CA THR N 30 -9.38 -51.02 -43.81
C THR N 30 -9.86 -49.73 -44.45
N SER N 31 -9.17 -49.32 -45.52
CA SER N 31 -9.54 -48.11 -46.22
C SER N 31 -10.88 -48.23 -46.93
N ASN N 32 -11.33 -49.45 -47.21
CA ASN N 32 -12.60 -49.67 -47.89
C ASN N 32 -13.74 -49.33 -46.93
N VAL N 33 -14.25 -48.10 -47.04
CA VAL N 33 -15.25 -47.63 -46.07
C VAL N 33 -16.63 -48.22 -46.33
N ARG N 34 -16.89 -48.72 -47.54
CA ARG N 34 -18.19 -49.30 -47.86
C ARG N 34 -18.47 -50.59 -47.09
N GLU N 35 -17.47 -51.16 -46.44
CA GLU N 35 -17.62 -52.43 -45.75
C GLU N 35 -18.23 -52.30 -44.36
N LEU N 36 -18.45 -51.07 -43.89
CA LEU N 36 -19.03 -50.87 -42.57
C LEU N 36 -20.47 -51.39 -42.53
N LYS N 37 -20.84 -52.00 -41.41
CA LYS N 37 -22.17 -52.58 -41.28
C LYS N 37 -23.20 -51.47 -41.07
N PRO N 38 -24.30 -51.47 -41.82
CA PRO N 38 -25.31 -50.43 -41.64
C PRO N 38 -26.00 -50.54 -40.28
N GLY N 39 -26.45 -49.41 -39.79
CA GLY N 39 -27.21 -49.37 -38.56
C GLY N 39 -27.09 -48.03 -37.87
N ASP N 40 -27.76 -47.92 -36.74
CA ASP N 40 -27.70 -46.73 -35.89
C ASP N 40 -26.72 -46.99 -34.77
N TYR N 41 -25.78 -46.05 -34.58
CA TYR N 41 -24.72 -46.19 -33.61
C TYR N 41 -24.67 -44.97 -32.71
N LYS N 42 -24.35 -45.20 -31.45
CA LYS N 42 -24.08 -44.13 -30.50
C LYS N 42 -22.60 -43.77 -30.62
N LEU N 43 -22.32 -42.72 -31.39
CA LEU N 43 -20.93 -42.31 -31.61
C LEU N 43 -20.39 -41.66 -30.34
N GLU N 44 -19.40 -42.28 -29.73
CA GLU N 44 -18.74 -41.75 -28.55
C GLU N 44 -17.24 -41.70 -28.78
N LYS N 45 -16.53 -41.13 -27.81
CA LYS N 45 -15.08 -40.93 -27.90
C LYS N 45 -14.70 -40.12 -29.14
N PHE N 46 -15.60 -39.23 -29.56
CA PHE N 46 -15.40 -38.45 -30.77
C PHE N 46 -14.39 -37.35 -30.49
N CYS N 47 -13.31 -37.30 -31.29
CA CYS N 47 -12.24 -36.35 -31.12
C CYS N 47 -11.86 -35.73 -32.45
N MET N 48 -11.41 -34.49 -32.41
CA MET N 48 -10.96 -33.76 -33.59
C MET N 48 -9.65 -33.07 -33.28
N GLU N 49 -8.72 -33.12 -34.23
CA GLU N 49 -7.39 -32.53 -34.06
C GLU N 49 -7.03 -31.75 -35.32
N PRO N 50 -6.93 -30.43 -35.24
CA PRO N 50 -6.56 -29.66 -36.43
C PRO N 50 -5.11 -29.90 -36.82
N THR N 51 -4.85 -29.75 -38.12
CA THR N 51 -3.50 -29.81 -38.65
C THR N 51 -3.04 -28.47 -39.24
N SER N 52 -3.96 -27.55 -39.49
CA SER N 52 -3.60 -26.23 -39.98
C SER N 52 -4.75 -25.27 -39.72
N PHE N 53 -4.42 -24.00 -39.60
CA PHE N 53 -5.40 -22.91 -39.53
C PHE N 53 -5.07 -21.91 -40.62
N THR N 54 -6.07 -21.52 -41.39
CA THR N 54 -5.93 -20.49 -42.40
C THR N 54 -7.05 -19.47 -42.24
N VAL N 55 -6.74 -18.21 -42.45
CA VAL N 55 -7.69 -17.12 -42.28
C VAL N 55 -7.96 -16.51 -43.64
N LYS N 56 -9.24 -16.33 -43.96
CA LYS N 56 -9.60 -15.73 -45.24
C LYS N 56 -9.24 -14.24 -45.24
N GLU N 57 -8.63 -13.80 -46.33
CA GLU N 57 -8.28 -12.40 -46.52
C GLU N 57 -8.51 -12.04 -47.97
N GLU N 58 -9.17 -10.91 -48.20
CA GLU N 58 -9.49 -10.44 -49.54
C GLU N 58 -8.52 -9.32 -49.91
N ASP N 59 -7.83 -9.51 -51.04
CA ASP N 59 -6.78 -8.58 -51.45
C ASP N 59 -7.38 -7.45 -52.28
N ALA N 60 -6.51 -6.62 -52.87
CA ALA N 60 -6.96 -5.48 -53.65
C ALA N 60 -7.75 -5.93 -54.87
N LYS N 61 -7.35 -7.02 -55.50
CA LYS N 61 -8.02 -7.54 -56.69
C LYS N 61 -9.24 -8.39 -56.35
N GLY N 62 -9.62 -8.47 -55.09
CA GLY N 62 -10.78 -9.25 -54.68
C GLY N 62 -10.55 -10.73 -54.55
N ARG N 63 -9.31 -11.20 -54.75
CA ARG N 63 -9.01 -12.63 -54.67
C ARG N 63 -9.02 -13.09 -53.22
N GLU N 64 -10.19 -13.52 -52.74
CA GLU N 64 -10.31 -14.01 -51.36
C GLU N 64 -9.49 -15.28 -51.22
N GLU N 65 -8.36 -15.18 -50.52
CA GLU N 65 -7.45 -16.30 -50.38
C GLU N 65 -7.22 -16.56 -48.89
N PHE N 66 -6.90 -17.80 -48.56
CA PHE N 66 -6.67 -18.19 -47.18
C PHE N 66 -5.18 -18.12 -46.87
N VAL N 67 -4.81 -17.33 -45.87
CA VAL N 67 -3.44 -17.10 -45.47
C VAL N 67 -3.13 -17.96 -44.25
N LYS N 68 -1.97 -18.61 -44.28
CA LYS N 68 -1.52 -19.39 -43.14
C LYS N 68 -1.12 -18.48 -41.99
N THR N 69 -1.28 -18.98 -40.76
CA THR N 69 -1.08 -18.21 -39.56
C THR N 69 -0.11 -18.95 -38.64
N LYS N 70 0.21 -18.33 -37.50
CA LYS N 70 1.03 -18.93 -36.46
C LYS N 70 0.22 -19.03 -35.18
N LEU N 71 0.15 -20.23 -34.62
CA LEU N 71 -0.65 -20.43 -33.41
C LEU N 71 0.02 -19.79 -32.20
N LEU N 72 -0.80 -19.29 -31.28
CA LEU N 72 -0.32 -18.65 -30.07
C LEU N 72 -0.72 -19.36 -28.80
N THR N 73 -1.86 -20.05 -28.77
CA THR N 73 -2.42 -20.59 -27.53
C THR N 73 -1.92 -21.99 -27.21
N ARG N 74 -0.78 -22.38 -27.76
CA ARG N 74 -0.11 -23.65 -27.42
C ARG N 74 -1.05 -24.81 -27.76
N LEU N 75 -0.93 -25.94 -27.06
CA LEU N 75 -1.67 -27.15 -27.41
C LEU N 75 -2.98 -27.20 -26.62
N THR N 76 -3.85 -26.24 -26.91
CA THR N 76 -5.19 -26.17 -26.31
C THR N 76 -6.24 -26.01 -27.40
N TYR N 77 -6.15 -26.83 -28.45
CA TYR N 77 -7.04 -26.73 -29.59
C TYR N 77 -7.61 -28.07 -30.01
N GLY N 78 -7.61 -29.06 -29.13
CA GLY N 78 -8.13 -30.36 -29.47
C GLY N 78 -9.46 -30.67 -28.82
N LEU N 79 -10.47 -30.98 -29.64
CA LEU N 79 -11.78 -31.36 -29.13
C LEU N 79 -11.82 -32.86 -28.93
N ASP N 80 -12.34 -33.29 -27.78
CA ASP N 80 -12.38 -34.71 -27.46
C ASP N 80 -13.48 -34.97 -26.45
N GLY N 81 -13.81 -36.24 -26.28
CA GLY N 81 -14.85 -36.64 -25.35
C GLY N 81 -16.27 -36.42 -25.84
N MET N 82 -16.45 -36.12 -27.11
CA MET N 82 -17.77 -35.81 -27.63
C MET N 82 -18.58 -37.08 -27.88
N ASN N 83 -19.90 -36.96 -27.72
CA ASN N 83 -20.82 -38.06 -27.91
C ASN N 83 -21.92 -37.64 -28.89
N GLY N 84 -22.45 -38.61 -29.62
CA GLY N 84 -23.48 -38.31 -30.58
C GLY N 84 -24.03 -39.58 -31.20
N SER N 85 -24.77 -39.38 -32.30
CA SER N 85 -25.42 -40.46 -33.02
C SER N 85 -24.93 -40.48 -34.47
N MET N 86 -25.01 -41.65 -35.10
CA MET N 86 -24.62 -41.79 -36.49
C MET N 86 -25.39 -42.93 -37.12
N LYS N 87 -26.01 -42.67 -38.26
CA LYS N 87 -26.83 -43.66 -38.96
C LYS N 87 -26.15 -44.03 -40.27
N ILE N 88 -25.48 -45.18 -40.29
CA ILE N 88 -24.91 -45.70 -41.52
C ILE N 88 -26.01 -46.40 -42.30
N ASN N 89 -26.23 -45.96 -43.53
CA ASN N 89 -27.25 -46.56 -44.39
C ASN N 89 -26.62 -47.60 -45.31
N ASN N 90 -27.48 -48.42 -45.91
CA ASN N 90 -27.01 -49.50 -46.78
C ASN N 90 -26.28 -48.93 -47.99
N ASP N 91 -26.80 -47.86 -48.58
CA ASP N 91 -26.15 -47.21 -49.71
C ASP N 91 -24.99 -46.32 -49.29
N GLY N 92 -24.78 -46.13 -47.99
CA GLY N 92 -23.72 -45.28 -47.49
C GLY N 92 -24.16 -43.94 -46.98
N SER N 93 -25.46 -43.66 -46.95
CA SER N 93 -25.96 -42.39 -46.43
C SER N 93 -25.63 -42.29 -44.94
N VAL N 94 -25.30 -41.08 -44.50
CA VAL N 94 -24.83 -40.85 -43.13
C VAL N 94 -25.67 -39.74 -42.51
N GLU N 95 -26.19 -40.00 -41.32
CA GLU N 95 -26.84 -38.96 -40.51
C GLU N 95 -26.00 -38.76 -39.26
N PHE N 96 -25.08 -37.79 -39.36
CA PHE N 96 -24.14 -37.52 -38.29
C PHE N 96 -24.73 -36.49 -37.32
N ARG N 97 -24.45 -36.67 -36.03
CA ARG N 97 -24.94 -35.75 -35.01
C ARG N 97 -23.98 -35.76 -33.83
N GLU N 98 -23.70 -34.58 -33.29
CA GLU N 98 -22.84 -34.42 -32.13
C GLU N 98 -23.63 -33.72 -31.03
N ASP N 99 -23.49 -34.21 -29.79
CA ASP N 99 -24.30 -33.73 -28.69
C ASP N 99 -23.49 -33.11 -27.57
N GLU N 100 -22.49 -33.81 -27.03
CA GLU N 100 -21.87 -33.41 -25.78
C GLU N 100 -20.34 -33.39 -25.90
N GLY N 101 -19.66 -33.23 -24.76
CA GLY N 101 -18.22 -33.32 -24.70
C GLY N 101 -17.53 -31.97 -24.82
N LEU N 102 -16.19 -32.03 -24.74
CA LEU N 102 -15.36 -30.85 -24.97
C LEU N 102 -15.36 -30.55 -26.46
N ASP N 103 -16.44 -29.91 -26.91
CA ASP N 103 -16.67 -29.65 -28.32
C ASP N 103 -16.34 -28.23 -28.72
N TYR N 104 -15.65 -27.48 -27.87
CA TYR N 104 -15.21 -26.14 -28.20
C TYR N 104 -13.84 -25.89 -27.60
N ALA N 105 -13.06 -25.06 -28.27
CA ALA N 105 -11.74 -24.67 -27.76
C ALA N 105 -11.44 -23.26 -28.25
N ALA N 106 -11.18 -22.36 -27.31
CA ALA N 106 -10.84 -20.98 -27.66
C ALA N 106 -9.38 -20.92 -28.04
N THR N 107 -9.09 -20.43 -29.25
CA THR N 107 -7.72 -20.35 -29.75
C THR N 107 -7.51 -18.96 -30.34
N THR N 108 -6.25 -18.63 -30.58
CA THR N 108 -5.87 -17.31 -31.10
C THR N 108 -4.69 -17.49 -32.04
N VAL N 109 -4.92 -17.32 -33.33
CA VAL N 109 -3.85 -17.36 -34.30
C VAL N 109 -3.33 -15.95 -34.53
N LYS N 110 -2.15 -15.86 -35.15
CA LYS N 110 -1.55 -14.59 -35.52
C LYS N 110 -1.29 -14.60 -37.02
N LEU N 111 -1.82 -13.60 -37.70
CA LEU N 111 -1.77 -13.23 -39.11
C LEU N 111 -0.57 -12.37 -39.39
N PRO N 112 0.06 -12.58 -40.55
CA PRO N 112 1.23 -11.78 -40.93
C PRO N 112 0.90 -10.30 -40.94
N GLY N 113 1.85 -9.50 -40.49
CA GLY N 113 1.57 -8.13 -40.14
C GLY N 113 1.15 -7.94 -38.70
N GLY N 114 1.02 -9.03 -37.95
CA GLY N 114 0.73 -8.95 -36.54
C GLY N 114 -0.73 -8.73 -36.21
N GLU N 115 -1.60 -9.63 -36.67
CA GLU N 115 -3.01 -9.55 -36.35
C GLU N 115 -3.39 -10.73 -35.47
N TYR N 116 -3.96 -10.43 -34.30
CA TYR N 116 -4.44 -11.46 -33.38
C TYR N 116 -5.87 -11.80 -33.76
N VAL N 117 -6.10 -13.04 -34.20
CA VAL N 117 -7.43 -13.51 -34.58
C VAL N 117 -7.83 -14.61 -33.61
N PRO N 118 -8.70 -14.31 -32.66
CA PRO N 118 -9.26 -15.35 -31.79
C PRO N 118 -10.52 -15.97 -32.38
N PHE N 119 -10.77 -17.20 -31.97
CA PHE N 119 -11.99 -17.88 -32.43
C PHE N 119 -12.24 -19.11 -31.56
N LEU N 120 -13.50 -19.51 -31.50
CA LEU N 120 -13.90 -20.75 -30.83
C LEU N 120 -13.95 -21.85 -31.86
N PHE N 121 -12.90 -22.66 -31.93
CA PHE N 121 -12.92 -23.86 -32.75
C PHE N 121 -13.92 -24.83 -32.13
N THR N 122 -15.09 -24.99 -32.76
CA THR N 122 -16.18 -25.75 -32.19
C THR N 122 -16.88 -26.54 -33.28
N ILE N 123 -17.55 -27.61 -32.85
CA ILE N 123 -18.35 -28.44 -33.74
C ILE N 123 -19.71 -28.67 -33.11
N LYS N 124 -20.12 -27.76 -32.23
CA LYS N 124 -21.31 -27.97 -31.41
C LYS N 124 -22.54 -28.22 -32.27
N GLU N 125 -23.28 -29.27 -31.93
CA GLU N 125 -24.55 -29.62 -32.57
C GLU N 125 -24.41 -29.71 -34.09
N PHE N 126 -23.32 -30.33 -34.54
CA PHE N 126 -23.10 -30.53 -35.97
C PHE N 126 -24.03 -31.62 -36.47
N ASP N 127 -25.04 -31.24 -37.23
CA ASP N 127 -26.02 -32.18 -37.78
C ASP N 127 -25.66 -32.38 -39.25
N GLY N 128 -24.79 -33.34 -39.51
CA GLY N 128 -24.29 -33.56 -40.85
C GLY N 128 -25.08 -34.59 -41.64
N LYS N 129 -24.95 -34.50 -42.96
CA LYS N 129 -25.57 -35.45 -43.89
C LYS N 129 -24.63 -35.63 -45.07
N GLY N 130 -24.84 -36.71 -45.80
CA GLY N 130 -24.07 -36.98 -47.00
C GLY N 130 -23.75 -38.46 -47.10
N THR N 131 -22.89 -38.79 -48.06
CA THR N 131 -22.47 -40.16 -48.26
C THR N 131 -21.42 -40.55 -47.22
N LEU N 132 -21.06 -41.84 -47.23
CA LEU N 132 -20.05 -42.33 -46.31
C LEU N 132 -18.66 -41.88 -46.70
N ASP N 133 -18.42 -41.57 -47.97
CA ASP N 133 -17.13 -41.04 -48.38
C ASP N 133 -16.94 -39.61 -47.88
N SER N 134 -18.02 -38.83 -47.84
CA SER N 134 -17.93 -37.43 -47.41
C SER N 134 -19.32 -36.96 -47.03
N PHE N 135 -19.47 -36.50 -45.79
CA PHE N 135 -20.73 -35.93 -45.33
C PHE N 135 -20.48 -34.55 -44.74
N SER N 136 -21.36 -33.61 -45.08
CA SER N 136 -21.19 -32.22 -44.69
C SER N 136 -22.38 -31.78 -43.85
N GLY N 137 -22.24 -30.60 -43.26
CA GLY N 137 -23.32 -30.07 -42.45
C GLY N 137 -22.94 -28.75 -41.81
N ASP N 138 -23.82 -28.27 -40.95
CA ASP N 138 -23.65 -27.02 -40.23
C ASP N 138 -23.58 -27.29 -38.74
N PHE N 139 -22.93 -26.38 -38.02
CA PHE N 139 -22.81 -26.47 -36.58
C PHE N 139 -22.94 -25.08 -35.98
N LEU N 140 -23.34 -25.05 -34.71
CA LEU N 140 -23.49 -23.79 -33.99
C LEU N 140 -22.13 -23.26 -33.57
N VAL N 141 -21.97 -21.95 -33.64
CA VAL N 141 -20.77 -21.26 -33.19
C VAL N 141 -21.19 -20.24 -32.13
N PRO N 142 -21.03 -20.56 -30.86
CA PRO N 142 -21.41 -19.61 -29.81
C PRO N 142 -20.52 -18.39 -29.82
N SER N 143 -20.99 -17.35 -29.15
CA SER N 143 -20.19 -16.14 -29.00
C SER N 143 -18.88 -16.47 -28.29
N TYR N 144 -17.79 -15.88 -28.77
CA TYR N 144 -16.48 -16.13 -28.17
C TYR N 144 -16.47 -15.68 -26.71
N ARG N 145 -17.07 -14.54 -26.42
CA ARG N 145 -17.15 -14.00 -25.08
C ARG N 145 -18.57 -14.17 -24.54
N GLY N 146 -18.68 -14.63 -23.30
CA GLY N 146 -19.98 -14.71 -22.66
C GLY N 146 -20.54 -13.33 -22.35
N SER N 147 -21.83 -13.30 -22.03
CA SER N 147 -22.48 -12.03 -21.76
C SER N 147 -21.86 -11.33 -20.56
N THR N 148 -21.56 -12.08 -19.49
CA THR N 148 -21.02 -11.49 -18.29
C THR N 148 -19.58 -11.03 -18.44
N PHE N 149 -18.93 -11.32 -19.56
CA PHE N 149 -17.57 -10.85 -19.78
C PHE N 149 -17.54 -9.33 -19.78
N LEU N 150 -16.57 -8.77 -19.06
CA LEU N 150 -16.43 -7.32 -18.95
C LEU N 150 -15.29 -6.85 -19.85
N ASP N 151 -15.56 -5.82 -20.64
CA ASP N 151 -14.52 -5.22 -21.47
C ASP N 151 -13.54 -4.47 -20.57
N PRO N 152 -12.34 -4.14 -21.09
CA PRO N 152 -11.33 -3.46 -20.26
C PRO N 152 -11.82 -2.23 -19.50
N LYS N 153 -12.97 -1.68 -19.89
CA LYS N 153 -13.54 -0.53 -19.19
C LYS N 153 -14.83 -0.86 -18.44
N GLY N 154 -15.14 -2.14 -18.26
CA GLY N 154 -16.29 -2.54 -17.49
C GLY N 154 -17.58 -2.69 -18.26
N ARG N 155 -17.60 -2.36 -19.55
CA ARG N 155 -18.79 -2.54 -20.35
C ARG N 155 -19.03 -4.01 -20.63
N GLY N 156 -20.30 -4.38 -20.79
CA GLY N 156 -20.66 -5.73 -21.16
C GLY N 156 -22.12 -6.02 -20.99
N GLY N 157 -22.60 -7.10 -21.60
CA GLY N 157 -23.96 -7.55 -21.40
C GLY N 157 -24.14 -8.12 -20.01
N ALA N 158 -25.41 -8.30 -19.63
CA ALA N 158 -25.74 -8.77 -18.28
C ALA N 158 -25.02 -7.91 -17.25
N THR N 159 -23.94 -8.43 -16.68
CA THR N 159 -23.12 -7.61 -15.80
C THR N 159 -22.25 -6.69 -16.65
N GLY N 160 -22.40 -5.39 -16.44
CA GLY N 160 -21.63 -4.44 -17.21
C GLY N 160 -22.08 -3.02 -16.93
N TYR N 161 -21.62 -2.11 -17.80
CA TYR N 161 -21.89 -0.69 -17.67
C TYR N 161 -22.81 -0.13 -18.74
N ASP N 162 -22.73 -0.64 -19.97
CA ASP N 162 -23.51 -0.12 -21.10
C ASP N 162 -23.22 1.36 -21.35
N ASN N 163 -22.04 1.82 -20.94
CA ASN N 163 -21.67 3.22 -21.04
C ASN N 163 -20.19 3.35 -20.79
N ALA N 164 -19.56 4.31 -21.49
CA ALA N 164 -18.16 4.64 -21.27
C ALA N 164 -18.10 5.67 -20.14
N ILE N 165 -18.11 5.17 -18.90
CA ILE N 165 -18.17 6.04 -17.75
C ILE N 165 -16.92 6.88 -17.58
N ALA N 166 -15.82 6.50 -18.26
CA ALA N 166 -14.61 7.31 -18.23
C ALA N 166 -14.76 8.63 -18.96
N LEU N 167 -15.84 8.81 -19.72
CA LEU N 167 -16.13 10.06 -20.43
C LEU N 167 -17.51 10.52 -20.00
N PRO N 168 -17.61 11.23 -18.86
CA PRO N 168 -18.93 11.68 -18.39
C PRO N 168 -19.62 12.66 -19.32
N ALA N 169 -19.06 12.96 -20.48
CA ALA N 169 -19.72 13.80 -21.48
C ALA N 169 -19.70 13.16 -22.85
N LYS N 170 -19.55 11.84 -22.94
CA LYS N 170 -19.53 11.15 -24.23
C LYS N 170 -20.12 9.76 -24.05
N ALA N 171 -21.42 9.63 -24.36
CA ALA N 171 -22.11 8.35 -24.40
C ALA N 171 -23.09 8.30 -25.57
N ASP N 172 -22.75 8.98 -26.67
CA ASP N 172 -23.69 9.26 -27.74
C ASP N 172 -23.59 8.21 -28.84
N ALA N 173 -24.27 8.46 -29.96
CA ALA N 173 -24.39 7.49 -31.04
C ALA N 173 -23.08 7.23 -31.76
N ASP N 174 -22.05 8.04 -31.53
CA ASP N 174 -20.75 7.76 -32.13
C ASP N 174 -20.14 6.47 -31.58
N GLU N 175 -20.58 6.03 -30.41
CA GLU N 175 -20.10 4.81 -29.78
C GLU N 175 -21.24 3.82 -29.56
N ILE N 176 -22.17 3.77 -30.52
CA ILE N 176 -23.28 2.82 -30.42
C ILE N 176 -22.77 1.39 -30.51
N GLN N 177 -21.82 1.13 -31.39
CA GLN N 177 -21.35 -0.24 -31.61
C GLN N 177 -20.60 -0.78 -30.39
N ARG N 178 -19.87 0.07 -29.69
CA ARG N 178 -19.09 -0.35 -28.53
C ARG N 178 -19.91 -0.38 -27.25
N LEU N 179 -20.87 0.53 -27.12
CA LEU N 179 -21.68 0.65 -25.91
C LEU N 179 -23.03 -0.01 -26.17
N ASN N 180 -23.38 -0.98 -25.34
CA ASN N 180 -24.72 -1.56 -25.29
C ASN N 180 -25.03 -2.38 -26.53
N ASN N 181 -24.16 -2.32 -27.53
CA ASN N 181 -24.27 -3.23 -28.66
C ASN N 181 -23.33 -4.42 -28.48
N LYS N 182 -23.44 -5.04 -27.31
CA LYS N 182 -22.73 -6.29 -27.05
C LYS N 182 -23.64 -7.42 -27.56
N SER N 183 -23.60 -7.63 -28.87
CA SER N 183 -24.46 -8.62 -29.51
C SER N 183 -23.79 -9.99 -29.39
N TYR N 184 -24.35 -10.85 -28.55
CA TYR N 184 -23.84 -12.20 -28.36
C TYR N 184 -24.59 -13.22 -29.21
N THR N 185 -25.10 -12.79 -30.36
CA THR N 185 -25.88 -13.68 -31.20
C THR N 185 -25.00 -14.81 -31.72
N PRO N 186 -25.39 -16.07 -31.53
CA PRO N 186 -24.59 -17.18 -32.07
C PRO N 186 -24.60 -17.18 -33.59
N GLY N 187 -23.48 -17.62 -34.16
CA GLY N 187 -23.37 -17.80 -35.59
C GLY N 187 -23.42 -19.26 -35.98
N LYS N 188 -23.19 -19.51 -37.27
CA LYS N 188 -23.15 -20.86 -37.78
C LYS N 188 -21.87 -21.08 -38.57
N GLY N 189 -21.41 -22.32 -38.59
CA GLY N 189 -20.27 -22.71 -39.38
C GLY N 189 -20.58 -23.95 -40.19
N SER N 190 -19.80 -24.15 -41.24
CA SER N 190 -19.96 -25.28 -42.12
C SER N 190 -18.78 -26.22 -41.96
N ALA N 191 -19.05 -27.53 -41.99
CA ALA N 191 -18.01 -28.53 -41.87
C ALA N 191 -18.25 -29.65 -42.86
N VAL N 192 -17.16 -30.28 -43.29
CA VAL N 192 -17.19 -31.44 -44.17
C VAL N 192 -16.26 -32.49 -43.58
N PHE N 193 -16.74 -33.73 -43.48
CA PHE N 193 -15.97 -34.84 -42.93
C PHE N 193 -15.85 -35.93 -43.98
N SER N 194 -14.66 -36.50 -44.10
CA SER N 194 -14.42 -37.65 -44.96
C SER N 194 -13.87 -38.79 -44.12
N VAL N 195 -14.46 -39.97 -44.26
CA VAL N 195 -13.99 -41.14 -43.54
C VAL N 195 -12.84 -41.77 -44.31
N ALA N 196 -11.70 -41.92 -43.62
CA ALA N 196 -10.51 -42.51 -44.23
C ALA N 196 -10.38 -43.99 -43.93
N LYS N 197 -10.41 -44.38 -42.66
CA LYS N 197 -10.27 -45.77 -42.26
C LYS N 197 -11.35 -46.15 -41.27
N VAL N 198 -11.74 -47.43 -41.32
CA VAL N 198 -12.74 -47.98 -40.41
C VAL N 198 -12.23 -49.32 -39.91
N ASP N 199 -12.25 -49.51 -38.60
CA ASP N 199 -12.01 -50.81 -37.98
C ASP N 199 -13.37 -51.36 -37.55
N THR N 200 -13.83 -52.39 -38.25
CA THR N 200 -15.16 -52.94 -38.01
C THR N 200 -15.20 -53.72 -36.69
N GLU N 201 -14.19 -54.53 -36.43
CA GLU N 201 -14.16 -55.31 -35.20
C GLU N 201 -14.17 -54.40 -33.98
N THR N 202 -13.31 -53.38 -33.99
CA THR N 202 -13.33 -52.39 -32.92
C THR N 202 -14.54 -51.48 -33.05
N GLY N 203 -15.04 -51.30 -34.27
CA GLY N 203 -16.15 -50.39 -34.50
C GLY N 203 -15.77 -48.93 -34.51
N GLU N 204 -14.50 -48.61 -34.75
CA GLU N 204 -14.03 -47.24 -34.71
C GLU N 204 -13.79 -46.72 -36.11
N ILE N 205 -13.88 -45.40 -36.27
CA ILE N 205 -13.69 -44.75 -37.56
C ILE N 205 -12.76 -43.57 -37.38
N ALA N 206 -12.05 -43.22 -38.46
CA ALA N 206 -11.21 -42.04 -38.46
C ALA N 206 -11.11 -41.51 -39.87
N GLY N 207 -10.87 -40.22 -39.98
CA GLY N 207 -10.79 -39.59 -41.28
C GLY N 207 -10.33 -38.16 -41.19
N VAL N 208 -10.60 -37.40 -42.25
CA VAL N 208 -10.21 -36.00 -42.33
C VAL N 208 -11.45 -35.14 -42.31
N PHE N 209 -11.30 -33.91 -41.81
CA PHE N 209 -12.39 -32.95 -41.76
C PHE N 209 -11.90 -31.58 -42.17
N GLU N 210 -12.82 -30.80 -42.73
CA GLU N 210 -12.58 -29.41 -43.08
C GLU N 210 -13.79 -28.59 -42.65
N SER N 211 -13.53 -27.49 -41.94
CA SER N 211 -14.57 -26.67 -41.35
C SER N 211 -14.30 -25.20 -41.65
N ILE N 212 -15.37 -24.42 -41.76
CA ILE N 212 -15.26 -22.98 -41.93
C ILE N 212 -16.20 -22.32 -40.93
N GLN N 213 -15.65 -21.46 -40.09
CA GLN N 213 -16.44 -20.80 -39.07
C GLN N 213 -15.94 -19.37 -38.87
N PRO N 214 -16.83 -18.46 -38.47
CA PRO N 214 -16.40 -17.07 -38.25
C PRO N 214 -15.49 -16.94 -37.05
N SER N 215 -14.69 -15.87 -37.07
CA SER N 215 -13.76 -15.58 -35.99
C SER N 215 -14.50 -14.96 -34.82
N ASP N 216 -13.75 -14.42 -33.86
CA ASP N 216 -14.35 -13.66 -32.79
C ASP N 216 -14.86 -12.32 -33.33
N THR N 217 -16.12 -12.03 -33.07
CA THR N 217 -16.69 -10.73 -33.39
C THR N 217 -16.44 -9.70 -32.30
N GLU N 218 -15.82 -10.12 -31.20
CA GLU N 218 -15.57 -9.24 -30.05
C GLU N 218 -16.86 -8.57 -29.59
N MET N 219 -17.88 -9.39 -29.34
CA MET N 219 -19.16 -8.92 -28.83
C MET N 219 -19.79 -7.90 -29.78
N GLY N 220 -19.58 -8.10 -31.08
CA GLY N 220 -20.16 -7.24 -32.08
C GLY N 220 -19.38 -5.98 -32.40
N ALA N 221 -18.14 -5.86 -31.91
CA ALA N 221 -17.37 -4.65 -32.15
C ALA N 221 -16.91 -4.54 -33.60
N HIS N 222 -16.41 -5.62 -34.16
CA HIS N 222 -15.87 -5.61 -35.51
C HIS N 222 -16.36 -6.84 -36.25
N PRO N 223 -16.39 -6.80 -37.58
CA PRO N 223 -16.91 -7.94 -38.35
C PRO N 223 -16.09 -9.19 -38.15
N ALA N 224 -16.76 -10.33 -38.27
CA ALA N 224 -16.11 -11.62 -38.13
C ALA N 224 -15.28 -11.95 -39.38
N LYS N 225 -14.20 -12.68 -39.17
CA LYS N 225 -13.33 -13.14 -40.25
C LYS N 225 -13.48 -14.64 -40.40
N ASP N 226 -13.47 -15.11 -41.65
CA ASP N 226 -13.68 -16.53 -41.91
C ASP N 226 -12.42 -17.33 -41.58
N ILE N 227 -12.60 -18.38 -40.78
CA ILE N 227 -11.52 -19.27 -40.38
C ILE N 227 -11.76 -20.62 -41.05
N LYS N 228 -10.75 -21.12 -41.75
CA LYS N 228 -10.77 -22.44 -42.34
C LYS N 228 -9.86 -23.34 -41.52
N ILE N 229 -10.39 -24.47 -41.04
CA ILE N 229 -9.67 -25.38 -40.17
C ILE N 229 -9.76 -26.77 -40.80
N THR N 230 -8.61 -27.32 -41.17
CA THR N 230 -8.54 -28.70 -41.63
C THR N 230 -7.88 -29.55 -40.56
N GLY N 231 -8.23 -30.82 -40.51
CA GLY N 231 -7.62 -31.69 -39.53
C GLY N 231 -8.10 -33.12 -39.69
N LEU N 232 -7.84 -33.91 -38.65
CA LEU N 232 -8.22 -35.31 -38.65
C LEU N 232 -9.10 -35.60 -37.44
N TRP N 233 -10.06 -36.50 -37.63
CA TRP N 233 -11.05 -36.82 -36.60
C TRP N 233 -11.10 -38.32 -36.38
N TYR N 234 -11.49 -38.69 -35.17
CA TYR N 234 -11.60 -40.08 -34.73
C TYR N 234 -12.89 -40.24 -33.95
N GLY N 235 -13.41 -41.47 -33.94
CA GLY N 235 -14.60 -41.74 -33.16
C GLY N 235 -14.83 -43.23 -33.04
N GLN N 236 -15.70 -43.59 -32.10
CA GLN N 236 -16.10 -44.97 -31.89
C GLN N 236 -17.60 -45.09 -32.03
N LEU N 237 -18.04 -46.16 -32.69
CA LEU N 237 -19.45 -46.37 -32.99
C LEU N 237 -20.04 -47.38 -32.01
N THR N 238 -21.16 -47.00 -31.39
CA THR N 238 -21.88 -47.83 -30.43
C THR N 238 -20.96 -48.34 -29.33
N ALA O 1 -27.01 4.68 33.08
CA ALA O 1 -27.02 5.98 33.74
C ALA O 1 -25.61 6.54 33.84
N TYR O 2 -25.51 7.84 34.15
CA TYR O 2 -24.20 8.47 34.26
C TYR O 2 -23.39 7.88 35.40
N GLY O 3 -24.04 7.59 36.53
CA GLY O 3 -23.36 7.01 37.67
C GLY O 3 -23.51 5.50 37.73
N GLU O 4 -23.87 4.89 36.60
CA GLU O 4 -24.11 3.46 36.58
C GLU O 4 -22.86 2.67 36.97
N GLY O 5 -21.71 3.07 36.46
CA GLY O 5 -20.48 2.34 36.70
C GLY O 5 -20.16 1.35 35.60
N ALA O 6 -18.88 0.99 35.52
CA ALA O 6 -18.42 0.10 34.47
C ALA O 6 -18.81 -1.34 34.78
N ASN O 7 -18.40 -2.25 33.90
CA ASN O 7 -18.67 -3.68 34.04
C ASN O 7 -17.38 -4.44 34.31
N VAL O 8 -16.51 -3.86 35.13
CA VAL O 8 -15.25 -4.52 35.48
C VAL O 8 -15.56 -5.74 36.34
N PHE O 9 -14.98 -6.89 35.95
CA PHE O 9 -15.23 -8.17 36.60
C PHE O 9 -16.73 -8.49 36.61
N GLY O 10 -17.40 -8.17 35.51
CA GLY O 10 -18.82 -8.42 35.37
C GLY O 10 -19.11 -9.65 34.54
N ARG O 11 -20.33 -9.72 34.02
CA ARG O 11 -20.78 -10.83 33.20
C ARG O 11 -21.49 -10.31 31.97
N VAL O 12 -21.38 -11.07 30.88
CA VAL O 12 -22.02 -10.68 29.62
C VAL O 12 -23.53 -10.75 29.76
N THR O 13 -24.22 -10.02 28.88
CA THR O 13 -25.68 -10.06 28.85
C THR O 13 -26.20 -11.27 28.11
N ASN O 14 -25.79 -11.42 26.85
CA ASN O 14 -26.18 -12.58 26.05
C ASN O 14 -25.13 -12.83 24.99
N LYS O 15 -24.87 -14.11 24.70
CA LYS O 15 -23.92 -14.51 23.67
C LYS O 15 -24.55 -15.48 22.67
N SER O 16 -25.88 -15.60 22.67
CA SER O 16 -26.55 -16.51 21.76
C SER O 16 -26.41 -16.09 20.30
N GLY O 17 -26.19 -14.80 20.04
CA GLY O 17 -26.07 -14.30 18.69
C GLY O 17 -27.38 -13.89 18.05
N PHE O 18 -28.50 -14.13 18.72
CA PHE O 18 -29.83 -13.79 18.20
C PHE O 18 -30.53 -12.85 19.17
N VAL O 19 -31.24 -11.87 18.63
CA VAL O 19 -32.00 -10.92 19.44
C VAL O 19 -33.47 -10.99 19.02
N PRO O 20 -34.40 -10.90 19.96
CA PRO O 20 -35.81 -10.97 19.62
C PRO O 20 -36.29 -9.70 18.92
N TYR O 21 -37.40 -9.85 18.20
CA TYR O 21 -38.06 -8.75 17.53
C TYR O 21 -39.55 -9.06 17.45
N ALA O 22 -40.38 -8.07 17.74
CA ALA O 22 -41.83 -8.22 17.71
C ALA O 22 -42.38 -7.36 16.58
N GLY O 23 -43.10 -7.99 15.66
CA GLY O 23 -43.71 -7.29 14.54
C GLY O 23 -45.14 -6.93 14.83
N ASP O 24 -45.87 -6.62 13.75
CA ASP O 24 -47.30 -6.30 13.88
C ASP O 24 -48.07 -7.51 14.41
N SER O 25 -47.82 -8.69 13.85
CA SER O 25 -48.48 -9.90 14.33
C SER O 25 -47.54 -11.10 14.34
N PHE O 26 -46.23 -10.87 14.25
CA PHE O 26 -45.25 -11.95 14.16
C PHE O 26 -44.11 -11.68 15.12
N ALA O 27 -43.45 -12.76 15.53
CA ALA O 27 -42.25 -12.69 16.34
C ALA O 27 -41.09 -13.30 15.56
N LEU O 28 -39.88 -12.82 15.84
CA LEU O 28 -38.73 -13.24 15.05
C LEU O 28 -37.48 -13.11 15.89
N LEU O 29 -36.43 -13.80 15.48
CA LEU O 29 -35.09 -13.62 16.03
C LEU O 29 -34.16 -13.21 14.91
N LEU O 30 -33.45 -12.11 15.11
CA LEU O 30 -32.52 -11.64 14.10
C LEU O 30 -31.09 -11.84 14.58
N PRO O 31 -30.14 -12.06 13.67
CA PRO O 31 -28.74 -12.13 14.07
C PRO O 31 -28.30 -10.81 14.71
N SER O 32 -27.46 -10.92 15.72
CA SER O 32 -26.98 -9.71 16.40
C SER O 32 -26.16 -8.85 15.46
N LYS O 33 -25.32 -9.47 14.64
CA LYS O 33 -24.44 -8.72 13.75
C LYS O 33 -25.17 -8.10 12.57
N TRP O 34 -26.45 -8.42 12.37
CA TRP O 34 -27.20 -7.88 11.26
C TRP O 34 -27.87 -6.57 11.64
N ASN O 35 -27.80 -5.59 10.75
CA ASN O 35 -28.31 -4.25 10.97
C ASN O 35 -29.66 -4.07 10.30
N PRO O 36 -30.52 -3.21 10.86
CA PRO O 36 -31.77 -2.89 10.17
C PRO O 36 -31.50 -2.16 8.86
N SER O 37 -32.34 -2.42 7.87
CA SER O 37 -32.16 -1.87 6.54
C SER O 37 -33.38 -1.05 6.15
N ASP O 38 -33.15 -0.03 5.33
CA ASP O 38 -34.21 0.89 4.93
C ASP O 38 -34.87 0.53 3.61
N GLN O 39 -34.12 -0.03 2.67
CA GLN O 39 -34.64 -0.25 1.33
C GLN O 39 -35.77 -1.28 1.33
N LYS O 40 -36.77 -1.04 0.49
CA LYS O 40 -37.91 -1.94 0.33
C LYS O 40 -38.05 -2.22 -1.16
N GLU O 41 -37.49 -3.34 -1.62
CA GLU O 41 -37.61 -3.70 -3.04
C GLU O 41 -39.05 -3.97 -3.44
N VAL O 42 -39.86 -4.47 -2.52
CA VAL O 42 -41.28 -4.69 -2.74
C VAL O 42 -42.05 -3.81 -1.77
N GLU O 43 -43.07 -3.11 -2.27
CA GLU O 43 -43.76 -2.12 -1.47
C GLU O 43 -44.45 -2.72 -0.25
N SER O 44 -44.68 -4.02 -0.24
CA SER O 44 -45.36 -4.68 0.87
C SER O 44 -44.41 -5.16 1.95
N ILE O 45 -43.11 -4.89 1.83
CA ILE O 45 -42.16 -5.28 2.87
C ILE O 45 -42.43 -4.48 4.13
N VAL O 46 -42.60 -5.17 5.25
CA VAL O 46 -42.80 -4.52 6.53
C VAL O 46 -41.61 -4.65 7.46
N LEU O 47 -40.67 -5.54 7.17
CA LEU O 47 -39.45 -5.62 7.97
C LEU O 47 -38.29 -6.01 7.08
N ARG O 48 -37.10 -5.49 7.37
CA ARG O 48 -35.91 -5.91 6.65
C ARG O 48 -34.68 -5.67 7.50
N TYR O 49 -33.80 -6.66 7.54
CA TYR O 49 -32.49 -6.54 8.18
C TYR O 49 -31.44 -7.09 7.23
N GLU O 50 -30.21 -6.60 7.38
CA GLU O 50 -29.14 -6.95 6.46
C GLU O 50 -27.85 -7.19 7.24
N ASP O 51 -27.01 -8.06 6.71
CA ASP O 51 -25.73 -8.35 7.35
C ASP O 51 -24.82 -7.12 7.30
N ASN O 52 -24.03 -6.95 8.35
CA ASN O 52 -23.13 -5.81 8.42
C ASN O 52 -22.00 -5.94 7.39
N PHE O 53 -21.46 -7.15 7.22
CA PHE O 53 -20.31 -7.33 6.34
C PHE O 53 -20.74 -7.49 4.88
N ASP O 54 -21.50 -8.53 4.58
CA ASP O 54 -21.91 -8.83 3.21
C ASP O 54 -23.40 -8.53 3.08
N ALA O 55 -23.73 -7.48 2.32
CA ALA O 55 -25.12 -7.08 2.17
C ALA O 55 -25.94 -8.08 1.38
N VAL O 56 -25.30 -9.07 0.74
CA VAL O 56 -26.06 -10.13 0.09
C VAL O 56 -26.83 -10.95 1.12
N ASN O 57 -26.25 -11.14 2.31
CA ASN O 57 -26.93 -11.82 3.40
C ASN O 57 -27.93 -10.85 4.02
N ASN O 58 -29.22 -11.10 3.82
CA ASN O 58 -30.25 -10.24 4.37
C ASN O 58 -31.52 -11.07 4.58
N LEU O 59 -32.53 -10.42 5.13
CA LEU O 59 -33.84 -11.05 5.24
C LEU O 59 -34.90 -9.95 5.32
N TYR O 60 -36.09 -10.28 4.86
CA TYR O 60 -37.20 -9.34 4.95
C TYR O 60 -38.50 -10.08 5.12
N VAL O 61 -39.41 -9.46 5.87
CA VAL O 61 -40.75 -9.97 6.12
C VAL O 61 -41.74 -9.09 5.38
N VAL O 62 -42.56 -9.72 4.55
CA VAL O 62 -43.59 -9.09 3.73
C VAL O 62 -44.95 -9.45 4.31
N GLU O 63 -45.78 -8.45 4.55
CA GLU O 63 -47.14 -8.65 5.04
C GLU O 63 -48.09 -7.99 4.05
N ASP O 64 -48.86 -8.80 3.33
CA ASP O 64 -49.80 -8.23 2.37
C ASP O 64 -51.14 -8.95 2.47
N LYS O 65 -52.22 -8.22 2.21
CA LYS O 65 -53.54 -8.81 2.30
C LYS O 65 -53.71 -9.92 1.27
N SER O 66 -54.44 -10.96 1.65
CA SER O 66 -54.70 -12.09 0.78
C SER O 66 -56.19 -12.39 0.76
N ASP O 67 -56.72 -12.71 -0.43
CA ASP O 67 -58.11 -13.12 -0.55
C ASP O 67 -58.31 -14.55 -0.08
N LYS O 68 -57.27 -15.38 -0.14
CA LYS O 68 -57.38 -16.76 0.28
C LYS O 68 -57.61 -16.85 1.79
N SER O 69 -58.52 -17.75 2.17
CA SER O 69 -58.83 -17.90 3.59
C SER O 69 -57.64 -18.43 4.37
N SER O 70 -56.91 -19.39 3.80
CA SER O 70 -55.76 -19.98 4.47
C SER O 70 -54.63 -20.13 3.46
N ILE O 71 -53.44 -20.45 3.96
CA ILE O 71 -52.29 -20.67 3.09
C ILE O 71 -52.51 -21.88 2.21
N GLU O 72 -53.35 -22.82 2.66
CA GLU O 72 -53.64 -24.00 1.86
C GLU O 72 -54.51 -23.68 0.65
N ALA O 73 -55.22 -22.56 0.66
CA ALA O 73 -56.05 -22.18 -0.47
C ALA O 73 -55.24 -21.86 -1.71
N TYR O 74 -53.98 -21.48 -1.55
CA TYR O 74 -53.12 -21.27 -2.71
C TYR O 74 -52.92 -22.56 -3.49
N GLY O 75 -53.00 -23.71 -2.82
CA GLY O 75 -52.82 -25.00 -3.45
C GLY O 75 -51.62 -25.73 -2.87
N THR O 76 -50.95 -26.48 -3.74
CA THR O 76 -49.74 -27.17 -3.32
C THR O 76 -48.64 -26.16 -3.01
N PRO O 77 -47.73 -26.51 -2.11
CA PRO O 77 -46.60 -25.59 -1.82
C PRO O 77 -45.79 -25.25 -3.06
N GLU O 78 -45.59 -26.20 -3.96
CA GLU O 78 -44.85 -25.92 -5.18
C GLU O 78 -45.60 -24.93 -6.06
N GLU O 79 -46.92 -25.08 -6.16
CA GLU O 79 -47.70 -24.10 -6.90
C GLU O 79 -47.59 -22.72 -6.28
N PHE O 80 -47.63 -22.66 -4.94
CA PHE O 80 -47.50 -21.39 -4.25
C PHE O 80 -46.17 -20.73 -4.54
N ILE O 81 -45.08 -21.50 -4.47
CA ILE O 81 -43.77 -20.90 -4.72
C ILE O 81 -43.63 -20.51 -6.19
N SER O 82 -44.31 -21.22 -7.08
CA SER O 82 -44.33 -20.82 -8.48
C SER O 82 -45.11 -19.52 -8.67
N GLN O 83 -46.07 -19.24 -7.79
CA GLN O 83 -46.79 -17.97 -7.86
C GLN O 83 -45.85 -16.79 -7.65
N PHE O 84 -44.93 -16.89 -6.69
CA PHE O 84 -44.05 -15.79 -6.34
C PHE O 84 -42.70 -15.92 -7.05
N GLY O 85 -42.75 -15.87 -8.38
CA GLY O 85 -41.53 -15.95 -9.16
C GLY O 85 -40.73 -14.67 -9.24
N TYR O 86 -41.34 -13.54 -8.87
CA TYR O 86 -40.65 -12.25 -8.97
C TYR O 86 -39.75 -11.97 -7.78
N LEU O 87 -39.85 -12.74 -6.69
CA LEU O 87 -39.00 -12.51 -5.53
C LEU O 87 -37.54 -12.83 -5.82
N LEU O 88 -37.27 -13.64 -6.85
CA LEU O 88 -35.91 -14.00 -7.23
C LEU O 88 -35.29 -12.98 -8.18
N GLY O 89 -35.81 -11.76 -8.22
CA GLY O 89 -35.29 -10.75 -9.12
C GLY O 89 -35.82 -10.92 -10.52
N LYS O 90 -35.34 -10.06 -11.42
CA LYS O 90 -35.74 -10.08 -12.81
C LYS O 90 -34.50 -10.00 -13.70
N GLN O 91 -34.50 -10.78 -14.77
CA GLN O 91 -33.42 -10.73 -15.75
C GLN O 91 -33.68 -9.55 -16.68
N ALA O 92 -32.96 -8.44 -16.44
CA ALA O 92 -33.11 -7.28 -17.30
C ALA O 92 -32.44 -7.50 -18.66
N TRP O 93 -31.45 -8.37 -18.72
CA TRP O 93 -30.78 -8.67 -19.97
C TRP O 93 -31.72 -9.38 -20.93
N ALA O 94 -31.71 -8.95 -22.19
CA ALA O 94 -32.62 -9.48 -23.20
C ALA O 94 -31.89 -9.73 -24.51
N GLY O 95 -30.70 -10.32 -24.44
CA GLY O 95 -29.90 -10.61 -25.62
C GLY O 95 -29.78 -12.11 -25.83
N GLN O 96 -29.75 -12.51 -27.10
CA GLN O 96 -29.63 -13.92 -27.44
C GLN O 96 -28.24 -14.41 -27.10
N THR O 97 -28.15 -15.31 -26.12
CA THR O 97 -26.86 -15.86 -25.69
C THR O 97 -26.96 -17.37 -25.63
N VAL O 98 -25.90 -18.05 -26.08
CA VAL O 98 -25.73 -19.47 -25.88
C VAL O 98 -24.37 -19.83 -25.33
N SER O 99 -23.53 -18.83 -25.01
CA SER O 99 -22.16 -19.05 -24.57
C SER O 99 -22.03 -19.03 -23.06
N GLU O 100 -23.05 -19.47 -22.34
CA GLU O 100 -23.00 -19.57 -20.89
C GLU O 100 -23.26 -21.01 -20.48
N GLY O 101 -22.40 -21.54 -19.63
CA GLY O 101 -22.48 -22.95 -19.29
C GLY O 101 -23.50 -23.21 -18.19
N GLY O 102 -24.27 -24.28 -18.39
CA GLY O 102 -25.26 -24.69 -17.40
C GLY O 102 -26.56 -23.93 -17.46
N PHE O 103 -26.73 -23.02 -18.41
CA PHE O 103 -27.95 -22.23 -18.54
C PHE O 103 -28.60 -22.50 -19.88
N ASP O 104 -29.92 -22.43 -19.89
CA ASP O 104 -30.67 -22.60 -21.13
C ASP O 104 -30.42 -21.40 -22.05
N ALA O 105 -30.80 -21.57 -23.31
CA ALA O 105 -30.59 -20.52 -24.30
C ALA O 105 -31.28 -19.22 -23.88
N ASN O 106 -30.57 -18.11 -24.05
CA ASN O 106 -31.05 -16.76 -23.78
C ASN O 106 -31.33 -16.51 -22.31
N ARG O 107 -30.78 -17.32 -21.41
CA ARG O 107 -30.97 -17.16 -19.98
C ARG O 107 -29.63 -16.94 -19.29
N VAL O 108 -29.61 -16.03 -18.33
CA VAL O 108 -28.42 -15.76 -17.54
C VAL O 108 -28.60 -16.07 -16.06
N SER O 109 -29.81 -16.38 -15.61
CA SER O 109 -30.07 -16.73 -14.23
C SER O 109 -31.00 -17.93 -14.17
N ASN O 110 -30.84 -18.74 -13.13
CA ASN O 110 -31.63 -19.96 -12.99
C ASN O 110 -31.85 -20.25 -11.52
N ALA O 111 -33.08 -20.61 -11.16
CA ALA O 111 -33.44 -20.95 -9.80
C ALA O 111 -33.76 -22.44 -9.71
N ALA O 112 -33.14 -23.12 -8.76
CA ALA O 112 -33.35 -24.54 -8.53
C ALA O 112 -33.99 -24.74 -7.16
N LEU O 113 -35.11 -25.46 -7.15
CA LEU O 113 -35.88 -25.68 -5.92
C LEU O 113 -35.30 -26.88 -5.20
N LEU O 114 -34.49 -26.62 -4.16
CA LEU O 114 -33.84 -27.71 -3.45
C LEU O 114 -34.84 -28.53 -2.63
N GLY O 115 -35.90 -27.90 -2.13
CA GLY O 115 -36.91 -28.64 -1.40
C GLY O 115 -38.02 -27.80 -0.82
N VAL O 116 -39.22 -28.38 -0.73
CA VAL O 116 -40.38 -27.74 -0.13
C VAL O 116 -40.96 -28.68 0.91
N ALA O 117 -41.71 -28.11 1.84
CA ALA O 117 -42.33 -28.88 2.91
C ALA O 117 -43.39 -28.01 3.57
N THR O 118 -44.01 -28.56 4.62
CA THR O 118 -44.98 -27.84 5.44
C THR O 118 -44.59 -28.03 6.90
N GLU O 119 -44.70 -26.97 7.68
CA GLU O 119 -44.36 -27.00 9.10
C GLU O 119 -45.61 -26.82 9.95
N LYS O 120 -45.43 -26.98 11.25
CA LYS O 120 -46.50 -26.83 12.23
C LYS O 120 -46.16 -25.69 13.20
N ASP O 121 -46.99 -25.58 14.24
CA ASP O 121 -46.84 -24.51 15.22
C ASP O 121 -47.47 -24.98 16.52
N LYS O 122 -47.20 -24.24 17.59
CA LYS O 122 -47.78 -24.56 18.89
C LYS O 122 -49.30 -24.49 18.87
N LYS O 123 -49.89 -23.71 17.97
CA LYS O 123 -51.33 -23.64 17.81
C LYS O 123 -51.83 -24.42 16.59
N GLY O 124 -50.97 -25.24 15.99
CA GLY O 124 -51.35 -25.99 14.81
C GLY O 124 -51.26 -25.23 13.51
N LYS O 125 -50.65 -24.05 13.50
CA LYS O 125 -50.56 -23.26 12.29
C LYS O 125 -49.66 -23.94 11.27
N THR O 126 -50.05 -23.87 10.00
CA THR O 126 -49.31 -24.49 8.91
C THR O 126 -48.48 -23.43 8.19
N TYR O 127 -47.21 -23.76 7.94
CA TYR O 127 -46.30 -22.86 7.27
C TYR O 127 -45.71 -23.57 6.05
N TYR O 128 -45.70 -22.87 4.91
CA TYR O 128 -45.01 -23.36 3.72
C TYR O 128 -43.56 -22.95 3.77
N LYS O 129 -42.66 -23.92 3.68
CA LYS O 129 -41.22 -23.68 3.76
C LYS O 129 -40.56 -24.07 2.44
N PHE O 130 -39.70 -23.20 1.94
CA PHE O 130 -39.05 -23.39 0.66
C PHE O 130 -37.57 -23.08 0.76
N GLU O 131 -36.76 -23.85 0.04
CA GLU O 131 -35.33 -23.61 -0.09
C GLU O 131 -34.98 -23.58 -1.57
N ILE O 132 -34.35 -22.49 -2.01
CA ILE O 132 -34.03 -22.28 -3.42
C ILE O 132 -32.54 -21.94 -3.53
N LEU O 133 -31.95 -22.31 -4.67
CA LEU O 133 -30.60 -21.91 -5.01
C LEU O 133 -30.64 -21.20 -6.35
N THR O 134 -30.30 -19.92 -6.36
CA THR O 134 -30.30 -19.12 -7.59
C THR O 134 -28.87 -18.92 -8.05
N ARG O 135 -28.57 -19.36 -9.27
CA ARG O 135 -27.27 -19.18 -9.89
C ARG O 135 -27.39 -18.19 -11.03
N THR O 136 -26.29 -17.50 -11.31
CA THR O 136 -26.24 -16.53 -12.39
C THR O 136 -25.05 -16.85 -13.30
N ALA O 137 -25.07 -16.22 -14.48
CA ALA O 137 -24.01 -16.49 -15.45
C ALA O 137 -22.64 -16.07 -14.92
N ASP O 138 -22.58 -14.93 -14.24
CA ASP O 138 -21.33 -14.52 -13.61
C ASP O 138 -21.03 -15.31 -12.36
N GLY O 139 -21.98 -16.11 -11.87
CA GLY O 139 -21.74 -16.93 -10.70
C GLY O 139 -21.45 -16.15 -9.43
N ASN O 140 -22.16 -15.05 -9.21
CA ASN O 140 -21.91 -14.17 -8.09
C ASN O 140 -21.99 -14.89 -6.76
N GLU O 141 -20.85 -15.00 -6.07
CA GLU O 141 -20.76 -15.70 -4.79
C GLU O 141 -21.19 -17.16 -4.90
N GLY O 142 -21.02 -17.75 -6.08
CA GLY O 142 -21.37 -19.14 -6.28
C GLY O 142 -22.83 -19.45 -6.07
N GLY O 143 -23.72 -18.52 -6.42
CA GLY O 143 -25.13 -18.70 -6.19
C GLY O 143 -25.59 -18.09 -4.87
N ARG O 144 -26.91 -18.11 -4.68
CA ARG O 144 -27.55 -17.54 -3.50
C ARG O 144 -28.60 -18.51 -2.98
N HIS O 145 -28.57 -18.77 -1.68
CA HIS O 145 -29.56 -19.60 -1.02
C HIS O 145 -30.69 -18.71 -0.52
N GLN O 146 -31.92 -19.09 -0.87
CA GLN O 146 -33.12 -18.37 -0.46
C GLN O 146 -33.97 -19.30 0.40
N LEU O 147 -34.32 -18.83 1.60
CA LEU O 147 -35.22 -19.54 2.49
C LEU O 147 -36.51 -18.74 2.58
N VAL O 148 -37.64 -19.40 2.33
CA VAL O 148 -38.94 -18.76 2.33
C VAL O 148 -39.84 -19.46 3.33
N LYS O 149 -40.52 -18.69 4.17
CA LYS O 149 -41.50 -19.23 5.11
C LYS O 149 -42.75 -18.38 4.98
N ALA O 150 -43.85 -19.00 4.59
CA ALA O 150 -45.08 -18.28 4.29
C ALA O 150 -46.26 -18.85 5.07
N THR O 151 -47.15 -17.96 5.48
CA THR O 151 -48.35 -18.33 6.21
C THR O 151 -49.44 -17.32 5.92
N VAL O 152 -50.68 -17.72 6.18
CA VAL O 152 -51.84 -16.84 6.00
C VAL O 152 -52.64 -16.84 7.29
N SER O 153 -52.81 -15.67 7.89
CA SER O 153 -53.60 -15.53 9.09
C SER O 153 -54.33 -14.19 9.07
N ASN O 154 -55.58 -14.21 9.52
CA ASN O 154 -56.41 -13.00 9.63
C ASN O 154 -56.48 -12.25 8.30
N GLY O 155 -56.57 -13.01 7.21
CA GLY O 155 -56.68 -12.41 5.90
C GLY O 155 -55.42 -11.80 5.35
N LYS O 156 -54.28 -12.00 6.01
CA LYS O 156 -53.02 -11.46 5.55
C LYS O 156 -51.98 -12.56 5.40
N LEU O 157 -51.24 -12.51 4.31
CA LEU O 157 -50.13 -13.42 4.04
C LEU O 157 -48.84 -12.79 4.55
N TYR O 158 -48.15 -13.53 5.41
CA TYR O 158 -46.83 -13.17 5.91
C TYR O 158 -45.81 -14.08 5.27
N LEU O 159 -44.78 -13.49 4.67
CA LEU O 159 -43.75 -14.23 3.95
C LEU O 159 -42.39 -13.69 4.37
N LEU O 160 -41.60 -14.53 5.00
CA LEU O 160 -40.23 -14.18 5.39
C LEU O 160 -39.27 -14.81 4.40
N LYS O 161 -38.39 -14.00 3.83
CA LYS O 161 -37.39 -14.47 2.89
C LYS O 161 -36.00 -14.10 3.39
N VAL O 162 -35.11 -15.09 3.43
CA VAL O 162 -33.73 -14.93 3.88
C VAL O 162 -32.82 -15.29 2.72
N GLN O 163 -31.88 -14.41 2.41
CA GLN O 163 -30.95 -14.60 1.31
C GLN O 163 -29.53 -14.64 1.85
N ALA O 164 -28.77 -15.65 1.43
CA ALA O 164 -27.37 -15.75 1.84
C ALA O 164 -26.52 -16.19 0.66
N GLY O 165 -25.36 -15.57 0.50
CA GLY O 165 -24.44 -16.01 -0.51
C GLY O 165 -23.90 -17.39 -0.19
N ASP O 166 -23.68 -18.18 -1.25
CA ASP O 166 -23.14 -19.52 -1.04
C ASP O 166 -21.76 -19.47 -0.40
N LYS O 167 -20.94 -18.50 -0.81
CA LYS O 167 -19.63 -18.32 -0.18
C LYS O 167 -19.78 -18.07 1.31
N ARG O 168 -20.75 -17.23 1.70
CA ARG O 168 -21.01 -17.02 3.12
C ARG O 168 -21.67 -18.23 3.75
N TRP O 169 -22.54 -18.91 2.99
CA TRP O 169 -23.27 -20.04 3.53
C TRP O 169 -22.34 -21.17 3.94
N PHE O 170 -21.29 -21.40 3.16
CA PHE O 170 -20.37 -22.49 3.47
C PHE O 170 -19.64 -22.25 4.79
N LYS O 171 -19.29 -21.00 5.08
CA LYS O 171 -18.45 -20.69 6.22
C LYS O 171 -19.23 -20.14 7.42
N GLY O 172 -20.45 -20.62 7.63
CA GLY O 172 -21.14 -20.40 8.89
C GLY O 172 -22.35 -19.50 8.87
N THR O 173 -22.74 -18.94 7.72
CA THR O 173 -23.97 -18.16 7.67
C THR O 173 -25.21 -19.04 7.65
N ASP O 174 -25.04 -20.34 7.36
CA ASP O 174 -26.17 -21.26 7.37
C ASP O 174 -26.82 -21.30 8.75
N LYS O 175 -26.02 -21.25 9.81
CA LYS O 175 -26.58 -21.27 11.16
C LYS O 175 -27.49 -20.06 11.39
N GLU O 176 -27.02 -18.88 11.01
CA GLU O 176 -27.83 -17.67 11.20
C GLU O 176 -29.10 -17.72 10.37
N CYS O 177 -29.00 -18.14 9.11
CA CYS O 177 -30.17 -18.18 8.25
C CYS O 177 -31.19 -19.19 8.76
N LEU O 178 -30.74 -20.36 9.19
CA LEU O 178 -31.66 -21.36 9.71
C LEU O 178 -32.29 -20.91 11.02
N GLY O 179 -31.53 -20.21 11.87
CA GLY O 179 -32.12 -19.66 13.08
C GLY O 179 -33.20 -18.63 12.78
N VAL O 180 -32.94 -17.75 11.82
CA VAL O 180 -33.94 -16.77 11.41
C VAL O 180 -35.19 -17.47 10.89
N LEU O 181 -35.00 -18.49 10.05
CA LEU O 181 -36.15 -19.20 9.49
C LEU O 181 -36.95 -19.91 10.59
N ASP O 182 -36.26 -20.54 11.54
CA ASP O 182 -36.96 -21.26 12.60
C ASP O 182 -37.73 -20.31 13.51
N SER O 183 -37.15 -19.16 13.82
CA SER O 183 -37.76 -18.28 14.82
C SER O 183 -39.00 -17.56 14.30
N PHE O 184 -39.27 -17.63 13.00
CA PHE O 184 -40.40 -16.90 12.42
C PHE O 184 -41.71 -17.53 12.88
N THR O 185 -42.42 -16.86 13.77
CA THR O 185 -43.68 -17.34 14.31
C THR O 185 -44.74 -16.26 14.18
N VAL O 186 -45.89 -16.62 13.63
CA VAL O 186 -47.02 -15.71 13.48
C VAL O 186 -48.18 -16.25 14.30
N VAL O 187 -49.08 -15.35 14.68
CA VAL O 187 -50.24 -15.71 15.50
C VAL O 187 -51.12 -16.73 14.77
N MET P 1 3.69 8.81 -32.87
CA MET P 1 4.71 9.84 -32.75
C MET P 1 5.09 10.04 -31.29
N GLU P 2 4.14 9.78 -30.40
CA GLU P 2 4.43 9.86 -28.97
C GLU P 2 5.49 8.83 -28.58
N ALA P 3 5.42 7.64 -29.16
CA ALA P 3 6.42 6.61 -28.88
C ALA P 3 7.80 7.09 -29.29
N LEU P 4 7.90 7.81 -30.41
CA LEU P 4 9.19 8.35 -30.83
C LEU P 4 9.74 9.32 -29.80
N VAL P 5 8.88 10.20 -29.27
CA VAL P 5 9.33 11.15 -28.26
C VAL P 5 9.78 10.44 -26.99
N TYR P 6 9.01 9.46 -26.54
CA TYR P 6 9.38 8.72 -25.33
C TYR P 6 10.70 8.00 -25.53
N THR P 7 10.89 7.37 -26.69
CA THR P 7 12.14 6.67 -26.96
C THR P 7 13.30 7.64 -26.99
N PHE P 8 13.11 8.82 -27.60
CA PHE P 8 14.16 9.82 -27.62
C PHE P 8 14.53 10.27 -26.21
N LEU P 9 13.53 10.49 -25.36
CA LEU P 9 13.82 10.92 -23.99
C LEU P 9 14.59 9.85 -23.22
N LEU P 10 14.17 8.59 -23.37
CA LEU P 10 14.89 7.51 -22.69
C LEU P 10 16.32 7.38 -23.20
N ILE P 11 16.50 7.49 -24.52
CA ILE P 11 17.84 7.42 -25.09
C ILE P 11 18.70 8.58 -24.60
N GLY P 12 18.12 9.77 -24.50
CA GLY P 12 18.86 10.90 -23.97
C GLY P 12 19.30 10.69 -22.54
N THR P 13 18.40 10.17 -21.71
CA THR P 13 18.76 9.90 -20.32
C THR P 13 19.88 8.87 -20.23
N LEU P 14 19.79 7.80 -21.02
CA LEU P 14 20.83 6.78 -20.99
C LEU P 14 22.16 7.32 -21.49
N GLY P 15 22.13 8.17 -22.52
CA GLY P 15 23.37 8.78 -22.99
C GLY P 15 23.98 9.71 -21.96
N ILE P 16 23.16 10.45 -21.24
CA ILE P 16 23.67 11.30 -20.16
C ILE P 16 24.32 10.45 -19.08
N ILE P 17 23.69 9.32 -18.73
CA ILE P 17 24.30 8.43 -17.75
C ILE P 17 25.64 7.91 -18.26
N PHE P 18 25.70 7.51 -19.52
CA PHE P 18 26.95 7.00 -20.08
C PHE P 18 28.05 8.04 -20.03
N PHE P 19 27.73 9.28 -20.40
CA PHE P 19 28.74 10.33 -20.38
C PHE P 19 29.16 10.66 -18.95
N SER P 20 28.22 10.66 -18.01
CA SER P 20 28.58 10.95 -16.63
C SER P 20 29.42 9.85 -16.01
N ILE P 21 29.31 8.63 -16.53
CA ILE P 21 30.14 7.55 -16.02
C ILE P 21 31.52 7.59 -16.66
N PHE P 22 31.59 7.54 -17.99
CA PHE P 22 32.86 7.34 -18.66
C PHE P 22 33.56 8.63 -19.09
N PHE P 23 32.93 9.78 -18.92
CA PHE P 23 33.55 11.05 -19.25
C PHE P 23 33.41 12.02 -18.09
N ARG P 24 33.49 11.50 -16.87
CA ARG P 24 33.41 12.32 -15.69
C ARG P 24 34.69 13.12 -15.50
N GLU P 25 34.57 14.22 -14.78
CA GLU P 25 35.75 14.98 -14.40
C GLU P 25 36.50 14.20 -13.33
N PRO P 26 37.81 14.02 -13.47
CA PRO P 26 38.56 13.20 -12.50
C PRO P 26 38.45 13.77 -11.10
N PRO P 27 38.28 12.93 -10.09
CA PRO P 27 38.28 13.44 -8.71
C PRO P 27 39.67 13.86 -8.29
N ARG P 28 39.87 15.16 -8.11
CA ARG P 28 41.20 15.69 -7.84
C ARG P 28 41.51 15.57 -6.35
N ILE P 29 42.52 14.78 -6.02
CA ILE P 29 42.94 14.62 -4.63
C ILE P 29 43.73 15.86 -4.21
N ALA P 30 43.29 16.49 -3.13
CA ALA P 30 43.87 17.74 -2.64
C ALA P 30 43.89 18.81 -3.74
N LEU Q 1 -1.98 -31.53 -34.52
CA LEU Q 1 -0.71 -30.84 -34.42
C LEU Q 1 -0.47 -29.94 -35.62
N VAL Q 2 -0.32 -28.65 -35.36
CA VAL Q 2 -0.13 -27.65 -36.41
C VAL Q 2 1.29 -27.12 -36.49
N ASP Q 3 2.17 -27.51 -35.56
CA ASP Q 3 3.53 -26.98 -35.52
C ASP Q 3 4.41 -27.94 -34.73
N ASP Q 4 5.69 -27.60 -34.63
CA ASP Q 4 6.67 -28.40 -33.93
C ASP Q 4 7.12 -27.69 -32.66
N ARG Q 5 7.36 -28.46 -31.60
CA ARG Q 5 7.75 -27.91 -30.31
C ARG Q 5 8.80 -28.81 -29.67
N MET Q 6 9.51 -28.24 -28.69
CA MET Q 6 10.47 -29.03 -27.93
C MET Q 6 9.77 -30.09 -27.09
N ASN Q 7 8.60 -29.76 -26.55
CA ASN Q 7 7.79 -30.70 -25.76
C ASN Q 7 8.57 -31.25 -24.57
N GLY Q 8 9.35 -30.39 -23.92
CA GLY Q 8 10.12 -30.80 -22.77
C GLY Q 8 9.60 -30.22 -21.47
N ASP Q 9 8.71 -29.24 -21.55
CA ASP Q 9 8.23 -28.55 -20.36
C ASP Q 9 7.51 -29.51 -19.43
N GLY Q 10 7.72 -29.34 -18.13
CA GLY Q 10 7.10 -30.20 -17.15
C GLY Q 10 7.56 -31.63 -17.18
N THR Q 11 8.86 -31.86 -17.38
CA THR Q 11 9.43 -33.20 -17.40
C THR Q 11 10.66 -33.23 -16.50
N GLY Q 12 10.94 -34.41 -15.97
CA GLY Q 12 12.07 -34.58 -15.07
C GLY Q 12 13.39 -34.76 -15.79
N LEU Q 13 13.60 -33.99 -16.84
CA LEU Q 13 14.84 -34.09 -17.61
C LEU Q 13 16.01 -33.54 -16.80
N PRO Q 14 17.13 -34.26 -16.72
CA PRO Q 14 18.30 -33.77 -15.97
C PRO Q 14 18.92 -32.58 -16.69
N PHE Q 15 19.03 -31.46 -15.99
CA PHE Q 15 19.57 -30.21 -16.52
C PHE Q 15 18.82 -29.73 -17.76
N GLY Q 16 17.63 -30.28 -18.02
CA GLY Q 16 16.95 -29.99 -19.26
C GLY Q 16 17.58 -30.63 -20.47
N VAL Q 17 18.40 -31.66 -20.28
CA VAL Q 17 19.13 -32.29 -21.38
C VAL Q 17 18.19 -33.33 -21.98
N ASN Q 18 17.39 -32.91 -22.95
CA ASN Q 18 16.52 -33.85 -23.65
C ASN Q 18 17.30 -34.68 -24.67
N ASP Q 19 18.28 -34.08 -25.34
CA ASP Q 19 19.11 -34.76 -26.30
C ASP Q 19 20.56 -34.76 -25.84
N GLY Q 20 21.29 -35.81 -26.20
CA GLY Q 20 22.64 -35.99 -25.71
C GLY Q 20 23.61 -34.93 -26.16
N ILE Q 21 23.31 -34.22 -27.25
CA ILE Q 21 24.22 -33.20 -27.76
C ILE Q 21 24.38 -32.08 -26.74
N LEU Q 22 23.30 -31.73 -26.04
CA LEU Q 22 23.39 -30.71 -24.99
C LEU Q 22 24.30 -31.15 -23.86
N GLY Q 23 24.14 -32.38 -23.39
CA GLY Q 23 25.02 -32.89 -22.35
C GLY Q 23 26.47 -32.92 -22.81
N TRP Q 24 26.69 -33.31 -24.07
CA TRP Q 24 28.04 -33.38 -24.59
C TRP Q 24 28.68 -32.00 -24.66
N VAL Q 25 27.93 -30.98 -25.09
CA VAL Q 25 28.51 -29.64 -25.16
C VAL Q 25 28.74 -29.08 -23.76
N ILE Q 26 27.85 -29.39 -22.81
CA ILE Q 26 28.07 -28.96 -21.43
C ILE Q 26 29.37 -29.56 -20.90
N ALA Q 27 29.53 -30.89 -21.07
CA ALA Q 27 30.73 -31.56 -20.60
C ALA Q 27 31.96 -31.03 -21.31
N GLY Q 28 31.86 -30.77 -22.61
CA GLY Q 28 33.01 -30.28 -23.35
C GLY Q 28 33.45 -28.90 -22.89
N THR Q 29 32.49 -27.99 -22.69
CA THR Q 29 32.84 -26.65 -22.24
C THR Q 29 33.44 -26.66 -20.85
N LEU Q 30 32.80 -27.39 -19.92
CA LEU Q 30 33.34 -27.47 -18.56
C LEU Q 30 34.71 -28.12 -18.56
N GLY Q 31 34.89 -29.20 -19.33
CA GLY Q 31 36.17 -29.87 -19.39
C GLY Q 31 37.26 -29.03 -20.03
N THR Q 32 36.90 -28.22 -21.03
CA THR Q 32 37.90 -27.36 -21.65
C THR Q 32 38.37 -26.28 -20.68
N ILE Q 33 37.44 -25.65 -19.97
CA ILE Q 33 37.85 -24.65 -18.99
C ILE Q 33 38.65 -25.31 -17.87
N TRP Q 34 38.26 -26.53 -17.48
CA TRP Q 34 39.01 -27.25 -16.47
C TRP Q 34 40.42 -27.59 -16.95
N ALA Q 35 40.55 -27.95 -18.23
CA ALA Q 35 41.87 -28.25 -18.77
C ALA Q 35 42.75 -27.02 -18.78
N ILE Q 36 42.18 -25.87 -19.13
CA ILE Q 36 42.96 -24.62 -19.08
C ILE Q 36 43.41 -24.35 -17.66
N TYR Q 37 42.50 -24.46 -16.70
CA TYR Q 37 42.83 -24.22 -15.29
C TYR Q 37 43.89 -25.20 -14.81
N PHE Q 38 43.77 -26.47 -15.20
CA PHE Q 38 44.67 -27.50 -14.71
C PHE Q 38 46.07 -27.35 -15.31
N VAL Q 39 46.17 -26.99 -16.58
CA VAL Q 39 47.48 -26.80 -17.17
C VAL Q 39 48.09 -25.47 -16.76
N SER Q 40 47.29 -24.53 -16.25
CA SER Q 40 47.83 -23.28 -15.72
C SER Q 40 48.02 -23.34 -14.21
N GLN Q 41 46.96 -23.61 -13.47
CA GLN Q 41 47.05 -23.76 -12.02
C GLN Q 41 47.46 -25.19 -11.70
N LYS Q 42 47.35 -25.60 -10.43
CA LYS Q 42 47.75 -26.93 -10.00
C LYS Q 42 46.58 -27.61 -9.30
N ASP Q 43 45.96 -28.57 -9.98
CA ASP Q 43 44.90 -29.40 -9.41
C ASP Q 43 45.40 -30.84 -9.35
N LEU Q 44 45.30 -31.45 -8.17
CA LEU Q 44 45.78 -32.82 -7.98
C LEU Q 44 44.91 -33.48 -6.91
N GLY Q 45 43.92 -34.25 -7.36
CA GLY Q 45 43.01 -34.93 -6.46
C GLY Q 45 41.67 -35.23 -7.08
N SER R 1 -21.55 40.08 23.20
CA SER R 1 -22.54 40.97 23.79
C SER R 1 -23.94 40.66 23.30
N VAL R 2 -24.29 41.22 22.15
CA VAL R 2 -25.62 40.99 21.59
C VAL R 2 -25.82 39.51 21.31
N THR R 3 -24.84 38.88 20.72
CA THR R 3 -24.92 37.47 20.40
C THR R 3 -24.20 36.64 21.44
N PRO R 4 -24.76 35.50 21.86
CA PRO R 4 -24.05 34.66 22.82
C PRO R 4 -22.68 34.22 22.35
N SER R 5 -22.53 33.99 21.04
CA SER R 5 -21.22 33.62 20.52
C SER R 5 -20.22 34.75 20.72
N LEU R 6 -20.66 35.99 20.62
CA LEU R 6 -19.76 37.12 20.86
C LEU R 6 -19.34 37.19 22.32
N LYS R 7 -20.26 36.93 23.24
CA LYS R 7 -19.90 36.90 24.65
C LYS R 7 -18.89 35.79 24.93
N ASN R 8 -19.11 34.61 24.34
CA ASN R 8 -18.15 33.52 24.50
C ASN R 8 -16.80 33.89 23.90
N PHE R 9 -16.80 34.57 22.76
CA PHE R 9 -15.54 34.99 22.15
C PHE R 9 -14.78 35.97 23.06
N LEU R 10 -15.49 36.95 23.62
CA LEU R 10 -14.82 37.89 24.51
C LEU R 10 -14.29 37.20 25.76
N LEU R 11 -15.05 36.27 26.31
CA LEU R 11 -14.56 35.53 27.47
C LEU R 11 -13.35 34.68 27.11
N SER R 12 -13.33 34.13 25.89
CA SER R 12 -12.17 33.39 25.42
C SER R 12 -10.95 34.30 25.33
N LEU R 13 -11.14 35.53 24.84
CA LEU R 13 -10.04 36.48 24.83
C LEU R 13 -9.53 36.77 26.23
N VAL R 14 -10.46 36.95 27.18
CA VAL R 14 -10.07 37.21 28.56
C VAL R 14 -9.29 36.03 29.13
N ALA R 15 -9.77 34.81 28.89
CA ALA R 15 -9.10 33.63 29.43
C ALA R 15 -7.72 33.45 28.81
N GLY R 16 -7.59 33.68 27.50
CA GLY R 16 -6.29 33.59 26.88
C GLY R 16 -5.33 34.64 27.40
N ALA R 17 -5.82 35.86 27.61
CA ALA R 17 -5.00 36.88 28.24
C ALA R 17 -4.56 36.46 29.63
N VAL R 18 -5.46 35.82 30.38
CA VAL R 18 -5.13 35.36 31.72
C VAL R 18 -4.02 34.33 31.69
N VAL R 19 -4.12 33.35 30.80
CA VAL R 19 -3.10 32.30 30.75
C VAL R 19 -1.78 32.87 30.24
N LEU R 20 -1.83 33.79 29.28
CA LEU R 20 -0.61 34.41 28.78
C LEU R 20 0.08 35.22 29.87
N ALA R 21 -0.70 36.00 30.62
CA ALA R 21 -0.13 36.75 31.73
C ALA R 21 0.39 35.83 32.81
N ALA R 22 -0.25 34.68 33.01
CA ALA R 22 0.26 33.71 33.97
C ALA R 22 1.62 33.18 33.55
N ILE R 23 1.78 32.87 32.26
CA ILE R 23 3.07 32.39 31.77
C ILE R 23 4.13 33.47 31.94
N ALA R 24 3.79 34.71 31.56
CA ALA R 24 4.76 35.80 31.68
C ALA R 24 5.14 36.06 33.13
N GLY R 25 4.16 36.06 34.03
CA GLY R 25 4.46 36.27 35.43
C GLY R 25 5.27 35.14 36.02
N ALA R 26 4.99 33.91 35.60
CA ALA R 26 5.78 32.77 36.08
C ALA R 26 7.23 32.91 35.65
N VAL R 27 7.45 33.25 34.38
CA VAL R 27 8.82 33.37 33.92
C VAL R 27 9.52 34.53 34.62
N THR R 28 8.79 35.62 34.89
CA THR R 28 9.39 36.73 35.62
C THR R 28 9.76 36.34 37.04
N ALA R 29 8.87 35.63 37.73
CA ALA R 29 9.12 35.23 39.11
C ALA R 29 10.30 34.28 39.20
N VAL R 30 10.38 33.32 38.27
CA VAL R 30 11.50 32.39 38.31
C VAL R 30 12.79 33.06 37.89
N SER R 31 12.73 34.01 36.96
CA SER R 31 13.95 34.72 36.56
C SER R 31 14.50 35.55 37.71
N ASN R 32 13.64 36.25 38.44
CA ASN R 32 14.11 36.98 39.61
C ASN R 32 14.28 36.09 40.84
N PHE R 33 13.89 34.82 40.74
CA PHE R 33 14.06 33.85 41.82
C PHE R 33 13.44 34.29 43.13
N MET S 1 -2.73 -46.57 42.30
CA MET S 1 -1.37 -46.03 42.23
C MET S 1 -1.34 -44.67 41.55
N THR S 2 -2.51 -44.18 41.15
CA THR S 2 -2.59 -42.86 40.54
C THR S 2 -2.14 -41.77 41.51
N SER S 3 -2.61 -41.85 42.76
CA SER S 3 -2.21 -40.87 43.76
C SER S 3 -0.72 -40.97 44.05
N ILE S 4 -0.19 -42.18 44.13
CA ILE S 4 1.23 -42.36 44.36
C ILE S 4 2.04 -41.75 43.23
N LEU S 5 1.62 -41.99 41.98
CA LEU S 5 2.30 -41.39 40.85
C LEU S 5 2.23 -39.88 40.91
N GLN S 6 1.08 -39.33 41.29
CA GLN S 6 0.95 -37.88 41.34
C GLN S 6 1.86 -37.26 42.40
N ILE S 7 1.94 -37.87 43.59
CA ILE S 7 2.81 -37.31 44.61
C ILE S 7 4.27 -37.50 44.23
N ALA S 8 4.61 -38.61 43.59
CA ALA S 8 5.97 -38.79 43.10
C ALA S 8 6.32 -37.75 42.05
N LEU S 9 5.38 -37.43 41.17
CA LEU S 9 5.63 -36.41 40.16
C LEU S 9 5.80 -35.04 40.79
N LEU S 10 5.01 -34.73 41.82
CA LEU S 10 5.20 -33.47 42.52
C LEU S 10 6.58 -33.42 43.18
N GLY S 11 7.00 -34.53 43.78
CA GLY S 11 8.34 -34.59 44.33
C GLY S 11 9.41 -34.38 43.29
N LEU S 12 9.23 -34.96 42.11
CA LEU S 12 10.18 -34.76 41.02
C LEU S 12 10.21 -33.29 40.58
N VAL S 13 9.04 -32.65 40.52
CA VAL S 13 9.00 -31.23 40.16
C VAL S 13 9.75 -30.40 41.20
N LEU S 14 9.55 -30.71 42.48
CA LEU S 14 10.24 -29.96 43.54
C LEU S 14 11.74 -30.18 43.47
N VAL S 15 12.17 -31.43 43.24
CA VAL S 15 13.60 -31.70 43.15
C VAL S 15 14.20 -31.01 41.93
N SER S 16 13.45 -30.93 40.84
CA SER S 16 13.94 -30.21 39.67
C SER S 16 14.05 -28.72 39.95
N PHE S 17 13.10 -28.16 40.71
CA PHE S 17 13.23 -26.77 41.15
C PHE S 17 14.52 -26.58 41.94
N ALA S 18 14.76 -27.47 42.90
CA ALA S 18 15.95 -27.36 43.73
C ALA S 18 17.22 -27.45 42.90
N LEU S 19 17.28 -28.41 41.97
CA LEU S 19 18.47 -28.56 41.14
C LEU S 19 18.67 -27.35 40.23
N VAL S 20 17.60 -26.90 39.58
CA VAL S 20 17.70 -25.77 38.65
C VAL S 20 18.19 -24.52 39.38
N VAL S 21 17.71 -24.30 40.61
CA VAL S 21 18.10 -23.10 41.33
C VAL S 21 19.40 -23.27 42.11
N GLY S 22 19.89 -24.50 42.29
CA GLY S 22 21.08 -24.69 43.10
C GLY S 22 22.34 -25.04 42.34
N VAL S 23 22.22 -25.85 41.27
CA VAL S 23 23.40 -26.27 40.53
C VAL S 23 24.19 -25.09 39.97
N PRO S 24 23.57 -24.10 39.32
CA PRO S 24 24.34 -22.91 38.95
C PRO S 24 24.99 -22.23 40.13
N VAL S 25 24.30 -22.16 41.27
CA VAL S 25 24.85 -21.53 42.46
C VAL S 25 26.08 -22.30 42.94
N VAL S 26 25.98 -23.62 43.00
CA VAL S 26 27.09 -24.42 43.47
C VAL S 26 28.27 -24.31 42.50
N PHE S 27 28.00 -24.38 41.21
CA PHE S 27 29.09 -24.34 40.22
C PHE S 27 29.79 -22.99 40.23
N ALA S 28 29.04 -21.90 40.13
CA ALA S 28 29.67 -20.59 40.01
C ALA S 28 30.20 -20.07 41.35
N SER S 29 29.83 -20.67 42.47
CA SER S 29 30.35 -20.22 43.75
C SER S 29 31.84 -20.52 43.88
N PRO S 30 32.60 -19.64 44.53
CA PRO S 30 34.03 -19.90 44.73
C PRO S 30 34.22 -21.05 45.70
N ASN S 31 34.91 -22.09 45.25
CA ASN S 31 35.16 -23.32 46.01
C ASN S 31 33.89 -24.04 46.40
N GLY S 32 32.73 -23.60 45.89
CA GLY S 32 31.48 -24.23 46.27
C GLY S 32 31.36 -25.65 45.74
N TRP S 33 31.87 -25.91 44.54
CA TRP S 33 31.71 -27.21 43.92
C TRP S 33 32.42 -28.30 44.72
N THR S 34 33.65 -28.04 45.13
CA THR S 34 34.44 -29.08 45.80
C THR S 34 33.79 -29.49 47.12
N GLU S 35 33.28 -28.52 47.88
CA GLU S 35 32.67 -28.81 49.16
C GLU S 35 31.23 -29.30 49.04
N ASN S 36 30.65 -29.27 47.84
CA ASN S 36 29.26 -29.67 47.65
C ASN S 36 29.11 -30.75 46.59
N LYS S 37 30.15 -31.55 46.34
CA LYS S 37 30.02 -32.66 45.42
C LYS S 37 29.00 -33.67 45.91
N GLY S 38 29.02 -33.97 47.21
CA GLY S 38 28.09 -34.94 47.76
C GLY S 38 26.64 -34.49 47.68
N VAL S 39 26.39 -33.22 47.99
CA VAL S 39 25.02 -32.71 47.97
C VAL S 39 24.45 -32.78 46.56
N VAL S 40 25.24 -32.33 45.57
CA VAL S 40 24.76 -32.33 44.19
C VAL S 40 24.60 -33.75 43.68
N PHE S 41 25.50 -34.66 44.08
CA PHE S 41 25.35 -36.06 43.70
C PHE S 41 24.07 -36.65 44.27
N SER S 42 23.78 -36.35 45.54
CA SER S 42 22.53 -36.83 46.14
C SER S 42 21.33 -36.26 45.42
N GLY S 43 21.38 -34.97 45.07
CA GLY S 43 20.26 -34.36 44.37
C GLY S 43 20.01 -34.99 43.02
N LEU S 44 21.07 -35.20 42.24
CA LEU S 44 20.93 -35.81 40.93
C LEU S 44 20.44 -37.26 41.06
N SER S 45 20.97 -37.99 42.04
CA SER S 45 20.56 -39.38 42.22
C SER S 45 19.08 -39.48 42.58
N VAL S 46 18.62 -38.65 43.52
CA VAL S 46 17.21 -38.71 43.89
C VAL S 46 16.33 -38.21 42.74
N TRP S 47 16.82 -37.26 41.95
CA TRP S 47 16.05 -36.80 40.79
C TRP S 47 15.85 -37.94 39.78
N PHE S 48 16.92 -38.66 39.48
CA PHE S 48 16.78 -39.77 38.54
C PHE S 48 15.94 -40.91 39.13
N LEU S 49 16.08 -41.16 40.43
CA LEU S 49 15.25 -42.17 41.06
C LEU S 49 13.77 -41.79 40.95
N LEU S 50 13.46 -40.52 41.17
CA LEU S 50 12.08 -40.06 41.03
C LEU S 50 11.59 -40.20 39.59
N VAL S 51 12.45 -39.90 38.62
CA VAL S 51 12.06 -40.05 37.22
C VAL S 51 11.70 -41.51 36.93
N PHE S 52 12.56 -42.44 37.34
CA PHE S 52 12.30 -43.85 37.07
C PHE S 52 11.08 -44.35 37.84
N ALA S 53 10.87 -43.85 39.06
CA ALA S 53 9.67 -44.22 39.81
C ALA S 53 8.41 -43.74 39.10
N VAL S 54 8.44 -42.51 38.59
CA VAL S 54 7.29 -42.01 37.84
C VAL S 54 7.05 -42.86 36.61
N GLY S 55 8.13 -43.27 35.93
CA GLY S 55 7.97 -44.13 34.78
C GLY S 55 7.31 -45.46 35.11
N VAL S 56 7.78 -46.11 36.18
CA VAL S 56 7.22 -47.41 36.52
C VAL S 56 5.78 -47.28 37.02
N PHE S 57 5.48 -46.21 37.75
CA PHE S 57 4.10 -45.99 38.20
C PHE S 57 3.18 -45.70 37.02
N ASN S 58 3.67 -44.99 36.02
CA ASN S 58 2.88 -44.80 34.80
C ASN S 58 2.63 -46.13 34.12
N SER S 59 3.64 -46.99 34.08
CA SER S 59 3.46 -48.31 33.47
C SER S 59 2.41 -49.12 34.23
N PHE S 60 2.42 -49.07 35.56
CA PHE S 60 1.50 -49.89 36.34
C PHE S 60 0.07 -49.39 36.22
N ALA S 61 -0.15 -48.09 36.38
CA ALA S 61 -1.50 -47.55 36.34
C ALA S 61 -1.53 -46.08 35.96
N ARG T 1 -47.78 30.44 -2.12
CA ARG T 1 -47.34 29.88 -0.85
C ARG T 1 -46.56 28.58 -1.05
N VAL T 2 -45.32 28.56 -0.60
CA VAL T 2 -44.42 27.43 -0.82
C VAL T 2 -44.52 26.48 0.37
N ARG T 3 -44.66 25.19 0.07
CA ARG T 3 -44.62 24.16 1.11
C ARG T 3 -43.17 23.81 1.39
N THR T 4 -42.66 24.32 2.52
CA THR T 4 -41.25 24.12 2.86
C THR T 4 -40.95 22.65 3.11
N VAL T 5 -41.91 21.92 3.69
CA VAL T 5 -41.71 20.50 3.95
C VAL T 5 -41.52 19.74 2.64
N LEU T 6 -42.35 20.03 1.64
CA LEU T 6 -42.21 19.38 0.35
C LEU T 6 -40.93 19.81 -0.35
N ASP T 7 -40.52 21.07 -0.17
CA ASP T 7 -39.26 21.54 -0.74
C ASP T 7 -38.09 20.75 -0.19
N MET T 8 -38.05 20.57 1.14
CA MET T 8 -37.00 19.78 1.75
C MET T 8 -37.07 18.32 1.32
N ASP T 9 -38.29 17.78 1.23
CA ASP T 9 -38.45 16.39 0.81
C ASP T 9 -38.12 16.19 -0.66
N ARG T 10 -38.06 17.26 -1.44
CA ARG T 10 -37.60 17.15 -2.83
C ARG T 10 -36.08 17.27 -2.93
N LYS T 11 -35.49 18.15 -2.11
CA LYS T 11 -34.04 18.31 -2.17
C LYS T 11 -33.31 17.11 -1.57
N ASP T 12 -33.88 16.52 -0.53
CA ASP T 12 -33.19 15.42 0.15
C ASP T 12 -32.87 14.24 -0.75
N PRO T 13 -33.80 13.73 -1.58
CA PRO T 13 -33.44 12.58 -2.42
C PRO T 13 -32.34 12.89 -3.42
N ALA T 14 -32.43 14.03 -4.11
CA ALA T 14 -31.40 14.37 -5.08
C ALA T 14 -30.07 14.67 -4.40
N LYS T 15 -30.10 15.31 -3.24
CA LYS T 15 -28.88 15.72 -2.56
C LYS T 15 -29.16 15.82 -1.07
N GLU T 16 -28.68 14.83 -0.30
CA GLU T 16 -28.90 14.85 1.14
C GLU T 16 -28.03 15.88 1.84
N GLU T 17 -26.96 16.34 1.19
CA GLU T 17 -26.05 17.31 1.80
C GLU T 17 -26.54 18.74 1.61
N THR T 18 -27.71 18.94 1.04
CA THR T 18 -28.23 20.28 0.80
C THR T 18 -28.38 21.05 2.10
N VAL T 19 -28.12 22.35 2.06
CA VAL T 19 -28.26 23.18 3.24
C VAL T 19 -29.72 23.26 3.70
N LYS T 20 -30.66 22.91 2.81
CA LYS T 20 -32.06 22.85 3.23
C LYS T 20 -32.27 21.78 4.29
N GLU T 21 -31.67 20.60 4.11
CA GLU T 21 -31.83 19.54 5.10
C GLU T 21 -31.15 19.89 6.41
N LEU T 22 -29.93 20.41 6.33
CA LEU T 22 -29.12 20.56 7.54
C LEU T 22 -29.59 21.72 8.41
N ARG T 23 -30.18 22.75 7.80
CA ARG T 23 -30.67 23.89 8.57
C ARG T 23 -31.83 23.46 9.46
N LYS T 24 -31.72 23.76 10.76
CA LYS T 24 -32.76 23.43 11.74
C LYS T 24 -33.10 21.94 11.68
N ASP T 25 -32.07 21.12 11.66
CA ASP T 25 -32.27 19.67 11.54
C ASP T 25 -32.77 19.06 12.85
N ILE T 26 -32.26 19.54 14.00
CA ILE T 26 -32.71 18.98 15.27
C ILE T 26 -34.18 19.27 15.50
N ASN T 27 -34.69 20.35 14.92
CA ASN T 27 -36.12 20.65 15.05
C ASN T 27 -36.96 19.54 14.43
N ASN T 28 -36.55 19.02 13.27
CA ASN T 28 -37.22 17.90 12.65
C ASN T 28 -37.12 16.67 13.54
#